data_7WCH
#
_entry.id   7WCH
#
loop_
_entity.id
_entity.type
_entity.pdbx_description
1 polymer 'Surface glycoprotein'
2 polymer SWA9H
3 polymer SWA9L
#
loop_
_entity_poly.entity_id
_entity_poly.type
_entity_poly.pdbx_seq_one_letter_code
_entity_poly.pdbx_strand_id
1 'polypeptide(L)'
;MFVFLVLLPLVSSQCVNLRTRTQLPPAYTNSFTRGVYYPDKVFRSSVLHSTQDLFLPFFSNVTWFHAIHVSGTNGTKRFD
NPVLPFNDGVYFASTEKSNIIRGWIFGTTLDSKTQSLLIVNNATNVVIKVCEFQFCNDPFLDVYYHKNNKSWMESGVYSS
ANNCTFEYVSQPFLMDLEGKQGNFKNLREFVFKNIDGYFKIYSKHTPINLVRDLPQGFSALEPLVDLPIGINITRFQTLL
ALHRSYLTPGDSSSGWTAGAAAYYVGYLQPRTFLLKYNENGTITDAVDCALDPLSETKCTLKSFTVEKGIYQTSNFRVQP
TESIVRFPNITNLCPFGEVFNATRFASVYAWNRKRISNCVADYSVLYNSASFSTFKCYGVSPTKLNDLCFTNVYADSFVI
RGDEVRQIAPGQTGKIADYNYKLPDDFTGCVIAWNSNNLDSKVGGNYNYRYRLFRKSNLKPFERDISTEIYQAGSKPCNG
VEGFNCYFPLQSYGFQPTNGVGYQPYRVVVLSFELLHAPATVCGPKKSTNLVKNKCVNFNFNGLTGTGVLTESNKKFLPF
QQFGRDIADTTDAVRDPQTLEILDITPCSFGGVSVITPGTNTSNQVAVLYQGVNCTEVPVAIHADQLTPTWRVYSTGSNV
FQTRAGCLIGAEHVNNSYECDIPIGAGICASYQTQTNSRGSASSVASQSIIAYTMSLGAENSVAYSNNSIAIPTNFTISV
TTEILPVSMTKTSVDCTMYICGDSTECSNLLLQYGSFCTQLNRALTGIAVEQDKNTQEVFAQVKQIYKTPPIKDFGGFNF
SQILPDPSKPSKRSPIEDLLFNKVTLADAGFIKQYGDCLGDIAARDLICAQKFNGLTVLPPLLTDEMIAQYTSALLAGTI
TSGWTFGAGPALQIPFPMQMAYRFNGIGVTQNVLYENQKLIANQFNSAIGKIQDSLSSTPSALGKLQNVVNQNAQALNTL
VKQLSSNFGAISSVLNDILSRLDPPEAEVQIDRLITGRLQSLQTYVTQQLIRAAEIRASANLAATKMSECVLGQSKRVDF
CGKGYHLMSFPQSAPHGVVFLHVTYVPAQEKNFTTAPAICHDGKAHFPREGVFVSNGTHWFVTQRNFYEPQIITTDNTFV
SGNCDVVIGIVNNTVYDPLQPELDSFKEELDKYFKNHTSPDVDLGDISGINASVVNIQKEIDRLNEVAKNLNESLIDLQE
LGKYEQGSGYIPEAPRDGQAYVRKDGEWVLLSTFLGRSLEVLFQGPGHHHHHHHHSAWSHPQFEKGGGSGGGGSGGSAWS
HPQFEK
;
A,B,G
2 'polypeptide(L)'
;QMQLVQSGPEVKKPGTSVKVSCKASGFTFTNSAMQWVRQARGQRLEWVGWIVVASGNANSARRFHDRVTITSDMSTSTAY
LELSSLRSEDTAVYYCALNHCSNTTCLDGFDIWGQGTMVSVSSASTKGPSVFPLAPSSKSTSGGTAALGCLVKDYFPEPV
TVSWNSGALTSGVHTFPAVLQSSGLYSLSSVVTVPSSSLGTQTYICNVNHKPSNTKVDKKVEPKSCDK
;
D,H,M
3 'polypeptide(L)'
;EIVLTQSPVTLSLSPGERATLSCRASQSVRNSLLAWYQQKPGQAPRLLIYAASSRATGIPDRFSGSGSGTDFTLTISRLE
PEDFVVYYCQQHGSSPPWTFGQGTKVEFKRT
;
E,L,N
#
# COMPACT_ATOMS: atom_id res chain seq x y z
N ALA A 27 -50.51 16.14 21.39
CA ALA A 27 -50.02 15.76 22.71
C ALA A 27 -48.80 14.86 22.57
N TYR A 28 -48.00 14.77 23.63
CA TYR A 28 -46.85 13.88 23.68
C TYR A 28 -47.04 12.91 24.84
N THR A 29 -46.24 11.84 24.83
CA THR A 29 -46.09 10.97 25.98
C THR A 29 -44.73 10.28 25.90
N ASN A 30 -44.49 9.37 26.84
CA ASN A 30 -43.18 8.79 27.10
C ASN A 30 -43.17 7.33 26.70
N SER A 31 -42.42 6.99 25.64
CA SER A 31 -42.18 5.60 25.31
C SER A 31 -41.13 5.05 26.25
N PHE A 32 -41.53 4.09 27.09
CA PHE A 32 -40.67 3.77 28.21
C PHE A 32 -39.51 2.89 27.79
N THR A 33 -39.78 1.68 27.37
CA THR A 33 -38.74 0.80 26.86
C THR A 33 -39.12 0.19 25.52
N ARG A 34 -40.10 0.74 24.82
CA ARG A 34 -40.66 0.07 23.67
C ARG A 34 -39.81 0.32 22.43
N GLY A 35 -40.28 -0.20 21.31
CA GLY A 35 -39.60 0.04 20.05
C GLY A 35 -38.30 -0.71 19.89
N VAL A 36 -38.28 -1.97 20.27
CA VAL A 36 -37.09 -2.81 20.13
C VAL A 36 -37.46 -4.04 19.32
N TYR A 37 -36.61 -4.38 18.38
CA TYR A 37 -36.93 -5.41 17.40
C TYR A 37 -35.71 -6.29 17.22
N TYR A 38 -35.93 -7.48 16.72
CA TYR A 38 -34.83 -8.38 16.45
C TYR A 38 -34.12 -7.90 15.21
N PRO A 39 -32.88 -7.45 15.30
CA PRO A 39 -32.30 -6.71 14.18
C PRO A 39 -31.80 -7.57 13.04
N ASP A 40 -31.48 -8.85 13.25
CA ASP A 40 -30.79 -9.56 12.18
C ASP A 40 -31.22 -11.00 11.96
N LYS A 41 -32.26 -11.49 12.64
CA LYS A 41 -32.88 -12.79 12.37
C LYS A 41 -31.94 -13.96 12.72
N VAL A 42 -30.86 -13.72 13.47
CA VAL A 42 -29.96 -14.78 13.87
C VAL A 42 -30.23 -15.16 15.31
N PHE A 43 -30.03 -16.42 15.63
CA PHE A 43 -30.29 -16.93 16.95
C PHE A 43 -29.09 -16.69 17.82
N ARG A 44 -29.33 -16.32 19.06
CA ARG A 44 -28.27 -16.14 20.03
C ARG A 44 -28.79 -16.63 21.38
N SER A 45 -27.95 -17.33 22.12
CA SER A 45 -28.39 -18.02 23.32
C SER A 45 -27.59 -17.54 24.51
N SER A 46 -28.27 -16.88 25.45
CA SER A 46 -27.73 -16.43 26.74
C SER A 46 -26.50 -15.56 26.56
N VAL A 47 -26.69 -14.43 25.89
CA VAL A 47 -25.56 -13.57 25.51
C VAL A 47 -26.06 -12.13 25.51
N LEU A 48 -25.12 -11.22 25.69
CA LEU A 48 -25.40 -9.79 25.64
C LEU A 48 -24.78 -9.25 24.37
N HIS A 49 -25.60 -9.04 23.36
CA HIS A 49 -25.13 -8.65 22.06
C HIS A 49 -25.27 -7.15 21.90
N SER A 50 -24.23 -6.49 21.43
CA SER A 50 -24.25 -5.05 21.23
C SER A 50 -24.35 -4.75 19.75
N THR A 51 -25.38 -4.00 19.36
CA THR A 51 -25.54 -3.71 17.95
C THR A 51 -25.90 -2.25 17.73
N GLN A 52 -25.62 -1.77 16.52
CA GLN A 52 -25.88 -0.40 16.14
C GLN A 52 -26.86 -0.40 14.98
N ASP A 53 -28.04 0.14 15.21
CA ASP A 53 -29.12 0.10 14.22
C ASP A 53 -30.10 1.21 14.55
N LEU A 54 -31.02 1.46 13.63
CA LEU A 54 -32.06 2.46 13.86
C LEU A 54 -33.02 1.96 14.90
N PHE A 55 -33.01 2.58 16.07
CA PHE A 55 -33.82 2.14 17.18
C PHE A 55 -34.63 3.31 17.71
N LEU A 56 -35.74 3.00 18.35
CA LEU A 56 -36.47 4.02 19.09
C LEU A 56 -35.73 4.27 20.40
N PRO A 57 -35.27 5.49 20.66
CA PRO A 57 -34.51 5.75 21.89
C PRO A 57 -35.37 5.56 23.13
N PHE A 58 -34.74 5.06 24.18
CA PHE A 58 -35.41 4.82 25.44
C PHE A 58 -35.83 6.13 26.07
N PHE A 59 -37.03 6.13 26.67
CA PHE A 59 -37.62 7.29 27.35
C PHE A 59 -37.70 8.52 26.45
N SER A 60 -38.16 8.32 25.23
CA SER A 60 -38.28 9.42 24.29
C SER A 60 -39.73 9.88 24.19
N ASN A 61 -39.90 11.08 23.66
CA ASN A 61 -41.24 11.65 23.52
C ASN A 61 -41.85 11.19 22.21
N VAL A 62 -42.86 10.35 22.31
CA VAL A 62 -43.63 9.94 21.14
C VAL A 62 -44.89 10.77 21.09
N THR A 63 -45.48 10.86 19.91
CA THR A 63 -46.63 11.72 19.69
C THR A 63 -47.89 10.89 19.84
N TRP A 64 -48.84 11.40 20.61
CA TRP A 64 -50.10 10.72 20.87
C TRP A 64 -51.16 11.28 19.93
N PHE A 65 -51.87 10.40 19.24
CA PHE A 65 -52.98 10.80 18.40
C PHE A 65 -54.23 10.05 18.80
N HIS A 66 -55.35 10.75 18.73
CA HIS A 66 -56.60 10.22 19.21
C HIS A 66 -57.65 10.38 18.11
N ASP A 80 -59.75 12.08 14.45
CA ASP A 80 -59.12 12.75 13.31
C ASP A 80 -57.61 12.51 13.39
N ASN A 81 -57.02 12.03 12.28
CA ASN A 81 -55.63 11.57 12.29
C ASN A 81 -54.88 11.96 11.02
N PRO A 82 -53.90 12.84 11.10
CA PRO A 82 -53.34 13.49 9.92
C PRO A 82 -52.15 12.72 9.36
N VAL A 83 -51.56 13.29 8.32
CA VAL A 83 -50.33 12.75 7.76
C VAL A 83 -49.16 13.19 8.63
N LEU A 84 -48.12 12.35 8.65
CA LEU A 84 -46.92 12.44 9.46
C LEU A 84 -45.72 12.18 8.57
N PRO A 85 -44.53 12.64 8.94
CA PRO A 85 -43.33 12.23 8.21
C PRO A 85 -42.86 10.87 8.67
N PHE A 86 -42.13 10.19 7.79
CA PHE A 86 -41.66 8.83 8.02
C PHE A 86 -40.19 8.80 8.42
N ASN A 87 -39.59 9.97 8.65
CA ASN A 87 -38.26 10.41 8.22
C ASN A 87 -37.28 9.24 8.11
N ASP A 88 -37.19 8.40 9.14
CA ASP A 88 -36.18 7.35 9.13
C ASP A 88 -36.75 5.97 9.40
N GLY A 89 -37.93 5.88 10.00
CA GLY A 89 -38.48 4.61 10.40
C GLY A 89 -39.38 4.92 11.56
N VAL A 90 -40.48 4.21 11.73
CA VAL A 90 -41.53 4.66 12.63
C VAL A 90 -41.95 3.52 13.53
N TYR A 91 -41.96 3.78 14.83
CA TYR A 91 -42.66 2.94 15.78
C TYR A 91 -44.11 3.39 15.83
N PHE A 92 -45.03 2.48 15.56
CA PHE A 92 -46.46 2.72 15.64
C PHE A 92 -47.02 1.83 16.74
N ALA A 93 -47.93 2.35 17.54
CA ALA A 93 -48.53 1.50 18.54
C ALA A 93 -49.96 1.94 18.79
N SER A 94 -50.89 0.99 18.81
CA SER A 94 -52.28 1.39 18.89
C SER A 94 -53.04 0.49 19.87
N THR A 95 -54.01 1.09 20.53
CA THR A 95 -54.98 0.34 21.32
C THR A 95 -56.28 1.12 21.43
N ASN A 99 -62.08 -4.28 16.47
CA ASN A 99 -61.59 -4.25 15.10
C ASN A 99 -61.51 -2.82 14.61
N ILE A 100 -61.30 -1.90 15.55
CA ILE A 100 -61.44 -0.48 15.25
C ILE A 100 -60.28 0.01 14.38
N ILE A 101 -59.07 -0.46 14.66
CA ILE A 101 -57.90 -0.01 13.92
C ILE A 101 -57.85 -0.76 12.59
N ARG A 102 -57.49 -0.04 11.52
CA ARG A 102 -57.37 -0.64 10.20
C ARG A 102 -55.94 -0.37 9.73
N GLY A 103 -55.70 -0.61 8.44
CA GLY A 103 -54.37 -0.56 7.88
C GLY A 103 -53.68 0.78 7.78
N TRP A 104 -52.73 0.87 6.87
CA TRP A 104 -51.76 1.96 6.88
C TRP A 104 -51.54 2.43 5.45
N ILE A 105 -51.29 3.72 5.31
CA ILE A 105 -51.00 4.36 4.02
C ILE A 105 -49.57 4.82 4.09
N PHE A 106 -48.77 4.52 3.09
CA PHE A 106 -47.41 5.02 3.06
C PHE A 106 -47.10 5.57 1.69
N GLY A 107 -46.08 6.41 1.62
CA GLY A 107 -45.60 6.84 0.31
C GLY A 107 -44.76 8.10 0.42
N THR A 108 -44.73 8.85 -0.69
CA THR A 108 -44.03 10.13 -0.74
C THR A 108 -44.98 11.27 -1.09
N THR A 109 -45.74 11.14 -2.18
CA THR A 109 -46.57 12.22 -2.68
C THR A 109 -48.05 11.87 -2.78
N LEU A 110 -48.38 10.58 -2.90
CA LEU A 110 -49.70 10.02 -2.60
C LEU A 110 -50.78 10.45 -3.60
N ASP A 111 -50.37 10.95 -4.77
CA ASP A 111 -51.29 11.58 -5.70
C ASP A 111 -51.21 10.96 -7.09
N SER A 112 -50.95 9.64 -7.15
CA SER A 112 -50.76 8.88 -8.39
C SER A 112 -49.60 9.42 -9.22
N LYS A 113 -48.59 9.98 -8.57
CA LYS A 113 -47.37 10.40 -9.22
C LYS A 113 -46.19 9.47 -8.94
N THR A 114 -46.12 8.96 -7.71
CA THR A 114 -45.08 8.02 -7.29
C THR A 114 -45.79 6.88 -6.56
N GLN A 115 -45.19 5.70 -6.59
CA GLN A 115 -45.80 4.51 -6.01
C GLN A 115 -45.92 4.65 -4.50
N SER A 116 -47.04 4.17 -3.97
CA SER A 116 -47.39 4.40 -2.58
C SER A 116 -47.90 3.09 -1.97
N LEU A 117 -47.36 2.73 -0.81
CA LEU A 117 -47.67 1.45 -0.21
C LEU A 117 -48.99 1.52 0.53
N LEU A 118 -49.75 0.43 0.48
CA LEU A 118 -51.08 0.32 1.06
C LEU A 118 -51.19 -0.98 1.83
N ILE A 119 -51.64 -0.90 3.08
CA ILE A 119 -51.94 -2.07 3.89
C ILE A 119 -53.39 -1.97 4.34
N VAL A 120 -54.17 -3.01 4.06
CA VAL A 120 -55.59 -3.05 4.41
C VAL A 120 -55.87 -4.40 5.04
N ASN A 121 -56.59 -4.41 6.17
CA ASN A 121 -56.96 -5.67 6.82
C ASN A 121 -58.45 -5.92 6.61
N ASN A 122 -58.80 -6.58 5.51
CA ASN A 122 -60.19 -6.90 5.20
C ASN A 122 -60.32 -8.39 4.96
N ALA A 123 -61.52 -8.92 5.25
CA ALA A 123 -61.92 -10.31 4.99
C ALA A 123 -61.01 -11.32 5.70
N THR A 124 -60.43 -10.88 6.82
CA THR A 124 -59.46 -11.63 7.64
C THR A 124 -58.24 -12.04 6.79
N ASN A 125 -57.91 -11.24 5.77
CA ASN A 125 -56.77 -11.53 4.88
C ASN A 125 -56.14 -10.18 4.54
N VAL A 126 -54.97 -9.88 5.12
CA VAL A 126 -54.33 -8.57 4.93
C VAL A 126 -53.81 -8.46 3.50
N VAL A 127 -53.79 -7.23 3.00
CA VAL A 127 -53.49 -6.93 1.61
C VAL A 127 -52.51 -5.77 1.57
N ILE A 128 -51.47 -5.91 0.77
CA ILE A 128 -50.42 -4.89 0.60
C ILE A 128 -50.24 -4.66 -0.91
N LYS A 129 -50.31 -3.41 -1.33
CA LYS A 129 -50.10 -3.08 -2.73
C LYS A 129 -49.28 -1.81 -2.86
N VAL A 130 -48.75 -1.55 -4.05
CA VAL A 130 -47.93 -0.36 -4.27
C VAL A 130 -48.34 0.47 -5.48
N CYS A 131 -49.62 0.45 -5.83
CA CYS A 131 -50.06 1.07 -7.08
C CYS A 131 -50.06 2.59 -6.92
N GLU A 132 -50.19 3.30 -8.04
CA GLU A 132 -50.27 4.76 -8.05
C GLU A 132 -51.69 5.21 -7.75
N PHE A 133 -52.09 5.08 -6.50
CA PHE A 133 -53.44 5.48 -6.13
C PHE A 133 -53.57 6.99 -6.02
N GLN A 134 -54.81 7.45 -6.02
CA GLN A 134 -55.14 8.78 -5.56
C GLN A 134 -55.66 8.69 -4.14
N PHE A 135 -55.26 9.63 -3.31
CA PHE A 135 -55.60 9.62 -1.90
C PHE A 135 -56.75 10.56 -1.62
N CYS A 136 -57.61 10.15 -0.70
CA CYS A 136 -58.67 11.03 -0.24
C CYS A 136 -58.08 12.16 0.59
N ASN A 137 -58.83 13.26 0.67
CA ASN A 137 -58.42 14.36 1.54
C ASN A 137 -58.54 13.95 3.00
N ASP A 138 -59.57 13.17 3.33
CA ASP A 138 -59.73 12.55 4.65
C ASP A 138 -60.02 11.07 4.44
N PRO A 139 -58.99 10.24 4.23
CA PRO A 139 -59.23 8.81 3.98
C PRO A 139 -59.74 8.09 5.21
N PHE A 140 -60.63 7.14 4.98
CA PHE A 140 -61.29 6.43 6.06
C PHE A 140 -61.56 4.98 5.68
N GLY A 156 -62.93 4.85 -0.87
CA GLY A 156 -62.38 5.71 -1.90
C GLY A 156 -60.87 5.85 -1.81
N VAL A 157 -60.30 5.21 -0.80
CA VAL A 157 -58.85 5.18 -0.68
C VAL A 157 -58.23 4.31 -1.75
N TYR A 158 -58.84 3.15 -2.05
CA TYR A 158 -58.29 2.15 -2.95
C TYR A 158 -58.64 2.42 -4.42
N SER A 159 -59.10 3.64 -4.73
CA SER A 159 -59.48 4.01 -6.08
C SER A 159 -58.27 4.42 -6.90
N SER A 160 -58.46 4.35 -8.23
CA SER A 160 -57.43 4.64 -9.25
C SER A 160 -56.17 3.80 -9.03
N ALA A 161 -56.34 2.48 -9.01
CA ALA A 161 -55.22 1.55 -8.93
C ALA A 161 -54.51 1.57 -10.27
N ASN A 162 -53.41 2.32 -10.36
CA ASN A 162 -52.66 2.43 -11.60
C ASN A 162 -51.21 2.04 -11.36
N ASN A 163 -50.62 1.38 -12.36
CA ASN A 163 -49.20 1.03 -12.42
C ASN A 163 -48.73 0.25 -11.20
N CYS A 164 -49.39 -0.88 -10.94
CA CYS A 164 -49.02 -1.72 -9.81
C CYS A 164 -47.74 -2.46 -10.14
N THR A 165 -46.81 -2.48 -9.18
CA THR A 165 -45.56 -3.18 -9.38
C THR A 165 -45.36 -4.31 -8.39
N PHE A 166 -46.29 -4.51 -7.45
CA PHE A 166 -46.20 -5.55 -6.44
C PHE A 166 -47.60 -5.72 -5.88
N GLU A 167 -47.90 -6.93 -5.39
CA GLU A 167 -49.20 -7.24 -4.81
C GLU A 167 -48.96 -8.35 -3.80
N TYR A 168 -49.67 -8.34 -2.67
CA TYR A 168 -49.42 -9.36 -1.67
C TYR A 168 -50.66 -9.50 -0.79
N VAL A 169 -50.99 -10.74 -0.44
CA VAL A 169 -52.10 -11.04 0.46
C VAL A 169 -51.60 -12.08 1.46
N SER A 170 -51.89 -11.90 2.73
CA SER A 170 -51.44 -12.83 3.74
C SER A 170 -52.49 -13.05 4.83
N GLN A 171 -52.17 -14.01 5.69
CA GLN A 171 -52.94 -14.28 6.89
C GLN A 171 -52.92 -13.06 7.81
N PRO A 172 -53.96 -12.84 8.61
CA PRO A 172 -54.11 -11.55 9.29
C PRO A 172 -53.22 -11.46 10.53
N PHE A 173 -53.42 -10.39 11.27
CA PHE A 173 -52.89 -10.29 12.62
C PHE A 173 -53.88 -9.56 13.52
N LEU A 174 -54.01 -10.08 14.74
CA LEU A 174 -54.97 -9.64 15.77
C LEU A 174 -56.39 -9.64 15.25
N LYS A 185 -57.65 -2.63 25.48
CA LYS A 185 -57.30 -3.78 26.33
C LYS A 185 -56.23 -4.64 25.66
N ASN A 186 -56.01 -4.41 24.36
CA ASN A 186 -54.99 -5.11 23.60
C ASN A 186 -54.19 -4.09 22.78
N LEU A 187 -52.87 -4.17 22.88
CA LEU A 187 -51.94 -3.23 22.26
C LEU A 187 -51.24 -3.92 21.10
N ARG A 188 -51.22 -3.25 19.96
CA ARG A 188 -50.50 -3.73 18.80
C ARG A 188 -49.37 -2.76 18.51
N GLU A 189 -48.14 -3.26 18.55
CA GLU A 189 -46.93 -2.46 18.32
C GLU A 189 -46.32 -2.91 17.01
N PHE A 190 -45.84 -1.96 16.23
CA PHE A 190 -45.36 -2.20 14.88
C PHE A 190 -44.17 -1.30 14.63
N VAL A 191 -43.21 -1.78 13.86
CA VAL A 191 -42.07 -0.97 13.47
C VAL A 191 -41.94 -1.07 11.96
N PHE A 192 -41.96 0.06 11.29
CA PHE A 192 -41.79 0.12 9.84
C PHE A 192 -40.48 0.78 9.54
N LYS A 193 -39.62 0.10 8.81
CA LYS A 193 -38.35 0.68 8.40
C LYS A 193 -38.17 0.44 6.90
N ASN A 194 -37.38 1.28 6.26
CA ASN A 194 -37.17 1.17 4.81
C ASN A 194 -35.70 1.41 4.53
N ILE A 195 -34.92 0.33 4.48
CA ILE A 195 -33.49 0.41 4.32
C ILE A 195 -33.09 -0.44 3.12
N ASP A 196 -32.24 0.12 2.26
CA ASP A 196 -31.60 -0.57 1.13
C ASP A 196 -32.62 -1.16 0.16
N GLY A 197 -33.69 -0.41 -0.11
CA GLY A 197 -34.73 -0.89 -0.97
C GLY A 197 -35.59 -1.96 -0.37
N TYR A 198 -35.49 -2.19 0.93
CA TYR A 198 -36.25 -3.22 1.61
C TYR A 198 -37.13 -2.56 2.66
N PHE A 199 -38.41 -2.86 2.62
CA PHE A 199 -39.36 -2.35 3.58
C PHE A 199 -39.67 -3.46 4.58
N LYS A 200 -39.40 -3.21 5.85
CA LYS A 200 -39.46 -4.22 6.88
C LYS A 200 -40.50 -3.84 7.92
N ILE A 201 -41.29 -4.82 8.34
CA ILE A 201 -42.32 -4.66 9.35
C ILE A 201 -42.02 -5.62 10.48
N TYR A 202 -41.97 -5.10 11.70
CA TYR A 202 -41.84 -5.92 12.89
C TYR A 202 -43.08 -5.67 13.73
N SER A 203 -43.45 -6.61 14.58
CA SER A 203 -44.71 -6.43 15.29
C SER A 203 -44.74 -7.20 16.58
N LYS A 204 -45.71 -6.85 17.42
CA LYS A 204 -46.22 -7.74 18.45
C LYS A 204 -47.62 -7.33 18.86
N HIS A 205 -48.33 -8.29 19.43
CA HIS A 205 -49.63 -8.10 20.05
C HIS A 205 -49.50 -8.51 21.50
N THR A 206 -49.85 -7.61 22.41
CA THR A 206 -49.78 -7.91 23.83
C THR A 206 -50.99 -7.26 24.51
N PRO A 207 -51.65 -7.96 25.43
CA PRO A 207 -52.70 -7.30 26.21
C PRO A 207 -52.15 -6.19 27.11
N ILE A 208 -52.96 -5.14 27.27
CA ILE A 208 -52.58 -3.97 28.05
C ILE A 208 -53.76 -3.58 28.92
N ASN A 209 -53.48 -2.80 29.97
CA ASN A 209 -54.53 -2.33 30.86
C ASN A 209 -54.30 -0.89 31.28
N LEU A 210 -53.83 -0.05 30.37
CA LEU A 210 -53.58 1.36 30.68
C LEU A 210 -53.81 2.19 29.42
N VAL A 211 -54.86 3.00 29.44
CA VAL A 211 -55.11 3.91 28.32
C VAL A 211 -54.49 5.28 28.55
N ARG A 212 -54.06 5.59 29.77
CA ARG A 212 -53.46 6.89 30.04
C ARG A 212 -51.99 6.94 29.66
N ASP A 213 -51.36 5.78 29.46
CA ASP A 213 -49.94 5.73 29.12
C ASP A 213 -49.66 4.43 28.38
N LEU A 214 -48.43 4.33 27.87
CA LEU A 214 -47.83 3.20 27.15
C LEU A 214 -47.07 2.34 28.15
N PRO A 215 -47.39 1.05 28.25
CA PRO A 215 -47.09 0.29 29.48
C PRO A 215 -45.62 0.01 29.68
N GLN A 216 -45.19 0.10 30.93
CA GLN A 216 -43.83 -0.22 31.29
C GLN A 216 -43.60 -1.72 31.16
N GLY A 217 -42.41 -2.08 30.74
CA GLY A 217 -42.08 -3.47 30.53
C GLY A 217 -41.38 -3.62 29.20
N PHE A 218 -41.02 -4.86 28.89
CA PHE A 218 -40.20 -5.13 27.73
C PHE A 218 -40.87 -6.14 26.81
N SER A 219 -40.85 -5.84 25.52
CA SER A 219 -41.40 -6.72 24.51
C SER A 219 -40.69 -6.42 23.20
N ALA A 220 -39.96 -7.39 22.68
CA ALA A 220 -39.22 -7.21 21.44
C ALA A 220 -40.08 -7.71 20.28
N LEU A 221 -40.02 -7.00 19.16
CA LEU A 221 -40.95 -7.23 18.05
C LEU A 221 -40.26 -8.00 16.94
N GLU A 222 -40.66 -9.25 16.76
CA GLU A 222 -40.10 -10.10 15.72
C GLU A 222 -40.66 -9.72 14.36
N PRO A 223 -39.91 -9.96 13.29
CA PRO A 223 -40.39 -9.55 11.97
C PRO A 223 -41.57 -10.35 11.49
N LEU A 224 -42.36 -9.71 10.65
CA LEU A 224 -43.39 -10.40 9.89
C LEU A 224 -43.06 -10.43 8.42
N VAL A 225 -42.78 -9.27 7.84
CA VAL A 225 -42.82 -9.06 6.40
C VAL A 225 -41.62 -8.21 6.01
N ASP A 226 -40.87 -8.67 5.01
CA ASP A 226 -39.81 -7.88 4.39
C ASP A 226 -40.03 -7.86 2.89
N LEU A 227 -39.99 -6.67 2.29
CA LEU A 227 -40.41 -6.49 0.92
C LEU A 227 -39.33 -5.82 0.10
N PRO A 228 -39.07 -6.27 -1.12
CA PRO A 228 -38.05 -5.65 -1.98
C PRO A 228 -38.60 -4.55 -2.88
N ILE A 229 -39.25 -3.57 -2.28
CA ILE A 229 -40.01 -2.59 -3.05
C ILE A 229 -39.09 -1.56 -3.70
N GLY A 230 -38.38 -0.78 -2.90
CA GLY A 230 -37.39 0.13 -3.43
C GLY A 230 -37.88 1.52 -3.75
N ILE A 231 -39.07 1.90 -3.31
CA ILE A 231 -39.57 3.25 -3.53
C ILE A 231 -39.03 4.17 -2.44
N ASN A 232 -38.83 5.44 -2.78
CA ASN A 232 -38.61 6.45 -1.76
C ASN A 232 -39.89 6.62 -0.95
N ILE A 233 -39.73 6.82 0.35
CA ILE A 233 -40.86 6.90 1.25
C ILE A 233 -40.62 8.06 2.22
N THR A 234 -41.64 8.88 2.42
CA THR A 234 -41.46 10.10 3.22
C THR A 234 -42.60 10.33 4.19
N ARG A 235 -43.81 9.90 3.85
CA ARG A 235 -44.97 10.19 4.66
C ARG A 235 -45.83 8.96 4.83
N PHE A 236 -46.70 9.00 5.82
CA PHE A 236 -47.59 7.87 6.07
C PHE A 236 -48.82 8.37 6.83
N GLN A 237 -49.81 7.50 6.95
CA GLN A 237 -51.06 7.83 7.62
C GLN A 237 -51.74 6.55 8.07
N THR A 238 -52.71 6.69 8.94
CA THR A 238 -53.46 5.53 9.43
C THR A 238 -54.87 5.49 8.85
N LEU A 239 -55.56 4.38 9.13
CA LEU A 239 -56.90 4.11 8.60
C LEU A 239 -57.84 3.64 9.68
N LEU A 240 -59.09 4.12 9.61
CA LEU A 240 -60.14 3.73 10.52
C LEU A 240 -61.39 3.38 9.73
N ALA A 241 -62.18 2.44 10.24
CA ALA A 241 -63.45 2.10 9.62
C ALA A 241 -64.48 3.20 9.92
N LEU A 242 -65.02 3.80 8.87
CA LEU A 242 -65.81 5.02 9.03
C LEU A 242 -67.22 4.71 9.49
N HIS A 243 -67.73 5.54 10.39
CA HIS A 243 -69.09 5.39 10.92
C HIS A 243 -69.76 6.75 11.07
N GLY A 259 -63.63 10.14 20.83
CA GLY A 259 -64.65 9.28 20.24
C GLY A 259 -64.11 8.18 19.34
N ALA A 260 -62.84 7.84 19.55
CA ALA A 260 -62.16 6.85 18.73
C ALA A 260 -61.07 6.20 19.57
N ALA A 261 -60.31 5.30 18.95
CA ALA A 261 -59.21 4.63 19.63
C ALA A 261 -57.98 5.54 19.61
N ALA A 262 -56.87 5.05 20.17
CA ALA A 262 -55.71 5.89 20.34
C ALA A 262 -54.48 5.19 19.80
N TYR A 263 -53.54 5.99 19.29
CA TYR A 263 -52.29 5.43 18.83
C TYR A 263 -51.16 6.40 19.10
N TYR A 264 -49.95 5.90 18.93
CA TYR A 264 -48.72 6.61 19.27
C TYR A 264 -47.73 6.41 18.15
N VAL A 265 -47.05 7.48 17.77
CA VAL A 265 -46.06 7.46 16.70
C VAL A 265 -44.73 7.98 17.24
N GLY A 266 -43.69 7.16 17.12
CA GLY A 266 -42.35 7.57 17.49
C GLY A 266 -41.39 7.30 16.36
N TYR A 267 -40.20 7.86 16.47
CA TYR A 267 -39.25 7.83 15.37
C TYR A 267 -38.06 6.97 15.74
N LEU A 268 -37.26 6.63 14.74
CA LEU A 268 -36.08 5.80 14.94
C LEU A 268 -34.83 6.64 14.70
N GLN A 269 -33.80 6.38 15.48
CA GLN A 269 -32.54 7.08 15.38
C GLN A 269 -31.41 6.07 15.32
N PRO A 270 -30.34 6.38 14.63
CA PRO A 270 -29.21 5.44 14.59
C PRO A 270 -28.39 5.41 15.86
N ARG A 271 -28.78 4.57 16.81
CA ARG A 271 -28.05 4.44 18.06
C ARG A 271 -27.66 3.01 18.36
N THR A 272 -26.94 2.84 19.46
CA THR A 272 -26.35 1.57 19.84
C THR A 272 -27.08 1.00 21.04
N PHE A 273 -27.49 -0.25 20.93
CA PHE A 273 -28.17 -0.94 22.01
C PHE A 273 -27.35 -2.13 22.46
N LEU A 274 -27.60 -2.56 23.67
CA LEU A 274 -27.10 -3.84 24.16
C LEU A 274 -28.31 -4.67 24.53
N LEU A 275 -28.42 -5.86 23.96
CA LEU A 275 -29.63 -6.66 24.07
C LEU A 275 -29.31 -7.99 24.71
N LYS A 276 -30.26 -8.51 25.44
CA LYS A 276 -30.05 -9.71 26.23
C LYS A 276 -30.85 -10.84 25.64
N TYR A 277 -30.16 -11.79 25.01
CA TYR A 277 -30.79 -12.97 24.47
C TYR A 277 -30.70 -14.06 25.53
N ASN A 278 -31.83 -14.62 25.91
CA ASN A 278 -31.82 -15.63 26.97
C ASN A 278 -31.43 -16.99 26.40
N GLU A 279 -31.69 -18.04 27.17
CA GLU A 279 -31.38 -19.40 26.74
C GLU A 279 -32.17 -19.82 25.51
N ASN A 280 -33.44 -19.44 25.42
CA ASN A 280 -34.26 -19.88 24.31
C ASN A 280 -34.13 -18.97 23.09
N GLY A 281 -33.40 -17.87 23.20
CA GLY A 281 -33.16 -17.02 22.07
C GLY A 281 -34.00 -15.78 21.97
N THR A 282 -34.84 -15.50 22.96
CA THR A 282 -35.67 -14.31 22.95
C THR A 282 -34.96 -13.14 23.59
N ILE A 283 -35.09 -11.97 22.99
CA ILE A 283 -34.60 -10.74 23.60
C ILE A 283 -35.43 -10.45 24.84
N THR A 284 -34.77 -10.28 25.97
CA THR A 284 -35.46 -10.10 27.24
C THR A 284 -35.24 -8.73 27.85
N ASP A 285 -34.08 -8.11 27.62
CA ASP A 285 -33.83 -6.77 28.11
C ASP A 285 -32.94 -6.05 27.12
N ALA A 286 -32.87 -4.74 27.25
CA ALA A 286 -31.91 -3.97 26.48
C ALA A 286 -31.56 -2.71 27.23
N VAL A 287 -30.39 -2.17 26.92
CA VAL A 287 -29.98 -0.87 27.45
C VAL A 287 -29.51 -0.01 26.29
N ASP A 288 -29.91 1.26 26.31
CA ASP A 288 -29.55 2.20 25.29
C ASP A 288 -28.25 2.86 25.69
N CYS A 289 -27.21 2.63 24.93
CA CYS A 289 -25.87 3.06 25.33
C CYS A 289 -25.63 4.52 25.20
N ALA A 290 -26.62 5.38 25.00
CA ALA A 290 -26.38 6.81 25.11
C ALA A 290 -27.44 7.49 25.96
N LEU A 291 -28.18 6.74 26.76
CA LEU A 291 -29.26 7.32 27.54
C LEU A 291 -28.70 8.11 28.72
N ASP A 292 -28.03 7.42 29.63
CA ASP A 292 -27.45 8.00 30.83
C ASP A 292 -26.10 7.34 31.01
N PRO A 293 -25.21 7.92 31.83
CA PRO A 293 -23.87 7.33 31.98
C PRO A 293 -23.84 5.93 32.53
N LEU A 294 -24.81 5.55 33.35
CA LEU A 294 -24.87 4.18 33.85
C LEU A 294 -25.07 3.19 32.73
N SER A 295 -25.94 3.52 31.77
CA SER A 295 -26.11 2.68 30.61
C SER A 295 -24.89 2.66 29.72
N GLU A 296 -24.11 3.74 29.71
CA GLU A 296 -22.84 3.70 29.00
C GLU A 296 -21.87 2.73 29.63
N THR A 297 -21.84 2.65 30.96
CA THR A 297 -20.97 1.66 31.59
C THR A 297 -21.46 0.26 31.34
N LYS A 298 -22.78 0.05 31.40
CA LYS A 298 -23.34 -1.26 31.14
C LYS A 298 -23.05 -1.71 29.72
N CYS A 299 -23.02 -0.77 28.79
CA CYS A 299 -22.71 -1.09 27.41
C CYS A 299 -21.22 -1.33 27.22
N THR A 300 -20.39 -0.61 27.97
CA THR A 300 -18.95 -0.77 27.83
C THR A 300 -18.49 -2.09 28.44
N LEU A 301 -18.99 -2.42 29.63
CA LEU A 301 -18.63 -3.67 30.27
C LEU A 301 -19.33 -4.88 29.71
N LYS A 302 -20.30 -4.68 28.81
CA LYS A 302 -21.14 -5.74 28.25
C LYS A 302 -21.81 -6.57 29.33
N SER A 303 -22.41 -5.89 30.30
CA SER A 303 -23.16 -6.58 31.31
C SER A 303 -24.30 -5.68 31.76
N PHE A 304 -25.28 -6.29 32.40
CA PHE A 304 -26.42 -5.56 32.90
C PHE A 304 -26.30 -5.23 34.38
N THR A 305 -25.29 -5.77 35.05
CA THR A 305 -25.01 -5.44 36.45
C THR A 305 -23.56 -5.02 36.48
N VAL A 306 -23.30 -3.79 36.88
CA VAL A 306 -21.91 -3.36 37.03
C VAL A 306 -21.54 -3.40 38.49
N GLU A 307 -20.31 -3.83 38.77
CA GLU A 307 -19.80 -3.82 40.12
C GLU A 307 -19.35 -2.42 40.47
N LYS A 308 -19.17 -2.15 41.76
CA LYS A 308 -18.81 -0.81 42.18
C LYS A 308 -17.40 -0.48 41.74
N GLY A 309 -17.18 0.76 41.39
CA GLY A 309 -15.87 1.18 40.96
C GLY A 309 -15.96 2.32 39.99
N ILE A 310 -14.86 2.54 39.28
CA ILE A 310 -14.73 3.59 38.29
C ILE A 310 -14.43 2.95 36.94
N TYR A 311 -15.08 3.44 35.89
CA TYR A 311 -15.01 2.82 34.57
C TYR A 311 -14.92 3.90 33.52
N GLN A 312 -13.87 3.88 32.72
CA GLN A 312 -13.77 4.84 31.63
C GLN A 312 -14.71 4.46 30.50
N THR A 313 -15.49 5.42 30.03
CA THR A 313 -16.50 5.16 29.02
C THR A 313 -16.19 5.82 27.70
N SER A 314 -15.95 7.12 27.67
CA SER A 314 -15.76 7.80 26.40
C SER A 314 -14.80 8.96 26.61
N ASN A 315 -14.82 9.92 25.70
CA ASN A 315 -13.97 11.08 25.83
C ASN A 315 -14.80 12.33 25.71
N PHE A 316 -14.47 13.34 26.48
CA PHE A 316 -15.11 14.64 26.33
C PHE A 316 -14.27 15.48 25.40
N ARG A 317 -14.88 16.01 24.36
CA ARG A 317 -14.30 17.04 23.52
C ARG A 317 -15.27 18.20 23.41
N VAL A 318 -14.88 19.36 23.91
CA VAL A 318 -15.66 20.54 23.61
C VAL A 318 -15.38 20.93 22.18
N GLN A 319 -16.45 21.19 21.43
CA GLN A 319 -16.32 21.29 19.99
C GLN A 319 -15.90 22.70 19.59
N PRO A 320 -15.28 22.85 18.42
CA PRO A 320 -15.09 24.19 17.84
C PRO A 320 -16.43 24.88 17.62
N THR A 321 -16.46 26.17 17.94
CA THR A 321 -17.69 26.92 17.75
C THR A 321 -17.75 27.58 16.37
N GLU A 322 -16.70 28.28 15.97
CA GLU A 322 -16.64 28.84 14.62
C GLU A 322 -15.23 28.75 14.09
N SER A 323 -15.09 29.08 12.81
CA SER A 323 -13.84 28.98 12.09
C SER A 323 -13.34 30.37 11.71
N ILE A 324 -12.09 30.66 12.07
CA ILE A 324 -11.40 31.87 11.66
C ILE A 324 -10.48 31.49 10.50
N VAL A 325 -10.57 32.21 9.39
CA VAL A 325 -9.74 31.92 8.23
C VAL A 325 -8.89 33.15 7.88
N ARG A 326 -8.48 33.89 8.90
CA ARG A 326 -7.99 35.23 8.70
C ARG A 326 -6.49 35.32 8.47
N PHE A 327 -6.06 36.34 7.68
CA PHE A 327 -4.64 36.71 7.44
C PHE A 327 -4.29 38.22 7.45
N PRO A 328 -5.19 39.02 8.06
CA PRO A 328 -5.26 40.48 8.27
C PRO A 328 -4.31 41.51 7.70
N ASN A 329 -4.82 42.70 7.38
CA ASN A 329 -4.04 43.89 6.95
C ASN A 329 -3.39 43.69 5.66
N ILE A 330 -4.01 44.26 4.62
CA ILE A 330 -3.61 44.20 3.21
C ILE A 330 -3.05 45.50 2.72
N THR A 331 -1.97 45.47 1.94
CA THR A 331 -1.35 46.71 1.55
C THR A 331 -0.94 47.00 0.12
N ASN A 332 -0.07 46.19 -0.49
CA ASN A 332 0.36 46.51 -1.84
C ASN A 332 -0.82 46.53 -2.74
N LEU A 333 -1.56 47.63 -2.84
CA LEU A 333 -2.53 47.29 -3.81
C LEU A 333 -1.91 47.48 -5.16
N CYS A 334 -2.24 46.57 -6.07
CA CYS A 334 -1.76 46.59 -7.45
C CYS A 334 -2.31 47.79 -8.16
N PRO A 335 -1.61 48.30 -9.17
CA PRO A 335 -2.08 49.55 -9.79
C PRO A 335 -2.92 49.32 -11.04
N PHE A 336 -4.12 48.77 -10.84
CA PHE A 336 -5.08 48.71 -11.94
C PHE A 336 -5.74 50.06 -12.20
N GLY A 337 -5.68 50.97 -11.24
CA GLY A 337 -6.30 52.27 -11.42
C GLY A 337 -5.54 53.15 -12.40
N GLU A 338 -4.25 52.90 -12.58
CA GLU A 338 -3.49 53.66 -13.57
C GLU A 338 -3.58 53.05 -14.95
N VAL A 339 -4.15 51.85 -15.09
CA VAL A 339 -4.33 51.22 -16.39
C VAL A 339 -5.76 51.49 -16.85
N PHE A 340 -6.73 51.03 -16.07
CA PHE A 340 -8.12 51.03 -16.52
C PHE A 340 -8.72 52.43 -16.52
N ASN A 341 -8.42 53.23 -15.51
CA ASN A 341 -8.91 54.60 -15.42
C ASN A 341 -7.86 55.59 -15.91
N ALA A 342 -7.03 55.20 -16.86
CA ALA A 342 -6.01 56.08 -17.39
C ALA A 342 -6.64 57.15 -18.29
N THR A 343 -5.92 58.27 -18.42
CA THR A 343 -6.43 59.38 -19.24
C THR A 343 -6.32 59.06 -20.72
N ARG A 344 -5.23 58.43 -21.12
CA ARG A 344 -4.94 58.23 -22.53
C ARG A 344 -4.38 56.83 -22.76
N PHE A 345 -4.84 56.19 -23.83
CA PHE A 345 -4.36 54.89 -24.24
C PHE A 345 -3.38 55.04 -25.40
N ALA A 346 -3.02 53.92 -26.01
CA ALA A 346 -2.16 53.88 -27.19
C ALA A 346 -2.85 53.11 -28.29
N SER A 347 -2.41 53.35 -29.53
CA SER A 347 -2.97 52.66 -30.68
C SER A 347 -2.57 51.19 -30.68
N VAL A 348 -3.26 50.40 -31.50
CA VAL A 348 -3.13 48.95 -31.39
C VAL A 348 -1.84 48.44 -32.03
N TYR A 349 -1.23 49.17 -32.95
CA TYR A 349 0.05 48.72 -33.48
C TYR A 349 1.16 48.91 -32.43
N ALA A 350 1.15 50.05 -31.74
CA ALA A 350 2.06 50.28 -30.61
C ALA A 350 1.30 50.08 -29.30
N TRP A 351 0.89 48.83 -29.05
CA TRP A 351 0.07 48.54 -27.89
C TRP A 351 0.90 48.64 -26.63
N ASN A 352 0.36 49.34 -25.63
CA ASN A 352 1.10 49.62 -24.41
C ASN A 352 1.07 48.41 -23.48
N ARG A 353 2.23 47.89 -23.14
CA ARG A 353 2.36 46.77 -22.22
C ARG A 353 3.01 47.25 -20.94
N LYS A 354 2.38 46.96 -19.81
CA LYS A 354 2.95 47.27 -18.50
C LYS A 354 2.99 46.01 -17.65
N ARG A 355 4.13 45.74 -17.04
CA ARG A 355 4.29 44.57 -16.19
C ARG A 355 3.84 44.90 -14.77
N ILE A 356 2.99 44.04 -14.22
CA ILE A 356 2.43 44.23 -12.89
C ILE A 356 2.91 43.07 -12.02
N SER A 357 3.60 43.41 -10.93
CA SER A 357 4.11 42.40 -10.02
C SER A 357 4.32 43.02 -8.65
N ASN A 358 4.65 42.16 -7.68
CA ASN A 358 4.94 42.53 -6.28
C ASN A 358 3.79 43.29 -5.63
N CYS A 359 2.56 42.85 -5.88
CA CYS A 359 1.40 43.49 -5.29
C CYS A 359 0.25 42.50 -5.19
N VAL A 360 -0.80 42.93 -4.48
CA VAL A 360 -2.04 42.16 -4.37
C VAL A 360 -3.00 42.68 -5.43
N ALA A 361 -3.48 41.77 -6.28
CA ALA A 361 -4.35 42.13 -7.40
C ALA A 361 -5.80 41.88 -6.99
N ASP A 362 -6.53 42.96 -6.74
CA ASP A 362 -7.93 42.89 -6.33
C ASP A 362 -8.75 42.95 -7.62
N TYR A 363 -9.34 41.84 -8.01
CA TYR A 363 -10.13 41.76 -9.24
C TYR A 363 -11.61 42.03 -9.02
N SER A 364 -12.04 42.26 -7.78
CA SER A 364 -13.46 42.49 -7.53
C SER A 364 -13.90 43.83 -8.09
N VAL A 365 -13.04 44.85 -8.00
CA VAL A 365 -13.34 46.15 -8.58
C VAL A 365 -13.33 46.14 -10.10
N LEU A 366 -12.80 45.09 -10.73
CA LEU A 366 -12.87 44.93 -12.17
C LEU A 366 -14.15 44.23 -12.59
N TYR A 367 -14.45 43.08 -11.99
CA TYR A 367 -15.62 42.31 -12.41
C TYR A 367 -16.92 42.98 -11.96
N ASN A 368 -16.93 43.57 -10.78
CA ASN A 368 -18.14 44.19 -10.25
C ASN A 368 -18.23 45.67 -10.58
N SER A 369 -17.44 46.15 -11.55
CA SER A 369 -17.49 47.56 -11.92
C SER A 369 -18.75 47.90 -12.69
N ALA A 370 -19.31 46.92 -13.41
CA ALA A 370 -20.54 47.05 -14.22
C ALA A 370 -20.41 48.13 -15.29
N SER A 371 -19.20 48.33 -15.82
CA SER A 371 -18.96 49.25 -16.91
C SER A 371 -18.23 48.62 -18.07
N PHE A 372 -17.71 47.41 -17.92
CA PHE A 372 -16.92 46.74 -18.95
C PHE A 372 -17.84 45.84 -19.75
N SER A 373 -18.10 46.23 -21.00
CA SER A 373 -19.12 45.58 -21.81
C SER A 373 -18.69 44.18 -22.24
N THR A 374 -17.47 44.04 -22.72
CA THR A 374 -16.98 42.75 -23.21
C THR A 374 -15.92 42.23 -22.25
N PHE A 375 -16.20 41.06 -21.68
CA PHE A 375 -15.35 40.51 -20.62
C PHE A 375 -15.63 39.02 -20.53
N LYS A 376 -14.64 38.20 -20.84
CA LYS A 376 -14.72 36.76 -20.65
C LYS A 376 -13.30 36.23 -20.50
N CYS A 377 -13.16 35.10 -19.81
CA CYS A 377 -11.81 34.67 -19.44
C CYS A 377 -11.50 33.24 -19.85
N TYR A 378 -10.25 33.06 -20.27
CA TYR A 378 -9.76 31.86 -20.93
C TYR A 378 -8.73 31.20 -20.03
N GLY A 379 -8.93 29.91 -19.74
CA GLY A 379 -8.01 29.14 -18.94
C GLY A 379 -8.28 29.17 -17.46
N VAL A 380 -9.06 30.14 -16.98
CA VAL A 380 -9.44 30.23 -15.58
C VAL A 380 -10.73 31.03 -15.51
N SER A 381 -11.63 30.60 -14.64
CA SER A 381 -12.88 31.33 -14.45
C SER A 381 -12.60 32.68 -13.81
N PRO A 382 -13.30 33.74 -14.26
CA PRO A 382 -13.01 35.08 -13.73
C PRO A 382 -13.31 35.26 -12.25
N THR A 383 -14.31 34.56 -11.72
CA THR A 383 -14.55 34.61 -10.28
C THR A 383 -13.68 33.64 -9.50
N LYS A 384 -12.89 32.81 -10.20
CA LYS A 384 -12.01 31.84 -9.56
C LYS A 384 -10.55 32.29 -9.54
N LEU A 385 -10.17 33.23 -10.41
CA LEU A 385 -8.80 33.72 -10.45
C LEU A 385 -8.47 34.70 -9.34
N ASN A 386 -9.46 35.08 -8.53
CA ASN A 386 -9.20 36.05 -7.45
C ASN A 386 -8.33 35.44 -6.35
N ASP A 387 -8.48 34.16 -6.07
CA ASP A 387 -7.70 33.49 -5.03
C ASP A 387 -6.66 32.54 -5.59
N LEU A 388 -6.06 32.87 -6.73
CA LEU A 388 -4.94 32.11 -7.26
C LEU A 388 -3.83 33.10 -7.59
N CYS A 389 -2.59 32.66 -7.42
CA CYS A 389 -1.44 33.56 -7.42
C CYS A 389 -0.54 33.26 -8.62
N PHE A 390 -0.17 34.31 -9.34
CA PHE A 390 0.72 34.22 -10.49
C PHE A 390 2.04 34.90 -10.18
N THR A 391 2.95 34.86 -11.15
CA THR A 391 4.26 35.48 -11.00
C THR A 391 4.35 36.82 -11.72
N ASN A 392 4.01 36.85 -13.01
CA ASN A 392 4.09 38.06 -13.80
C ASN A 392 2.77 38.29 -14.51
N VAL A 393 2.25 39.50 -14.41
CA VAL A 393 0.99 39.89 -15.06
C VAL A 393 1.29 41.06 -15.98
N TYR A 394 0.95 40.90 -17.25
CA TYR A 394 1.09 41.95 -18.26
C TYR A 394 -0.30 42.47 -18.63
N ALA A 395 -0.46 43.78 -18.57
CA ALA A 395 -1.72 44.42 -18.94
C ALA A 395 -1.50 45.17 -20.25
N ASP A 396 -1.66 44.45 -21.36
CA ASP A 396 -1.54 45.04 -22.68
C ASP A 396 -2.82 45.80 -23.01
N SER A 397 -2.69 47.07 -23.36
CA SER A 397 -3.83 47.94 -23.53
C SER A 397 -3.75 48.66 -24.86
N PHE A 398 -4.90 48.81 -25.53
CA PHE A 398 -4.96 49.52 -26.80
C PHE A 398 -6.39 49.99 -27.03
N VAL A 399 -6.59 50.66 -28.17
CA VAL A 399 -7.90 51.14 -28.61
C VAL A 399 -8.17 50.59 -29.99
N ILE A 400 -9.28 49.86 -30.14
CA ILE A 400 -9.69 49.32 -31.42
C ILE A 400 -11.15 49.69 -31.66
N ARG A 401 -11.55 49.54 -32.92
CA ARG A 401 -12.95 49.69 -33.28
C ARG A 401 -13.75 48.52 -32.72
N GLY A 402 -15.04 48.77 -32.46
CA GLY A 402 -15.87 47.83 -31.74
C GLY A 402 -16.19 46.55 -32.49
N ASP A 403 -15.94 46.48 -33.79
CA ASP A 403 -16.22 45.27 -34.54
C ASP A 403 -15.20 44.17 -34.23
N GLU A 404 -13.92 44.52 -34.16
CA GLU A 404 -12.86 43.53 -34.02
C GLU A 404 -12.45 43.31 -32.57
N VAL A 405 -13.38 43.52 -31.63
CA VAL A 405 -13.16 43.03 -30.27
C VAL A 405 -13.14 41.51 -30.27
N ARG A 406 -13.93 40.89 -31.15
CA ARG A 406 -13.89 39.44 -31.33
C ARG A 406 -12.56 38.97 -31.90
N GLN A 407 -11.83 39.86 -32.59
CA GLN A 407 -10.50 39.51 -33.07
C GLN A 407 -9.49 39.34 -31.96
N ILE A 408 -9.74 39.91 -30.78
CA ILE A 408 -8.81 39.75 -29.65
C ILE A 408 -9.26 38.49 -28.93
N ALA A 409 -8.78 37.34 -29.43
CA ALA A 409 -9.13 36.04 -28.89
C ALA A 409 -8.08 35.04 -29.33
N PRO A 410 -7.78 34.04 -28.52
CA PRO A 410 -6.90 32.95 -28.97
C PRO A 410 -7.55 32.15 -30.10
N GLY A 411 -6.71 31.73 -31.05
CA GLY A 411 -7.18 30.99 -32.20
C GLY A 411 -8.11 31.78 -33.10
N GLN A 412 -7.81 33.05 -33.32
CA GLN A 412 -8.65 33.93 -34.11
C GLN A 412 -7.86 34.52 -35.26
N THR A 413 -8.50 34.60 -36.43
CA THR A 413 -7.87 35.10 -37.64
C THR A 413 -8.63 36.34 -38.11
N GLY A 414 -7.87 37.36 -38.53
CA GLY A 414 -8.48 38.58 -39.02
C GLY A 414 -7.44 39.61 -39.40
N LYS A 415 -7.71 40.89 -39.11
CA LYS A 415 -6.78 41.96 -39.42
C LYS A 415 -5.96 42.39 -38.22
N ILE A 416 -6.63 42.72 -37.11
CA ILE A 416 -5.93 43.06 -35.89
C ILE A 416 -5.24 41.84 -35.30
N ALA A 417 -5.89 40.68 -35.41
CA ALA A 417 -5.34 39.43 -34.87
C ALA A 417 -4.17 38.90 -35.70
N ASP A 418 -3.90 39.46 -36.87
CA ASP A 418 -2.77 39.01 -37.67
C ASP A 418 -1.69 40.06 -37.83
N TYR A 419 -2.04 41.33 -38.04
CA TYR A 419 -1.06 42.35 -38.33
C TYR A 419 -0.83 43.33 -37.19
N ASN A 420 -1.68 43.34 -36.17
CA ASN A 420 -1.57 44.34 -35.11
C ASN A 420 -1.29 43.74 -33.75
N TYR A 421 -2.07 42.76 -33.32
CA TYR A 421 -1.91 42.20 -31.98
C TYR A 421 -2.47 40.78 -31.98
N LYS A 422 -1.60 39.79 -31.91
CA LYS A 422 -2.03 38.39 -31.95
C LYS A 422 -1.89 37.77 -30.58
N LEU A 423 -2.96 37.13 -30.11
CA LEU A 423 -2.89 36.32 -28.91
C LEU A 423 -2.48 34.90 -29.25
N PRO A 424 -1.66 34.25 -28.42
CA PRO A 424 -1.31 32.85 -28.67
C PRO A 424 -2.48 31.94 -28.36
N ASP A 425 -2.37 30.70 -28.85
CA ASP A 425 -3.42 29.71 -28.62
C ASP A 425 -3.48 29.30 -27.16
N ASP A 426 -2.32 29.17 -26.51
CA ASP A 426 -2.24 28.89 -25.07
C ASP A 426 -2.31 30.13 -24.18
N PHE A 427 -3.29 30.99 -24.44
CA PHE A 427 -3.38 32.29 -23.78
C PHE A 427 -3.96 32.12 -22.38
N THR A 428 -3.19 32.49 -21.37
CA THR A 428 -3.57 32.37 -19.97
C THR A 428 -3.77 33.79 -19.42
N GLY A 429 -5.02 34.19 -19.33
CA GLY A 429 -5.36 35.57 -19.00
C GLY A 429 -6.60 35.94 -19.77
N CYS A 430 -6.97 37.22 -19.68
CA CYS A 430 -8.22 37.62 -20.31
C CYS A 430 -8.32 39.11 -20.60
N VAL A 431 -9.42 39.45 -21.27
CA VAL A 431 -9.58 40.65 -22.08
C VAL A 431 -10.72 41.47 -21.51
N ILE A 432 -10.50 42.76 -21.34
CA ILE A 432 -11.53 43.68 -20.85
C ILE A 432 -11.69 44.78 -21.88
N ALA A 433 -12.90 44.90 -22.43
CA ALA A 433 -13.20 45.91 -23.43
C ALA A 433 -14.48 46.64 -23.05
N TRP A 434 -14.41 47.97 -22.99
CA TRP A 434 -15.58 48.77 -22.71
C TRP A 434 -15.66 49.91 -23.72
N ASN A 435 -16.88 50.40 -23.91
CA ASN A 435 -17.12 51.47 -24.87
C ASN A 435 -16.46 52.76 -24.41
N SER A 436 -15.90 53.50 -25.37
CA SER A 436 -15.19 54.73 -25.07
C SER A 436 -15.54 55.81 -26.08
N ASN A 437 -16.81 55.84 -26.51
CA ASN A 437 -17.25 56.89 -27.43
C ASN A 437 -17.22 58.26 -26.80
N ASN A 438 -17.49 58.35 -25.49
CA ASN A 438 -17.53 59.61 -24.77
C ASN A 438 -16.15 60.22 -24.52
N LEU A 439 -15.06 59.50 -24.75
CA LEU A 439 -13.73 60.08 -24.59
C LEU A 439 -12.92 60.10 -25.87
N ASP A 440 -12.86 59.00 -26.61
CA ASP A 440 -11.92 58.88 -27.71
C ASP A 440 -12.45 59.42 -29.03
N SER A 441 -13.75 59.34 -29.28
CA SER A 441 -14.34 59.82 -30.52
C SER A 441 -14.68 61.29 -30.36
N LYS A 442 -13.77 62.16 -30.80
CA LYS A 442 -13.96 63.60 -30.68
C LYS A 442 -14.74 64.13 -31.87
N VAL A 443 -15.16 65.38 -31.76
CA VAL A 443 -15.99 66.01 -32.78
C VAL A 443 -15.15 66.31 -34.01
N GLY A 444 -15.67 65.96 -35.18
CA GLY A 444 -14.96 66.15 -36.43
C GLY A 444 -14.05 65.02 -36.84
N GLY A 445 -13.97 63.96 -36.05
CA GLY A 445 -13.12 62.84 -36.38
C GLY A 445 -11.86 62.78 -35.55
N ASN A 446 -11.54 61.60 -35.02
CA ASN A 446 -10.31 61.38 -34.27
C ASN A 446 -9.41 60.45 -35.08
N TYR A 447 -8.23 60.95 -35.45
CA TYR A 447 -7.31 60.22 -36.32
C TYR A 447 -5.98 59.95 -35.63
N ASN A 448 -5.93 60.06 -34.30
CA ASN A 448 -4.70 59.73 -33.59
C ASN A 448 -4.46 58.23 -33.57
N TYR A 449 -5.52 57.43 -33.55
CA TYR A 449 -5.40 55.99 -33.44
C TYR A 449 -5.31 55.38 -34.83
N ARG A 450 -4.24 54.64 -35.08
CA ARG A 450 -4.01 53.97 -36.34
C ARG A 450 -3.84 52.48 -36.09
N TYR A 451 -4.06 51.68 -37.12
CA TYR A 451 -3.82 50.25 -37.04
C TYR A 451 -3.03 49.79 -38.25
N ARG A 452 -2.20 48.77 -38.05
CA ARG A 452 -1.39 48.24 -39.12
C ARG A 452 -2.26 47.46 -40.08
N LEU A 453 -2.25 47.85 -41.35
CA LEU A 453 -3.14 47.31 -42.35
C LEU A 453 -2.45 46.44 -43.38
N PHE A 454 -1.25 46.83 -43.82
CA PHE A 454 -0.46 46.07 -44.78
C PHE A 454 0.78 45.53 -44.08
N ARG A 455 0.99 44.23 -44.18
CA ARG A 455 2.19 43.63 -43.60
C ARG A 455 2.56 42.40 -44.42
N LYS A 456 3.85 42.07 -44.42
CA LYS A 456 4.34 40.95 -45.20
C LYS A 456 3.89 39.62 -44.62
N SER A 457 3.97 39.47 -43.30
CA SER A 457 3.60 38.23 -42.64
C SER A 457 2.74 38.52 -41.42
N ASN A 458 2.00 37.51 -40.98
CA ASN A 458 1.23 37.63 -39.76
C ASN A 458 2.16 37.69 -38.55
N LEU A 459 1.69 38.36 -37.51
CA LEU A 459 2.51 38.57 -36.33
C LEU A 459 2.62 37.29 -35.51
N LYS A 460 3.81 37.08 -34.94
CA LYS A 460 3.95 36.12 -33.86
C LYS A 460 3.25 36.69 -32.62
N PRO A 461 2.81 35.82 -31.69
CA PRO A 461 2.09 36.30 -30.51
C PRO A 461 2.92 37.22 -29.63
N PHE A 462 2.25 38.26 -29.11
CA PHE A 462 2.83 39.31 -28.26
C PHE A 462 4.02 40.01 -28.93
N GLU A 463 3.88 40.30 -30.22
CA GLU A 463 4.88 41.07 -30.94
C GLU A 463 4.41 42.51 -31.07
N ARG A 464 5.33 43.44 -30.84
CA ARG A 464 5.04 44.87 -30.93
C ARG A 464 5.83 45.42 -32.12
N ASP A 465 5.14 45.79 -33.18
CA ASP A 465 5.77 46.29 -34.40
C ASP A 465 5.61 47.79 -34.45
N ILE A 466 6.72 48.51 -34.51
CA ILE A 466 6.73 49.96 -34.47
C ILE A 466 7.14 50.56 -35.82
N SER A 467 7.70 49.78 -36.73
CA SER A 467 8.25 50.30 -37.97
C SER A 467 7.16 50.77 -38.92
N THR A 468 7.32 51.99 -39.44
CA THR A 468 6.37 52.60 -40.36
C THR A 468 6.99 52.75 -41.74
N GLU A 469 7.75 51.75 -42.17
CA GLU A 469 8.33 51.76 -43.50
C GLU A 469 7.25 51.57 -44.56
N ILE A 470 7.51 52.14 -45.74
CA ILE A 470 6.52 52.10 -46.82
C ILE A 470 6.49 50.69 -47.41
N TYR A 471 5.35 50.02 -47.24
CA TYR A 471 5.23 48.61 -47.56
C TYR A 471 5.26 48.39 -49.08
N GLN A 472 6.01 47.39 -49.51
CA GLN A 472 6.11 47.03 -50.91
C GLN A 472 5.19 45.83 -51.16
N ALA A 473 4.22 46.00 -52.05
CA ALA A 473 3.31 44.92 -52.40
C ALA A 473 3.66 44.24 -53.72
N GLY A 474 4.52 44.84 -54.52
CA GLY A 474 4.84 44.27 -55.82
C GLY A 474 6.29 43.86 -55.96
N SER A 475 6.73 43.68 -57.21
CA SER A 475 8.08 43.20 -57.46
C SER A 475 9.12 44.31 -57.31
N LYS A 476 8.88 45.44 -57.94
CA LYS A 476 9.86 46.52 -57.94
C LYS A 476 9.83 47.27 -56.61
N PRO A 477 10.94 47.33 -55.87
CA PRO A 477 10.97 48.17 -54.67
C PRO A 477 10.95 49.64 -55.05
N CYS A 478 10.38 50.45 -54.16
CA CYS A 478 10.17 51.86 -54.45
C CYS A 478 10.70 52.75 -53.33
N ASN A 479 11.84 52.34 -52.75
CA ASN A 479 12.77 53.09 -51.88
C ASN A 479 12.13 54.03 -50.85
N GLY A 480 10.98 53.65 -50.31
CA GLY A 480 10.36 54.45 -49.26
C GLY A 480 9.65 55.71 -49.72
N VAL A 481 9.23 55.78 -50.98
CA VAL A 481 8.39 56.88 -51.44
C VAL A 481 7.00 56.34 -51.73
N GLU A 482 6.00 57.21 -51.63
CA GLU A 482 4.61 56.81 -51.77
C GLU A 482 4.25 56.72 -53.24
N GLY A 483 3.48 55.68 -53.59
CA GLY A 483 3.07 55.53 -54.96
C GLY A 483 2.37 54.20 -55.18
N PHE A 484 2.35 53.78 -56.45
CA PHE A 484 1.72 52.52 -56.82
C PHE A 484 2.47 51.34 -56.23
N ASN A 485 1.72 50.46 -55.54
CA ASN A 485 2.26 49.34 -54.75
C ASN A 485 3.25 49.80 -53.69
N CYS A 486 3.06 51.01 -53.18
CA CYS A 486 3.87 51.59 -52.11
C CYS A 486 2.87 52.19 -51.11
N TYR A 487 2.51 51.41 -50.11
CA TYR A 487 1.46 51.79 -49.18
C TYR A 487 2.05 52.02 -47.79
N PHE A 488 1.69 53.14 -47.19
CA PHE A 488 2.01 53.37 -45.80
C PHE A 488 1.12 52.47 -44.95
N PRO A 489 1.69 51.61 -44.10
CA PRO A 489 0.91 50.50 -43.53
C PRO A 489 -0.02 50.88 -42.40
N LEU A 490 -0.03 52.14 -41.96
CA LEU A 490 -0.88 52.56 -40.84
C LEU A 490 -2.01 53.41 -41.38
N GLN A 491 -3.21 52.85 -41.40
CA GLN A 491 -4.42 53.56 -41.82
C GLN A 491 -5.18 53.98 -40.57
N SER A 492 -5.33 55.29 -40.37
CA SER A 492 -5.96 55.80 -39.16
C SER A 492 -7.45 55.52 -39.16
N TYR A 493 -7.97 55.17 -37.98
CA TYR A 493 -9.41 55.01 -37.81
C TYR A 493 -10.11 56.35 -37.95
N GLY A 494 -11.30 56.33 -38.55
CA GLY A 494 -12.16 57.50 -38.51
C GLY A 494 -13.19 57.36 -37.41
N PHE A 495 -12.94 57.99 -36.27
CA PHE A 495 -13.78 57.86 -35.09
C PHE A 495 -14.64 59.10 -34.95
N GLN A 496 -15.96 58.92 -35.05
CA GLN A 496 -16.92 60.01 -35.01
C GLN A 496 -18.02 59.66 -34.02
N PRO A 497 -18.55 60.66 -33.29
CA PRO A 497 -19.77 60.40 -32.49
C PRO A 497 -20.99 60.03 -33.31
N THR A 498 -21.02 60.40 -34.59
CA THR A 498 -22.11 60.03 -35.48
C THR A 498 -22.11 58.52 -35.78
N ASN A 499 -20.96 57.87 -35.66
CA ASN A 499 -20.76 56.48 -36.05
C ASN A 499 -21.61 55.54 -35.21
N GLY A 500 -21.87 54.37 -35.76
CA GLY A 500 -22.69 53.37 -35.10
C GLY A 500 -21.97 52.69 -33.96
N VAL A 501 -22.68 51.73 -33.36
CA VAL A 501 -22.17 51.02 -32.19
C VAL A 501 -20.96 50.17 -32.55
N GLY A 502 -20.99 49.54 -33.73
CA GLY A 502 -19.87 48.75 -34.17
C GLY A 502 -18.65 49.56 -34.56
N TYR A 503 -18.83 50.84 -34.86
CA TYR A 503 -17.72 51.71 -35.25
C TYR A 503 -17.24 52.59 -34.10
N GLN A 504 -17.76 52.39 -32.92
CA GLN A 504 -17.28 53.22 -31.83
C GLN A 504 -15.97 52.67 -31.28
N PRO A 505 -15.09 53.54 -30.76
CA PRO A 505 -13.82 53.05 -30.22
C PRO A 505 -14.02 52.38 -28.87
N TYR A 506 -13.38 51.24 -28.70
CA TYR A 506 -13.46 50.46 -27.46
C TYR A 506 -12.05 50.35 -26.88
N ARG A 507 -11.85 50.95 -25.70
CA ARG A 507 -10.59 50.79 -25.00
C ARG A 507 -10.48 49.36 -24.51
N VAL A 508 -9.49 48.63 -25.02
CA VAL A 508 -9.33 47.21 -24.72
C VAL A 508 -8.10 47.04 -23.86
N VAL A 509 -8.25 46.34 -22.74
CA VAL A 509 -7.13 46.00 -21.87
C VAL A 509 -7.06 44.49 -21.79
N VAL A 510 -5.90 43.93 -22.12
CA VAL A 510 -5.70 42.49 -22.16
C VAL A 510 -4.75 42.10 -21.05
N LEU A 511 -5.20 41.22 -20.17
CA LEU A 511 -4.39 40.72 -19.07
C LEU A 511 -3.82 39.36 -19.46
N SER A 512 -2.54 39.17 -19.20
CA SER A 512 -1.89 37.89 -19.43
C SER A 512 -1.23 37.42 -18.14
N PHE A 513 -1.28 36.13 -17.88
CA PHE A 513 -0.74 35.55 -16.66
C PHE A 513 0.31 34.50 -16.98
N GLU A 514 1.18 34.24 -16.01
CA GLU A 514 2.16 33.17 -16.13
C GLU A 514 1.50 31.80 -16.08
N ALA A 520 6.20 34.44 -7.84
CA ALA A 520 4.80 34.23 -7.46
C ALA A 520 4.32 35.35 -6.55
N THR A 521 4.50 36.59 -7.00
CA THR A 521 4.25 37.77 -6.16
C THR A 521 3.03 38.56 -6.59
N VAL A 522 2.16 37.91 -7.36
CA VAL A 522 0.98 38.50 -7.92
C VAL A 522 -0.23 37.76 -7.42
N CYS A 523 -1.04 38.41 -6.54
CA CYS A 523 -2.27 37.76 -6.03
C CYS A 523 -3.43 38.60 -5.38
N GLY A 524 -4.47 37.87 -4.90
CA GLY A 524 -5.70 38.41 -4.28
C GLY A 524 -5.64 38.95 -2.87
N PRO A 525 -6.60 38.61 -1.98
CA PRO A 525 -6.51 38.83 -0.52
C PRO A 525 -7.49 37.96 0.33
N LYS A 526 -7.69 38.24 1.65
CA LYS A 526 -8.69 37.60 2.62
C LYS A 526 -8.62 38.05 4.08
N LYS A 527 -9.57 37.57 4.87
CA LYS A 527 -9.75 37.72 6.34
C LYS A 527 -11.08 37.02 6.65
N SER A 528 -11.97 37.62 7.46
CA SER A 528 -13.25 37.00 7.79
C SER A 528 -13.92 37.64 8.99
N THR A 529 -13.19 37.79 10.09
CA THR A 529 -13.80 38.04 11.39
C THR A 529 -12.94 38.97 12.21
N ASN A 530 -13.16 38.91 13.52
CA ASN A 530 -12.18 39.35 14.49
C ASN A 530 -11.41 38.13 14.98
N LEU A 531 -10.40 38.36 15.82
CA LEU A 531 -9.81 37.25 16.55
C LEU A 531 -10.68 36.87 17.73
N VAL A 532 -10.75 35.56 18.01
CA VAL A 532 -11.68 35.01 18.98
C VAL A 532 -10.86 34.37 20.10
N LYS A 533 -11.03 34.85 21.32
CA LYS A 533 -10.27 34.34 22.44
C LYS A 533 -11.11 33.53 23.42
N ASN A 534 -10.44 32.57 24.07
CA ASN A 534 -10.99 31.73 25.13
C ASN A 534 -12.20 30.91 24.69
N LYS A 535 -12.30 30.64 23.39
CA LYS A 535 -13.32 29.72 22.91
C LYS A 535 -12.68 28.81 21.89
N CYS A 536 -13.19 27.58 21.82
CA CYS A 536 -12.66 26.60 20.90
C CYS A 536 -13.00 27.02 19.48
N VAL A 537 -11.97 27.37 18.73
CA VAL A 537 -12.08 27.73 17.33
C VAL A 537 -11.12 26.86 16.55
N ASN A 538 -11.53 26.44 15.36
CA ASN A 538 -10.67 25.70 14.46
C ASN A 538 -10.08 26.65 13.41
N PHE A 539 -9.07 27.39 13.85
CA PHE A 539 -8.58 28.58 13.17
C PHE A 539 -7.81 28.21 11.89
N ASN A 540 -7.51 29.25 11.11
CA ASN A 540 -6.75 29.15 9.86
C ASN A 540 -5.93 30.44 9.73
N PHE A 541 -4.66 30.36 10.07
CA PHE A 541 -3.75 31.49 10.03
C PHE A 541 -2.77 31.22 8.89
N ASN A 542 -2.87 32.02 7.82
CA ASN A 542 -1.99 31.96 6.65
C ASN A 542 -2.04 30.63 5.90
N GLY A 543 -2.97 29.74 6.23
CA GLY A 543 -2.95 28.39 5.71
C GLY A 543 -2.75 27.31 6.75
N LEU A 544 -2.22 27.62 7.94
CA LEU A 544 -2.03 26.59 8.94
C LEU A 544 -3.34 26.40 9.69
N THR A 545 -3.86 25.19 9.63
CA THR A 545 -5.14 24.85 10.24
C THR A 545 -4.91 24.16 11.57
N GLY A 546 -5.47 24.74 12.63
CA GLY A 546 -5.36 24.14 13.95
C GLY A 546 -6.58 24.51 14.74
N THR A 547 -6.83 23.75 15.79
CA THR A 547 -8.00 23.92 16.63
C THR A 547 -7.55 24.12 18.06
N GLY A 548 -8.05 25.13 18.72
CA GLY A 548 -7.67 25.38 20.09
C GLY A 548 -8.08 26.77 20.50
N VAL A 549 -7.79 27.08 21.76
CA VAL A 549 -8.15 28.38 22.28
C VAL A 549 -6.95 29.30 22.24
N LEU A 550 -7.20 30.56 21.92
CA LEU A 550 -6.17 31.57 21.72
C LEU A 550 -6.19 32.51 22.91
N THR A 551 -5.03 32.74 23.50
CA THR A 551 -4.98 33.44 24.77
C THR A 551 -3.89 34.50 24.70
N GLU A 552 -3.97 35.50 25.57
CA GLU A 552 -2.89 36.47 25.70
C GLU A 552 -1.65 35.80 26.29
N SER A 553 -0.49 36.14 25.72
CA SER A 553 0.75 35.47 26.06
C SER A 553 1.79 36.47 26.48
N ASN A 554 2.84 35.96 27.13
CA ASN A 554 3.95 36.77 27.58
C ASN A 554 5.23 36.43 26.83
N LYS A 555 5.13 35.64 25.76
CA LYS A 555 6.30 35.19 25.03
C LYS A 555 6.80 36.31 24.14
N LYS A 556 7.95 36.89 24.48
CA LYS A 556 8.49 38.01 23.72
C LYS A 556 9.03 37.54 22.39
N PHE A 557 8.15 37.51 21.38
CA PHE A 557 8.57 37.17 20.03
C PHE A 557 9.52 38.23 19.49
N LEU A 558 10.58 37.79 18.84
CA LEU A 558 11.43 38.71 18.11
C LEU A 558 10.70 39.17 16.84
N PRO A 559 10.96 40.39 16.36
CA PRO A 559 10.08 41.01 15.35
C PRO A 559 10.00 40.32 14.01
N PHE A 560 10.89 39.39 13.69
CA PHE A 560 10.81 38.83 12.36
C PHE A 560 9.95 37.58 12.31
N GLN A 561 10.12 36.64 13.22
CA GLN A 561 9.51 35.33 13.07
C GLN A 561 8.02 35.39 13.44
N GLN A 562 7.26 34.48 12.85
CA GLN A 562 5.82 34.57 12.90
C GLN A 562 5.21 33.77 14.04
N PHE A 563 5.39 32.46 14.05
CA PHE A 563 4.65 31.64 14.99
C PHE A 563 5.57 30.80 15.84
N GLY A 564 5.09 30.50 17.04
CA GLY A 564 5.84 29.75 18.02
C GLY A 564 5.81 28.27 17.76
N ARG A 565 6.57 27.56 18.58
CA ARG A 565 6.71 26.12 18.52
C ARG A 565 7.35 25.69 19.82
N ASP A 566 7.28 24.39 20.10
CA ASP A 566 7.81 23.88 21.36
C ASP A 566 8.60 22.60 21.07
N ILE A 567 9.08 21.97 22.15
CA ILE A 567 9.69 20.65 22.06
C ILE A 567 8.65 19.68 21.58
N ALA A 568 9.06 18.75 20.70
CA ALA A 568 8.17 17.81 20.01
C ALA A 568 7.11 18.56 19.22
N ASP A 569 7.62 19.21 18.16
CA ASP A 569 7.15 20.45 17.54
C ASP A 569 5.65 20.52 17.35
N THR A 570 5.03 21.45 18.08
CA THR A 570 3.62 21.79 17.95
C THR A 570 3.49 23.30 18.00
N THR A 571 2.58 23.85 17.20
CA THR A 571 2.53 25.29 16.98
C THR A 571 1.80 25.99 18.12
N ASP A 572 2.43 25.96 19.29
CA ASP A 572 1.75 26.37 20.52
C ASP A 572 1.58 27.88 20.65
N ALA A 573 2.29 28.68 19.88
CA ALA A 573 2.15 30.11 19.95
C ALA A 573 2.06 30.64 18.53
N VAL A 574 1.45 31.80 18.38
CA VAL A 574 1.32 32.42 17.06
C VAL A 574 1.24 33.93 17.25
N ARG A 575 1.87 34.66 16.33
CA ARG A 575 1.55 36.06 16.16
C ARG A 575 0.56 36.14 15.01
N ASP A 576 -0.32 37.07 15.09
CA ASP A 576 -1.25 37.13 14.00
C ASP A 576 -0.65 37.87 12.81
N PRO A 577 -0.95 37.45 11.58
CA PRO A 577 -0.53 38.18 10.39
C PRO A 577 -1.33 39.45 10.11
N GLN A 578 -2.08 39.91 11.11
CA GLN A 578 -3.24 40.76 10.98
C GLN A 578 -3.03 42.09 11.69
N THR A 579 -2.63 42.01 12.95
CA THR A 579 -2.55 43.17 13.82
C THR A 579 -1.25 43.13 14.65
N LEU A 580 -0.51 42.01 14.60
CA LEU A 580 0.79 41.81 15.23
C LEU A 580 0.70 41.95 16.76
N GLU A 581 0.07 40.94 17.35
CA GLU A 581 0.12 40.64 18.78
C GLU A 581 0.36 39.14 18.94
N ILE A 582 0.59 38.70 20.17
CA ILE A 582 1.05 37.34 20.47
C ILE A 582 -0.07 36.56 21.15
N LEU A 583 -0.33 35.35 20.65
CA LEU A 583 -1.46 34.54 21.08
C LEU A 583 -0.99 33.12 21.35
N ASP A 584 -1.11 32.68 22.60
CA ASP A 584 -0.93 31.28 22.92
C ASP A 584 -2.03 30.45 22.29
N ILE A 585 -1.68 29.23 21.90
CA ILE A 585 -2.64 28.25 21.39
C ILE A 585 -2.65 27.07 22.33
N THR A 586 -3.81 26.74 22.87
CA THR A 586 -3.94 25.63 23.78
C THR A 586 -4.89 24.63 23.16
N PRO A 587 -4.58 23.33 23.26
CA PRO A 587 -5.48 22.32 22.68
C PRO A 587 -6.82 22.30 23.37
N CYS A 588 -7.83 21.85 22.64
CA CYS A 588 -9.21 22.12 22.99
C CYS A 588 -9.77 21.00 23.85
N SER A 589 -9.27 20.96 25.11
CA SER A 589 -9.97 20.43 26.28
C SER A 589 -10.52 19.02 26.09
N PHE A 590 -9.61 18.05 26.03
CA PHE A 590 -9.88 16.77 25.39
C PHE A 590 -9.95 15.59 26.35
N GLY A 591 -10.13 15.82 27.64
CA GLY A 591 -9.96 14.75 28.62
C GLY A 591 -11.03 13.67 28.54
N GLY A 592 -10.66 12.49 29.02
CA GLY A 592 -11.55 11.35 29.04
C GLY A 592 -12.52 11.42 30.20
N VAL A 593 -13.52 10.54 30.19
CA VAL A 593 -14.61 10.57 31.15
C VAL A 593 -14.79 9.19 31.75
N SER A 594 -15.04 9.15 33.06
CA SER A 594 -15.19 7.92 33.81
C SER A 594 -16.42 8.04 34.68
N VAL A 595 -16.98 6.92 35.11
CA VAL A 595 -18.24 6.90 35.81
C VAL A 595 -18.07 6.18 37.14
N ILE A 596 -18.44 6.86 38.23
CA ILE A 596 -18.36 6.28 39.56
C ILE A 596 -19.66 5.51 39.74
N THR A 597 -19.55 4.21 39.99
CA THR A 597 -20.83 3.61 40.34
C THR A 597 -20.72 2.86 41.67
N PRO A 598 -21.75 2.80 42.46
CA PRO A 598 -21.67 2.02 43.70
C PRO A 598 -22.15 0.60 43.56
N GLY A 599 -22.29 0.13 42.33
CA GLY A 599 -22.74 -1.22 42.12
C GLY A 599 -24.19 -1.20 41.73
N THR A 600 -24.55 -1.97 40.74
CA THR A 600 -25.89 -1.88 40.29
C THR A 600 -26.87 -2.56 41.09
N ASN A 601 -26.46 -3.24 42.13
CA ASN A 601 -27.42 -3.84 43.00
C ASN A 601 -27.59 -3.03 44.22
N THR A 602 -27.28 -1.75 44.19
CA THR A 602 -27.42 -0.92 45.32
C THR A 602 -28.10 0.26 44.86
N SER A 603 -27.62 0.89 43.82
CA SER A 603 -28.28 2.03 43.27
C SER A 603 -27.92 2.28 41.85
N ASN A 604 -28.57 3.24 41.27
CA ASN A 604 -28.23 3.63 39.95
C ASN A 604 -27.84 5.03 39.98
N GLN A 605 -27.69 5.63 41.14
CA GLN A 605 -27.09 6.94 41.10
C GLN A 605 -25.62 6.78 40.75
N VAL A 606 -25.15 7.58 39.81
CA VAL A 606 -23.76 7.52 39.42
C VAL A 606 -23.18 8.91 39.53
N ALA A 607 -21.88 8.97 39.73
CA ALA A 607 -21.13 10.20 39.62
C ALA A 607 -20.25 10.08 38.40
N VAL A 608 -20.03 11.20 37.73
CA VAL A 608 -19.31 11.22 36.46
C VAL A 608 -18.13 12.15 36.62
N LEU A 609 -16.95 11.67 36.27
CA LEU A 609 -15.73 12.43 36.40
C LEU A 609 -15.17 12.70 35.03
N TYR A 610 -14.84 13.94 34.74
CA TYR A 610 -14.24 14.31 33.47
C TYR A 610 -12.76 14.54 33.74
N GLN A 611 -11.92 13.67 33.31
CA GLN A 611 -10.58 13.80 33.71
C GLN A 611 -9.78 14.86 33.20
N GLY A 612 -9.36 15.76 34.05
CA GLY A 612 -8.51 16.81 33.65
C GLY A 612 -9.24 17.69 32.77
N VAL A 613 -10.21 18.36 33.36
CA VAL A 613 -11.02 19.31 32.60
C VAL A 613 -11.49 20.25 33.69
N ASN A 614 -11.07 21.50 33.70
CA ASN A 614 -11.55 22.46 34.71
C ASN A 614 -13.05 22.42 34.59
N CYS A 615 -13.80 22.24 35.65
CA CYS A 615 -15.25 22.07 35.61
C CYS A 615 -16.08 23.21 35.12
N THR A 616 -15.65 23.80 33.99
CA THR A 616 -16.29 24.95 33.30
C THR A 616 -16.93 24.37 32.05
N GLU A 617 -16.54 23.16 31.65
CA GLU A 617 -17.11 22.53 30.44
C GLU A 617 -18.18 21.49 30.76
N VAL A 618 -19.38 21.66 30.22
CA VAL A 618 -20.50 20.73 30.48
C VAL A 618 -20.74 19.93 29.20
N ASN A 639 -24.08 18.94 40.87
CA ASN A 639 -23.39 19.08 42.14
C ASN A 639 -21.89 19.01 41.95
N VAL A 640 -21.35 20.04 41.30
CA VAL A 640 -20.01 19.99 40.76
C VAL A 640 -18.98 20.16 41.86
N PHE A 641 -17.95 19.30 41.85
CA PHE A 641 -16.80 19.45 42.74
C PHE A 641 -15.49 19.25 41.99
N GLN A 642 -14.82 20.36 41.70
CA GLN A 642 -13.54 20.34 41.02
C GLN A 642 -12.47 19.72 41.90
N THR A 643 -11.87 18.64 41.44
CA THR A 643 -10.76 17.99 42.11
C THR A 643 -9.51 18.18 41.26
N ARG A 644 -8.38 17.75 41.80
CA ARG A 644 -7.15 17.73 41.02
C ARG A 644 -7.16 16.64 39.97
N ALA A 645 -8.24 15.84 39.95
CA ALA A 645 -8.37 14.85 38.86
C ALA A 645 -9.42 15.30 37.84
N GLY A 646 -10.49 15.98 38.24
CA GLY A 646 -11.53 16.33 37.25
C GLY A 646 -12.78 16.99 37.77
N CYS A 647 -13.95 16.61 37.27
CA CYS A 647 -15.24 17.25 37.59
C CYS A 647 -15.97 16.61 38.76
N LEU A 648 -16.02 15.29 38.86
CA LEU A 648 -16.85 14.60 39.86
C LEU A 648 -18.24 15.24 39.84
N ILE A 649 -18.86 15.33 38.66
CA ILE A 649 -20.25 15.83 38.59
C ILE A 649 -21.13 14.76 39.20
N GLY A 650 -21.84 15.09 40.24
CA GLY A 650 -22.80 14.19 40.82
C GLY A 650 -22.42 13.59 42.14
N ALA A 651 -21.23 13.87 42.65
CA ALA A 651 -20.81 13.43 43.96
C ALA A 651 -20.75 14.62 44.88
N GLU A 652 -21.17 14.43 46.12
CA GLU A 652 -21.26 15.51 47.08
C GLU A 652 -20.00 15.52 47.92
N HIS A 653 -19.21 16.56 47.82
CA HIS A 653 -18.05 16.65 48.63
C HIS A 653 -18.40 16.65 50.04
N VAL A 654 -17.79 15.78 50.82
CA VAL A 654 -18.04 15.67 52.27
C VAL A 654 -16.68 15.95 52.87
N ASN A 655 -16.57 16.22 54.17
CA ASN A 655 -15.21 16.34 54.74
C ASN A 655 -15.07 15.52 56.02
N ASN A 656 -15.48 14.27 55.96
CA ASN A 656 -15.39 13.41 57.14
C ASN A 656 -14.46 12.25 56.82
N SER A 657 -13.33 12.50 56.18
CA SER A 657 -12.29 11.48 55.89
C SER A 657 -12.66 10.07 56.31
N TYR A 658 -13.04 9.23 55.36
CA TYR A 658 -13.31 7.81 55.68
C TYR A 658 -12.23 6.99 54.96
N GLU A 659 -12.37 5.67 54.94
CA GLU A 659 -11.35 4.81 54.32
C GLU A 659 -11.63 4.77 52.82
N CYS A 660 -10.61 4.50 52.00
CA CYS A 660 -10.89 4.56 50.58
C CYS A 660 -11.91 3.51 50.18
N ASP A 661 -12.47 3.72 49.01
CA ASP A 661 -13.67 3.11 48.52
C ASP A 661 -13.35 3.11 47.03
N ILE A 662 -14.32 3.32 46.15
CA ILE A 662 -14.04 3.69 44.76
C ILE A 662 -12.98 4.79 44.70
N PRO A 663 -11.79 4.53 44.17
CA PRO A 663 -10.74 5.55 44.16
C PRO A 663 -10.79 6.43 42.92
N ILE A 664 -10.45 7.68 43.12
CA ILE A 664 -10.59 8.70 42.09
C ILE A 664 -9.25 9.27 41.66
N GLY A 665 -8.39 9.65 42.59
CA GLY A 665 -7.11 10.19 42.20
C GLY A 665 -6.83 11.42 42.99
N ALA A 666 -5.54 11.66 43.24
CA ALA A 666 -5.03 12.75 44.08
C ALA A 666 -5.64 12.73 45.46
N GLY A 667 -5.84 11.55 45.99
CA GLY A 667 -6.30 11.44 47.35
C GLY A 667 -7.77 11.57 47.55
N ILE A 668 -8.56 11.55 46.49
CA ILE A 668 -10.00 11.58 46.58
C ILE A 668 -10.52 10.17 46.36
N CYS A 669 -11.44 9.74 47.22
CA CYS A 669 -12.13 8.48 47.02
C CYS A 669 -13.62 8.76 47.05
N ALA A 670 -14.43 7.73 46.85
CA ALA A 670 -15.87 7.90 46.85
C ALA A 670 -16.59 6.67 47.38
N VAL A 685 -21.31 5.53 48.25
CA VAL A 685 -22.64 5.64 48.82
C VAL A 685 -22.58 5.57 50.32
N ALA A 686 -23.09 6.61 50.95
CA ALA A 686 -23.18 6.69 52.41
C ALA A 686 -24.36 7.57 52.75
N SER A 687 -25.41 6.96 53.31
CA SER A 687 -26.66 7.61 53.74
C SER A 687 -27.32 8.35 52.57
N GLN A 688 -27.71 7.55 51.57
CA GLN A 688 -28.59 7.83 50.42
C GLN A 688 -27.95 8.59 49.26
N SER A 689 -26.64 8.84 49.25
CA SER A 689 -26.05 9.59 48.16
C SER A 689 -24.57 9.24 48.04
N ILE A 690 -23.96 9.65 46.93
CA ILE A 690 -22.56 9.37 46.66
C ILE A 690 -21.74 10.55 47.16
N ILE A 691 -20.81 10.28 48.07
CA ILE A 691 -19.97 11.30 48.63
C ILE A 691 -18.59 11.21 48.01
N ALA A 692 -17.81 12.28 48.16
CA ALA A 692 -16.49 12.32 47.56
C ALA A 692 -15.57 13.05 48.54
N TYR A 693 -14.82 12.29 49.31
CA TYR A 693 -14.05 12.81 50.42
C TYR A 693 -12.57 12.75 50.09
N THR A 694 -11.75 13.20 51.03
CA THR A 694 -10.32 12.96 51.01
C THR A 694 -10.04 11.67 51.75
N MET A 695 -9.21 10.83 51.16
CA MET A 695 -8.88 9.53 51.72
C MET A 695 -8.15 9.68 53.04
N SER A 696 -8.44 8.80 53.99
CA SER A 696 -7.72 8.75 55.25
C SER A 696 -6.91 7.48 55.31
N LEU A 697 -5.74 7.57 55.90
CA LEU A 697 -4.79 6.48 55.84
C LEU A 697 -4.94 5.50 57.00
N GLY A 698 -5.79 5.78 57.96
CA GLY A 698 -5.97 4.86 59.05
C GLY A 698 -6.21 5.58 60.35
N ALA A 699 -6.41 4.83 61.41
CA ALA A 699 -6.64 5.43 62.71
C ALA A 699 -5.35 6.06 63.22
N GLU A 700 -5.47 7.26 63.75
CA GLU A 700 -4.33 7.84 64.46
C GLU A 700 -4.12 7.06 65.73
N ASN A 701 -2.87 6.79 66.09
CA ASN A 701 -2.57 5.97 67.25
C ASN A 701 -1.19 6.30 67.77
N SER A 702 -1.11 7.14 68.78
CA SER A 702 0.17 7.46 69.39
C SER A 702 0.49 6.38 70.42
N VAL A 703 1.64 5.77 70.29
CA VAL A 703 2.04 4.71 71.21
C VAL A 703 2.66 5.37 72.42
N ALA A 704 2.31 4.87 73.60
CA ALA A 704 2.70 5.52 74.84
C ALA A 704 4.18 5.34 75.15
N TYR A 705 5.04 5.95 74.35
CA TYR A 705 6.46 5.82 74.55
C TYR A 705 6.92 6.56 75.78
N SER A 706 7.77 5.92 76.56
CA SER A 706 8.58 6.60 77.56
C SER A 706 9.79 5.74 77.80
N ASN A 707 10.80 6.31 78.45
CA ASN A 707 12.09 5.66 78.41
C ASN A 707 12.27 4.61 79.48
N ASN A 708 11.30 4.40 80.35
CA ASN A 708 11.24 3.16 81.08
C ASN A 708 9.79 2.68 81.12
N SER A 709 9.36 2.04 80.06
CA SER A 709 8.02 1.48 79.99
C SER A 709 7.99 0.54 78.82
N ILE A 710 7.63 -0.71 79.07
CA ILE A 710 7.50 -1.70 78.02
C ILE A 710 6.07 -2.18 78.06
N ALA A 711 5.62 -2.76 76.97
CA ALA A 711 4.38 -3.51 76.94
C ALA A 711 4.70 -4.95 76.59
N ILE A 712 4.30 -5.86 77.46
CA ILE A 712 4.45 -7.29 77.20
C ILE A 712 3.06 -7.82 76.93
N PRO A 713 2.88 -8.69 75.97
CA PRO A 713 1.56 -9.28 75.78
C PRO A 713 1.28 -10.37 76.78
N THR A 714 0.02 -10.68 76.98
CA THR A 714 -0.38 -11.63 78.01
C THR A 714 -1.11 -12.82 77.42
N ASN A 715 -1.95 -12.58 76.44
CA ASN A 715 -2.74 -13.65 75.94
C ASN A 715 -2.84 -13.56 74.46
N PHE A 716 -2.03 -14.36 73.74
CA PHE A 716 -1.93 -14.41 72.30
C PHE A 716 -3.21 -14.87 71.62
N THR A 717 -3.19 -14.81 70.31
CA THR A 717 -4.18 -15.46 69.48
C THR A 717 -3.48 -16.14 68.31
N ILE A 718 -4.11 -17.16 67.76
CA ILE A 718 -3.61 -17.89 66.62
C ILE A 718 -4.46 -17.51 65.43
N SER A 719 -3.86 -16.93 64.42
CA SER A 719 -4.62 -16.41 63.29
C SER A 719 -4.20 -17.14 62.04
N VAL A 720 -5.16 -17.59 61.25
CA VAL A 720 -4.88 -18.26 59.99
C VAL A 720 -5.29 -17.31 58.89
N THR A 721 -4.33 -16.69 58.23
CA THR A 721 -4.66 -15.87 57.07
C THR A 721 -4.57 -16.73 55.84
N THR A 722 -4.97 -16.18 54.70
CA THR A 722 -4.97 -16.91 53.46
C THR A 722 -4.29 -16.07 52.38
N GLU A 723 -3.68 -16.75 51.43
CA GLU A 723 -2.94 -16.06 50.38
C GLU A 723 -3.07 -16.81 49.08
N ILE A 724 -3.59 -16.14 48.07
CA ILE A 724 -3.93 -16.76 46.80
C ILE A 724 -2.90 -16.33 45.78
N LEU A 725 -2.27 -17.30 45.11
CA LEU A 725 -1.24 -16.99 44.14
C LEU A 725 -1.53 -17.72 42.84
N PRO A 726 -1.51 -17.05 41.70
CA PRO A 726 -1.60 -17.74 40.43
C PRO A 726 -0.31 -18.44 40.11
N VAL A 727 -0.44 -19.64 39.56
CA VAL A 727 0.70 -20.50 39.29
C VAL A 727 0.86 -20.77 37.79
N SER A 728 -0.22 -21.08 37.10
CA SER A 728 -0.13 -21.37 35.69
C SER A 728 -1.31 -20.75 34.98
N MET A 729 -1.23 -20.64 33.69
CA MET A 729 -2.38 -20.24 32.91
C MET A 729 -2.66 -21.29 31.84
N THR A 730 -3.73 -21.08 31.08
CA THR A 730 -4.18 -22.13 30.17
C THR A 730 -3.20 -22.25 29.02
N LYS A 731 -2.75 -23.46 28.77
CA LYS A 731 -1.85 -23.69 27.67
C LYS A 731 -2.64 -23.55 26.39
N THR A 732 -2.13 -22.78 25.46
CA THR A 732 -2.83 -22.60 24.21
C THR A 732 -1.83 -22.67 23.08
N SER A 733 -2.35 -22.92 21.90
CA SER A 733 -1.57 -22.80 20.69
C SER A 733 -2.50 -22.31 19.60
N VAL A 734 -1.94 -21.61 18.63
CA VAL A 734 -2.73 -21.11 17.52
C VAL A 734 -2.00 -21.49 16.24
N ASP A 735 -2.65 -22.27 15.40
CA ASP A 735 -2.12 -22.57 14.09
C ASP A 735 -2.19 -21.33 13.23
N CYS A 736 -1.03 -20.82 12.83
CA CYS A 736 -0.95 -19.53 12.17
C CYS A 736 -1.60 -19.58 10.79
N THR A 737 -1.31 -20.64 10.02
CA THR A 737 -1.86 -20.76 8.68
C THR A 737 -3.38 -20.93 8.71
N MET A 738 -3.89 -21.72 9.65
CA MET A 738 -5.32 -21.86 9.78
C MET A 738 -5.97 -20.58 10.30
N TYR A 739 -5.26 -19.81 11.12
CA TYR A 739 -5.87 -18.60 11.65
C TYR A 739 -5.98 -17.53 10.58
N ILE A 740 -4.89 -17.31 9.83
CA ILE A 740 -4.88 -16.21 8.86
C ILE A 740 -5.81 -16.51 7.70
N CYS A 741 -5.76 -17.72 7.16
CA CYS A 741 -6.74 -18.14 6.19
C CYS A 741 -6.99 -19.64 6.27
N GLY A 742 -8.16 -19.97 6.82
CA GLY A 742 -8.53 -21.36 6.98
C GLY A 742 -8.91 -21.96 5.66
N ASP A 743 -8.24 -23.03 5.27
CA ASP A 743 -8.64 -23.97 4.22
C ASP A 743 -8.66 -23.37 2.84
N SER A 744 -8.12 -22.16 2.65
CA SER A 744 -7.93 -21.63 1.31
C SER A 744 -6.47 -21.76 0.92
N THR A 745 -6.26 -22.08 -0.35
CA THR A 745 -4.90 -22.27 -0.86
C THR A 745 -4.26 -20.92 -1.16
N GLU A 746 -5.06 -19.87 -1.29
CA GLU A 746 -4.58 -18.62 -1.85
C GLU A 746 -3.69 -17.85 -0.90
N CYS A 747 -3.83 -18.02 0.40
CA CYS A 747 -2.73 -17.58 1.25
C CYS A 747 -2.16 -18.73 2.06
N SER A 748 -2.14 -19.89 1.45
CA SER A 748 -1.11 -20.86 1.72
C SER A 748 0.03 -20.68 0.73
N ASN A 749 -0.04 -19.64 -0.10
CA ASN A 749 1.00 -19.29 -1.06
C ASN A 749 1.49 -17.88 -0.84
N LEU A 750 0.58 -16.94 -0.58
CA LEU A 750 0.97 -15.58 -0.28
C LEU A 750 1.63 -15.49 1.08
N LEU A 751 1.18 -16.31 2.03
CA LEU A 751 1.73 -16.27 3.38
C LEU A 751 3.14 -16.83 3.42
N LEU A 752 3.46 -17.77 2.54
CA LEU A 752 4.83 -18.29 2.45
C LEU A 752 5.80 -17.22 2.00
N GLN A 753 5.31 -16.18 1.36
CA GLN A 753 6.17 -15.08 0.98
C GLN A 753 6.52 -14.21 2.15
N TYR A 754 5.84 -14.37 3.29
CA TYR A 754 6.15 -13.59 4.47
C TYR A 754 7.21 -14.25 5.34
N GLY A 755 7.77 -15.36 4.91
CA GLY A 755 8.89 -15.94 5.61
C GLY A 755 8.47 -16.70 6.84
N SER A 756 9.39 -16.81 7.79
CA SER A 756 9.16 -17.64 8.97
C SER A 756 8.55 -16.81 10.10
N PHE A 757 7.34 -16.32 9.85
CA PHE A 757 6.56 -15.70 10.90
C PHE A 757 5.60 -16.65 11.55
N CYS A 758 5.08 -17.62 10.82
CA CYS A 758 4.11 -18.53 11.38
C CYS A 758 4.76 -19.72 12.06
N THR A 759 6.07 -19.85 11.97
CA THR A 759 6.76 -20.85 12.75
C THR A 759 7.55 -20.26 13.88
N GLN A 760 7.61 -18.94 13.97
CA GLN A 760 8.21 -18.27 15.10
C GLN A 760 7.19 -18.02 16.18
N LEU A 761 5.97 -17.70 15.76
CA LEU A 761 4.88 -17.51 16.69
C LEU A 761 4.50 -18.81 17.36
N ASN A 762 4.51 -19.91 16.61
CA ASN A 762 4.24 -21.21 17.17
C ASN A 762 5.32 -21.62 18.16
N ARG A 763 6.57 -21.27 17.85
CA ARG A 763 7.67 -21.54 18.76
C ARG A 763 7.51 -20.79 20.07
N ALA A 764 7.08 -19.53 19.98
CA ALA A 764 6.85 -18.73 21.19
C ALA A 764 5.73 -19.30 22.03
N LEU A 765 4.62 -19.66 21.40
CA LEU A 765 3.48 -20.17 22.15
C LEU A 765 3.75 -21.53 22.75
N THR A 766 4.52 -22.38 22.07
CA THR A 766 4.87 -23.64 22.71
C THR A 766 5.88 -23.48 23.81
N GLY A 767 6.72 -22.44 23.73
CA GLY A 767 7.56 -22.12 24.87
C GLY A 767 6.77 -21.72 26.09
N ILE A 768 5.73 -20.90 25.89
CA ILE A 768 4.82 -20.54 26.98
C ILE A 768 4.14 -21.77 27.54
N ALA A 769 3.70 -22.67 26.67
CA ALA A 769 2.98 -23.85 27.13
C ALA A 769 3.88 -24.79 27.93
N VAL A 770 5.12 -25.00 27.50
CA VAL A 770 6.01 -25.84 28.31
C VAL A 770 6.34 -25.18 29.64
N GLU A 771 6.46 -23.85 29.63
CA GLU A 771 6.73 -23.11 30.86
C GLU A 771 5.59 -23.23 31.87
N GLN A 772 4.34 -23.35 31.41
CA GLN A 772 3.24 -23.50 32.36
C GLN A 772 3.32 -24.79 33.17
N ASP A 773 3.67 -25.89 32.50
CA ASP A 773 3.89 -27.14 33.20
C ASP A 773 5.10 -27.07 34.10
N LYS A 774 6.12 -26.31 33.70
CA LYS A 774 7.26 -26.13 34.59
C LYS A 774 6.87 -25.34 35.83
N ASN A 775 5.96 -24.38 35.69
CA ASN A 775 5.48 -23.60 36.83
C ASN A 775 4.77 -24.48 37.84
N THR A 776 3.86 -25.31 37.36
CA THR A 776 3.14 -26.21 38.25
C THR A 776 4.06 -27.23 38.89
N GLN A 777 5.01 -27.76 38.13
CA GLN A 777 5.97 -28.71 38.67
C GLN A 777 6.86 -28.08 39.71
N GLU A 778 7.23 -26.82 39.55
CA GLU A 778 8.11 -26.18 40.51
C GLU A 778 7.39 -25.84 41.78
N VAL A 779 6.12 -25.47 41.70
CA VAL A 779 5.37 -25.16 42.90
C VAL A 779 5.07 -26.42 43.69
N PHE A 780 4.44 -27.40 43.05
CA PHE A 780 3.84 -28.49 43.82
C PHE A 780 4.74 -29.69 44.00
N ALA A 781 5.53 -30.06 43.00
CA ALA A 781 6.35 -31.26 43.10
C ALA A 781 7.62 -30.95 43.87
N GLN A 782 7.48 -30.83 45.18
CA GLN A 782 8.62 -30.61 46.05
C GLN A 782 8.75 -31.71 47.09
N VAL A 783 8.06 -32.82 46.90
CA VAL A 783 8.22 -34.00 47.72
C VAL A 783 8.64 -35.15 46.82
N LYS A 784 9.65 -35.88 47.25
CA LYS A 784 10.00 -37.09 46.54
C LYS A 784 8.95 -38.16 46.74
N GLN A 785 8.40 -38.25 47.94
CA GLN A 785 7.52 -39.32 48.33
C GLN A 785 6.14 -38.78 48.61
N ILE A 786 5.15 -39.64 48.54
CA ILE A 786 3.77 -39.25 48.80
C ILE A 786 3.43 -39.67 50.22
N TYR A 787 3.45 -38.72 51.13
CA TYR A 787 3.18 -39.03 52.52
C TYR A 787 1.69 -39.19 52.71
N LYS A 788 1.34 -40.00 53.70
CA LYS A 788 -0.05 -40.24 54.01
C LYS A 788 -0.24 -40.03 55.49
N THR A 789 -1.30 -39.39 55.83
CA THR A 789 -1.62 -39.17 57.22
C THR A 789 -2.12 -40.47 57.85
N PRO A 790 -1.91 -40.66 59.15
CA PRO A 790 -2.34 -41.89 59.79
C PRO A 790 -3.86 -41.99 59.80
N PRO A 791 -4.42 -43.19 59.87
CA PRO A 791 -5.87 -43.30 59.73
C PRO A 791 -6.64 -42.76 60.91
N ILE A 792 -6.18 -42.97 62.13
CA ILE A 792 -6.77 -42.31 63.27
C ILE A 792 -6.09 -40.96 63.45
N LYS A 793 -6.89 -39.91 63.54
CA LYS A 793 -6.37 -38.56 63.49
C LYS A 793 -6.48 -37.95 64.88
N ASP A 794 -5.47 -38.22 65.68
CA ASP A 794 -5.37 -37.73 67.05
C ASP A 794 -4.11 -36.88 67.11
N PHE A 795 -4.25 -35.58 66.87
CA PHE A 795 -3.14 -34.67 66.87
C PHE A 795 -3.20 -33.75 68.07
N GLY A 796 -3.66 -34.26 69.20
CA GLY A 796 -3.65 -33.47 70.40
C GLY A 796 -4.69 -32.37 70.46
N GLY A 797 -5.74 -32.47 69.67
CA GLY A 797 -6.80 -31.50 69.67
C GLY A 797 -6.85 -30.65 68.42
N PHE A 798 -5.76 -30.58 67.69
CA PHE A 798 -5.76 -29.87 66.43
C PHE A 798 -6.54 -30.68 65.40
N ASN A 799 -7.37 -29.97 64.66
CA ASN A 799 -8.28 -30.59 63.71
C ASN A 799 -8.04 -30.12 62.30
N PHE A 800 -7.40 -30.95 61.52
CA PHE A 800 -7.09 -30.58 60.15
C PHE A 800 -8.11 -31.14 59.17
N SER A 801 -9.36 -31.23 59.58
CA SER A 801 -10.38 -31.85 58.75
C SER A 801 -10.70 -31.02 57.53
N GLN A 802 -10.57 -29.71 57.63
CA GLN A 802 -10.87 -28.87 56.50
C GLN A 802 -9.75 -28.82 55.48
N ILE A 803 -8.57 -29.32 55.79
CA ILE A 803 -7.48 -29.30 54.83
C ILE A 803 -7.01 -30.69 54.43
N LEU A 804 -7.24 -31.71 55.24
CA LEU A 804 -6.95 -33.06 54.81
C LEU A 804 -7.99 -33.49 53.76
N PRO A 805 -7.66 -34.43 52.88
CA PRO A 805 -8.61 -34.82 51.85
C PRO A 805 -9.84 -35.50 52.41
N ASP A 806 -10.96 -35.28 51.74
CA ASP A 806 -12.19 -35.90 52.14
C ASP A 806 -12.29 -37.26 51.46
N PRO A 807 -12.26 -38.36 52.20
CA PRO A 807 -12.21 -39.67 51.55
C PRO A 807 -13.54 -40.10 50.95
N SER A 808 -14.66 -39.62 51.49
CA SER A 808 -15.97 -40.02 51.02
C SER A 808 -16.27 -39.44 49.65
N LYS A 809 -15.72 -38.28 49.38
CA LYS A 809 -16.05 -37.54 48.17
C LYS A 809 -15.32 -38.14 46.97
N PRO A 810 -15.96 -38.18 45.79
CA PRO A 810 -15.33 -38.84 44.62
C PRO A 810 -14.02 -38.23 44.17
N SER A 811 -13.95 -36.91 44.13
CA SER A 811 -12.69 -36.21 43.90
C SER A 811 -12.04 -35.98 45.25
N LYS A 812 -10.90 -36.62 45.48
CA LYS A 812 -10.33 -36.66 46.83
C LYS A 812 -9.66 -35.32 47.11
N ARG A 813 -10.49 -34.36 47.47
CA ARG A 813 -10.06 -33.01 47.75
C ARG A 813 -10.57 -32.63 49.13
N SER A 814 -9.87 -31.70 49.76
CA SER A 814 -10.28 -31.22 51.05
C SER A 814 -11.53 -30.37 50.90
N PRO A 815 -12.27 -30.13 51.99
CA PRO A 815 -13.41 -29.22 51.90
C PRO A 815 -13.05 -27.82 51.44
N ILE A 816 -11.90 -27.29 51.87
CA ILE A 816 -11.53 -25.95 51.46
C ILE A 816 -11.16 -25.92 49.99
N GLU A 817 -10.40 -26.90 49.50
CA GLU A 817 -10.05 -26.79 48.10
C GLU A 817 -11.17 -27.24 47.18
N ASP A 818 -12.15 -27.98 47.68
CA ASP A 818 -13.34 -28.18 46.86
C ASP A 818 -14.20 -26.93 46.83
N LEU A 819 -14.19 -26.17 47.91
CA LEU A 819 -14.84 -24.87 47.86
C LEU A 819 -14.09 -23.92 46.94
N LEU A 820 -12.79 -24.09 46.79
CA LEU A 820 -12.05 -23.27 45.85
C LEU A 820 -12.35 -23.68 44.42
N PHE A 821 -12.54 -24.96 44.16
CA PHE A 821 -12.89 -25.37 42.81
C PHE A 821 -14.32 -25.03 42.44
N ASN A 822 -15.22 -24.95 43.40
CA ASN A 822 -16.59 -24.53 43.10
C ASN A 822 -16.78 -23.04 43.21
N LYS A 823 -15.69 -22.28 43.20
CA LYS A 823 -15.78 -20.82 43.31
C LYS A 823 -15.25 -20.14 42.06
N VAL A 824 -14.00 -20.39 41.69
CA VAL A 824 -13.45 -19.87 40.44
C VAL A 824 -13.91 -20.75 39.28
N THR A 825 -14.60 -20.14 38.32
CA THR A 825 -15.26 -20.85 37.24
C THR A 825 -15.01 -20.10 35.94
N LEU A 826 -15.68 -20.56 34.88
CA LEU A 826 -15.69 -19.89 33.59
C LEU A 826 -17.07 -20.07 32.95
N GLN A 851 -14.15 -25.71 23.00
CA GLN A 851 -13.66 -24.35 23.12
C GLN A 851 -12.54 -24.10 22.12
N LYS A 852 -12.63 -24.76 20.97
CA LYS A 852 -11.72 -24.54 19.86
C LYS A 852 -12.53 -24.30 18.60
N PHE A 853 -12.18 -23.28 17.83
CA PHE A 853 -12.80 -23.23 16.52
C PHE A 853 -11.80 -23.18 15.38
N ASN A 854 -10.94 -22.16 15.36
CA ASN A 854 -10.26 -21.79 14.13
C ASN A 854 -8.79 -21.47 14.36
N GLY A 855 -7.99 -22.51 14.28
CA GLY A 855 -6.58 -22.42 14.52
C GLY A 855 -6.17 -22.55 15.95
N LEU A 856 -7.04 -22.19 16.89
CA LEU A 856 -6.69 -22.17 18.29
C LEU A 856 -7.08 -23.47 18.96
N THR A 857 -6.15 -24.03 19.70
CA THR A 857 -6.36 -25.23 20.48
C THR A 857 -5.87 -24.97 21.90
N VAL A 858 -6.47 -25.65 22.86
CA VAL A 858 -6.13 -25.47 24.26
C VAL A 858 -5.57 -26.79 24.75
N LEU A 859 -4.30 -26.83 24.95
CA LEU A 859 -3.63 -28.04 25.37
C LEU A 859 -3.90 -28.30 26.85
N PRO A 860 -4.25 -29.53 27.23
CA PRO A 860 -4.51 -29.80 28.63
C PRO A 860 -3.22 -29.85 29.42
N PRO A 861 -3.24 -29.48 30.69
CA PRO A 861 -2.03 -29.47 31.50
C PRO A 861 -1.53 -30.87 31.77
N LEU A 862 -0.23 -30.98 32.02
CA LEU A 862 0.37 -32.29 32.23
C LEU A 862 -0.09 -32.90 33.55
N LEU A 863 -0.20 -32.10 34.60
CA LEU A 863 -0.66 -32.60 35.87
C LEU A 863 -2.15 -32.33 35.99
N THR A 864 -2.94 -33.38 36.13
CA THR A 864 -4.36 -33.19 36.35
C THR A 864 -4.61 -32.69 37.76
N ASP A 865 -5.82 -32.19 38.00
CA ASP A 865 -6.15 -31.63 39.30
C ASP A 865 -6.16 -32.69 40.40
N GLU A 866 -6.41 -33.94 40.04
CA GLU A 866 -6.27 -35.02 41.00
C GLU A 866 -4.83 -35.17 41.43
N MET A 867 -3.89 -35.02 40.51
CA MET A 867 -2.51 -35.19 40.86
C MET A 867 -1.95 -34.00 41.60
N ILE A 868 -2.42 -32.80 41.28
CA ILE A 868 -2.04 -31.63 42.05
C ILE A 868 -2.61 -31.70 43.45
N ALA A 869 -3.82 -32.22 43.59
CA ALA A 869 -4.36 -32.43 44.92
C ALA A 869 -3.63 -33.54 45.66
N GLN A 870 -3.04 -34.48 44.93
CA GLN A 870 -2.29 -35.53 45.59
C GLN A 870 -0.93 -35.04 46.08
N TYR A 871 -0.26 -34.22 45.29
CA TYR A 871 0.86 -33.41 45.76
C TYR A 871 0.53 -32.56 46.97
N THR A 872 -0.59 -31.86 46.93
CA THR A 872 -0.95 -31.00 48.04
C THR A 872 -1.27 -31.79 49.30
N SER A 873 -1.88 -32.96 49.16
CA SER A 873 -2.08 -33.80 50.33
C SER A 873 -0.79 -34.42 50.80
N ALA A 874 0.16 -34.63 49.90
CA ALA A 874 1.44 -35.18 50.30
C ALA A 874 2.25 -34.19 51.09
N LEU A 875 2.25 -32.93 50.66
CA LEU A 875 2.95 -31.88 51.40
C LEU A 875 2.31 -31.67 52.75
N LEU A 876 0.99 -31.73 52.80
CA LEU A 876 0.29 -31.36 54.00
C LEU A 876 0.28 -32.50 54.99
N ALA A 877 0.26 -33.74 54.53
CA ALA A 877 0.40 -34.83 55.48
C ALA A 877 1.83 -35.01 55.91
N GLY A 878 2.78 -34.55 55.12
CA GLY A 878 4.15 -34.55 55.56
C GLY A 878 4.42 -33.59 56.68
N THR A 879 3.86 -32.39 56.62
CA THR A 879 4.10 -31.40 57.64
C THR A 879 3.26 -31.57 58.89
N ILE A 880 2.20 -32.34 58.83
CA ILE A 880 1.46 -32.66 60.04
C ILE A 880 2.21 -33.71 60.84
N THR A 881 2.71 -34.71 60.15
CA THR A 881 3.27 -35.87 60.82
C THR A 881 4.76 -35.71 61.09
N SER A 882 5.48 -34.98 60.25
CA SER A 882 6.92 -34.90 60.41
C SER A 882 7.45 -33.49 60.61
N GLY A 883 6.72 -32.46 60.26
CA GLY A 883 7.18 -31.13 60.57
C GLY A 883 7.97 -30.50 59.45
N TRP A 884 9.06 -29.83 59.77
CA TRP A 884 9.94 -29.39 58.72
C TRP A 884 10.96 -30.43 58.30
N THR A 885 10.99 -31.57 58.94
CA THR A 885 12.07 -32.50 58.73
C THR A 885 11.96 -33.22 57.40
N PHE A 886 10.80 -33.24 56.78
CA PHE A 886 10.68 -33.90 55.51
C PHE A 886 11.13 -33.04 54.36
N GLY A 887 11.34 -31.74 54.59
CA GLY A 887 11.86 -30.90 53.54
C GLY A 887 13.36 -30.92 53.43
N ALA A 888 14.03 -31.40 54.48
CA ALA A 888 15.48 -31.49 54.48
C ALA A 888 15.96 -32.88 54.09
N GLY A 889 15.58 -33.88 54.87
CA GLY A 889 16.04 -35.21 54.63
C GLY A 889 14.92 -36.22 54.64
N PRO A 890 15.11 -37.31 55.35
CA PRO A 890 14.00 -38.24 55.56
C PRO A 890 13.01 -37.68 56.54
N ALA A 891 11.77 -38.05 56.38
CA ALA A 891 10.72 -37.54 57.25
C ALA A 891 10.81 -38.22 58.60
N LEU A 892 11.12 -37.44 59.62
CA LEU A 892 11.18 -37.93 60.98
C LEU A 892 9.89 -37.55 61.65
N GLN A 893 9.13 -38.52 62.11
CA GLN A 893 7.83 -38.23 62.71
C GLN A 893 8.03 -37.56 64.04
N ILE A 894 7.03 -36.82 64.48
CA ILE A 894 7.05 -36.08 65.74
C ILE A 894 5.61 -35.75 66.10
N PRO A 895 5.18 -35.95 67.34
CA PRO A 895 3.79 -35.65 67.71
C PRO A 895 3.48 -34.18 67.55
N PHE A 896 2.29 -33.90 67.07
CA PHE A 896 1.95 -32.54 66.66
C PHE A 896 1.93 -31.48 67.76
N PRO A 897 1.57 -31.76 69.02
CA PRO A 897 1.88 -30.79 70.05
C PRO A 897 3.36 -30.52 70.16
N MET A 898 4.17 -31.56 70.11
CA MET A 898 5.60 -31.36 70.25
C MET A 898 6.21 -30.73 69.02
N GLN A 899 5.58 -30.87 67.86
CA GLN A 899 5.98 -30.10 66.70
C GLN A 899 5.67 -28.64 66.89
N MET A 900 4.48 -28.33 67.33
CA MET A 900 4.04 -26.96 67.49
C MET A 900 4.80 -26.24 68.59
N ALA A 901 5.20 -26.94 69.64
CA ALA A 901 6.05 -26.34 70.65
C ALA A 901 7.41 -25.95 70.11
N TYR A 902 7.93 -26.69 69.13
CA TYR A 902 9.16 -26.25 68.50
C TYR A 902 8.93 -24.98 67.75
N ARG A 903 7.76 -24.85 67.13
CA ARG A 903 7.43 -23.66 66.38
C ARG A 903 7.06 -22.47 67.25
N PHE A 904 6.57 -22.67 68.48
CA PHE A 904 6.65 -21.54 69.40
C PHE A 904 8.07 -21.23 69.78
N ASN A 905 8.91 -22.24 69.90
CA ASN A 905 10.24 -21.96 70.38
C ASN A 905 11.05 -21.28 69.28
N GLY A 906 10.61 -21.38 68.05
CA GLY A 906 11.23 -20.66 66.96
C GLY A 906 10.80 -19.24 66.78
N ILE A 907 9.78 -18.78 67.49
CA ILE A 907 9.41 -17.37 67.49
C ILE A 907 9.70 -16.71 68.83
N GLY A 908 10.50 -17.35 69.67
CA GLY A 908 10.94 -16.72 70.88
C GLY A 908 10.09 -16.97 72.09
N VAL A 909 8.92 -17.55 71.92
CA VAL A 909 8.05 -17.93 73.02
C VAL A 909 8.54 -19.26 73.53
N THR A 910 8.68 -19.41 74.84
CA THR A 910 9.19 -20.66 75.34
C THR A 910 8.17 -21.77 75.20
N GLN A 911 8.66 -22.99 75.41
CA GLN A 911 7.94 -24.18 75.02
C GLN A 911 6.79 -24.48 75.96
N ASN A 912 6.92 -24.12 77.23
CA ASN A 912 5.86 -24.32 78.20
C ASN A 912 4.62 -23.50 77.92
N VAL A 913 4.74 -22.42 77.15
CA VAL A 913 3.57 -21.65 76.77
C VAL A 913 2.65 -22.48 75.91
N LEU A 914 3.21 -23.43 75.15
CA LEU A 914 2.34 -24.25 74.32
C LEU A 914 1.54 -25.21 75.17
N TYR A 915 2.22 -26.08 75.93
CA TYR A 915 1.57 -27.17 76.62
C TYR A 915 0.57 -26.70 77.65
N GLU A 916 0.95 -25.71 78.45
CA GLU A 916 0.06 -25.16 79.44
C GLU A 916 -1.13 -24.43 78.84
N ASN A 917 -1.11 -24.12 77.56
CA ASN A 917 -2.26 -23.55 76.89
C ASN A 917 -2.69 -24.40 75.70
N GLN A 918 -2.36 -25.71 75.72
CA GLN A 918 -2.49 -26.54 74.52
C GLN A 918 -3.93 -26.64 74.06
N LYS A 919 -4.84 -26.91 74.98
CA LYS A 919 -6.24 -27.00 74.63
C LYS A 919 -6.80 -25.66 74.21
N LEU A 920 -6.23 -24.56 74.70
CA LEU A 920 -6.62 -23.26 74.19
C LEU A 920 -6.12 -23.06 72.78
N ILE A 921 -4.90 -23.50 72.50
CA ILE A 921 -4.30 -23.22 71.20
C ILE A 921 -4.95 -24.04 70.12
N ALA A 922 -5.30 -25.28 70.45
CA ALA A 922 -6.03 -26.12 69.51
C ALA A 922 -7.40 -25.54 69.21
N ASN A 923 -8.04 -24.96 70.21
CA ASN A 923 -9.37 -24.39 69.98
C ASN A 923 -9.33 -23.15 69.14
N GLN A 924 -8.31 -22.30 69.30
CA GLN A 924 -8.18 -21.15 68.42
C GLN A 924 -7.78 -21.56 67.02
N PHE A 925 -7.02 -22.64 66.90
CA PHE A 925 -6.61 -23.13 65.60
C PHE A 925 -7.79 -23.69 64.83
N ASN A 926 -8.61 -24.51 65.49
CA ASN A 926 -9.78 -25.09 64.82
C ASN A 926 -10.80 -24.02 64.48
N SER A 927 -10.96 -23.04 65.36
CA SER A 927 -11.92 -21.98 65.09
C SER A 927 -11.43 -20.98 64.08
N ALA A 928 -10.15 -21.00 63.71
CA ALA A 928 -9.67 -20.13 62.66
C ALA A 928 -9.67 -20.80 61.31
N ILE A 929 -9.56 -22.13 61.27
CA ILE A 929 -9.74 -22.82 60.01
C ILE A 929 -11.22 -23.01 59.73
N GLY A 930 -12.05 -23.10 60.76
CA GLY A 930 -13.48 -23.09 60.51
C GLY A 930 -13.96 -21.76 59.96
N LYS A 931 -13.24 -20.69 60.27
CA LYS A 931 -13.60 -19.36 59.85
C LYS A 931 -13.13 -19.03 58.45
N ILE A 932 -12.31 -19.88 57.84
CA ILE A 932 -11.70 -19.51 56.58
C ILE A 932 -12.44 -20.13 55.41
N GLN A 933 -13.26 -21.16 55.65
CA GLN A 933 -14.28 -21.53 54.69
C GLN A 933 -15.24 -20.38 54.48
N ASP A 934 -15.74 -19.83 55.58
CA ASP A 934 -16.71 -18.76 55.54
C ASP A 934 -16.13 -17.47 55.00
N SER A 935 -14.82 -17.31 54.99
CA SER A 935 -14.25 -16.14 54.34
C SER A 935 -14.13 -16.31 52.84
N LEU A 936 -14.41 -17.50 52.33
CA LEU A 936 -14.44 -17.74 50.89
C LEU A 936 -15.79 -18.24 50.41
N SER A 937 -16.58 -18.88 51.27
CA SER A 937 -17.97 -19.25 51.00
C SER A 937 -18.93 -18.09 51.18
N SER A 938 -18.37 -16.89 51.26
CA SER A 938 -19.00 -15.60 51.42
C SER A 938 -18.05 -14.69 50.67
N THR A 939 -17.93 -13.43 51.09
CA THR A 939 -17.68 -12.19 50.36
C THR A 939 -16.86 -12.38 49.10
N PRO A 940 -17.41 -12.07 47.93
CA PRO A 940 -16.72 -12.35 46.67
C PRO A 940 -15.51 -11.46 46.42
N SER A 941 -14.87 -11.69 45.26
CA SER A 941 -13.54 -11.19 44.92
C SER A 941 -12.49 -11.66 45.92
N ALA A 942 -12.74 -12.79 46.56
CA ALA A 942 -11.69 -13.44 47.35
C ALA A 942 -10.68 -14.12 46.44
N LEU A 943 -11.19 -14.80 45.41
CA LEU A 943 -10.38 -15.49 44.43
C LEU A 943 -10.12 -14.63 43.22
N GLY A 944 -10.03 -13.32 43.39
CA GLY A 944 -9.97 -12.44 42.25
C GLY A 944 -8.67 -12.51 41.49
N LYS A 945 -7.60 -12.93 42.15
CA LYS A 945 -6.33 -13.06 41.46
C LYS A 945 -6.32 -14.26 40.53
N LEU A 946 -7.04 -15.31 40.89
CA LEU A 946 -7.13 -16.47 40.02
C LEU A 946 -8.19 -16.30 38.95
N GLN A 947 -9.31 -15.69 39.28
CA GLN A 947 -10.31 -15.34 38.28
C GLN A 947 -9.77 -14.34 37.28
N ASN A 948 -8.85 -13.48 37.72
CA ASN A 948 -8.32 -12.44 36.87
C ASN A 948 -7.50 -12.99 35.71
N VAL A 949 -6.70 -14.03 35.94
CA VAL A 949 -5.91 -14.56 34.82
C VAL A 949 -6.80 -15.33 33.86
N VAL A 950 -7.84 -15.99 34.38
CA VAL A 950 -8.78 -16.71 33.52
C VAL A 950 -9.54 -15.73 32.66
N ASN A 951 -9.98 -14.63 33.23
CA ASN A 951 -10.66 -13.61 32.44
C ASN A 951 -9.71 -12.93 31.48
N GLN A 952 -8.46 -12.70 31.90
CA GLN A 952 -7.55 -11.94 31.06
C GLN A 952 -7.08 -12.72 29.84
N ASN A 953 -6.83 -14.02 29.94
CA ASN A 953 -6.49 -14.75 28.74
C ASN A 953 -7.64 -15.60 28.23
N ALA A 954 -8.86 -15.11 28.43
CA ALA A 954 -10.00 -15.51 27.62
C ALA A 954 -10.62 -14.35 26.90
N GLN A 955 -10.45 -13.13 27.41
CA GLN A 955 -10.88 -11.94 26.70
C GLN A 955 -9.74 -11.34 25.91
N ALA A 956 -8.64 -12.07 25.80
CA ALA A 956 -7.68 -11.79 24.75
C ALA A 956 -7.71 -12.83 23.66
N LEU A 957 -8.17 -14.03 23.95
CA LEU A 957 -8.45 -15.00 22.91
C LEU A 957 -9.69 -14.60 22.13
N ASN A 958 -10.67 -14.02 22.81
CA ASN A 958 -11.88 -13.57 22.13
C ASN A 958 -11.60 -12.40 21.22
N THR A 959 -10.70 -11.52 21.61
CA THR A 959 -10.29 -10.43 20.73
C THR A 959 -9.49 -10.95 19.56
N LEU A 960 -8.78 -12.05 19.74
CA LEU A 960 -8.11 -12.68 18.60
C LEU A 960 -9.12 -13.25 17.62
N VAL A 961 -10.18 -13.87 18.13
CA VAL A 961 -11.20 -14.42 17.25
C VAL A 961 -11.99 -13.32 16.58
N LYS A 962 -12.30 -12.27 17.31
CA LYS A 962 -13.26 -11.26 16.89
C LYS A 962 -12.57 -10.22 16.03
N GLN A 963 -11.51 -10.59 15.37
CA GLN A 963 -10.81 -9.68 14.50
C GLN A 963 -10.46 -10.38 13.20
N LEU A 964 -10.79 -11.65 13.07
CA LEU A 964 -10.98 -12.24 11.74
C LEU A 964 -12.10 -11.55 11.00
N SER A 965 -13.15 -11.17 11.72
CA SER A 965 -14.26 -10.44 11.13
C SER A 965 -13.98 -8.94 11.19
N SER A 966 -12.87 -8.55 10.57
CA SER A 966 -12.49 -7.15 10.52
C SER A 966 -11.86 -6.89 9.17
N ASN A 967 -12.17 -5.73 8.62
CA ASN A 967 -11.97 -5.48 7.20
C ASN A 967 -10.51 -5.23 6.84
N PHE A 968 -9.78 -4.52 7.71
CA PHE A 968 -8.38 -4.14 7.53
C PHE A 968 -8.13 -3.36 6.26
N GLY A 969 -9.11 -2.59 5.83
CA GLY A 969 -8.94 -1.78 4.64
C GLY A 969 -9.13 -2.49 3.33
N ALA A 970 -9.45 -3.78 3.35
CA ALA A 970 -9.75 -4.49 2.12
C ALA A 970 -11.21 -4.24 1.75
N ILE A 971 -11.71 -4.93 0.72
CA ILE A 971 -13.10 -4.68 0.34
C ILE A 971 -14.05 -5.47 1.23
N SER A 972 -13.60 -6.59 1.79
CA SER A 972 -14.42 -7.36 2.71
C SER A 972 -13.49 -8.17 3.59
N SER A 973 -14.03 -8.66 4.70
CA SER A 973 -13.25 -9.42 5.67
C SER A 973 -13.27 -10.91 5.42
N VAL A 974 -14.37 -11.46 4.97
CA VAL A 974 -14.47 -12.88 4.73
C VAL A 974 -13.76 -13.23 3.43
N LEU A 975 -12.96 -14.29 3.48
CA LEU A 975 -11.96 -14.52 2.45
C LEU A 975 -12.58 -15.04 1.17
N ASN A 976 -13.55 -15.95 1.30
CA ASN A 976 -14.06 -16.64 0.12
C ASN A 976 -14.93 -15.73 -0.72
N ASP A 977 -15.48 -14.67 -0.12
CA ASP A 977 -16.24 -13.70 -0.91
C ASP A 977 -15.34 -12.93 -1.84
N ILE A 978 -14.23 -12.40 -1.34
CA ILE A 978 -13.30 -11.70 -2.22
C ILE A 978 -12.43 -12.66 -3.01
N LEU A 979 -12.49 -13.96 -2.72
CA LEU A 979 -11.85 -14.93 -3.59
C LEU A 979 -12.77 -15.32 -4.73
N SER A 980 -14.09 -15.27 -4.51
CA SER A 980 -15.05 -15.64 -5.55
C SER A 980 -15.06 -14.60 -6.66
N ARG A 981 -15.47 -13.39 -6.35
CA ARG A 981 -15.34 -12.29 -7.28
C ARG A 981 -13.88 -11.83 -7.32
N LEU A 982 -13.63 -10.83 -8.18
CA LEU A 982 -12.33 -10.18 -8.30
C LEU A 982 -11.20 -11.14 -8.69
N ASP A 983 -11.10 -11.48 -9.99
CA ASP A 983 -10.05 -12.30 -10.60
C ASP A 983 -8.65 -11.98 -10.08
N PRO A 984 -7.78 -12.98 -9.93
CA PRO A 984 -6.61 -12.82 -9.07
C PRO A 984 -5.33 -12.40 -9.77
N PRO A 985 -5.29 -11.29 -10.54
CA PRO A 985 -4.09 -10.46 -10.42
C PRO A 985 -4.27 -9.38 -9.38
N GLU A 986 -5.51 -8.97 -9.16
CA GLU A 986 -5.80 -7.78 -8.40
C GLU A 986 -6.52 -8.03 -7.09
N ALA A 987 -7.04 -9.24 -6.86
CA ALA A 987 -7.40 -9.67 -5.51
C ALA A 987 -6.29 -10.49 -4.91
N GLU A 988 -5.06 -10.19 -5.31
CA GLU A 988 -3.86 -10.59 -4.62
C GLU A 988 -3.48 -9.55 -3.58
N VAL A 989 -3.82 -8.29 -3.82
CA VAL A 989 -3.60 -7.27 -2.81
C VAL A 989 -4.77 -7.16 -1.85
N GLN A 990 -5.94 -7.67 -2.23
CA GLN A 990 -7.03 -7.71 -1.27
C GLN A 990 -6.79 -8.80 -0.24
N ILE A 991 -6.19 -9.91 -0.65
CA ILE A 991 -5.78 -10.93 0.32
C ILE A 991 -4.63 -10.40 1.17
N ASP A 992 -3.67 -9.72 0.55
CA ASP A 992 -2.46 -9.33 1.26
C ASP A 992 -2.73 -8.29 2.33
N ARG A 993 -3.77 -7.47 2.14
CA ARG A 993 -4.22 -6.60 3.20
C ARG A 993 -4.76 -7.38 4.38
N LEU A 994 -5.52 -8.44 4.12
CA LEU A 994 -6.05 -9.25 5.21
C LEU A 994 -4.96 -10.05 5.89
N ILE A 995 -3.95 -10.51 5.14
CA ILE A 995 -2.82 -11.19 5.73
C ILE A 995 -2.05 -10.26 6.65
N THR A 996 -1.76 -9.06 6.20
CA THR A 996 -1.00 -8.17 7.04
C THR A 996 -1.83 -7.57 8.16
N GLY A 997 -3.15 -7.71 8.13
CA GLY A 997 -3.93 -7.40 9.29
C GLY A 997 -3.95 -8.53 10.30
N ARG A 998 -4.23 -9.74 9.83
CA ARG A 998 -4.39 -10.87 10.74
C ARG A 998 -3.07 -11.32 11.33
N LEU A 999 -1.99 -11.24 10.57
CA LEU A 999 -0.68 -11.58 11.10
C LEU A 999 -0.25 -10.59 12.16
N GLN A 1000 -0.56 -9.31 11.97
CA GLN A 1000 -0.24 -8.32 12.99
C GLN A 1000 -1.09 -8.51 14.23
N SER A 1001 -2.35 -8.90 14.06
CA SER A 1001 -3.20 -9.20 15.20
C SER A 1001 -2.69 -10.42 15.96
N LEU A 1002 -2.19 -11.41 15.24
CA LEU A 1002 -1.60 -12.58 15.87
C LEU A 1002 -0.32 -12.23 16.62
N GLN A 1003 0.50 -11.36 16.04
CA GLN A 1003 1.72 -10.95 16.72
C GLN A 1003 1.42 -10.16 17.98
N THR A 1004 0.38 -9.34 17.94
CA THR A 1004 -0.03 -8.62 19.14
C THR A 1004 -0.50 -9.58 20.21
N TYR A 1005 -1.26 -10.61 19.82
CA TYR A 1005 -1.70 -11.60 20.80
C TYR A 1005 -0.52 -12.33 21.42
N VAL A 1006 0.45 -12.73 20.61
CA VAL A 1006 1.58 -13.49 21.12
C VAL A 1006 2.45 -12.64 22.01
N THR A 1007 2.62 -11.36 21.69
CA THR A 1007 3.40 -10.48 22.56
C THR A 1007 2.71 -10.23 23.89
N GLN A 1008 1.39 -10.04 23.87
CA GLN A 1008 0.66 -9.91 25.13
C GLN A 1008 0.75 -11.18 25.94
N GLN A 1009 0.71 -12.34 25.29
CA GLN A 1009 0.81 -13.58 26.02
C GLN A 1009 2.19 -13.79 26.59
N LEU A 1010 3.22 -13.31 25.91
CA LEU A 1010 4.57 -13.47 26.44
C LEU A 1010 4.79 -12.59 27.66
N ILE A 1011 4.23 -11.39 27.64
CA ILE A 1011 4.31 -10.53 28.82
C ILE A 1011 3.51 -11.13 29.96
N ARG A 1012 2.31 -11.65 29.68
CA ARG A 1012 1.50 -12.21 30.75
C ARG A 1012 2.08 -13.50 31.29
N ALA A 1013 2.77 -14.27 30.45
CA ALA A 1013 3.47 -15.45 30.91
C ALA A 1013 4.65 -15.10 31.78
N ALA A 1014 5.33 -13.99 31.47
CA ALA A 1014 6.40 -13.52 32.34
C ALA A 1014 5.86 -13.14 33.71
N GLU A 1015 4.71 -12.50 33.74
CA GLU A 1015 4.08 -12.16 35.01
C GLU A 1015 3.67 -13.40 35.80
N ILE A 1016 3.09 -14.40 35.14
CA ILE A 1016 2.70 -15.60 35.86
C ILE A 1016 3.90 -16.45 36.24
N ARG A 1017 4.99 -16.40 35.50
CA ARG A 1017 6.18 -17.10 35.96
C ARG A 1017 6.80 -16.42 37.16
N ALA A 1018 6.74 -15.10 37.24
CA ALA A 1018 7.19 -14.42 38.45
C ALA A 1018 6.32 -14.80 39.64
N SER A 1019 5.02 -14.87 39.44
CA SER A 1019 4.12 -15.27 40.53
C SER A 1019 4.30 -16.73 40.92
N ALA A 1020 4.61 -17.59 39.95
CA ALA A 1020 4.80 -18.99 40.25
C ALA A 1020 6.11 -19.25 40.93
N ASN A 1021 7.14 -18.47 40.60
CA ASN A 1021 8.38 -18.54 41.35
C ASN A 1021 8.19 -18.08 42.77
N LEU A 1022 7.36 -17.05 42.97
CA LEU A 1022 7.02 -16.65 44.33
C LEU A 1022 6.26 -17.73 45.07
N ALA A 1023 5.35 -18.42 44.41
CA ALA A 1023 4.60 -19.47 45.07
C ALA A 1023 5.46 -20.68 45.37
N ALA A 1024 6.43 -20.99 44.53
CA ALA A 1024 7.37 -22.06 44.83
C ALA A 1024 8.26 -21.69 45.99
N THR A 1025 8.64 -20.42 46.10
CA THR A 1025 9.38 -19.95 47.25
C THR A 1025 8.55 -20.01 48.52
N LYS A 1026 7.27 -19.65 48.45
CA LYS A 1026 6.44 -19.76 49.63
C LYS A 1026 6.18 -21.19 50.03
N MET A 1027 6.10 -22.11 49.07
CA MET A 1027 5.95 -23.51 49.43
C MET A 1027 7.22 -24.04 50.05
N SER A 1028 8.37 -23.60 49.59
CA SER A 1028 9.60 -24.03 50.25
C SER A 1028 9.70 -23.44 51.63
N GLU A 1029 9.77 -22.13 51.73
CA GLU A 1029 10.07 -21.50 53.00
C GLU A 1029 8.92 -21.45 53.98
N CYS A 1030 7.68 -21.23 53.54
CA CYS A 1030 6.56 -21.19 54.46
C CYS A 1030 6.04 -22.56 54.83
N VAL A 1031 5.88 -23.49 53.89
CA VAL A 1031 5.28 -24.78 54.21
C VAL A 1031 6.30 -25.74 54.75
N LEU A 1032 7.41 -25.91 54.03
CA LEU A 1032 8.40 -26.92 54.38
C LEU A 1032 9.37 -26.45 55.45
N GLY A 1033 9.15 -25.28 56.03
CA GLY A 1033 9.97 -24.81 57.12
C GLY A 1033 9.22 -23.73 57.84
N GLN A 1034 9.87 -23.10 58.80
CA GLN A 1034 9.26 -21.99 59.52
C GLN A 1034 10.07 -20.74 59.25
N SER A 1035 9.44 -19.74 58.68
CA SER A 1035 10.14 -18.62 58.08
C SER A 1035 10.23 -17.46 59.05
N LYS A 1036 11.41 -16.89 59.17
CA LYS A 1036 11.61 -15.72 60.01
C LYS A 1036 11.51 -14.42 59.23
N ARG A 1037 11.21 -14.50 57.95
CA ARG A 1037 11.06 -13.31 57.14
C ARG A 1037 9.72 -12.67 57.43
N VAL A 1038 9.73 -11.40 57.74
CA VAL A 1038 8.55 -10.74 58.27
C VAL A 1038 7.54 -10.51 57.16
N ASP A 1039 6.30 -10.91 57.41
CA ASP A 1039 5.15 -10.78 56.52
C ASP A 1039 5.33 -11.51 55.20
N PHE A 1040 6.29 -12.41 55.12
CA PHE A 1040 6.38 -13.27 53.95
C PHE A 1040 5.29 -14.30 54.01
N CYS A 1041 5.05 -14.82 55.20
CA CYS A 1041 4.11 -15.90 55.38
C CYS A 1041 2.98 -15.45 56.28
N GLY A 1042 2.38 -14.31 55.99
CA GLY A 1042 1.24 -13.84 56.75
C GLY A 1042 1.63 -12.92 57.88
N LYS A 1043 0.66 -12.16 58.37
CA LYS A 1043 0.91 -11.18 59.42
C LYS A 1043 1.02 -11.88 60.76
N GLY A 1044 2.01 -11.50 61.54
CA GLY A 1044 2.29 -12.16 62.80
C GLY A 1044 3.59 -12.92 62.70
N TYR A 1045 3.94 -13.57 63.79
CA TYR A 1045 5.07 -14.46 63.77
C TYR A 1045 4.63 -15.80 63.21
N HIS A 1046 5.36 -16.29 62.23
CA HIS A 1046 4.91 -17.42 61.45
C HIS A 1046 5.07 -18.71 62.21
N LEU A 1047 3.99 -19.48 62.30
CA LEU A 1047 4.08 -20.83 62.86
C LEU A 1047 4.18 -21.87 61.75
N MET A 1048 3.18 -21.95 60.89
CA MET A 1048 3.25 -22.94 59.81
C MET A 1048 2.36 -22.49 58.66
N SER A 1049 2.33 -23.28 57.60
CA SER A 1049 1.47 -22.96 56.49
C SER A 1049 1.00 -24.24 55.86
N PHE A 1050 -0.16 -24.17 55.22
CA PHE A 1050 -0.78 -25.34 54.63
C PHE A 1050 -1.19 -25.00 53.21
N PRO A 1051 -0.74 -25.74 52.21
CA PRO A 1051 -1.15 -25.44 50.86
C PRO A 1051 -2.49 -26.05 50.55
N GLN A 1052 -3.20 -25.44 49.61
CA GLN A 1052 -4.41 -26.00 49.05
C GLN A 1052 -4.33 -25.71 47.57
N SER A 1053 -4.61 -26.70 46.74
CA SER A 1053 -4.59 -26.42 45.33
C SER A 1053 -5.81 -25.63 44.95
N ALA A 1054 -5.69 -24.86 43.88
CA ALA A 1054 -6.81 -24.09 43.37
C ALA A 1054 -6.66 -24.08 41.87
N PRO A 1055 -7.74 -23.83 41.13
CA PRO A 1055 -7.62 -23.85 39.67
C PRO A 1055 -6.70 -22.79 39.13
N HIS A 1056 -5.59 -23.29 38.56
CA HIS A 1056 -4.47 -22.49 38.07
C HIS A 1056 -3.81 -21.70 39.18
N GLY A 1057 -3.69 -22.28 40.35
CA GLY A 1057 -2.97 -21.56 41.39
C GLY A 1057 -2.93 -22.32 42.69
N VAL A 1058 -2.43 -21.65 43.71
CA VAL A 1058 -2.27 -22.25 45.02
C VAL A 1058 -2.81 -21.28 46.05
N VAL A 1059 -3.29 -21.82 47.16
CA VAL A 1059 -3.81 -21.03 48.25
C VAL A 1059 -3.06 -21.46 49.49
N PHE A 1060 -2.41 -20.53 50.16
CA PHE A 1060 -1.67 -20.85 51.36
C PHE A 1060 -2.50 -20.44 52.55
N LEU A 1061 -2.49 -21.26 53.56
CA LEU A 1061 -3.17 -20.99 54.82
C LEU A 1061 -2.06 -20.78 55.82
N HIS A 1062 -1.78 -19.53 56.13
CA HIS A 1062 -0.65 -19.15 56.96
C HIS A 1062 -1.11 -19.08 58.40
N VAL A 1063 -0.70 -20.04 59.20
CA VAL A 1063 -0.98 -20.06 60.63
C VAL A 1063 0.11 -19.26 61.31
N THR A 1064 -0.27 -18.15 61.93
CA THR A 1064 0.66 -17.23 62.55
C THR A 1064 0.21 -16.95 63.96
N TYR A 1065 1.16 -16.53 64.78
CA TYR A 1065 0.97 -16.19 66.18
C TYR A 1065 0.88 -14.69 66.26
N VAL A 1066 -0.18 -14.16 66.86
CA VAL A 1066 -0.35 -12.72 67.03
C VAL A 1066 -0.45 -12.46 68.52
N PRO A 1067 0.39 -11.61 69.10
CA PRO A 1067 0.24 -11.27 70.51
C PRO A 1067 -1.01 -10.45 70.75
N ALA A 1068 -1.59 -10.59 71.95
CA ALA A 1068 -2.78 -9.83 72.23
C ALA A 1068 -2.97 -9.62 73.72
N GLN A 1069 -3.80 -8.63 74.03
CA GLN A 1069 -4.11 -8.06 75.35
C GLN A 1069 -2.84 -7.89 76.19
N GLU A 1070 -2.07 -6.89 75.87
CA GLU A 1070 -0.90 -6.63 76.62
C GLU A 1070 -1.05 -5.77 77.74
N LYS A 1071 -0.06 -5.73 78.55
CA LYS A 1071 0.01 -4.93 79.70
C LYS A 1071 1.29 -4.16 79.71
N ASN A 1072 1.28 -2.98 80.31
CA ASN A 1072 2.49 -2.22 80.36
C ASN A 1072 3.18 -2.10 81.70
N PHE A 1073 4.45 -2.48 81.75
CA PHE A 1073 5.21 -2.44 82.95
C PHE A 1073 6.33 -1.46 82.90
N THR A 1074 7.28 -1.54 83.77
CA THR A 1074 8.38 -0.63 83.83
C THR A 1074 9.58 -1.40 83.68
N THR A 1075 10.52 -0.96 82.92
CA THR A 1075 11.73 -1.75 82.76
C THR A 1075 12.96 -1.10 83.35
N ALA A 1076 14.09 -1.73 83.07
CA ALA A 1076 15.39 -1.28 83.41
C ALA A 1076 16.34 -2.03 82.50
N PRO A 1077 17.39 -1.41 82.01
CA PRO A 1077 18.38 -2.16 81.25
C PRO A 1077 19.08 -3.23 82.04
N ALA A 1078 19.33 -3.01 83.32
CA ALA A 1078 20.08 -3.94 84.13
C ALA A 1078 19.62 -3.84 85.57
N ILE A 1079 20.24 -4.65 86.42
CA ILE A 1079 19.91 -4.71 87.85
C ILE A 1079 21.20 -4.64 88.63
N CYS A 1080 21.32 -3.65 89.52
CA CYS A 1080 22.44 -3.59 90.45
C CYS A 1080 22.27 -4.58 91.57
N HIS A 1081 23.17 -5.53 91.69
CA HIS A 1081 23.30 -6.25 92.93
C HIS A 1081 24.76 -6.29 93.28
N ASP A 1082 25.07 -5.93 94.53
CA ASP A 1082 26.35 -5.72 95.19
C ASP A 1082 27.43 -5.20 94.25
N GLY A 1083 27.13 -4.10 93.59
CA GLY A 1083 28.08 -3.42 92.73
C GLY A 1083 28.03 -3.85 91.29
N LYS A 1084 27.68 -5.11 91.06
CA LYS A 1084 27.72 -5.67 89.73
C LYS A 1084 26.41 -5.43 88.99
N ALA A 1085 26.48 -5.36 87.67
CA ALA A 1085 25.33 -5.13 86.82
C ALA A 1085 24.89 -6.45 86.22
N HIS A 1086 23.60 -6.75 86.31
CA HIS A 1086 23.06 -8.00 85.81
C HIS A 1086 22.10 -7.73 84.67
N PHE A 1087 22.34 -8.35 83.57
CA PHE A 1087 21.51 -8.26 82.39
C PHE A 1087 20.79 -9.57 82.21
N PRO A 1088 19.59 -9.61 81.66
CA PRO A 1088 18.90 -10.89 81.53
C PRO A 1088 19.50 -11.71 80.42
N ARG A 1089 19.44 -13.03 80.57
CA ARG A 1089 19.96 -13.90 79.54
C ARG A 1089 19.05 -13.89 78.31
N GLU A 1090 17.84 -14.38 78.48
CA GLU A 1090 16.79 -14.19 77.47
C GLU A 1090 15.63 -13.57 78.21
N GLY A 1091 15.20 -12.43 77.77
CA GLY A 1091 14.06 -11.83 78.40
C GLY A 1091 14.35 -10.40 78.74
N VAL A 1092 13.41 -9.80 79.47
CA VAL A 1092 13.44 -8.41 79.86
C VAL A 1092 13.34 -8.43 81.37
N PHE A 1093 13.63 -7.29 81.97
CA PHE A 1093 13.27 -7.02 83.35
C PHE A 1093 11.99 -6.20 83.33
N VAL A 1094 11.01 -6.60 84.10
CA VAL A 1094 9.80 -5.82 84.25
C VAL A 1094 9.58 -5.54 85.72
N SER A 1095 8.75 -4.54 85.98
CA SER A 1095 8.34 -4.20 87.33
C SER A 1095 6.84 -4.05 87.33
N ASN A 1096 6.17 -4.78 88.21
CA ASN A 1096 4.74 -4.63 88.33
C ASN A 1096 4.33 -3.46 89.20
N GLY A 1097 5.29 -2.69 89.68
CA GLY A 1097 5.06 -1.51 90.48
C GLY A 1097 5.92 -1.56 91.72
N THR A 1098 6.03 -2.74 92.30
CA THR A 1098 6.77 -2.93 93.53
C THR A 1098 8.02 -3.76 93.33
N HIS A 1099 7.89 -4.93 92.72
CA HIS A 1099 8.97 -5.88 92.61
C HIS A 1099 9.34 -6.07 91.15
N TRP A 1100 10.55 -6.56 90.93
CA TRP A 1100 11.06 -6.76 89.59
C TRP A 1100 11.11 -8.25 89.27
N PHE A 1101 10.92 -8.55 87.99
CA PHE A 1101 10.91 -9.90 87.50
C PHE A 1101 11.65 -9.92 86.18
N VAL A 1102 11.98 -11.12 85.75
CA VAL A 1102 12.50 -11.37 84.42
C VAL A 1102 11.37 -12.06 83.69
N THR A 1103 11.03 -11.60 82.51
CA THR A 1103 10.08 -12.37 81.72
C THR A 1103 10.59 -12.51 80.30
N GLN A 1104 10.09 -13.52 79.62
CA GLN A 1104 10.35 -13.61 78.19
C GLN A 1104 9.64 -12.48 77.48
N ARG A 1105 10.26 -11.97 76.44
CA ARG A 1105 9.83 -10.69 75.92
C ARG A 1105 8.60 -10.77 75.05
N ASN A 1106 8.08 -11.95 74.77
CA ASN A 1106 6.91 -12.10 73.92
C ASN A 1106 5.69 -12.64 74.64
N PHE A 1107 5.77 -12.86 75.94
CA PHE A 1107 4.67 -13.44 76.69
C PHE A 1107 4.94 -13.15 78.15
N TYR A 1108 3.97 -12.59 78.83
CA TYR A 1108 4.18 -12.21 80.22
C TYR A 1108 4.25 -13.46 81.07
N GLU A 1109 5.45 -13.87 81.40
CA GLU A 1109 5.69 -14.98 82.31
C GLU A 1109 6.75 -14.52 83.30
N PRO A 1110 6.34 -13.84 84.37
CA PRO A 1110 7.32 -13.25 85.27
C PRO A 1110 7.94 -14.29 86.17
N GLN A 1111 9.25 -14.24 86.32
CA GLN A 1111 9.97 -15.08 87.25
C GLN A 1111 10.89 -14.22 88.07
N ILE A 1112 11.29 -14.72 89.23
CA ILE A 1112 12.15 -13.93 90.09
C ILE A 1112 13.55 -13.89 89.50
N ILE A 1113 14.24 -12.78 89.73
CA ILE A 1113 15.55 -12.56 89.12
C ILE A 1113 16.56 -13.37 89.91
N THR A 1114 17.11 -14.40 89.30
CA THR A 1114 18.13 -15.20 89.94
C THR A 1114 19.43 -15.00 89.21
N THR A 1115 20.45 -15.76 89.59
CA THR A 1115 21.70 -15.75 88.86
C THR A 1115 21.75 -16.81 87.79
N ASP A 1116 20.65 -17.50 87.54
CA ASP A 1116 20.63 -18.47 86.46
C ASP A 1116 19.71 -18.02 85.33
N ASN A 1117 19.18 -16.81 85.40
CA ASN A 1117 18.57 -16.21 84.24
C ASN A 1117 19.11 -14.82 83.95
N THR A 1118 20.20 -14.43 84.62
CA THR A 1118 20.91 -13.19 84.33
C THR A 1118 22.38 -13.50 84.19
N PHE A 1119 23.07 -12.67 83.44
CA PHE A 1119 24.51 -12.71 83.38
C PHE A 1119 25.06 -11.38 83.85
N VAL A 1120 26.24 -11.42 84.43
CA VAL A 1120 26.84 -10.28 85.08
C VAL A 1120 27.91 -9.68 84.17
N SER A 1121 27.98 -8.36 84.12
CA SER A 1121 28.97 -7.69 83.28
C SER A 1121 29.21 -6.29 83.80
N GLY A 1122 30.43 -6.02 84.24
CA GLY A 1122 30.77 -4.67 84.62
C GLY A 1122 30.19 -4.30 85.97
N ASN A 1123 30.09 -3.00 86.20
CA ASN A 1123 29.61 -2.50 87.48
C ASN A 1123 28.59 -1.40 87.27
N CYS A 1124 28.02 -0.93 88.36
CA CYS A 1124 26.84 -0.08 88.36
C CYS A 1124 27.15 1.38 88.13
N ASP A 1125 27.93 1.73 87.14
CA ASP A 1125 28.07 3.15 86.84
C ASP A 1125 28.12 3.45 85.36
N VAL A 1126 28.10 2.45 84.49
CA VAL A 1126 28.25 2.70 83.08
C VAL A 1126 26.92 2.56 82.35
N VAL A 1127 26.10 1.60 82.78
CA VAL A 1127 24.76 1.44 82.21
C VAL A 1127 23.88 2.57 82.68
N ILE A 1128 23.17 3.19 81.75
CA ILE A 1128 22.29 4.30 82.04
C ILE A 1128 20.89 3.76 82.28
N GLY A 1129 20.34 4.03 83.45
CA GLY A 1129 19.03 3.55 83.78
C GLY A 1129 18.99 2.30 84.62
N ILE A 1130 20.11 1.90 85.17
CA ILE A 1130 20.20 0.67 85.92
C ILE A 1130 19.57 0.88 87.29
N VAL A 1131 18.79 -0.09 87.75
CA VAL A 1131 18.09 0.06 89.01
C VAL A 1131 18.62 -0.97 90.00
N ASN A 1132 18.38 -0.71 91.28
CA ASN A 1132 18.83 -1.61 92.31
C ASN A 1132 17.74 -2.61 92.63
N ASN A 1133 18.10 -3.88 92.65
CA ASN A 1133 17.24 -4.90 93.23
C ASN A 1133 18.12 -6.05 93.61
N THR A 1134 17.65 -6.88 94.52
CA THR A 1134 18.38 -8.09 94.84
C THR A 1134 18.27 -9.10 93.71
N VAL A 1135 19.29 -9.93 93.59
CA VAL A 1135 19.34 -11.01 92.61
C VAL A 1135 19.50 -12.30 93.40
N TYR A 1136 18.45 -13.10 93.45
CA TYR A 1136 18.40 -14.20 94.40
C TYR A 1136 19.29 -15.34 93.94
N ASP A 1137 20.40 -15.53 94.63
CA ASP A 1137 21.32 -16.61 94.32
C ASP A 1137 20.77 -17.91 94.89
N PRO A 1138 20.45 -18.90 94.07
CA PRO A 1138 19.80 -20.11 94.61
C PRO A 1138 20.75 -21.05 95.32
N LEU A 1139 22.06 -20.89 95.15
CA LEU A 1139 23.01 -21.76 95.83
C LEU A 1139 23.04 -21.50 97.32
N GLN A 1140 23.06 -20.23 97.71
CA GLN A 1140 23.27 -19.86 99.11
C GLN A 1140 22.26 -20.42 100.11
N PRO A 1141 20.92 -20.46 99.85
CA PRO A 1141 20.06 -21.09 100.85
C PRO A 1141 19.97 -22.60 100.73
N GLU A 1142 21.11 -23.24 100.53
CA GLU A 1142 21.24 -24.69 100.61
C GLU A 1142 22.25 -25.12 101.64
N LEU A 1143 23.38 -24.41 101.72
CA LEU A 1143 24.56 -24.92 102.43
C LEU A 1143 24.41 -24.87 103.94
N ASP A 1144 23.42 -24.14 104.45
CA ASP A 1144 23.27 -23.85 105.87
C ASP A 1144 22.90 -25.08 106.70
N ALA B 27 44.95 35.42 1.02
CA ALA B 27 44.96 35.32 2.47
C ALA B 27 43.83 34.43 2.95
N TYR B 28 43.88 34.02 4.21
CA TYR B 28 42.86 33.18 4.81
C TYR B 28 42.72 33.51 6.29
N THR B 29 41.51 33.37 6.80
CA THR B 29 41.20 33.77 8.18
C THR B 29 40.28 32.73 8.80
N ASN B 30 40.36 32.58 10.12
CA ASN B 30 39.43 31.74 10.85
C ASN B 30 38.02 32.30 10.83
N SER B 31 37.05 31.41 10.85
CA SER B 31 35.63 31.74 10.76
C SER B 31 34.90 31.27 11.99
N PHE B 32 35.42 31.68 13.16
CA PHE B 32 35.35 30.99 14.45
C PHE B 32 34.01 30.32 14.75
N THR B 33 32.97 31.12 14.89
CA THR B 33 31.63 30.59 15.08
C THR B 33 30.62 31.27 14.18
N ARG B 34 31.05 32.10 13.24
CA ARG B 34 30.15 32.99 12.55
C ARG B 34 29.37 32.25 11.48
N GLY B 35 28.43 32.95 10.86
CA GLY B 35 27.71 32.43 9.72
C GLY B 35 26.48 31.64 10.05
N VAL B 36 25.93 31.79 11.24
CA VAL B 36 24.76 31.03 11.67
C VAL B 36 23.56 31.98 11.65
N TYR B 37 22.40 31.46 11.27
CA TYR B 37 21.26 32.32 11.00
C TYR B 37 19.99 31.58 11.38
N TYR B 38 18.92 32.35 11.59
CA TYR B 38 17.64 31.77 11.94
C TYR B 38 17.05 31.11 10.71
N PRO B 39 16.89 29.79 10.71
CA PRO B 39 16.68 29.09 9.44
C PRO B 39 15.24 28.97 8.96
N ASP B 40 14.23 29.16 9.83
CA ASP B 40 12.90 28.76 9.39
C ASP B 40 11.77 29.69 9.83
N LYS B 41 12.07 30.89 10.31
CA LYS B 41 11.12 31.98 10.55
C LYS B 41 10.10 31.64 11.66
N VAL B 42 10.44 30.73 12.57
CA VAL B 42 9.57 30.36 13.67
C VAL B 42 10.20 30.77 14.99
N PHE B 43 9.46 30.53 16.07
CA PHE B 43 9.90 30.90 17.40
C PHE B 43 10.06 29.65 18.24
N ARG B 44 11.20 29.53 18.92
CA ARG B 44 11.41 28.50 19.94
C ARG B 44 12.03 29.15 21.16
N SER B 45 11.77 28.60 22.33
CA SER B 45 12.27 29.22 23.54
C SER B 45 12.87 28.20 24.48
N SER B 46 14.13 28.42 24.84
CA SER B 46 14.94 27.53 25.70
C SER B 46 15.01 26.12 25.15
N VAL B 47 15.24 26.00 23.85
CA VAL B 47 15.10 24.74 23.13
C VAL B 47 16.37 24.49 22.34
N LEU B 48 16.92 23.29 22.44
CA LEU B 48 17.97 22.86 21.54
C LEU B 48 17.32 22.20 20.33
N HIS B 49 17.54 22.76 19.16
CA HIS B 49 16.88 22.28 17.95
C HIS B 49 17.91 21.96 16.89
N SER B 50 17.76 20.82 16.24
CA SER B 50 18.68 20.41 15.20
C SER B 50 18.08 20.70 13.85
N THR B 51 18.85 21.33 12.98
CA THR B 51 18.44 21.68 11.62
C THR B 51 19.44 21.13 10.63
N GLN B 52 18.93 20.80 9.44
CA GLN B 52 19.76 20.32 8.34
C GLN B 52 19.62 21.31 7.20
N ASP B 53 20.62 22.15 7.00
CA ASP B 53 20.46 23.32 6.14
C ASP B 53 21.85 23.78 5.72
N LEU B 54 21.89 24.58 4.65
CA LEU B 54 23.12 25.17 4.13
C LEU B 54 23.67 26.16 5.15
N PHE B 55 24.67 25.73 5.90
CA PHE B 55 25.31 26.55 6.92
C PHE B 55 26.76 26.77 6.59
N LEU B 56 27.32 27.81 7.17
CA LEU B 56 28.76 27.97 7.13
C LEU B 56 29.38 27.06 8.18
N PRO B 57 30.30 26.18 7.81
CA PRO B 57 30.94 25.31 8.79
C PRO B 57 31.77 26.09 9.79
N PHE B 58 31.83 25.58 11.01
CA PHE B 58 32.62 26.24 12.03
C PHE B 58 34.09 26.03 11.76
N PHE B 59 34.89 27.05 12.10
CA PHE B 59 36.35 27.03 12.04
C PHE B 59 36.88 26.75 10.63
N SER B 60 36.11 27.12 9.62
CA SER B 60 36.59 26.99 8.26
C SER B 60 37.52 28.15 7.94
N ASN B 61 38.26 28.00 6.85
CA ASN B 61 39.07 29.08 6.34
C ASN B 61 38.21 29.94 5.42
N VAL B 62 38.12 31.22 5.71
CA VAL B 62 37.41 32.14 4.84
C VAL B 62 38.45 32.99 4.10
N THR B 63 38.10 33.38 2.88
CA THR B 63 39.00 34.17 2.06
C THR B 63 38.91 35.64 2.47
N TRP B 64 40.05 36.26 2.69
CA TRP B 64 40.11 37.65 3.12
C TRP B 64 40.64 38.49 1.98
N PHE B 65 39.84 39.44 1.52
CA PHE B 65 40.17 40.29 0.39
C PHE B 65 40.40 41.71 0.89
N HIS B 66 41.57 42.25 0.59
CA HIS B 66 41.86 43.63 0.95
C HIS B 66 42.06 44.43 -0.33
N PHE B 79 42.47 49.15 -3.38
CA PHE B 79 41.21 48.43 -3.18
C PHE B 79 40.78 47.75 -4.46
N ASP B 80 40.60 46.43 -4.41
CA ASP B 80 40.24 45.65 -5.59
C ASP B 80 39.09 44.71 -5.27
N ASN B 81 38.50 44.15 -6.33
CA ASN B 81 37.27 43.38 -6.25
C ASN B 81 37.24 42.27 -7.30
N PRO B 82 37.77 41.09 -6.98
CA PRO B 82 37.86 40.02 -7.98
C PRO B 82 36.57 39.24 -8.20
N VAL B 83 36.70 38.13 -8.91
CA VAL B 83 35.57 37.30 -9.33
C VAL B 83 35.52 36.05 -8.45
N LEU B 84 34.32 35.73 -7.95
CA LEU B 84 34.14 34.70 -6.94
C LEU B 84 32.99 33.77 -7.30
N PRO B 85 33.19 32.46 -7.29
CA PRO B 85 32.09 31.53 -7.53
C PRO B 85 31.12 31.50 -6.37
N PHE B 86 29.87 31.23 -6.69
CA PHE B 86 28.77 31.33 -5.74
C PHE B 86 28.43 30.02 -5.04
N ASN B 87 29.12 28.93 -5.37
CA ASN B 87 28.55 27.59 -5.62
C ASN B 87 27.26 27.27 -4.89
N ASP B 88 27.20 27.45 -3.58
CA ASP B 88 26.00 27.11 -2.84
C ASP B 88 25.37 28.27 -2.08
N GLY B 89 26.14 29.28 -1.71
CA GLY B 89 25.65 30.37 -0.89
C GLY B 89 26.87 31.08 -0.36
N VAL B 90 26.66 32.28 0.16
CA VAL B 90 27.75 33.17 0.54
C VAL B 90 27.53 33.65 1.96
N TYR B 91 28.55 33.52 2.78
CA TYR B 91 28.70 34.33 3.98
C TYR B 91 29.64 35.46 3.66
N PHE B 92 29.14 36.69 3.72
CA PHE B 92 29.89 37.89 3.41
C PHE B 92 30.04 38.68 4.70
N ALA B 93 31.22 39.22 4.95
CA ALA B 93 31.36 40.11 6.09
C ALA B 93 32.26 41.27 5.70
N SER B 94 32.10 42.39 6.40
CA SER B 94 32.89 43.56 6.06
C SER B 94 33.12 44.43 7.29
N THR B 95 34.13 45.28 7.20
CA THR B 95 34.45 46.18 8.31
C THR B 95 33.82 47.55 8.11
N ASN B 99 31.06 52.94 4.60
CA ASN B 99 30.13 52.83 3.47
C ASN B 99 30.90 52.80 2.15
N ILE B 100 31.88 51.90 2.07
CA ILE B 100 32.65 51.76 0.85
C ILE B 100 31.95 50.83 -0.13
N ILE B 101 31.69 49.59 0.29
CA ILE B 101 30.91 48.67 -0.53
C ILE B 101 29.46 49.12 -0.53
N ARG B 102 28.79 48.99 -1.67
CA ARG B 102 27.41 49.46 -1.76
C ARG B 102 26.43 48.43 -2.32
N GLY B 103 26.89 47.28 -2.81
CA GLY B 103 25.95 46.34 -3.38
C GLY B 103 26.64 45.17 -4.04
N TRP B 104 25.83 44.39 -4.76
CA TRP B 104 26.23 43.09 -5.25
C TRP B 104 25.64 42.84 -6.63
N ILE B 105 26.35 42.05 -7.43
CA ILE B 105 25.90 41.61 -8.73
C ILE B 105 25.98 40.09 -8.76
N PHE B 106 24.87 39.44 -9.09
CA PHE B 106 24.78 37.99 -9.23
C PHE B 106 24.40 37.64 -10.66
N GLY B 107 24.92 36.51 -11.13
CA GLY B 107 24.62 36.06 -12.47
C GLY B 107 25.60 35.00 -12.91
N THR B 108 25.42 34.55 -14.16
CA THR B 108 26.21 33.46 -14.71
C THR B 108 27.04 33.88 -15.91
N THR B 109 26.39 34.42 -16.96
CA THR B 109 27.00 34.63 -18.28
C THR B 109 26.95 36.07 -18.74
N LEU B 110 27.45 37.03 -17.95
CA LEU B 110 27.15 38.45 -18.11
C LEU B 110 27.71 39.09 -19.38
N ASP B 111 27.51 40.41 -19.49
CA ASP B 111 27.29 41.21 -20.71
C ASP B 111 25.97 40.85 -21.37
N SER B 112 24.89 41.02 -20.61
CA SER B 112 23.49 41.13 -21.06
C SER B 112 22.88 39.86 -21.61
N LYS B 113 23.63 38.76 -21.72
CA LYS B 113 23.04 37.55 -22.26
C LYS B 113 22.18 36.81 -21.26
N THR B 114 22.26 37.17 -19.98
CA THR B 114 21.43 36.59 -18.93
C THR B 114 20.95 37.74 -18.04
N GLN B 115 19.70 37.63 -17.58
CA GLN B 115 19.20 38.50 -16.53
C GLN B 115 20.05 38.37 -15.28
N SER B 116 20.58 39.49 -14.80
CA SER B 116 21.52 39.50 -13.70
C SER B 116 20.90 40.20 -12.52
N LEU B 117 21.04 39.59 -11.34
CA LEU B 117 20.63 40.25 -10.11
C LEU B 117 21.58 41.41 -9.82
N LEU B 118 21.01 42.57 -9.52
CA LEU B 118 21.81 43.73 -9.20
C LEU B 118 21.17 44.44 -8.02
N ILE B 119 21.96 44.65 -6.97
CA ILE B 119 21.51 45.21 -5.70
C ILE B 119 22.43 46.36 -5.37
N VAL B 120 21.88 47.58 -5.35
CA VAL B 120 22.66 48.79 -5.13
C VAL B 120 21.99 49.57 -4.02
N ASN B 121 22.76 50.01 -3.03
CA ASN B 121 22.21 50.82 -1.97
C ASN B 121 22.70 52.25 -2.13
N ASN B 122 21.92 53.05 -2.85
CA ASN B 122 22.19 54.47 -3.07
C ASN B 122 21.32 55.29 -2.14
N ALA B 123 21.97 56.07 -1.28
CA ALA B 123 21.39 57.26 -0.62
C ALA B 123 20.15 56.93 0.20
N THR B 124 20.31 56.02 1.18
CA THR B 124 19.21 55.42 1.95
C THR B 124 18.15 54.81 1.06
N ASN B 125 18.55 54.07 0.02
CA ASN B 125 17.61 53.31 -0.77
C ASN B 125 18.32 52.16 -1.45
N VAL B 126 17.93 50.93 -1.13
CA VAL B 126 18.44 49.75 -1.80
C VAL B 126 17.48 49.38 -2.93
N VAL B 127 18.04 49.10 -4.11
CA VAL B 127 17.28 48.79 -5.30
C VAL B 127 17.79 47.48 -5.87
N ILE B 128 16.86 46.61 -6.24
CA ILE B 128 17.15 45.27 -6.74
C ILE B 128 16.47 45.11 -8.09
N LYS B 129 17.25 44.76 -9.11
CA LYS B 129 16.74 44.59 -10.46
C LYS B 129 17.32 43.34 -11.10
N VAL B 130 16.59 42.80 -12.07
CA VAL B 130 16.95 41.51 -12.66
C VAL B 130 17.19 41.85 -14.14
N CYS B 131 17.66 43.07 -14.38
CA CYS B 131 17.87 43.53 -15.75
C CYS B 131 19.12 42.89 -16.32
N GLU B 132 19.09 42.54 -17.61
CA GLU B 132 20.22 41.87 -18.24
C GLU B 132 21.29 42.93 -18.55
N PHE B 133 22.02 43.30 -17.52
CA PHE B 133 23.00 44.37 -17.63
C PHE B 133 24.21 43.89 -18.40
N GLN B 134 24.83 44.81 -19.14
CA GLN B 134 26.18 44.55 -19.63
C GLN B 134 27.15 44.75 -18.47
N PHE B 135 27.99 43.75 -18.25
CA PHE B 135 28.99 43.85 -17.22
C PHE B 135 30.10 44.79 -17.68
N CYS B 136 30.58 45.61 -16.75
CA CYS B 136 31.76 46.38 -17.06
C CYS B 136 32.98 45.48 -16.98
N ASN B 137 34.11 46.00 -17.46
CA ASN B 137 35.37 45.29 -17.28
C ASN B 137 35.73 45.21 -15.80
N ASP B 138 35.39 46.24 -15.04
CA ASP B 138 35.58 46.29 -13.59
C ASP B 138 34.62 47.34 -13.06
N PRO B 139 33.41 46.94 -12.68
CA PRO B 139 32.40 47.92 -12.26
C PRO B 139 32.72 48.49 -10.88
N PHE B 140 32.02 49.57 -10.54
CA PHE B 140 32.20 50.23 -9.25
C PHE B 140 30.97 51.03 -8.84
N GLY B 156 27.07 54.76 -12.51
CA GLY B 156 27.61 54.45 -13.83
C GLY B 156 27.81 52.97 -14.08
N VAL B 157 28.05 52.22 -13.00
CA VAL B 157 28.18 50.77 -13.11
C VAL B 157 26.85 50.13 -13.48
N TYR B 158 25.74 50.68 -12.97
CA TYR B 158 24.41 50.13 -13.19
C TYR B 158 23.80 50.55 -14.51
N SER B 159 24.62 50.99 -15.45
CA SER B 159 24.15 51.49 -16.73
C SER B 159 23.73 50.33 -17.63
N SER B 160 23.07 50.68 -18.75
CA SER B 160 22.51 49.75 -19.73
C SER B 160 21.49 48.80 -19.09
N ALA B 161 20.39 49.39 -18.65
CA ALA B 161 19.26 48.63 -18.11
C ALA B 161 18.40 48.15 -19.27
N ASN B 162 18.28 46.84 -19.42
CA ASN B 162 17.49 46.26 -20.49
C ASN B 162 16.71 45.05 -19.97
N ASN B 163 15.52 44.87 -20.55
CA ASN B 163 14.69 43.65 -20.42
C ASN B 163 14.36 43.32 -18.97
N CYS B 164 14.05 44.35 -18.18
CA CYS B 164 13.92 44.18 -16.74
C CYS B 164 12.65 43.41 -16.41
N THR B 165 12.83 42.31 -15.70
CA THR B 165 11.71 41.45 -15.30
C THR B 165 11.21 41.73 -13.90
N PHE B 166 12.10 41.99 -12.95
CA PHE B 166 11.72 42.24 -11.57
C PHE B 166 12.44 43.47 -11.05
N GLU B 167 11.72 44.27 -10.26
CA GLU B 167 12.25 45.47 -9.64
C GLU B 167 11.74 45.57 -8.21
N TYR B 168 12.58 46.09 -7.33
CA TYR B 168 12.27 46.13 -5.92
C TYR B 168 13.06 47.25 -5.27
N VAL B 169 12.45 47.93 -4.30
CA VAL B 169 13.04 49.08 -3.61
C VAL B 169 12.74 48.95 -2.13
N SER B 170 13.77 49.11 -1.29
CA SER B 170 13.60 49.09 0.17
C SER B 170 14.57 50.05 0.83
N GLN B 171 14.45 50.15 2.16
CA GLN B 171 15.26 51.06 2.97
C GLN B 171 16.33 50.28 3.70
N PRO B 172 17.58 50.74 3.69
CA PRO B 172 18.67 50.01 4.33
C PRO B 172 18.73 50.31 5.82
N PHE B 173 19.75 49.75 6.47
CA PHE B 173 20.03 50.00 7.88
C PHE B 173 21.53 50.11 8.10
N LEU B 174 21.94 51.18 8.78
CA LEU B 174 23.34 51.51 8.96
C LEU B 174 24.03 50.58 9.95
N LYS B 185 34.16 50.71 13.47
CA LYS B 185 34.24 49.66 14.47
C LYS B 185 33.01 48.78 14.42
N ASN B 186 32.27 48.87 13.33
CA ASN B 186 31.12 48.01 13.07
C ASN B 186 31.50 46.95 12.06
N LEU B 187 30.71 45.89 12.03
CA LEU B 187 30.96 44.75 11.16
C LEU B 187 29.64 44.35 10.55
N ARG B 188 29.68 44.03 9.27
CA ARG B 188 28.47 43.84 8.47
C ARG B 188 28.48 42.39 8.02
N GLU B 189 27.58 41.57 8.57
CA GLU B 189 27.49 40.17 8.19
C GLU B 189 26.24 39.94 7.39
N PHE B 190 26.39 39.26 6.26
CA PHE B 190 25.30 38.97 5.36
C PHE B 190 25.42 37.54 4.90
N VAL B 191 24.29 36.92 4.61
CA VAL B 191 24.27 35.58 4.04
C VAL B 191 23.31 35.61 2.87
N PHE B 192 23.81 35.25 1.70
CA PHE B 192 23.01 35.18 0.50
C PHE B 192 22.88 33.72 0.10
N LYS B 193 21.66 33.24 -0.01
CA LYS B 193 21.46 31.88 -0.47
C LYS B 193 20.34 31.85 -1.48
N ASN B 194 20.36 30.81 -2.31
CA ASN B 194 19.39 30.67 -3.40
C ASN B 194 18.98 29.21 -3.49
N ILE B 195 17.79 28.91 -3.03
CA ILE B 195 17.26 27.55 -3.09
C ILE B 195 15.79 27.62 -3.45
N ASP B 196 15.33 26.63 -4.22
CA ASP B 196 13.94 26.48 -4.66
C ASP B 196 13.45 27.68 -5.48
N GLY B 197 14.36 28.35 -6.18
CA GLY B 197 13.99 29.55 -6.90
C GLY B 197 13.80 30.77 -6.05
N TYR B 198 14.25 30.74 -4.80
CA TYR B 198 14.12 31.88 -3.91
C TYR B 198 15.50 32.32 -3.42
N PHE B 199 15.68 33.63 -3.34
CA PHE B 199 16.94 34.23 -2.95
C PHE B 199 16.75 34.93 -1.61
N LYS B 200 17.54 34.55 -0.62
CA LYS B 200 17.38 34.98 0.75
C LYS B 200 18.62 35.74 1.21
N ILE B 201 18.37 36.86 1.87
CA ILE B 201 19.41 37.72 2.42
C ILE B 201 19.19 37.84 3.91
N TYR B 202 20.22 37.48 4.68
CA TYR B 202 20.25 37.51 6.14
C TYR B 202 21.33 38.48 6.57
N SER B 203 21.17 39.14 7.70
CA SER B 203 22.14 40.18 8.04
C SER B 203 22.17 40.45 9.53
N LYS B 204 23.30 41.00 9.97
CA LYS B 204 23.39 41.68 11.26
C LYS B 204 24.59 42.62 11.25
N HIS B 205 24.42 43.77 11.88
CA HIS B 205 25.49 44.74 12.12
C HIS B 205 25.95 44.61 13.56
N THR B 206 27.21 44.23 13.74
CA THR B 206 27.79 43.92 15.04
C THR B 206 28.96 44.84 15.31
N PRO B 207 28.93 45.61 16.40
CA PRO B 207 30.09 46.42 16.75
C PRO B 207 31.26 45.55 17.20
N ILE B 208 32.47 46.06 16.96
CA ILE B 208 33.69 45.30 17.21
C ILE B 208 34.77 46.25 17.68
N ASN B 209 35.92 45.68 18.04
CA ASN B 209 37.10 46.42 18.46
C ASN B 209 38.38 45.76 17.95
N LEU B 210 38.30 45.09 16.81
CA LEU B 210 39.45 44.45 16.20
C LEU B 210 39.23 44.37 14.70
N VAL B 211 40.31 44.53 13.95
CA VAL B 211 40.26 44.47 12.49
C VAL B 211 41.17 43.39 11.92
N ARG B 212 41.83 42.62 12.75
CA ARG B 212 42.75 41.60 12.24
C ARG B 212 42.01 40.38 11.71
N ASP B 213 41.13 39.82 12.52
CA ASP B 213 40.41 38.59 12.19
C ASP B 213 38.97 38.74 12.62
N LEU B 214 38.14 37.77 12.24
CA LEU B 214 36.74 37.78 12.65
C LEU B 214 36.62 37.45 14.14
N PRO B 215 35.85 38.22 14.90
CA PRO B 215 35.79 38.00 16.35
C PRO B 215 35.08 36.72 16.71
N GLN B 216 35.54 36.11 17.81
CA GLN B 216 35.13 34.77 18.21
C GLN B 216 33.90 34.78 19.10
N GLY B 217 33.06 35.80 19.00
CA GLY B 217 31.81 35.83 19.71
C GLY B 217 30.74 35.03 18.97
N PHE B 218 29.51 35.25 19.37
CA PHE B 218 28.40 34.57 18.75
C PHE B 218 27.28 35.54 18.40
N SER B 219 26.76 35.42 17.19
CA SER B 219 25.67 36.24 16.71
C SER B 219 24.95 35.48 15.61
N ALA B 220 23.64 35.60 15.56
CA ALA B 220 22.83 34.90 14.59
C ALA B 220 22.16 35.91 13.67
N LEU B 221 22.09 35.58 12.38
CA LEU B 221 21.64 36.54 11.38
C LEU B 221 20.15 36.41 11.14
N GLU B 222 19.42 37.47 11.43
CA GLU B 222 18.01 37.52 11.11
C GLU B 222 17.80 37.56 9.61
N PRO B 223 16.76 36.91 9.09
CA PRO B 223 16.42 37.08 7.68
C PRO B 223 15.95 38.49 7.43
N LEU B 224 16.27 38.99 6.25
CA LEU B 224 15.93 40.37 5.90
C LEU B 224 15.15 40.47 4.60
N VAL B 225 15.58 39.78 3.54
CA VAL B 225 14.94 39.94 2.24
C VAL B 225 14.73 38.57 1.61
N ASP B 226 13.53 38.31 1.07
CA ASP B 226 13.29 37.18 0.19
C ASP B 226 12.86 37.71 -1.17
N LEU B 227 13.38 37.08 -2.24
CA LEU B 227 13.02 37.44 -3.60
C LEU B 227 12.70 36.17 -4.38
N PRO B 228 11.58 36.14 -5.10
CA PRO B 228 11.22 34.95 -5.91
C PRO B 228 11.74 35.05 -7.34
N ILE B 229 13.05 34.87 -7.51
CA ILE B 229 13.67 35.09 -8.81
C ILE B 229 13.68 33.82 -9.65
N GLY B 230 14.29 32.76 -9.15
CA GLY B 230 14.44 31.56 -9.95
C GLY B 230 15.42 31.70 -11.11
N ILE B 231 16.60 32.27 -10.85
CA ILE B 231 17.62 32.47 -11.87
C ILE B 231 18.78 31.53 -11.57
N ASN B 232 19.46 31.07 -12.61
CA ASN B 232 20.70 30.30 -12.45
C ASN B 232 21.83 31.24 -12.05
N ILE B 233 22.49 30.93 -10.93
CA ILE B 233 23.63 31.70 -10.44
C ILE B 233 24.80 30.75 -10.29
N THR B 234 25.99 31.18 -10.71
CA THR B 234 27.22 30.54 -10.24
C THR B 234 28.36 31.53 -9.99
N ARG B 235 28.11 32.83 -10.09
CA ARG B 235 29.19 33.80 -10.03
C ARG B 235 28.63 35.05 -9.37
N PHE B 236 29.47 35.74 -8.60
CA PHE B 236 28.95 36.95 -8.00
C PHE B 236 30.05 37.99 -7.91
N GLN B 237 29.63 39.25 -7.86
CA GLN B 237 30.56 40.36 -7.77
C GLN B 237 30.12 41.27 -6.65
N THR B 238 31.10 41.92 -6.02
CA THR B 238 30.85 43.01 -5.10
C THR B 238 31.19 44.34 -5.76
N LEU B 239 30.39 45.35 -5.45
CA LEU B 239 30.62 46.69 -5.97
C LEU B 239 30.89 47.61 -4.80
N LEU B 240 31.89 48.45 -4.96
CA LEU B 240 32.29 49.41 -3.95
C LEU B 240 32.55 50.74 -4.65
N ALA B 241 32.13 51.83 -4.00
CA ALA B 241 32.11 53.14 -4.66
C ALA B 241 33.52 53.66 -4.81
N LEU B 242 33.85 54.13 -6.02
CA LEU B 242 35.20 54.50 -6.39
C LEU B 242 35.34 56.01 -6.43
N HIS B 243 36.36 56.52 -5.73
CA HIS B 243 36.73 57.94 -5.78
C HIS B 243 38.24 58.01 -5.92
N ARG B 244 38.72 58.96 -6.72
CA ARG B 244 40.10 58.90 -7.22
C ARG B 244 40.63 60.25 -7.75
N GLY B 259 40.76 55.60 0.48
CA GLY B 259 40.83 54.67 1.60
C GLY B 259 40.27 53.30 1.26
N ALA B 260 41.16 52.31 1.16
CA ALA B 260 40.77 50.97 0.75
C ALA B 260 39.96 50.27 1.84
N ALA B 261 39.20 49.26 1.43
CA ALA B 261 38.41 48.45 2.35
C ALA B 261 38.80 46.99 2.21
N ALA B 262 38.26 46.17 3.13
CA ALA B 262 38.50 44.74 3.14
C ALA B 262 37.23 44.00 3.52
N TYR B 263 37.12 42.76 3.05
CA TYR B 263 35.95 41.95 3.33
C TYR B 263 36.35 40.49 3.41
N TYR B 264 35.43 39.65 3.86
CA TYR B 264 35.67 38.22 4.03
C TYR B 264 34.55 37.45 3.37
N VAL B 265 34.90 36.35 2.71
CA VAL B 265 33.94 35.53 1.99
C VAL B 265 34.10 34.07 2.43
N GLY B 266 33.00 33.43 2.81
CA GLY B 266 32.96 32.00 2.98
C GLY B 266 31.77 31.41 2.25
N TYR B 267 31.81 30.09 2.08
CA TYR B 267 30.75 29.40 1.37
C TYR B 267 29.94 28.55 2.34
N LEU B 268 28.67 28.34 2.02
CA LEU B 268 27.80 27.54 2.84
C LEU B 268 27.84 26.10 2.39
N GLN B 269 27.53 25.20 3.32
CA GLN B 269 27.56 23.76 3.06
C GLN B 269 26.37 23.13 3.74
N PRO B 270 25.84 22.04 3.20
CA PRO B 270 24.67 21.39 3.84
C PRO B 270 25.05 20.56 5.06
N ARG B 271 25.20 21.22 6.20
CA ARG B 271 25.63 20.55 7.41
C ARG B 271 24.56 20.65 8.49
N THR B 272 24.60 19.71 9.42
CA THR B 272 23.63 19.63 10.49
C THR B 272 24.09 20.47 11.67
N PHE B 273 23.22 21.35 12.17
CA PHE B 273 23.57 22.22 13.26
C PHE B 273 22.60 22.01 14.41
N LEU B 274 23.09 22.20 15.63
CA LEU B 274 22.24 22.23 16.80
C LEU B 274 22.25 23.63 17.36
N LEU B 275 21.08 24.24 17.47
CA LEU B 275 20.90 25.64 17.79
C LEU B 275 20.25 25.76 19.16
N LYS B 276 20.66 26.76 19.92
CA LYS B 276 20.20 26.95 21.29
C LYS B 276 19.35 28.20 21.36
N TYR B 277 18.04 28.04 21.41
CA TYR B 277 17.12 29.16 21.51
C TYR B 277 16.92 29.53 22.97
N ASN B 278 17.13 30.82 23.27
CA ASN B 278 17.09 31.39 24.61
C ASN B 278 15.65 31.56 25.09
N GLU B 279 15.51 32.06 26.32
CA GLU B 279 14.21 32.36 26.88
C GLU B 279 13.52 33.50 26.13
N ASN B 280 14.28 34.48 25.63
CA ASN B 280 13.69 35.46 24.74
C ASN B 280 13.24 34.81 23.45
N GLY B 281 13.99 33.83 22.96
CA GLY B 281 13.82 33.29 21.64
C GLY B 281 14.99 33.53 20.71
N THR B 282 16.11 34.05 21.20
CA THR B 282 17.28 34.32 20.40
C THR B 282 18.19 33.11 20.39
N ILE B 283 18.86 32.89 19.27
CA ILE B 283 19.88 31.85 19.19
C ILE B 283 21.09 32.31 19.97
N THR B 284 21.38 31.62 21.06
CA THR B 284 22.51 31.97 21.90
C THR B 284 23.79 31.25 21.52
N ASP B 285 23.67 30.02 21.02
CA ASP B 285 24.86 29.23 20.71
C ASP B 285 24.46 28.15 19.72
N ALA B 286 25.47 27.54 19.11
CA ALA B 286 25.21 26.44 18.19
C ALA B 286 26.44 25.54 18.16
N VAL B 287 26.22 24.30 17.74
CA VAL B 287 27.31 23.37 17.49
C VAL B 287 27.11 22.73 16.13
N ASP B 288 28.21 22.35 15.51
CA ASP B 288 28.22 21.75 14.18
C ASP B 288 28.43 20.26 14.35
N CYS B 289 27.48 19.47 13.89
CA CYS B 289 27.46 18.06 14.22
C CYS B 289 28.52 17.23 13.49
N ALA B 290 29.26 17.82 12.55
CA ALA B 290 30.30 17.08 11.86
C ALA B 290 31.67 17.69 12.08
N LEU B 291 31.84 18.55 13.08
CA LEU B 291 33.12 19.22 13.26
C LEU B 291 34.15 18.28 13.86
N ASP B 292 33.87 17.77 15.05
CA ASP B 292 34.79 16.90 15.77
C ASP B 292 33.92 15.94 16.56
N PRO B 293 34.49 14.83 17.06
CA PRO B 293 33.65 13.84 17.77
C PRO B 293 32.93 14.34 19.00
N LEU B 294 33.48 15.33 19.70
CA LEU B 294 32.77 15.93 20.83
C LEU B 294 31.48 16.60 20.39
N SER B 295 31.53 17.34 19.29
CA SER B 295 30.33 18.02 18.84
C SER B 295 29.33 17.05 18.26
N GLU B 296 29.81 15.95 17.69
CA GLU B 296 28.91 14.91 17.24
C GLU B 296 28.22 14.22 18.41
N THR B 297 28.94 14.04 19.51
CA THR B 297 28.35 13.53 20.75
C THR B 297 27.29 14.48 21.28
N LYS B 298 27.58 15.78 21.25
CA LYS B 298 26.61 16.77 21.69
C LYS B 298 25.38 16.77 20.81
N CYS B 299 25.54 16.56 19.52
CA CYS B 299 24.41 16.55 18.62
C CYS B 299 23.57 15.30 18.79
N THR B 300 24.20 14.16 19.04
CA THR B 300 23.44 12.91 19.04
C THR B 300 22.57 12.73 20.26
N LEU B 301 22.73 13.55 21.29
CA LEU B 301 21.92 13.45 22.49
C LEU B 301 21.31 14.78 22.87
N LYS B 302 21.39 15.77 21.98
CA LYS B 302 20.66 17.04 22.05
C LYS B 302 20.99 17.82 23.31
N SER B 303 22.27 17.96 23.59
CA SER B 303 22.68 18.74 24.74
C SER B 303 23.97 19.47 24.44
N PHE B 304 24.24 20.48 25.25
CA PHE B 304 25.49 21.22 25.15
C PHE B 304 26.48 20.83 26.21
N THR B 305 26.01 20.28 27.31
CA THR B 305 26.87 19.64 28.29
C THR B 305 26.57 18.15 28.22
N VAL B 306 27.62 17.35 28.06
CA VAL B 306 27.46 15.92 28.05
C VAL B 306 28.25 15.32 29.21
N GLU B 307 27.63 14.39 29.92
CA GLU B 307 28.24 13.87 31.14
C GLU B 307 29.30 12.85 30.82
N LYS B 308 30.04 12.45 31.84
CA LYS B 308 31.16 11.54 31.67
C LYS B 308 30.69 10.16 31.29
N GLY B 309 31.29 9.60 30.24
CA GLY B 309 30.94 8.25 29.86
C GLY B 309 31.26 7.98 28.40
N ILE B 310 30.59 6.97 27.87
CA ILE B 310 30.77 6.50 26.50
C ILE B 310 29.44 6.62 25.77
N TYR B 311 29.49 7.13 24.54
CA TYR B 311 28.28 7.43 23.81
C TYR B 311 28.48 7.01 22.37
N GLN B 312 27.55 6.22 21.84
CA GLN B 312 27.65 5.78 20.46
C GLN B 312 27.02 6.82 19.55
N THR B 313 27.77 7.29 18.56
CA THR B 313 27.34 8.38 17.71
C THR B 313 26.99 7.95 16.30
N SER B 314 27.83 7.17 15.64
CA SER B 314 27.59 6.88 14.23
C SER B 314 28.13 5.50 13.93
N ASN B 315 28.32 5.20 12.65
CA ASN B 315 28.83 3.92 12.21
C ASN B 315 29.96 4.16 11.21
N PHE B 316 31.01 3.36 11.30
CA PHE B 316 32.12 3.48 10.38
C PHE B 316 32.05 2.37 9.36
N ARG B 317 31.57 2.67 8.16
CA ARG B 317 31.55 1.70 7.08
C ARG B 317 32.70 1.96 6.13
N VAL B 318 33.50 0.94 5.88
CA VAL B 318 34.52 1.06 4.83
C VAL B 318 33.81 0.98 3.50
N GLN B 319 33.87 2.05 2.73
CA GLN B 319 33.14 2.11 1.48
C GLN B 319 33.89 1.33 0.40
N PRO B 320 33.18 0.78 -0.58
CA PRO B 320 33.84 0.05 -1.67
C PRO B 320 34.63 1.00 -2.55
N THR B 321 35.91 0.65 -2.75
CA THR B 321 36.79 1.51 -3.52
C THR B 321 36.41 1.49 -5.00
N GLU B 322 36.52 0.34 -5.63
CA GLU B 322 36.20 0.17 -7.03
C GLU B 322 35.10 -0.88 -7.17
N SER B 323 34.72 -1.14 -8.41
CA SER B 323 33.80 -2.22 -8.72
C SER B 323 34.47 -3.14 -9.72
N ILE B 324 34.39 -4.44 -9.47
CA ILE B 324 34.90 -5.41 -10.43
C ILE B 324 33.75 -6.23 -10.94
N VAL B 325 33.85 -6.64 -12.21
CA VAL B 325 32.92 -7.57 -12.82
C VAL B 325 33.75 -8.70 -13.40
N ARG B 326 33.42 -9.93 -13.06
CA ARG B 326 34.24 -11.06 -13.42
C ARG B 326 33.35 -12.15 -13.99
N PHE B 327 33.52 -12.43 -15.28
CA PHE B 327 32.70 -13.30 -16.11
C PHE B 327 33.60 -14.32 -16.78
N PRO B 328 33.04 -15.44 -17.25
CA PRO B 328 33.88 -16.48 -17.86
C PRO B 328 34.53 -16.05 -19.16
N ASN B 329 35.58 -16.76 -19.54
CA ASN B 329 36.16 -16.40 -20.79
C ASN B 329 34.92 -16.20 -21.77
N ILE B 330 35.11 -15.98 -23.06
CA ILE B 330 33.98 -15.77 -24.02
C ILE B 330 34.09 -16.75 -25.18
N THR B 331 33.11 -17.63 -25.38
CA THR B 331 33.28 -18.68 -26.39
C THR B 331 32.34 -18.99 -27.59
N ASN B 332 31.03 -19.00 -27.42
CA ASN B 332 30.15 -19.30 -28.54
C ASN B 332 29.92 -18.02 -29.31
N LEU B 333 30.89 -17.62 -30.10
CA LEU B 333 30.76 -16.41 -30.84
C LEU B 333 29.99 -16.83 -32.00
N CYS B 334 28.82 -16.24 -32.12
CA CYS B 334 27.88 -16.64 -33.14
C CYS B 334 28.40 -16.11 -34.48
N PRO B 335 28.16 -16.89 -35.52
CA PRO B 335 28.81 -16.85 -36.85
C PRO B 335 28.21 -15.79 -37.78
N PHE B 336 28.43 -14.52 -37.45
CA PHE B 336 28.10 -13.45 -38.37
C PHE B 336 29.09 -13.33 -39.51
N GLY B 337 30.30 -13.90 -39.34
CA GLY B 337 31.31 -13.81 -40.38
C GLY B 337 30.99 -14.68 -41.58
N GLU B 338 30.19 -15.73 -41.39
CA GLU B 338 29.79 -16.55 -42.52
C GLU B 338 28.54 -16.02 -43.21
N VAL B 339 27.89 -15.01 -42.64
CA VAL B 339 26.73 -14.40 -43.27
C VAL B 339 27.18 -13.13 -43.98
N PHE B 340 27.75 -12.19 -43.23
CA PHE B 340 28.01 -10.87 -43.76
C PHE B 340 29.19 -10.86 -44.70
N ASN B 341 30.25 -11.61 -44.39
CA ASN B 341 31.42 -11.70 -45.25
C ASN B 341 31.38 -12.96 -46.12
N ALA B 342 30.18 -13.40 -46.49
CA ALA B 342 30.04 -14.60 -47.32
C ALA B 342 30.46 -14.29 -48.75
N THR B 343 30.86 -15.35 -49.47
CA THR B 343 31.29 -15.19 -50.85
C THR B 343 30.11 -14.94 -51.78
N ARG B 344 29.00 -15.62 -51.55
CA ARG B 344 27.87 -15.58 -52.46
C ARG B 344 26.57 -15.50 -51.67
N PHE B 345 25.65 -14.68 -52.17
CA PHE B 345 24.32 -14.53 -51.60
C PHE B 345 23.32 -15.29 -52.45
N ALA B 346 22.04 -15.10 -52.16
CA ALA B 346 20.96 -15.68 -52.92
C ALA B 346 20.01 -14.58 -53.38
N SER B 347 19.22 -14.87 -54.42
CA SER B 347 18.27 -13.91 -54.95
C SER B 347 17.12 -13.70 -53.97
N VAL B 348 16.35 -12.64 -54.19
CA VAL B 348 15.39 -12.21 -53.18
C VAL B 348 14.12 -13.07 -53.18
N TYR B 349 13.81 -13.77 -54.27
CA TYR B 349 12.67 -14.69 -54.21
C TYR B 349 13.01 -15.93 -53.39
N ALA B 350 14.21 -16.48 -53.56
CA ALA B 350 14.71 -17.57 -52.72
C ALA B 350 15.68 -17.01 -51.70
N TRP B 351 15.16 -16.19 -50.79
CA TRP B 351 16.01 -15.51 -49.82
C TRP B 351 16.54 -16.51 -48.80
N ASN B 352 17.84 -16.46 -48.54
CA ASN B 352 18.49 -17.43 -47.68
C ASN B 352 18.27 -17.07 -46.22
N ARG B 353 17.67 -17.99 -45.48
CA ARG B 353 17.43 -17.81 -44.05
C ARG B 353 18.30 -18.80 -43.29
N LYS B 354 19.05 -18.30 -42.31
CA LYS B 354 19.85 -19.14 -41.44
C LYS B 354 19.51 -18.82 -39.99
N ARG B 355 19.26 -19.86 -39.20
CA ARG B 355 18.94 -19.67 -37.79
C ARG B 355 20.22 -19.62 -36.97
N ILE B 356 20.32 -18.61 -36.12
CA ILE B 356 21.49 -18.38 -35.29
C ILE B 356 21.06 -18.51 -33.84
N SER B 357 21.68 -19.45 -33.11
CA SER B 357 21.37 -19.66 -31.71
C SER B 357 22.57 -20.32 -31.03
N ASN B 358 22.46 -20.43 -29.70
CA ASN B 358 23.45 -21.06 -28.82
C ASN B 358 24.84 -20.41 -28.95
N CYS B 359 24.86 -19.09 -29.03
CA CYS B 359 26.13 -18.38 -29.14
C CYS B 359 25.97 -16.96 -28.59
N VAL B 360 27.12 -16.29 -28.46
CA VAL B 360 27.17 -14.90 -28.06
C VAL B 360 27.24 -14.05 -29.32
N ALA B 361 26.30 -13.11 -29.46
CA ALA B 361 26.18 -12.29 -30.66
C ALA B 361 26.84 -10.94 -30.39
N ASP B 362 28.02 -10.74 -30.98
CA ASP B 362 28.78 -9.51 -30.80
C ASP B 362 28.35 -8.59 -31.94
N TYR B 363 27.59 -7.55 -31.62
CA TYR B 363 27.09 -6.62 -32.61
C TYR B 363 27.99 -5.41 -32.82
N SER B 364 29.09 -5.30 -32.06
CA SER B 364 29.96 -4.14 -32.20
C SER B 364 30.70 -4.17 -33.54
N VAL B 365 31.10 -5.36 -33.99
CA VAL B 365 31.73 -5.50 -35.30
C VAL B 365 30.78 -5.26 -36.45
N LEU B 366 29.46 -5.24 -36.19
CA LEU B 366 28.49 -4.88 -37.22
C LEU B 366 28.26 -3.37 -37.27
N TYR B 367 27.98 -2.75 -36.12
CA TYR B 367 27.67 -1.33 -36.12
C TYR B 367 28.91 -0.49 -36.38
N ASN B 368 30.05 -0.89 -35.83
CA ASN B 368 31.28 -0.12 -35.98
C ASN B 368 32.11 -0.55 -37.18
N SER B 369 31.51 -1.30 -38.11
CA SER B 369 32.26 -1.75 -39.29
C SER B 369 32.51 -0.61 -40.27
N ALA B 370 31.62 0.40 -40.27
CA ALA B 370 31.69 1.59 -41.14
C ALA B 370 31.70 1.23 -42.62
N SER B 371 31.03 0.13 -42.99
CA SER B 371 30.88 -0.26 -44.38
C SER B 371 29.43 -0.50 -44.77
N PHE B 372 28.51 -0.52 -43.82
CA PHE B 372 27.11 -0.82 -44.09
C PHE B 372 26.37 0.49 -44.27
N SER B 373 25.96 0.78 -45.51
CA SER B 373 25.42 2.08 -45.84
C SER B 373 24.04 2.30 -45.23
N THR B 374 23.15 1.32 -45.35
CA THR B 374 21.79 1.45 -44.87
C THR B 374 21.62 0.55 -43.65
N PHE B 375 21.29 1.16 -42.51
CA PHE B 375 21.24 0.43 -41.25
C PHE B 375 20.41 1.25 -40.28
N LYS B 376 19.25 0.72 -39.88
CA LYS B 376 18.42 1.32 -38.84
C LYS B 376 17.62 0.21 -38.20
N CYS B 377 17.22 0.40 -36.95
CA CYS B 377 16.63 -0.70 -36.20
C CYS B 377 15.28 -0.37 -35.57
N TYR B 378 14.40 -1.38 -35.62
CA TYR B 378 12.99 -1.25 -35.31
C TYR B 378 12.69 -2.07 -34.07
N GLY B 379 12.09 -1.44 -33.07
CA GLY B 379 11.69 -2.11 -31.85
C GLY B 379 12.74 -2.10 -30.75
N VAL B 380 14.00 -1.85 -31.10
CA VAL B 380 15.08 -1.76 -30.14
C VAL B 380 16.18 -0.91 -30.77
N SER B 381 16.80 -0.06 -29.94
CA SER B 381 17.89 0.77 -30.43
C SER B 381 19.10 -0.11 -30.74
N PRO B 382 19.81 0.18 -31.85
CA PRO B 382 20.93 -0.69 -32.25
C PRO B 382 22.09 -0.72 -31.27
N THR B 383 22.35 0.36 -30.55
CA THR B 383 23.36 0.34 -29.51
C THR B 383 22.84 -0.20 -28.19
N LYS B 384 21.55 -0.52 -28.16
CA LYS B 384 20.95 -1.10 -26.95
C LYS B 384 20.50 -2.51 -27.28
N LEU B 385 21.09 -3.16 -28.28
CA LEU B 385 20.73 -4.59 -28.49
C LEU B 385 21.95 -5.47 -28.21
N ASN B 386 23.14 -4.88 -28.11
CA ASN B 386 24.33 -5.67 -27.75
C ASN B 386 24.28 -6.03 -26.27
N ASP B 387 23.07 -6.15 -25.73
CA ASP B 387 22.94 -6.37 -24.26
C ASP B 387 21.61 -7.05 -23.97
N LEU B 388 20.84 -7.35 -25.02
CA LEU B 388 19.49 -7.93 -24.75
C LEU B 388 19.58 -9.46 -24.87
N CYS B 389 18.45 -10.15 -24.81
CA CYS B 389 18.48 -11.63 -24.88
C CYS B 389 17.28 -12.16 -25.68
N PHE B 390 17.51 -12.57 -26.91
CA PHE B 390 16.45 -13.15 -27.75
C PHE B 390 16.72 -14.64 -27.88
N THR B 391 15.71 -15.47 -28.13
CA THR B 391 15.90 -16.94 -28.11
C THR B 391 16.36 -17.48 -29.45
N ASN B 392 15.82 -16.94 -30.53
CA ASN B 392 16.10 -17.36 -31.90
C ASN B 392 16.34 -16.13 -32.76
N VAL B 393 17.43 -16.15 -33.52
CA VAL B 393 17.78 -15.06 -34.41
C VAL B 393 17.88 -15.63 -35.83
N TYR B 394 17.12 -15.05 -36.75
CA TYR B 394 17.15 -15.42 -38.14
C TYR B 394 17.81 -14.31 -38.95
N ALA B 395 18.81 -14.69 -39.76
CA ALA B 395 19.52 -13.73 -40.61
C ALA B 395 19.11 -14.01 -42.06
N ASP B 396 18.00 -13.41 -42.47
CA ASP B 396 17.52 -13.53 -43.83
C ASP B 396 18.35 -12.62 -44.72
N SER B 397 18.94 -13.17 -45.78
CA SER B 397 19.87 -12.43 -46.61
C SER B 397 19.50 -12.57 -48.08
N PHE B 398 19.64 -11.49 -48.83
CA PHE B 398 19.36 -11.51 -50.27
C PHE B 398 20.09 -10.35 -50.93
N VAL B 399 19.91 -10.25 -52.25
CA VAL B 399 20.49 -9.18 -53.06
C VAL B 399 19.37 -8.49 -53.81
N ILE B 400 19.22 -7.19 -53.61
CA ILE B 400 18.23 -6.39 -54.31
C ILE B 400 18.90 -5.18 -54.93
N ARG B 401 18.18 -4.54 -55.85
CA ARG B 401 18.61 -3.27 -56.40
C ARG B 401 18.49 -2.19 -55.35
N GLY B 402 19.33 -1.17 -55.48
CA GLY B 402 19.47 -0.14 -54.44
C GLY B 402 18.27 0.76 -54.25
N ASP B 403 17.32 0.75 -55.19
CA ASP B 403 16.14 1.60 -55.03
C ASP B 403 15.19 1.05 -53.97
N GLU B 404 14.96 -0.26 -53.97
CA GLU B 404 13.96 -0.86 -53.10
C GLU B 404 14.55 -1.38 -51.78
N VAL B 405 15.64 -0.77 -51.32
CA VAL B 405 16.07 -0.99 -49.95
C VAL B 405 15.04 -0.43 -48.98
N ARG B 406 14.39 0.67 -49.37
CA ARG B 406 13.28 1.24 -48.60
C ARG B 406 12.09 0.30 -48.56
N GLN B 407 11.96 -0.60 -49.55
CA GLN B 407 10.89 -1.59 -49.53
C GLN B 407 11.08 -2.63 -48.43
N ILE B 408 12.29 -2.81 -47.93
CA ILE B 408 12.52 -3.76 -46.83
C ILE B 408 12.29 -2.98 -45.54
N ALA B 409 11.02 -2.90 -45.15
CA ALA B 409 10.61 -2.16 -43.96
C ALA B 409 9.24 -2.65 -43.53
N PRO B 410 8.95 -2.68 -42.23
CA PRO B 410 7.58 -2.98 -41.78
C PRO B 410 6.61 -1.90 -42.22
N GLY B 411 5.41 -2.34 -42.59
CA GLY B 411 4.37 -1.45 -43.06
C GLY B 411 4.71 -0.76 -44.37
N GLN B 412 5.31 -1.50 -45.30
CA GLN B 412 5.75 -0.94 -46.57
C GLN B 412 5.11 -1.71 -47.72
N THR B 413 4.70 -0.98 -48.74
CA THR B 413 4.03 -1.54 -49.91
C THR B 413 4.88 -1.27 -51.15
N GLY B 414 5.01 -2.27 -52.01
CA GLY B 414 5.76 -2.12 -53.23
C GLY B 414 5.81 -3.41 -54.04
N LYS B 415 6.96 -3.70 -54.65
CA LYS B 415 7.12 -4.91 -55.45
C LYS B 415 7.84 -6.01 -54.67
N ILE B 416 9.01 -5.71 -54.12
CA ILE B 416 9.73 -6.67 -53.30
C ILE B 416 8.99 -6.92 -52.00
N ALA B 417 8.40 -5.86 -51.43
CA ALA B 417 7.67 -5.96 -50.17
C ALA B 417 6.34 -6.68 -50.31
N ASP B 418 5.88 -6.97 -51.52
CA ASP B 418 4.63 -7.68 -51.71
C ASP B 418 4.80 -9.06 -52.35
N TYR B 419 5.68 -9.18 -53.34
CA TYR B 419 5.80 -10.43 -54.08
C TYR B 419 7.07 -11.20 -53.79
N ASN B 420 8.05 -10.59 -53.12
CA ASN B 420 9.33 -11.25 -52.93
C ASN B 420 9.68 -11.50 -51.47
N TYR B 421 9.59 -10.47 -50.63
CA TYR B 421 9.98 -10.62 -49.23
C TYR B 421 9.25 -9.55 -48.42
N LYS B 422 8.27 -9.97 -47.63
CA LYS B 422 7.47 -9.04 -46.84
C LYS B 422 7.84 -9.14 -45.37
N LEU B 423 8.13 -8.00 -44.76
CA LEU B 423 8.31 -7.94 -43.31
C LEU B 423 6.97 -7.70 -42.63
N PRO B 424 6.73 -8.33 -41.48
CA PRO B 424 5.49 -8.07 -40.75
C PRO B 424 5.52 -6.70 -40.09
N ASP B 425 4.34 -6.24 -39.68
CA ASP B 425 4.24 -4.94 -39.01
C ASP B 425 4.89 -4.96 -37.65
N ASP B 426 4.76 -6.05 -36.91
CA ASP B 426 5.42 -6.26 -35.62
C ASP B 426 6.84 -6.82 -35.72
N PHE B 427 7.65 -6.23 -36.60
CA PHE B 427 8.96 -6.75 -36.91
C PHE B 427 9.96 -6.38 -35.82
N THR B 428 10.54 -7.39 -35.17
CA THR B 428 11.48 -7.20 -34.08
C THR B 428 12.84 -7.67 -34.57
N GLY B 429 13.68 -6.71 -34.92
CA GLY B 429 14.94 -6.98 -35.57
C GLY B 429 15.21 -5.88 -36.57
N CYS B 430 16.27 -6.05 -37.35
CA CYS B 430 16.65 -4.97 -38.25
C CYS B 430 17.52 -5.41 -39.41
N VAL B 431 17.76 -4.43 -40.29
CA VAL B 431 18.14 -4.64 -41.68
C VAL B 431 19.49 -4.00 -41.91
N ILE B 432 20.39 -4.73 -42.58
CA ILE B 432 21.72 -4.23 -42.91
C ILE B 432 21.89 -4.34 -44.41
N ALA B 433 22.11 -3.20 -45.07
CA ALA B 433 22.29 -3.17 -46.51
C ALA B 433 23.52 -2.34 -46.85
N TRP B 434 24.42 -2.93 -47.62
CA TRP B 434 25.61 -2.22 -48.08
C TRP B 434 25.78 -2.43 -49.57
N ASN B 435 26.47 -1.48 -50.19
CA ASN B 435 26.70 -1.52 -51.63
C ASN B 435 27.59 -2.69 -52.00
N SER B 436 27.27 -3.34 -53.12
CA SER B 436 28.01 -4.51 -53.57
C SER B 436 28.24 -4.45 -55.06
N ASN B 437 28.51 -3.25 -55.59
CA ASN B 437 28.82 -3.09 -57.00
C ASN B 437 30.13 -3.77 -57.37
N ASN B 438 31.10 -3.76 -56.47
CA ASN B 438 32.42 -4.32 -56.71
C ASN B 438 32.44 -5.85 -56.74
N LEU B 439 31.38 -6.52 -56.30
CA LEU B 439 31.33 -7.99 -56.36
C LEU B 439 30.24 -8.53 -57.26
N ASP B 440 29.00 -8.04 -57.12
CA ASP B 440 27.86 -8.67 -57.77
C ASP B 440 27.62 -8.18 -59.19
N SER B 441 27.93 -6.93 -59.50
CA SER B 441 27.71 -6.38 -60.84
C SER B 441 28.95 -6.67 -61.68
N LYS B 442 28.90 -7.76 -62.44
CA LYS B 442 30.01 -8.16 -63.28
C LYS B 442 29.94 -7.47 -64.64
N VAL B 443 31.03 -7.59 -65.39
CA VAL B 443 31.15 -6.92 -66.67
C VAL B 443 30.24 -7.61 -67.69
N GLY B 444 29.48 -6.81 -68.44
CA GLY B 444 28.57 -7.33 -69.43
C GLY B 444 27.18 -7.65 -68.91
N GLY B 445 26.92 -7.44 -67.62
CA GLY B 445 25.63 -7.73 -67.06
C GLY B 445 25.60 -8.98 -66.21
N ASN B 446 25.01 -8.89 -65.03
CA ASN B 446 24.84 -10.04 -64.15
C ASN B 446 23.36 -10.37 -64.08
N TYR B 447 22.99 -11.58 -64.51
CA TYR B 447 21.60 -11.99 -64.59
C TYR B 447 21.31 -13.21 -63.72
N ASN B 448 22.19 -13.51 -62.76
CA ASN B 448 21.92 -14.61 -61.84
C ASN B 448 20.82 -14.25 -60.87
N TYR B 449 20.71 -12.99 -60.49
CA TYR B 449 19.77 -12.55 -59.48
C TYR B 449 18.46 -12.17 -60.15
N ARG B 450 17.37 -12.82 -59.72
CA ARG B 450 16.04 -12.57 -60.24
C ARG B 450 15.13 -12.19 -59.09
N TYR B 451 14.04 -11.51 -59.42
CA TYR B 451 13.02 -11.19 -58.42
C TYR B 451 11.65 -11.53 -58.97
N ARG B 452 10.76 -11.93 -58.05
CA ARG B 452 9.40 -12.29 -58.44
C ARG B 452 8.63 -11.03 -58.80
N LEU B 453 8.10 -11.00 -60.01
CA LEU B 453 7.46 -9.82 -60.56
C LEU B 453 5.96 -9.95 -60.71
N PHE B 454 5.48 -11.11 -61.13
CA PHE B 454 4.06 -11.38 -61.28
C PHE B 454 3.64 -12.40 -60.24
N ARG B 455 2.61 -12.09 -59.47
CA ARG B 455 2.08 -13.03 -58.50
C ARG B 455 0.61 -12.76 -58.30
N LYS B 456 -0.12 -13.81 -57.92
CA LYS B 456 -1.57 -13.69 -57.76
C LYS B 456 -1.93 -12.86 -56.53
N SER B 457 -1.23 -13.08 -55.41
CA SER B 457 -1.52 -12.38 -54.18
C SER B 457 -0.23 -11.91 -53.54
N ASN B 458 -0.34 -10.92 -52.68
CA ASN B 458 0.81 -10.45 -51.91
C ASN B 458 1.23 -11.51 -50.91
N LEU B 459 2.52 -11.51 -50.59
CA LEU B 459 3.07 -12.52 -49.70
C LEU B 459 2.67 -12.26 -48.26
N LYS B 460 2.41 -13.35 -47.53
CA LYS B 460 2.37 -13.27 -46.08
C LYS B 460 3.80 -13.07 -45.57
N PRO B 461 3.97 -12.47 -44.38
CA PRO B 461 5.32 -12.19 -43.87
C PRO B 461 6.16 -13.45 -43.67
N PHE B 462 7.44 -13.32 -44.01
CA PHE B 462 8.45 -14.39 -43.93
C PHE B 462 8.04 -15.63 -44.73
N GLU B 463 7.49 -15.41 -45.92
CA GLU B 463 7.16 -16.50 -46.83
C GLU B 463 8.24 -16.62 -47.89
N ARG B 464 8.65 -17.85 -48.18
CA ARG B 464 9.66 -18.13 -49.19
C ARG B 464 8.99 -18.87 -50.32
N ASP B 465 8.85 -18.21 -51.47
CA ASP B 465 8.18 -18.78 -52.63
C ASP B 465 9.24 -19.21 -53.65
N ILE B 466 9.23 -20.49 -53.98
CA ILE B 466 10.23 -21.06 -54.88
C ILE B 466 9.64 -21.45 -56.23
N SER B 467 8.32 -21.51 -56.36
CA SER B 467 7.69 -22.02 -57.56
C SER B 467 7.85 -21.06 -58.73
N THR B 468 8.28 -21.59 -59.87
CA THR B 468 8.49 -20.83 -61.09
C THR B 468 7.50 -21.23 -62.16
N GLU B 469 6.25 -21.45 -61.76
CA GLU B 469 5.20 -21.77 -62.70
C GLU B 469 4.84 -20.56 -63.55
N ILE B 470 4.39 -20.82 -64.77
CA ILE B 470 4.08 -19.73 -65.71
C ILE B 470 2.79 -19.06 -65.28
N TYR B 471 2.89 -17.79 -64.88
CA TYR B 471 1.78 -17.09 -64.26
C TYR B 471 0.69 -16.79 -65.28
N GLN B 472 -0.56 -17.01 -64.88
CA GLN B 472 -1.72 -16.73 -65.72
C GLN B 472 -2.32 -15.41 -65.27
N ALA B 473 -2.37 -14.44 -66.20
CA ALA B 473 -2.95 -13.15 -65.91
C ALA B 473 -4.37 -12.99 -66.44
N GLY B 474 -4.81 -13.88 -67.33
CA GLY B 474 -6.13 -13.75 -67.92
C GLY B 474 -7.07 -14.87 -67.58
N SER B 475 -8.14 -15.01 -68.36
CA SER B 475 -9.16 -16.00 -68.07
C SER B 475 -8.72 -17.39 -68.52
N LYS B 476 -8.26 -17.53 -69.74
CA LYS B 476 -7.91 -18.84 -70.29
C LYS B 476 -6.58 -19.30 -69.74
N PRO B 477 -6.51 -20.45 -69.06
CA PRO B 477 -5.21 -21.00 -68.66
C PRO B 477 -4.44 -21.48 -69.88
N CYS B 478 -3.12 -21.43 -69.79
CA CYS B 478 -2.27 -21.74 -70.93
C CYS B 478 -1.18 -22.75 -70.55
N ASN B 479 -1.55 -23.71 -69.69
CA ASN B 479 -0.87 -24.98 -69.38
C ASN B 479 0.65 -24.93 -69.27
N GLY B 480 1.20 -23.83 -68.76
CA GLY B 480 2.63 -23.75 -68.55
C GLY B 480 3.48 -23.51 -69.79
N VAL B 481 2.91 -22.95 -70.85
CA VAL B 481 3.70 -22.55 -72.01
C VAL B 481 3.70 -21.03 -72.07
N GLU B 482 4.75 -20.48 -72.68
CA GLU B 482 4.95 -19.03 -72.71
C GLU B 482 4.12 -18.43 -73.83
N GLY B 483 3.50 -17.28 -73.56
CA GLY B 483 2.70 -16.62 -74.56
C GLY B 483 1.95 -15.45 -73.99
N PHE B 484 0.89 -15.06 -74.69
CA PHE B 484 0.06 -13.93 -74.28
C PHE B 484 -0.67 -14.26 -72.98
N ASN B 485 -0.55 -13.36 -72.00
CA ASN B 485 -1.01 -13.53 -70.62
C ASN B 485 -0.44 -14.78 -69.98
N CYS B 486 0.78 -15.15 -70.36
CA CYS B 486 1.52 -16.29 -69.80
C CYS B 486 2.92 -15.77 -69.55
N TYR B 487 3.17 -15.30 -68.33
CA TYR B 487 4.42 -14.65 -67.99
C TYR B 487 5.21 -15.49 -67.00
N PHE B 488 6.48 -15.69 -67.29
CA PHE B 488 7.37 -16.30 -66.33
C PHE B 488 7.64 -15.28 -65.23
N PRO B 489 7.37 -15.59 -63.96
CA PRO B 489 7.28 -14.55 -62.93
C PRO B 489 8.61 -14.03 -62.42
N LEU B 490 9.74 -14.58 -62.87
CA LEU B 490 11.05 -14.15 -62.40
C LEU B 490 11.75 -13.36 -63.50
N GLN B 491 11.83 -12.05 -63.32
CA GLN B 491 12.53 -11.16 -64.24
C GLN B 491 13.88 -10.83 -63.64
N SER B 492 14.95 -11.24 -64.33
CA SER B 492 16.30 -11.06 -63.82
C SER B 492 16.70 -9.60 -63.84
N TYR B 493 17.41 -9.17 -62.79
CA TYR B 493 17.99 -7.83 -62.74
C TYR B 493 19.08 -7.70 -63.79
N GLY B 494 19.17 -6.51 -64.38
CA GLY B 494 20.32 -6.19 -65.21
C GLY B 494 21.32 -5.38 -64.42
N PHE B 495 22.35 -6.04 -63.91
CA PHE B 495 23.32 -5.40 -63.03
C PHE B 495 24.59 -5.12 -63.81
N GLN B 496 24.94 -3.84 -63.95
CA GLN B 496 26.08 -3.40 -64.73
C GLN B 496 26.91 -2.43 -63.91
N PRO B 497 28.23 -2.43 -64.04
CA PRO B 497 29.04 -1.37 -63.43
C PRO B 497 28.76 0.01 -63.98
N THR B 498 28.22 0.10 -65.21
CA THR B 498 27.86 1.39 -65.80
C THR B 498 26.66 2.01 -65.09
N ASN B 499 25.84 1.19 -64.43
CA ASN B 499 24.58 1.62 -63.83
C ASN B 499 24.80 2.62 -62.70
N GLY B 500 23.76 3.40 -62.42
CA GLY B 500 23.83 4.43 -61.42
C GLY B 500 23.79 3.86 -60.01
N VAL B 501 23.80 4.78 -59.04
CA VAL B 501 23.86 4.40 -57.63
C VAL B 501 22.58 3.69 -57.22
N GLY B 502 21.43 4.15 -57.72
CA GLY B 502 20.17 3.50 -57.41
C GLY B 502 19.98 2.15 -58.06
N TYR B 503 20.74 1.86 -59.12
CA TYR B 503 20.65 0.59 -59.82
C TYR B 503 21.76 -0.38 -59.42
N GLN B 504 22.57 -0.02 -58.46
CA GLN B 504 23.62 -0.94 -58.08
C GLN B 504 23.07 -2.01 -57.14
N PRO B 505 23.62 -3.23 -57.17
CA PRO B 505 23.13 -4.28 -56.28
C PRO B 505 23.60 -4.06 -54.86
N TYR B 506 22.67 -4.22 -53.92
CA TYR B 506 22.95 -4.05 -52.50
C TYR B 506 22.69 -5.37 -51.80
N ARG B 507 23.73 -5.97 -51.24
CA ARG B 507 23.56 -7.17 -50.43
C ARG B 507 22.86 -6.80 -49.14
N VAL B 508 21.66 -7.32 -48.95
CA VAL B 508 20.82 -6.98 -47.81
C VAL B 508 20.76 -8.17 -46.87
N VAL B 509 21.04 -7.93 -45.59
CA VAL B 509 20.90 -8.96 -44.56
C VAL B 509 19.90 -8.45 -43.54
N VAL B 510 18.86 -9.24 -43.30
CA VAL B 510 17.78 -8.85 -42.40
C VAL B 510 17.84 -9.74 -41.17
N LEU B 511 17.97 -9.13 -40.00
CA LEU B 511 17.99 -9.84 -38.73
C LEU B 511 16.60 -9.78 -38.11
N SER B 512 16.13 -10.91 -37.61
CA SER B 512 14.87 -10.97 -36.90
C SER B 512 15.09 -11.59 -35.53
N PHE B 513 14.39 -11.08 -34.53
CA PHE B 513 14.55 -11.55 -33.16
C PHE B 513 13.23 -12.04 -32.61
N GLU B 514 13.31 -12.88 -31.57
CA GLU B 514 12.12 -13.35 -30.87
C GLU B 514 11.49 -12.22 -30.06
N ALA B 520 16.16 -18.70 -23.71
CA ALA B 520 16.86 -17.55 -24.32
C ALA B 520 18.33 -17.89 -24.50
N THR B 521 18.79 -18.14 -25.73
CA THR B 521 20.19 -18.59 -25.89
C THR B 521 21.01 -17.64 -26.75
N VAL B 522 20.45 -16.68 -27.49
CA VAL B 522 21.34 -15.86 -28.39
C VAL B 522 21.47 -14.45 -27.83
N CYS B 523 22.51 -14.19 -27.03
CA CYS B 523 22.59 -12.87 -26.34
C CYS B 523 23.93 -12.17 -26.48
N GLY B 524 23.97 -10.88 -26.17
CA GLY B 524 25.19 -10.08 -26.40
C GLY B 524 26.32 -10.40 -25.46
N PRO B 525 27.57 -10.02 -25.78
CA PRO B 525 28.72 -10.35 -24.96
C PRO B 525 28.69 -9.60 -23.63
N LYS B 526 29.40 -10.14 -22.64
CA LYS B 526 29.41 -9.50 -21.31
C LYS B 526 30.84 -9.08 -20.96
N LYS B 527 31.02 -7.86 -20.46
CA LYS B 527 32.34 -7.42 -20.01
C LYS B 527 32.95 -8.06 -18.79
N SER B 528 33.97 -7.44 -18.22
CA SER B 528 34.59 -8.01 -17.05
C SER B 528 35.53 -7.01 -16.47
N THR B 529 36.57 -7.45 -15.82
CA THR B 529 37.54 -6.40 -15.57
C THR B 529 38.87 -6.95 -15.06
N ASN B 530 38.91 -7.36 -13.80
CA ASN B 530 40.10 -7.78 -13.06
C ASN B 530 39.66 -8.21 -11.67
N LEU B 531 40.37 -9.12 -11.02
CA LEU B 531 40.06 -9.41 -9.65
C LEU B 531 41.10 -8.71 -8.78
N VAL B 532 40.63 -7.86 -7.88
CA VAL B 532 41.52 -7.23 -6.91
C VAL B 532 41.19 -7.77 -5.52
N LYS B 533 42.15 -8.45 -4.94
CA LYS B 533 41.93 -9.07 -3.64
C LYS B 533 42.47 -8.17 -2.54
N ASN B 534 42.08 -8.50 -1.32
CA ASN B 534 42.43 -7.79 -0.08
C ASN B 534 41.98 -6.34 -0.09
N LYS B 535 40.89 -6.02 -0.77
CA LYS B 535 40.33 -4.67 -0.74
C LYS B 535 38.82 -4.78 -0.74
N CYS B 536 38.17 -3.81 -0.11
CA CYS B 536 36.71 -3.78 -0.08
C CYS B 536 36.21 -3.32 -1.44
N VAL B 537 35.73 -4.25 -2.25
CA VAL B 537 35.30 -3.95 -3.60
C VAL B 537 33.82 -4.24 -3.76
N ASN B 538 33.31 -4.02 -4.96
CA ASN B 538 31.89 -4.15 -5.29
C ASN B 538 31.81 -5.11 -6.46
N PHE B 539 31.65 -6.39 -6.19
CA PHE B 539 31.88 -7.40 -7.21
C PHE B 539 30.60 -7.86 -7.88
N ASN B 540 30.78 -8.41 -9.08
CA ASN B 540 29.74 -9.10 -9.84
C ASN B 540 30.40 -10.32 -10.47
N PHE B 541 30.31 -11.46 -9.79
CA PHE B 541 30.83 -12.73 -10.28
C PHE B 541 29.71 -13.48 -10.96
N ASN B 542 29.68 -13.44 -12.29
CA ASN B 542 28.78 -14.26 -13.12
C ASN B 542 27.32 -14.02 -12.78
N GLY B 543 26.97 -12.78 -12.49
CA GLY B 543 25.63 -12.44 -12.12
C GLY B 543 25.38 -12.44 -10.63
N LEU B 544 26.28 -13.02 -9.85
CA LEU B 544 26.20 -12.97 -8.40
C LEU B 544 26.83 -11.67 -7.94
N THR B 545 26.01 -10.74 -7.49
CA THR B 545 26.49 -9.43 -7.10
C THR B 545 26.71 -9.37 -5.60
N GLY B 546 27.56 -8.45 -5.19
CA GLY B 546 27.74 -8.23 -3.77
C GLY B 546 28.81 -7.19 -3.53
N THR B 547 29.05 -6.94 -2.25
CA THR B 547 30.06 -6.01 -1.80
C THR B 547 30.89 -6.70 -0.74
N GLY B 548 32.20 -6.66 -0.87
CA GLY B 548 33.01 -7.28 0.16
C GLY B 548 34.46 -7.32 -0.19
N VAL B 549 35.22 -7.92 0.69
CA VAL B 549 36.65 -8.11 0.52
C VAL B 549 36.86 -9.53 0.06
N LEU B 550 37.59 -9.69 -1.04
CA LEU B 550 37.90 -11.00 -1.57
C LEU B 550 39.30 -11.38 -1.14
N THR B 551 39.46 -12.58 -0.59
CA THR B 551 40.77 -13.07 -0.21
C THR B 551 40.93 -14.47 -0.75
N GLU B 552 42.17 -14.91 -0.86
CA GLU B 552 42.46 -16.27 -1.29
C GLU B 552 42.03 -17.25 -0.22
N SER B 553 41.41 -18.36 -0.63
CA SER B 553 40.85 -19.30 0.31
C SER B 553 41.25 -20.71 -0.02
N ASN B 554 41.27 -21.54 1.02
CA ASN B 554 41.63 -22.94 0.93
C ASN B 554 40.43 -23.87 1.01
N LYS B 555 39.23 -23.35 0.80
CA LYS B 555 38.04 -24.19 0.75
C LYS B 555 38.03 -24.95 -0.55
N LYS B 556 37.86 -26.26 -0.48
CA LYS B 556 37.90 -27.10 -1.68
C LYS B 556 36.50 -27.29 -2.19
N PHE B 557 36.20 -26.65 -3.32
CA PHE B 557 34.89 -26.81 -3.94
C PHE B 557 34.85 -28.10 -4.73
N LEU B 558 33.68 -28.54 -5.05
CA LEU B 558 33.60 -29.56 -6.07
C LEU B 558 33.64 -28.91 -7.45
N PRO B 559 34.07 -29.65 -8.48
CA PRO B 559 34.26 -29.02 -9.80
C PRO B 559 33.00 -28.53 -10.49
N PHE B 560 31.83 -28.57 -9.88
CA PHE B 560 30.67 -27.93 -10.47
C PHE B 560 30.12 -26.79 -9.63
N GLN B 561 30.54 -26.67 -8.38
CA GLN B 561 29.97 -25.69 -7.49
C GLN B 561 30.60 -24.35 -7.72
N GLN B 562 29.77 -23.34 -7.95
CA GLN B 562 30.27 -22.05 -8.38
C GLN B 562 30.47 -21.08 -7.23
N PHE B 563 29.74 -21.22 -6.14
CA PHE B 563 29.93 -20.32 -5.02
C PHE B 563 29.51 -21.01 -3.74
N GLY B 564 30.23 -20.69 -2.67
CA GLY B 564 29.91 -21.23 -1.37
C GLY B 564 28.79 -20.47 -0.71
N ARG B 565 28.35 -21.01 0.40
CA ARG B 565 27.32 -20.37 1.19
C ARG B 565 27.53 -20.78 2.64
N ASP B 566 26.78 -20.17 3.53
CA ASP B 566 27.01 -20.23 4.96
C ASP B 566 25.75 -20.79 5.60
N ILE B 567 25.79 -21.13 6.88
CA ILE B 567 24.55 -21.50 7.54
C ILE B 567 23.87 -20.23 8.04
N ALA B 568 23.46 -19.40 7.09
CA ALA B 568 22.47 -18.36 7.24
C ALA B 568 21.91 -18.16 5.85
N ASP B 569 22.45 -18.96 4.93
CA ASP B 569 22.30 -18.81 3.47
C ASP B 569 22.73 -17.43 2.98
N THR B 570 23.94 -17.03 3.39
CA THR B 570 24.62 -15.88 2.82
C THR B 570 25.90 -16.36 2.15
N THR B 571 26.21 -15.80 1.00
CA THR B 571 27.32 -16.31 0.20
C THR B 571 28.62 -15.79 0.78
N ASP B 572 29.45 -16.68 1.31
CA ASP B 572 30.71 -16.28 1.88
C ASP B 572 31.90 -16.83 1.12
N ALA B 573 31.68 -17.39 -0.07
CA ALA B 573 32.76 -17.81 -0.93
C ALA B 573 32.24 -17.78 -2.35
N VAL B 574 33.14 -17.60 -3.30
CA VAL B 574 32.78 -17.67 -4.70
C VAL B 574 33.98 -18.14 -5.48
N ARG B 575 33.75 -19.09 -6.38
CA ARG B 575 34.77 -19.45 -7.35
C ARG B 575 34.71 -18.44 -8.46
N ASP B 576 35.81 -17.82 -8.76
CA ASP B 576 35.70 -16.96 -9.90
C ASP B 576 35.86 -17.77 -11.17
N PRO B 577 35.30 -17.34 -12.27
CA PRO B 577 35.62 -17.95 -13.54
C PRO B 577 36.98 -17.44 -13.99
N GLN B 578 37.45 -18.00 -15.11
CA GLN B 578 38.69 -17.70 -15.82
C GLN B 578 39.96 -18.14 -15.12
N THR B 579 39.91 -18.47 -13.84
CA THR B 579 41.04 -19.15 -13.24
C THR B 579 40.64 -20.21 -12.25
N LEU B 580 39.36 -20.29 -11.89
CA LEU B 580 38.77 -21.29 -11.01
C LEU B 580 39.38 -21.30 -9.63
N GLU B 581 39.96 -20.19 -9.19
CA GLU B 581 40.36 -20.05 -7.81
C GLU B 581 39.12 -19.93 -6.95
N ILE B 582 39.27 -20.27 -5.68
CA ILE B 582 38.19 -20.10 -4.72
C ILE B 582 38.48 -18.83 -3.94
N LEU B 583 37.52 -17.94 -3.88
CA LEU B 583 37.71 -16.65 -3.25
C LEU B 583 36.73 -16.51 -2.09
N ASP B 584 37.25 -16.20 -0.91
CA ASP B 584 36.38 -15.90 0.21
C ASP B 584 35.76 -14.52 0.03
N ILE B 585 34.70 -14.28 0.79
CA ILE B 585 34.06 -12.98 0.83
C ILE B 585 33.91 -12.60 2.28
N THR B 586 34.49 -11.52 2.66
CA THR B 586 34.29 -10.95 3.97
C THR B 586 33.50 -9.67 3.82
N PRO B 587 32.58 -9.35 4.72
CA PRO B 587 31.92 -8.05 4.64
C PRO B 587 32.91 -6.93 4.90
N CYS B 588 32.67 -5.80 4.23
CA CYS B 588 33.50 -4.63 4.44
C CYS B 588 33.29 -4.14 5.86
N SER B 589 34.39 -3.90 6.57
CA SER B 589 34.37 -3.85 8.02
C SER B 589 33.58 -2.64 8.51
N PHE B 590 32.70 -2.88 9.45
CA PHE B 590 31.84 -1.84 9.98
C PHE B 590 31.82 -1.97 11.49
N GLY B 591 31.05 -1.10 12.13
CA GLY B 591 30.92 -1.12 13.57
C GLY B 591 30.56 0.29 14.00
N GLY B 592 30.08 0.40 15.22
CA GLY B 592 29.72 1.70 15.74
C GLY B 592 30.93 2.54 16.06
N VAL B 593 30.68 3.81 16.31
CA VAL B 593 31.70 4.76 16.72
C VAL B 593 31.27 5.29 18.06
N SER B 594 31.99 4.94 19.11
CA SER B 594 31.67 5.41 20.44
C SER B 594 32.66 6.50 20.80
N VAL B 595 32.24 7.47 21.59
CA VAL B 595 33.09 8.58 21.95
C VAL B 595 33.31 8.58 23.46
N ILE B 596 34.52 8.25 23.87
CA ILE B 596 34.91 8.32 25.28
C ILE B 596 35.02 9.78 25.66
N THR B 597 34.25 10.21 26.63
CA THR B 597 34.46 11.58 27.09
C THR B 597 34.51 11.65 28.60
N PRO B 598 35.33 12.53 29.14
CA PRO B 598 35.34 12.74 30.59
C PRO B 598 34.35 13.79 31.03
N GLY B 599 33.40 14.15 30.17
CA GLY B 599 32.44 15.17 30.50
C GLY B 599 32.97 16.53 30.14
N THR B 600 32.10 17.41 29.63
CA THR B 600 32.57 18.73 29.23
C THR B 600 32.92 19.61 30.42
N ASN B 601 32.43 19.25 31.58
CA ASN B 601 32.71 19.99 32.79
C ASN B 601 34.17 19.89 33.21
N THR B 602 34.83 18.82 32.79
CA THR B 602 36.22 18.60 33.15
C THR B 602 37.17 18.94 32.01
N SER B 603 36.95 18.33 30.84
CA SER B 603 37.83 18.57 29.71
C SER B 603 37.00 18.53 28.45
N ASN B 604 37.54 19.12 27.40
CA ASN B 604 36.95 18.99 26.08
C ASN B 604 37.62 17.91 25.26
N GLN B 605 38.58 17.21 25.82
CA GLN B 605 39.21 16.10 25.13
C GLN B 605 38.22 14.94 25.00
N VAL B 606 38.36 14.18 23.91
CA VAL B 606 37.63 12.95 23.72
C VAL B 606 38.58 11.90 23.17
N ALA B 607 38.20 10.64 23.35
CA ALA B 607 38.80 9.54 22.63
C ALA B 607 37.72 8.89 21.81
N VAL B 608 38.09 8.16 20.78
CA VAL B 608 37.11 7.56 19.88
C VAL B 608 37.38 6.08 19.79
N LEU B 609 36.36 5.28 20.04
CA LEU B 609 36.45 3.83 19.91
C LEU B 609 35.72 3.40 18.66
N TYR B 610 36.44 2.78 17.75
CA TYR B 610 35.85 2.10 16.61
C TYR B 610 35.66 0.65 17.02
N GLN B 611 34.44 0.16 16.85
CA GLN B 611 33.85 -0.79 17.78
C GLN B 611 33.78 -2.19 17.17
N GLY B 612 34.89 -2.64 16.63
CA GLY B 612 34.94 -3.97 16.06
C GLY B 612 35.87 -3.94 14.88
N VAL B 613 36.31 -2.76 14.61
CA VAL B 613 37.13 -2.51 13.51
C VAL B 613 38.53 -2.81 13.80
N ASN B 614 39.22 -3.47 12.87
CA ASN B 614 40.62 -3.76 13.03
C ASN B 614 41.36 -2.43 12.98
N CYS B 615 42.38 -2.24 13.76
CA CYS B 615 43.10 -1.00 13.78
C CYS B 615 43.50 -0.23 12.55
N THR B 616 43.69 -0.91 11.44
CA THR B 616 44.26 -0.37 10.24
C THR B 616 43.23 0.34 9.39
N GLU B 617 42.15 0.83 9.98
CA GLU B 617 41.14 1.56 9.23
C GLU B 617 40.90 2.93 9.86
N VAL B 618 40.98 3.97 9.04
CA VAL B 618 40.86 5.34 9.48
C VAL B 618 39.90 6.11 8.60
N SER B 638 45.30 11.14 18.11
CA SER B 638 46.64 11.05 17.53
C SER B 638 47.37 9.81 18.02
N ASN B 639 46.91 9.25 19.14
CA ASN B 639 47.54 8.09 19.75
C ASN B 639 46.58 6.91 19.64
N VAL B 640 47.01 5.85 18.96
CA VAL B 640 46.12 4.84 18.41
C VAL B 640 46.46 3.50 19.04
N PHE B 641 45.45 2.71 19.40
CA PHE B 641 45.69 1.51 20.19
C PHE B 641 44.59 0.49 20.00
N GLN B 642 44.97 -0.73 19.61
CA GLN B 642 44.05 -1.85 19.45
C GLN B 642 43.68 -2.48 20.78
N THR B 643 42.38 -2.47 21.09
CA THR B 643 41.84 -3.23 22.20
C THR B 643 41.36 -4.56 21.69
N ARG B 644 40.58 -5.26 22.50
CA ARG B 644 39.81 -6.38 22.00
C ARG B 644 38.42 -5.95 21.58
N ALA B 645 38.13 -4.66 21.62
CA ALA B 645 36.84 -4.14 21.21
C ALA B 645 36.92 -3.21 20.00
N GLY B 646 38.11 -2.93 19.50
CA GLY B 646 38.28 -2.07 18.35
C GLY B 646 39.41 -1.09 18.55
N CYS B 647 39.54 -0.18 17.60
CA CYS B 647 40.54 0.88 17.74
C CYS B 647 40.13 1.82 18.86
N LEU B 648 41.10 2.25 19.63
CA LEU B 648 40.90 3.34 20.57
C LEU B 648 41.88 4.42 20.16
N ILE B 649 41.36 5.53 19.68
CA ILE B 649 42.16 6.58 19.10
C ILE B 649 42.01 7.81 19.99
N GLY B 650 43.11 8.26 20.56
CA GLY B 650 43.08 9.41 21.43
C GLY B 650 43.30 9.09 22.88
N ALA B 651 43.61 7.85 23.23
CA ALA B 651 43.80 7.46 24.61
C ALA B 651 45.12 6.70 24.76
N GLU B 652 45.94 7.12 25.72
CA GLU B 652 47.21 6.47 25.96
C GLU B 652 47.00 5.15 26.69
N HIS B 653 47.83 4.18 26.38
CA HIS B 653 47.71 2.87 26.98
C HIS B 653 48.71 2.75 28.13
N VAL B 654 48.25 3.04 29.34
CA VAL B 654 49.09 2.85 30.51
C VAL B 654 49.16 1.37 30.82
N ASN B 655 50.14 0.96 31.60
CA ASN B 655 50.27 -0.44 31.98
C ASN B 655 49.51 -0.88 33.20
N ASN B 656 49.41 -0.07 34.24
CA ASN B 656 49.31 -0.71 35.54
C ASN B 656 47.95 -1.30 35.93
N SER B 657 46.99 -0.52 36.47
CA SER B 657 45.59 -0.87 36.72
C SER B 657 44.88 0.24 37.45
N TYR B 658 43.58 0.37 37.27
CA TYR B 658 42.78 1.31 38.04
C TYR B 658 41.39 0.72 38.20
N GLU B 659 40.54 1.39 38.94
CA GLU B 659 39.15 1.01 38.96
C GLU B 659 38.48 1.47 37.67
N CYS B 660 37.40 0.79 37.30
CA CYS B 660 36.80 1.05 36.01
C CYS B 660 36.02 2.35 36.04
N ASP B 661 36.47 3.33 35.28
CA ASP B 661 35.80 4.61 35.18
C ASP B 661 34.84 4.68 34.01
N ILE B 662 35.35 4.60 32.79
CA ILE B 662 34.51 4.58 31.61
C ILE B 662 34.72 3.24 30.92
N PRO B 663 33.76 2.32 30.95
CA PRO B 663 33.97 0.97 30.44
C PRO B 663 33.98 0.93 28.92
N ILE B 664 35.13 0.66 28.33
CA ILE B 664 35.19 0.35 26.91
C ILE B 664 34.73 -1.07 26.62
N GLY B 665 35.28 -2.07 27.28
CA GLY B 665 34.83 -3.42 27.02
C GLY B 665 36.03 -4.32 26.93
N ALA B 666 35.79 -5.60 27.15
CA ALA B 666 36.80 -6.65 27.20
C ALA B 666 37.89 -6.36 28.22
N GLY B 667 37.52 -5.77 29.33
CA GLY B 667 38.46 -5.54 30.40
C GLY B 667 39.11 -4.18 30.41
N ILE B 668 38.89 -3.37 29.40
CA ILE B 668 39.57 -2.07 29.26
C ILE B 668 38.62 -0.95 29.66
N CYS B 669 39.07 -0.08 30.55
CA CYS B 669 38.34 1.12 30.93
C CYS B 669 39.18 2.35 30.61
N ALA B 670 38.63 3.53 30.88
CA ALA B 670 39.32 4.78 30.65
C ALA B 670 39.28 5.73 31.83
N VAL B 685 39.76 10.72 32.53
CA VAL B 685 40.93 11.55 32.31
C VAL B 685 41.74 11.52 33.59
N ALA B 686 43.06 11.42 33.48
CA ALA B 686 43.91 11.28 34.65
C ALA B 686 45.28 11.83 34.31
N SER B 687 45.69 12.88 35.02
CA SER B 687 46.91 13.65 34.78
C SER B 687 46.95 14.16 33.34
N GLN B 688 45.99 15.04 33.03
CA GLN B 688 45.89 15.87 31.83
C GLN B 688 45.79 15.09 30.52
N SER B 689 45.45 13.80 30.56
CA SER B 689 45.24 13.05 29.34
C SER B 689 44.28 11.91 29.62
N ILE B 690 43.69 11.39 28.55
CA ILE B 690 42.79 10.24 28.65
C ILE B 690 43.62 8.98 28.51
N ILE B 691 43.52 8.09 29.49
CA ILE B 691 44.30 6.86 29.47
C ILE B 691 43.36 5.69 29.25
N ALA B 692 43.95 4.52 29.03
CA ALA B 692 43.17 3.31 28.82
C ALA B 692 43.97 2.16 29.39
N TYR B 693 43.43 1.53 30.42
CA TYR B 693 44.12 0.50 31.19
C TYR B 693 43.32 -0.78 31.14
N THR B 694 43.70 -1.74 31.96
CA THR B 694 42.90 -2.91 32.25
C THR B 694 42.44 -2.78 33.69
N MET B 695 41.18 -3.08 33.98
CA MET B 695 40.63 -2.69 35.26
C MET B 695 41.26 -3.49 36.38
N SER B 696 41.42 -2.85 37.52
CA SER B 696 41.75 -3.56 38.74
C SER B 696 40.45 -4.01 39.35
N LEU B 697 40.41 -5.25 39.80
CA LEU B 697 39.19 -5.77 40.38
C LEU B 697 39.11 -5.48 41.87
N GLY B 698 40.12 -4.82 42.39
CA GLY B 698 40.15 -4.42 43.78
C GLY B 698 41.52 -4.69 44.33
N ALA B 699 41.75 -4.26 45.56
CA ALA B 699 43.02 -4.47 46.23
C ALA B 699 43.20 -5.94 46.55
N GLU B 700 44.43 -6.36 46.71
CA GLU B 700 44.73 -7.74 47.04
C GLU B 700 44.94 -7.86 48.54
N ASN B 701 44.23 -8.80 49.17
CA ASN B 701 44.16 -8.89 50.61
C ASN B 701 44.26 -10.34 51.06
N SER B 702 45.31 -11.04 50.65
CA SER B 702 45.59 -12.38 51.15
C SER B 702 45.67 -12.40 52.67
N VAL B 703 44.72 -13.09 53.31
CA VAL B 703 44.46 -12.94 54.73
C VAL B 703 45.20 -14.07 55.44
N ALA B 704 45.58 -13.84 56.69
CA ALA B 704 46.57 -14.66 57.38
C ALA B 704 45.92 -15.89 57.97
N TYR B 705 45.53 -16.82 57.12
CA TYR B 705 44.93 -18.05 57.60
C TYR B 705 46.02 -18.94 58.17
N SER B 706 45.90 -19.25 59.44
CA SER B 706 46.64 -20.32 60.07
C SER B 706 45.64 -21.36 60.53
N ASN B 707 46.12 -22.45 61.10
CA ASN B 707 45.18 -23.45 61.55
C ASN B 707 44.71 -23.25 62.96
N ASN B 708 45.30 -22.31 63.73
CA ASN B 708 44.86 -22.07 65.09
C ASN B 708 44.81 -20.59 65.41
N SER B 709 44.63 -19.73 64.43
CA SER B 709 44.57 -18.31 64.75
C SER B 709 43.27 -17.75 64.26
N ILE B 710 42.65 -16.90 65.07
CA ILE B 710 41.36 -16.30 64.76
C ILE B 710 41.54 -14.79 64.89
N ALA B 711 40.69 -14.05 64.22
CA ALA B 711 40.66 -12.60 64.37
C ALA B 711 39.34 -12.21 64.95
N ILE B 712 39.37 -11.38 65.98
CA ILE B 712 38.12 -11.01 66.65
C ILE B 712 38.03 -9.50 66.75
N PRO B 713 36.91 -8.89 66.42
CA PRO B 713 36.77 -7.44 66.49
C PRO B 713 36.86 -6.87 67.88
N THR B 714 37.40 -5.67 68.01
CA THR B 714 37.51 -5.00 69.29
C THR B 714 36.51 -3.86 69.40
N ASN B 715 36.41 -3.08 68.33
CA ASN B 715 35.47 -1.99 68.22
C ASN B 715 34.53 -2.24 67.06
N PHE B 716 33.51 -1.39 66.92
CA PHE B 716 32.56 -1.55 65.83
C PHE B 716 32.29 -0.18 65.25
N THR B 717 31.69 -0.14 64.07
CA THR B 717 31.14 1.09 63.54
C THR B 717 29.69 0.84 63.17
N ILE B 718 28.82 1.74 63.60
CA ILE B 718 27.44 1.77 63.16
C ILE B 718 27.43 2.52 61.84
N SER B 719 27.00 1.90 60.78
CA SER B 719 27.04 2.56 59.49
C SER B 719 25.66 2.58 58.87
N VAL B 720 25.28 3.74 58.34
CA VAL B 720 24.00 3.91 57.69
C VAL B 720 24.25 4.03 56.20
N THR B 721 23.83 3.05 55.44
CA THR B 721 23.94 3.12 53.99
C THR B 721 22.56 3.42 53.44
N THR B 722 22.49 3.77 52.17
CA THR B 722 21.22 4.14 51.57
C THR B 722 20.94 3.24 50.40
N GLU B 723 19.67 3.15 50.03
CA GLU B 723 19.30 2.30 48.92
C GLU B 723 18.04 2.84 48.27
N ILE B 724 18.07 3.05 46.97
CA ILE B 724 17.02 3.75 46.25
C ILE B 724 16.35 2.76 45.32
N LEU B 725 15.04 2.67 45.43
CA LEU B 725 14.29 1.74 44.60
C LEU B 725 13.13 2.48 43.96
N PRO B 726 13.00 2.47 42.64
CA PRO B 726 11.81 3.02 42.02
C PRO B 726 10.63 2.10 42.27
N VAL B 727 9.50 2.69 42.65
CA VAL B 727 8.30 1.89 42.86
C VAL B 727 7.19 2.20 41.87
N SER B 728 7.21 3.33 41.17
CA SER B 728 6.08 3.62 40.31
C SER B 728 6.51 4.49 39.16
N MET B 729 5.64 4.55 38.16
CA MET B 729 5.79 5.28 36.91
C MET B 729 4.81 6.44 36.93
N THR B 730 4.84 7.25 35.88
CA THR B 730 3.73 8.16 35.66
C THR B 730 2.61 7.42 34.95
N LYS B 731 1.38 7.77 35.27
CA LYS B 731 0.24 7.07 34.72
C LYS B 731 -0.20 7.79 33.45
N THR B 732 0.56 7.61 32.39
CA THR B 732 0.12 8.17 31.12
C THR B 732 -0.99 7.33 30.54
N SER B 733 -1.74 7.94 29.63
CA SER B 733 -2.77 7.20 28.91
C SER B 733 -2.98 7.90 27.58
N VAL B 734 -2.80 7.17 26.50
CA VAL B 734 -2.92 7.71 25.15
C VAL B 734 -4.12 7.08 24.48
N ASP B 735 -5.07 7.92 24.11
CA ASP B 735 -6.18 7.51 23.25
C ASP B 735 -5.67 7.25 21.86
N CYS B 736 -6.13 6.17 21.20
CA CYS B 736 -5.73 5.99 19.81
C CYS B 736 -6.32 7.04 18.91
N THR B 737 -7.62 7.28 19.04
CA THR B 737 -8.36 7.96 17.99
C THR B 737 -7.91 9.40 17.84
N MET B 738 -7.54 10.02 18.95
CA MET B 738 -7.09 11.39 18.82
C MET B 738 -5.64 11.41 18.40
N TYR B 739 -4.90 10.36 18.72
CA TYR B 739 -3.51 10.30 18.31
C TYR B 739 -3.40 10.08 16.81
N ILE B 740 -4.00 9.00 16.32
CA ILE B 740 -3.87 8.59 14.93
C ILE B 740 -4.64 9.52 14.02
N CYS B 741 -5.85 9.92 14.42
CA CYS B 741 -6.70 10.75 13.59
C CYS B 741 -6.85 12.16 14.14
N GLY B 742 -7.30 12.31 15.37
CA GLY B 742 -7.55 13.63 15.89
C GLY B 742 -9.01 14.01 15.73
N ASP B 743 -9.25 15.02 14.90
CA ASP B 743 -10.59 15.53 14.68
C ASP B 743 -11.28 14.96 13.44
N SER B 744 -10.52 14.41 12.50
CA SER B 744 -11.07 14.02 11.21
C SER B 744 -11.93 12.78 11.38
N THR B 745 -13.23 12.92 11.13
CA THR B 745 -14.11 11.75 11.24
C THR B 745 -13.89 10.78 10.09
N GLU B 746 -13.46 11.30 8.94
CA GLU B 746 -13.18 10.46 7.80
C GLU B 746 -11.81 9.81 7.87
N CYS B 747 -10.98 10.23 8.80
CA CYS B 747 -9.91 9.37 9.29
C CYS B 747 -10.46 8.27 10.18
N SER B 748 -11.43 8.60 11.04
CA SER B 748 -11.90 7.66 12.05
C SER B 748 -12.62 6.49 11.42
N ASN B 749 -13.35 6.74 10.33
CA ASN B 749 -14.04 5.65 9.66
C ASN B 749 -13.07 4.68 9.02
N LEU B 750 -11.95 5.17 8.52
CA LEU B 750 -10.91 4.27 8.04
C LEU B 750 -10.26 3.52 9.18
N LEU B 751 -10.08 4.18 10.34
CA LEU B 751 -9.47 3.52 11.47
C LEU B 751 -10.37 2.45 12.04
N LEU B 752 -11.69 2.63 11.93
CA LEU B 752 -12.65 1.72 12.53
C LEU B 752 -12.67 0.35 11.88
N GLN B 753 -12.07 0.21 10.70
CA GLN B 753 -11.99 -1.08 10.03
C GLN B 753 -10.73 -1.84 10.38
N TYR B 754 -9.99 -1.38 11.38
CA TYR B 754 -8.87 -2.15 11.92
C TYR B 754 -9.28 -2.96 13.12
N GLY B 755 -10.55 -3.01 13.41
CA GLY B 755 -11.02 -3.87 14.47
C GLY B 755 -10.78 -3.22 15.80
N SER B 756 -10.24 -3.99 16.73
CA SER B 756 -10.16 -3.59 18.12
C SER B 756 -8.74 -3.34 18.56
N PHE B 757 -7.92 -2.75 17.70
CA PHE B 757 -6.60 -2.27 18.12
C PHE B 757 -6.69 -1.13 19.11
N CYS B 758 -7.79 -0.40 19.18
CA CYS B 758 -7.79 0.77 20.02
C CYS B 758 -8.39 0.52 21.39
N THR B 759 -9.32 -0.42 21.53
CA THR B 759 -9.64 -0.80 22.88
C THR B 759 -8.56 -1.65 23.50
N GLN B 760 -7.75 -2.33 22.69
CA GLN B 760 -6.63 -3.11 23.21
C GLN B 760 -5.55 -2.22 23.78
N LEU B 761 -5.13 -1.19 23.06
CA LEU B 761 -4.06 -0.34 23.56
C LEU B 761 -4.51 0.48 24.75
N ASN B 762 -5.75 0.95 24.75
CA ASN B 762 -6.25 1.67 25.92
C ASN B 762 -6.42 0.75 27.11
N ARG B 763 -6.80 -0.51 26.88
CA ARG B 763 -6.87 -1.46 27.98
C ARG B 763 -5.51 -1.74 28.55
N ALA B 764 -4.49 -1.85 27.68
CA ALA B 764 -3.15 -2.13 28.15
C ALA B 764 -2.61 -0.97 28.98
N LEU B 765 -2.81 0.26 28.51
CA LEU B 765 -2.32 1.41 29.26
C LEU B 765 -3.10 1.63 30.53
N THR B 766 -4.39 1.29 30.56
CA THR B 766 -5.13 1.41 31.79
C THR B 766 -4.69 0.35 32.80
N GLY B 767 -4.33 -0.83 32.34
CA GLY B 767 -3.78 -1.83 33.25
C GLY B 767 -2.45 -1.40 33.84
N ILE B 768 -1.61 -0.76 33.03
CA ILE B 768 -0.35 -0.22 33.53
C ILE B 768 -0.61 0.85 34.58
N ALA B 769 -1.55 1.75 34.30
CA ALA B 769 -1.81 2.85 35.21
C ALA B 769 -2.47 2.39 36.50
N VAL B 770 -3.21 1.29 36.46
CA VAL B 770 -3.79 0.78 37.69
C VAL B 770 -2.73 0.10 38.56
N GLU B 771 -1.84 -0.67 37.93
CA GLU B 771 -0.85 -1.29 38.79
C GLU B 771 0.22 -0.31 39.26
N GLN B 772 0.32 0.87 38.65
CA GLN B 772 1.21 1.88 39.22
C GLN B 772 0.72 2.40 40.56
N ASP B 773 -0.57 2.26 40.85
CA ASP B 773 -1.07 2.61 42.17
C ASP B 773 -1.07 1.42 43.10
N LYS B 774 -1.26 0.23 42.55
CA LYS B 774 -1.08 -0.98 43.36
C LYS B 774 0.34 -1.11 43.88
N ASN B 775 1.32 -0.67 43.10
CA ASN B 775 2.72 -0.68 43.53
C ASN B 775 2.96 0.18 44.75
N THR B 776 2.52 1.44 44.68
CA THR B 776 2.72 2.36 45.78
C THR B 776 1.94 1.93 47.00
N GLN B 777 0.74 1.39 46.80
CA GLN B 777 -0.07 0.90 47.90
C GLN B 777 0.62 -0.25 48.61
N GLU B 778 1.19 -1.18 47.87
CA GLU B 778 1.75 -2.33 48.55
C GLU B 778 3.15 -2.09 49.05
N VAL B 779 3.80 -1.00 48.63
CA VAL B 779 5.06 -0.64 49.29
C VAL B 779 4.78 0.09 50.57
N PHE B 780 3.96 1.13 50.53
CA PHE B 780 3.89 2.03 51.67
C PHE B 780 2.80 1.66 52.66
N ALA B 781 1.61 1.32 52.19
CA ALA B 781 0.51 1.01 53.09
C ALA B 781 0.70 -0.37 53.67
N GLN B 782 1.55 -0.44 54.69
CA GLN B 782 1.77 -1.68 55.43
C GLN B 782 1.58 -1.48 56.91
N VAL B 783 1.08 -0.32 57.31
CA VAL B 783 0.58 -0.10 58.64
C VAL B 783 -0.93 0.00 58.57
N LYS B 784 -1.59 -0.68 59.48
CA LYS B 784 -3.03 -0.53 59.58
C LYS B 784 -3.41 0.81 60.18
N GLN B 785 -2.51 1.44 60.93
CA GLN B 785 -2.85 2.68 61.60
C GLN B 785 -1.64 3.57 61.68
N ILE B 786 -1.90 4.87 61.81
CA ILE B 786 -0.87 5.89 61.69
C ILE B 786 -0.28 6.15 63.05
N TYR B 787 0.93 5.67 63.27
CA TYR B 787 1.61 5.86 64.53
C TYR B 787 2.22 7.24 64.59
N LYS B 788 2.22 7.82 65.78
CA LYS B 788 2.78 9.14 65.97
C LYS B 788 3.94 9.07 66.94
N THR B 789 5.00 9.76 66.61
CA THR B 789 6.12 9.85 67.50
C THR B 789 5.75 10.74 68.70
N PRO B 790 6.31 10.47 69.88
CA PRO B 790 5.98 11.28 71.04
C PRO B 790 6.54 12.68 70.89
N PRO B 791 5.93 13.68 71.55
CA PRO B 791 6.35 15.06 71.30
C PRO B 791 7.67 15.40 71.95
N ILE B 792 8.15 14.62 72.90
CA ILE B 792 9.49 14.80 73.46
C ILE B 792 10.38 13.70 72.93
N LYS B 793 11.46 14.08 72.25
CA LYS B 793 12.30 13.16 71.52
C LYS B 793 13.50 12.75 72.36
N ASP B 794 13.25 12.09 73.47
CA ASP B 794 14.33 11.56 74.28
C ASP B 794 14.42 10.06 74.04
N PHE B 795 15.25 9.69 73.08
CA PHE B 795 15.44 8.29 72.71
C PHE B 795 16.78 7.76 73.16
N GLY B 796 17.29 8.23 74.29
CA GLY B 796 18.53 7.71 74.80
C GLY B 796 19.78 8.21 74.11
N GLY B 797 19.66 9.22 73.25
CA GLY B 797 20.83 9.79 72.64
C GLY B 797 20.75 9.79 71.14
N PHE B 798 19.90 8.94 70.60
CA PHE B 798 19.75 8.84 69.17
C PHE B 798 18.93 10.01 68.66
N ASN B 799 19.48 10.69 67.66
CA ASN B 799 18.88 11.86 67.02
C ASN B 799 18.20 11.44 65.77
N PHE B 800 16.89 11.36 65.81
CA PHE B 800 16.16 11.02 64.60
C PHE B 800 15.61 12.29 64.01
N SER B 801 16.41 13.35 63.96
CA SER B 801 15.84 14.64 63.67
C SER B 801 15.59 14.86 62.20
N GLN B 802 16.31 14.17 61.33
CA GLN B 802 16.16 14.39 59.91
C GLN B 802 15.68 13.16 59.17
N ILE B 803 15.03 12.25 59.88
CA ILE B 803 14.20 11.28 59.18
C ILE B 803 12.76 11.52 59.62
N LEU B 804 12.59 12.07 60.80
CA LEU B 804 11.26 12.37 61.31
C LEU B 804 10.71 13.59 60.56
N PRO B 805 9.39 13.76 60.49
CA PRO B 805 8.84 14.91 59.76
C PRO B 805 9.23 16.24 60.37
N ASP B 806 9.44 17.21 59.52
CA ASP B 806 9.71 18.56 59.96
C ASP B 806 8.38 19.26 60.22
N PRO B 807 8.09 19.67 61.45
CA PRO B 807 6.80 20.34 61.70
C PRO B 807 6.76 21.77 61.22
N SER B 808 7.92 22.42 61.07
CA SER B 808 7.96 23.81 60.62
C SER B 808 7.59 23.95 59.15
N LYS B 809 8.22 23.17 58.30
CA LYS B 809 7.98 23.28 56.87
C LYS B 809 6.61 22.72 56.52
N PRO B 810 5.85 23.38 55.64
CA PRO B 810 4.43 23.07 55.49
C PRO B 810 4.14 21.87 54.63
N SER B 811 5.15 21.26 54.02
CA SER B 811 4.94 20.04 53.25
C SER B 811 4.98 18.79 54.11
N LYS B 812 5.34 18.93 55.38
CA LYS B 812 5.40 17.87 56.40
C LYS B 812 6.35 16.75 56.03
N ARG B 813 7.38 17.03 55.25
CA ARG B 813 8.36 16.00 54.96
C ARG B 813 9.50 16.09 55.95
N SER B 814 10.51 15.28 55.75
CA SER B 814 11.65 15.25 56.63
C SER B 814 12.75 16.03 55.96
N PRO B 815 13.82 16.39 56.65
CA PRO B 815 14.94 17.04 55.96
C PRO B 815 15.63 16.19 54.93
N ILE B 816 15.51 14.87 54.95
CA ILE B 816 16.08 14.06 53.89
C ILE B 816 15.05 13.94 52.77
N GLU B 817 13.77 13.89 53.11
CA GLU B 817 12.75 13.81 52.09
C GLU B 817 12.65 15.11 51.30
N ASP B 818 12.83 16.25 51.97
CA ASP B 818 12.91 17.53 51.29
C ASP B 818 14.13 17.60 50.39
N LEU B 819 15.21 17.00 50.83
CA LEU B 819 16.40 16.98 50.00
C LEU B 819 16.22 16.03 48.84
N LEU B 820 15.35 15.05 48.98
CA LEU B 820 15.12 14.11 47.89
C LEU B 820 14.18 14.65 46.84
N PHE B 821 13.17 15.41 47.22
CA PHE B 821 12.25 15.89 46.19
C PHE B 821 12.86 17.02 45.40
N ASN B 822 13.76 17.79 46.01
CA ASN B 822 14.48 18.81 45.29
C ASN B 822 15.57 18.24 44.39
N LYS B 823 15.99 17.01 44.63
CA LYS B 823 17.10 16.43 43.90
C LYS B 823 16.70 15.81 42.58
N VAL B 824 15.44 15.51 42.38
CA VAL B 824 15.01 15.01 41.08
C VAL B 824 14.44 16.16 40.27
N THR B 825 14.61 16.07 38.96
CA THR B 825 14.13 17.09 38.04
C THR B 825 13.45 16.40 36.87
N LEU B 826 12.27 16.87 36.52
CA LEU B 826 11.42 16.19 35.55
C LEU B 826 11.65 16.72 34.14
N GLN B 851 3.44 17.64 25.64
CA GLN B 851 3.53 16.63 26.68
C GLN B 851 2.13 16.37 27.26
N LYS B 852 1.20 17.25 26.94
CA LYS B 852 -0.21 17.08 27.33
C LYS B 852 -1.13 17.59 26.23
N PHE B 853 -0.72 17.38 24.98
CA PHE B 853 -1.32 18.07 23.86
C PHE B 853 -2.25 17.19 23.03
N ASN B 854 -1.75 16.07 22.52
CA ASN B 854 -2.29 15.49 21.30
C ASN B 854 -2.88 14.10 21.48
N GLY B 855 -3.63 13.86 22.54
CA GLY B 855 -4.28 12.58 22.68
C GLY B 855 -3.78 11.82 23.87
N LEU B 856 -2.89 12.45 24.62
CA LEU B 856 -2.19 11.77 25.67
C LEU B 856 -2.27 12.57 26.95
N THR B 857 -2.67 11.90 28.02
CA THR B 857 -2.94 12.54 29.29
C THR B 857 -2.09 11.88 30.35
N VAL B 858 -1.90 12.59 31.46
CA VAL B 858 -1.16 12.06 32.59
C VAL B 858 -2.10 12.07 33.77
N LEU B 859 -2.52 10.93 34.19
CA LEU B 859 -3.40 10.76 35.32
C LEU B 859 -2.63 11.04 36.61
N PRO B 860 -3.24 11.70 37.59
CA PRO B 860 -2.56 11.90 38.85
C PRO B 860 -2.51 10.59 39.62
N PRO B 861 -1.52 10.41 40.48
CA PRO B 861 -1.49 9.21 41.31
C PRO B 861 -2.53 9.29 42.40
N LEU B 862 -2.94 8.11 42.87
CA LEU B 862 -4.00 8.04 43.86
C LEU B 862 -3.53 8.56 45.21
N LEU B 863 -2.34 8.18 45.64
CA LEU B 863 -1.79 8.71 46.88
C LEU B 863 -0.96 9.92 46.54
N THR B 864 -1.30 11.05 47.16
CA THR B 864 -0.49 12.24 46.99
C THR B 864 0.84 12.07 47.72
N ASP B 865 1.74 13.02 47.50
CA ASP B 865 3.03 12.96 48.18
C ASP B 865 2.89 13.15 49.67
N GLU B 866 1.87 13.89 50.11
CA GLU B 866 1.65 14.04 51.53
C GLU B 866 1.14 12.76 52.15
N MET B 867 0.35 11.98 51.43
CA MET B 867 -0.11 10.72 51.96
C MET B 867 1.00 9.70 52.04
N ILE B 868 1.89 9.68 51.06
CA ILE B 868 3.03 8.78 51.10
C ILE B 868 3.98 9.19 52.21
N ALA B 869 4.17 10.49 52.40
CA ALA B 869 4.99 10.96 53.51
C ALA B 869 4.37 10.63 54.84
N GLN B 870 3.05 10.60 54.93
CA GLN B 870 2.42 10.23 56.18
C GLN B 870 2.51 8.74 56.46
N TYR B 871 2.43 7.90 55.43
CA TYR B 871 2.82 6.50 55.55
C TYR B 871 4.25 6.31 56.05
N THR B 872 5.21 7.02 55.47
CA THR B 872 6.59 6.78 55.93
C THR B 872 6.81 7.32 57.32
N SER B 873 6.11 8.37 57.72
CA SER B 873 6.23 8.80 59.10
C SER B 873 5.53 7.83 60.04
N ALA B 874 4.48 7.14 59.57
CA ALA B 874 3.83 6.14 60.40
C ALA B 874 4.73 4.94 60.61
N LEU B 875 5.37 4.47 59.55
CA LEU B 875 6.35 3.40 59.64
C LEU B 875 7.52 3.79 60.51
N LEU B 876 7.97 5.03 60.40
CA LEU B 876 9.11 5.50 61.15
C LEU B 876 8.79 5.64 62.62
N ALA B 877 7.64 6.22 62.93
CA ALA B 877 7.24 6.38 64.31
C ALA B 877 6.97 5.04 64.96
N GLY B 878 6.40 4.11 64.20
CA GLY B 878 6.19 2.79 64.72
C GLY B 878 7.47 2.04 64.99
N THR B 879 8.48 2.19 64.13
CA THR B 879 9.70 1.46 64.40
C THR B 879 10.62 2.16 65.39
N ILE B 880 10.49 3.46 65.59
CA ILE B 880 11.31 4.16 66.57
C ILE B 880 10.72 3.88 67.92
N THR B 881 9.41 4.08 68.03
CA THR B 881 8.74 3.83 69.29
C THR B 881 8.69 2.36 69.59
N SER B 882 8.00 1.61 68.74
CA SER B 882 7.42 0.32 69.07
C SER B 882 8.29 -0.86 68.71
N GLY B 883 9.48 -0.67 68.19
CA GLY B 883 10.30 -1.80 67.87
C GLY B 883 9.86 -2.44 66.58
N TRP B 884 10.10 -3.72 66.44
CA TRP B 884 9.50 -4.45 65.34
C TRP B 884 8.11 -4.96 65.62
N THR B 885 7.55 -4.69 66.78
CA THR B 885 6.35 -5.38 67.22
C THR B 885 5.10 -4.87 66.55
N PHE B 886 5.18 -3.77 65.84
CA PHE B 886 3.97 -3.27 65.20
C PHE B 886 3.74 -3.91 63.85
N GLY B 887 4.65 -4.73 63.37
CA GLY B 887 4.46 -5.38 62.10
C GLY B 887 3.96 -6.79 62.29
N ALA B 888 3.69 -7.16 63.53
CA ALA B 888 3.14 -8.45 63.86
C ALA B 888 1.75 -8.32 64.48
N GLY B 889 1.63 -7.57 65.55
CA GLY B 889 0.36 -7.43 66.20
C GLY B 889 0.09 -6.00 66.60
N PRO B 890 -0.20 -5.78 67.85
CA PRO B 890 -0.33 -4.41 68.34
C PRO B 890 1.02 -3.77 68.47
N ALA B 891 1.09 -2.46 68.65
CA ALA B 891 2.40 -1.84 68.84
C ALA B 891 2.69 -1.90 70.33
N LEU B 892 3.88 -2.37 70.66
CA LEU B 892 4.29 -2.55 72.03
C LEU B 892 5.44 -1.60 72.33
N GLN B 893 5.41 -0.98 73.50
CA GLN B 893 6.09 0.28 73.75
C GLN B 893 7.61 0.28 73.63
N ILE B 894 8.33 -0.43 74.48
CA ILE B 894 9.79 -0.67 74.45
C ILE B 894 10.73 0.51 74.21
N PRO B 895 11.28 1.11 75.28
CA PRO B 895 12.21 2.24 75.13
C PRO B 895 13.38 1.96 74.20
N PHE B 896 13.78 2.97 73.45
CA PHE B 896 14.63 2.77 72.28
C PHE B 896 16.01 2.16 72.54
N PRO B 897 16.79 2.52 73.57
CA PRO B 897 18.02 1.76 73.80
C PRO B 897 17.76 0.30 74.08
N MET B 898 16.69 0.00 74.79
CA MET B 898 16.36 -1.39 75.06
C MET B 898 15.92 -2.11 73.81
N GLN B 899 15.35 -1.41 72.84
CA GLN B 899 15.12 -1.97 71.52
C GLN B 899 16.44 -2.26 70.83
N MET B 900 17.37 -1.33 70.88
CA MET B 900 18.59 -1.46 70.10
C MET B 900 19.49 -2.53 70.66
N ALA B 901 19.33 -2.86 71.93
CA ALA B 901 20.04 -3.99 72.49
C ALA B 901 19.51 -5.31 71.97
N TYR B 902 18.25 -5.36 71.55
CA TYR B 902 17.78 -6.62 71.01
C TYR B 902 18.21 -6.78 69.59
N ARG B 903 18.37 -5.68 68.89
CA ARG B 903 18.91 -5.76 67.56
C ARG B 903 20.40 -6.04 67.60
N PHE B 904 21.09 -5.73 68.69
CA PHE B 904 22.40 -6.34 68.84
C PHE B 904 22.28 -7.81 69.15
N ASN B 905 21.33 -8.18 69.98
CA ASN B 905 21.21 -9.56 70.42
C ASN B 905 20.83 -10.48 69.28
N GLY B 906 20.23 -9.95 68.24
CA GLY B 906 19.88 -10.70 67.06
C GLY B 906 20.96 -10.77 66.01
N ILE B 907 22.06 -10.05 66.16
CA ILE B 907 23.21 -10.24 65.29
C ILE B 907 24.33 -10.98 65.98
N GLY B 908 24.12 -11.44 67.19
CA GLY B 908 25.11 -12.23 67.88
C GLY B 908 25.95 -11.49 68.87
N VAL B 909 25.61 -10.27 69.20
CA VAL B 909 26.36 -9.43 70.12
C VAL B 909 25.50 -9.23 71.33
N THR B 910 26.06 -9.48 72.52
CA THR B 910 25.23 -9.51 73.71
C THR B 910 24.76 -8.12 74.11
N GLN B 911 23.87 -8.09 75.09
CA GLN B 911 23.21 -6.85 75.49
C GLN B 911 24.16 -5.85 76.11
N ASN B 912 25.16 -6.31 76.85
CA ASN B 912 26.17 -5.47 77.47
C ASN B 912 27.16 -4.99 76.53
N VAL B 913 26.91 -4.85 75.25
CA VAL B 913 27.84 -4.20 74.36
C VAL B 913 27.14 -2.92 73.97
N LEU B 914 25.82 -2.95 73.98
CA LEU B 914 25.09 -1.71 73.75
C LEU B 914 25.23 -0.78 74.94
N TYR B 915 24.92 -1.25 76.13
CA TYR B 915 24.75 -0.35 77.26
C TYR B 915 26.05 0.28 77.75
N GLU B 916 27.16 -0.44 77.73
CA GLU B 916 28.44 0.23 77.97
C GLU B 916 28.88 1.13 76.82
N ASN B 917 28.34 0.96 75.63
CA ASN B 917 28.71 1.85 74.56
C ASN B 917 27.55 2.65 74.03
N GLN B 918 26.58 3.01 74.87
CA GLN B 918 25.35 3.60 74.35
C GLN B 918 25.58 4.99 73.83
N LYS B 919 26.38 5.79 74.52
CA LYS B 919 26.67 7.13 74.03
C LYS B 919 27.53 7.08 72.78
N LEU B 920 28.47 6.13 72.72
CA LEU B 920 29.27 5.92 71.52
C LEU B 920 28.42 5.53 70.33
N ILE B 921 27.47 4.62 70.56
CA ILE B 921 26.63 4.15 69.46
C ILE B 921 25.67 5.22 69.02
N ALA B 922 25.16 6.02 69.96
CA ALA B 922 24.32 7.14 69.60
C ALA B 922 25.09 8.17 68.79
N ASN B 923 26.34 8.44 69.16
CA ASN B 923 27.14 9.37 68.38
C ASN B 923 27.47 8.86 66.99
N GLN B 924 27.82 7.57 66.87
CA GLN B 924 28.09 7.01 65.56
C GLN B 924 26.86 7.01 64.68
N PHE B 925 25.71 6.75 65.27
CA PHE B 925 24.47 6.73 64.52
C PHE B 925 24.09 8.11 64.03
N ASN B 926 24.18 9.11 64.91
CA ASN B 926 23.85 10.49 64.54
C ASN B 926 24.78 11.03 63.47
N SER B 927 26.08 10.78 63.62
CA SER B 927 27.01 11.24 62.62
C SER B 927 26.84 10.52 61.30
N ALA B 928 26.43 9.26 61.33
CA ALA B 928 26.18 8.53 60.09
C ALA B 928 24.98 9.07 59.34
N ILE B 929 23.93 9.44 60.06
CA ILE B 929 22.78 10.08 59.41
C ILE B 929 23.11 11.47 58.86
N GLY B 930 23.87 12.27 59.59
CA GLY B 930 24.34 13.54 59.02
C GLY B 930 25.19 13.36 57.78
N LYS B 931 26.01 12.32 57.75
CA LYS B 931 26.76 12.00 56.55
C LYS B 931 25.86 11.58 55.41
N ILE B 932 24.74 10.90 55.69
CA ILE B 932 23.79 10.54 54.64
C ILE B 932 23.20 11.79 54.00
N GLN B 933 22.82 12.74 54.83
CA GLN B 933 22.22 13.98 54.32
C GLN B 933 23.21 14.80 53.53
N ASP B 934 24.50 14.77 53.89
CA ASP B 934 25.50 15.40 53.05
C ASP B 934 25.69 14.63 51.74
N SER B 935 25.89 13.33 51.82
CA SER B 935 26.28 12.50 50.69
C SER B 935 25.21 12.33 49.65
N LEU B 936 23.95 12.61 49.97
CA LEU B 936 22.99 12.67 48.88
C LEU B 936 23.13 13.98 48.12
N SER B 937 23.14 15.11 48.81
CA SER B 937 23.24 16.40 48.13
C SER B 937 24.67 16.84 47.95
N SER B 938 25.55 15.93 47.55
CA SER B 938 26.85 16.30 47.02
C SER B 938 27.13 15.45 45.80
N THR B 939 26.73 14.20 45.88
CA THR B 939 27.11 13.23 44.87
C THR B 939 26.20 13.37 43.66
N PRO B 940 26.76 13.58 42.46
CA PRO B 940 25.94 13.53 41.26
C PRO B 940 25.51 12.10 40.96
N SER B 941 24.31 11.99 40.38
CA SER B 941 23.68 10.71 40.06
C SER B 941 23.52 9.83 41.29
N ALA B 942 23.19 10.45 42.42
CA ALA B 942 22.82 9.68 43.59
C ALA B 942 21.50 8.97 43.35
N LEU B 943 20.54 9.68 42.76
CA LEU B 943 19.22 9.13 42.48
C LEU B 943 19.08 8.71 41.04
N GLY B 944 20.13 8.20 40.42
CA GLY B 944 20.06 7.82 39.03
C GLY B 944 19.21 6.61 38.77
N LYS B 945 19.00 5.77 39.78
CA LYS B 945 18.03 4.68 39.66
C LYS B 945 16.65 5.24 39.43
N LEU B 946 16.36 6.33 40.08
CA LEU B 946 15.03 6.86 40.22
C LEU B 946 14.78 7.96 39.21
N GLN B 947 15.84 8.45 38.58
CA GLN B 947 15.76 9.44 37.53
C GLN B 947 15.59 8.80 36.17
N ASN B 948 16.19 7.63 35.95
CA ASN B 948 16.07 6.91 34.69
C ASN B 948 14.66 6.45 34.40
N VAL B 949 13.83 6.29 35.41
CA VAL B 949 12.44 5.99 35.18
C VAL B 949 11.73 7.20 34.59
N VAL B 950 12.05 8.38 35.10
CA VAL B 950 11.46 9.61 34.59
C VAL B 950 11.95 9.90 33.18
N ASN B 951 13.26 9.75 32.95
CA ASN B 951 13.85 10.07 31.67
C ASN B 951 13.39 9.12 30.58
N GLN B 952 13.28 7.83 30.90
CA GLN B 952 12.88 6.87 29.87
C GLN B 952 11.42 7.04 29.50
N ASN B 953 10.57 7.36 30.47
CA ASN B 953 9.19 7.63 30.15
C ASN B 953 9.04 8.89 29.32
N ALA B 954 9.79 9.93 29.67
CA ALA B 954 9.72 11.18 28.91
C ALA B 954 10.23 11.00 27.49
N GLN B 955 11.34 10.31 27.33
CA GLN B 955 11.87 10.13 25.98
C GLN B 955 11.23 8.98 25.25
N ALA B 956 10.33 8.25 25.88
CA ALA B 956 9.44 7.42 25.10
C ALA B 956 8.23 8.21 24.63
N LEU B 957 7.77 9.16 25.43
CA LEU B 957 6.64 9.97 24.98
C LEU B 957 7.04 10.96 23.89
N ASN B 958 8.23 11.54 23.97
CA ASN B 958 8.67 12.42 22.88
C ASN B 958 8.89 11.65 21.61
N THR B 959 9.42 10.44 21.69
CA THR B 959 9.53 9.70 20.44
C THR B 959 8.21 9.09 20.01
N LEU B 960 7.18 9.11 20.86
CA LEU B 960 5.84 8.83 20.35
C LEU B 960 5.28 10.02 19.59
N VAL B 961 5.46 11.22 20.15
CA VAL B 961 4.89 12.42 19.55
C VAL B 961 5.61 12.77 18.26
N LYS B 962 6.92 12.57 18.21
CA LYS B 962 7.69 12.82 17.00
C LYS B 962 7.34 11.88 15.87
N GLN B 963 6.72 10.74 16.15
CA GLN B 963 6.24 9.89 15.07
C GLN B 963 5.05 10.49 14.33
N LEU B 964 4.38 11.49 14.90
CA LEU B 964 3.25 12.09 14.21
C LEU B 964 3.71 12.89 13.01
N SER B 965 4.84 13.57 13.13
CA SER B 965 5.38 14.36 12.03
C SER B 965 6.28 13.47 11.18
N SER B 966 5.66 12.46 10.58
CA SER B 966 6.35 11.51 9.73
C SER B 966 5.39 11.09 8.64
N ASN B 967 5.94 10.77 7.48
CA ASN B 967 5.10 10.47 6.32
C ASN B 967 4.60 9.04 6.31
N PHE B 968 5.49 8.09 6.62
CA PHE B 968 5.29 6.67 6.42
C PHE B 968 4.94 6.34 4.98
N GLY B 969 5.50 7.08 4.03
CA GLY B 969 5.22 6.85 2.64
C GLY B 969 4.03 7.61 2.09
N ALA B 970 3.40 8.45 2.88
CA ALA B 970 2.35 9.29 2.36
C ALA B 970 2.96 10.54 1.76
N ILE B 971 2.11 11.45 1.30
CA ILE B 971 2.62 12.70 0.75
C ILE B 971 2.85 13.77 1.81
N SER B 972 2.25 13.62 2.99
CA SER B 972 2.47 14.58 4.04
C SER B 972 2.23 13.91 5.37
N SER B 973 2.72 14.54 6.42
CA SER B 973 2.42 14.09 7.77
C SER B 973 1.18 14.75 8.33
N VAL B 974 0.83 15.93 7.84
CA VAL B 974 -0.33 16.63 8.35
C VAL B 974 -1.57 16.04 7.73
N LEU B 975 -2.55 15.71 8.56
CA LEU B 975 -3.74 15.05 8.06
C LEU B 975 -4.66 16.04 7.35
N ASN B 976 -4.68 17.29 7.81
CA ASN B 976 -5.48 18.29 7.12
C ASN B 976 -4.88 18.68 5.78
N ASP B 977 -3.55 18.66 5.67
CA ASP B 977 -2.90 18.90 4.40
C ASP B 977 -3.20 17.75 3.44
N ILE B 978 -3.24 16.52 3.95
CA ILE B 978 -3.41 15.39 3.07
C ILE B 978 -4.88 15.21 2.74
N LEU B 979 -5.76 15.89 3.47
CA LEU B 979 -7.18 15.83 3.18
C LEU B 979 -7.62 16.98 2.28
N SER B 980 -7.14 18.18 2.58
CA SER B 980 -7.69 19.38 1.97
C SER B 980 -7.35 19.46 0.49
N ARG B 981 -6.17 19.02 0.09
CA ARG B 981 -5.80 19.17 -1.31
C ARG B 981 -5.97 17.88 -2.11
N LEU B 982 -6.61 16.87 -1.54
CA LEU B 982 -6.99 15.72 -2.35
C LEU B 982 -8.46 15.40 -2.27
N ASP B 983 -8.82 14.24 -2.80
CA ASP B 983 -10.19 13.78 -3.00
C ASP B 983 -10.43 12.42 -2.36
N PRO B 984 -11.64 12.18 -1.86
CA PRO B 984 -11.94 10.97 -1.06
C PRO B 984 -11.71 9.63 -1.75
N PRO B 985 -11.81 9.50 -3.09
CA PRO B 985 -11.36 8.23 -3.68
C PRO B 985 -9.88 7.94 -3.51
N GLU B 986 -9.02 8.94 -3.51
CA GLU B 986 -7.59 8.66 -3.45
C GLU B 986 -6.99 9.01 -2.10
N ALA B 987 -7.56 9.96 -1.38
CA ALA B 987 -7.04 10.31 -0.05
C ALA B 987 -7.46 9.32 1.03
N GLU B 988 -7.99 8.16 0.66
CA GLU B 988 -8.07 7.03 1.57
C GLU B 988 -7.02 5.99 1.24
N VAL B 989 -6.06 6.32 0.39
CA VAL B 989 -4.88 5.51 0.20
C VAL B 989 -3.70 6.08 0.97
N GLN B 990 -3.53 7.38 0.89
CA GLN B 990 -2.46 8.05 1.63
C GLN B 990 -2.77 8.08 3.12
N ILE B 991 -4.03 8.33 3.49
CA ILE B 991 -4.43 8.30 4.88
C ILE B 991 -4.26 6.91 5.46
N ASP B 992 -4.51 5.88 4.66
CA ASP B 992 -4.39 4.53 5.17
C ASP B 992 -2.96 4.16 5.52
N ARG B 993 -1.98 4.60 4.75
CA ARG B 993 -0.61 4.32 5.17
C ARG B 993 -0.20 5.22 6.30
N LEU B 994 -0.81 6.39 6.43
CA LEU B 994 -0.61 7.18 7.65
C LEU B 994 -1.18 6.48 8.88
N ILE B 995 -2.35 5.83 8.72
CA ILE B 995 -2.95 5.02 9.79
C ILE B 995 -2.01 3.90 10.19
N THR B 996 -1.48 3.20 9.19
CA THR B 996 -0.61 2.06 9.44
C THR B 996 0.64 2.47 10.20
N GLY B 997 1.27 3.56 9.77
CA GLY B 997 2.47 4.02 10.45
C GLY B 997 2.21 4.50 11.86
N ARG B 998 1.14 5.27 12.05
CA ARG B 998 0.88 5.83 13.37
C ARG B 998 0.41 4.76 14.35
N LEU B 999 -0.40 3.83 13.88
CA LEU B 999 -0.85 2.74 14.74
C LEU B 999 0.30 1.81 15.09
N GLN B 1000 1.20 1.54 14.16
CA GLN B 1000 2.31 0.68 14.49
C GLN B 1000 3.30 1.37 15.41
N SER B 1001 3.40 2.69 15.32
CA SER B 1001 4.16 3.46 16.29
C SER B 1001 3.55 3.40 17.68
N LEU B 1002 2.23 3.52 17.76
CA LEU B 1002 1.54 3.43 19.05
C LEU B 1002 1.68 2.04 19.67
N GLN B 1003 1.61 0.99 18.84
CA GLN B 1003 1.79 -0.36 19.34
C GLN B 1003 3.21 -0.56 19.86
N THR B 1004 4.19 0.01 19.18
CA THR B 1004 5.56 -0.05 19.66
C THR B 1004 5.70 0.58 21.03
N TYR B 1005 5.09 1.76 21.20
CA TYR B 1005 5.16 2.46 22.48
C TYR B 1005 4.49 1.65 23.58
N VAL B 1006 3.32 1.07 23.30
CA VAL B 1006 2.58 0.35 24.34
C VAL B 1006 3.31 -0.92 24.73
N THR B 1007 3.92 -1.62 23.78
CA THR B 1007 4.67 -2.82 24.12
C THR B 1007 5.89 -2.49 24.96
N GLN B 1008 6.61 -1.41 24.63
CA GLN B 1008 7.73 -1.01 25.47
C GLN B 1008 7.28 -0.54 26.84
N GLN B 1009 6.11 0.09 26.93
CA GLN B 1009 5.61 0.48 28.24
C GLN B 1009 5.18 -0.71 29.05
N LEU B 1010 4.66 -1.77 28.42
CA LEU B 1010 4.30 -2.97 29.16
C LEU B 1010 5.52 -3.65 29.72
N ILE B 1011 6.59 -3.72 28.93
CA ILE B 1011 7.84 -4.32 29.41
C ILE B 1011 8.47 -3.48 30.51
N ARG B 1012 8.46 -2.16 30.35
CA ARG B 1012 9.02 -1.29 31.37
C ARG B 1012 8.19 -1.30 32.65
N ALA B 1013 6.88 -1.41 32.53
CA ALA B 1013 6.04 -1.50 33.71
C ALA B 1013 6.23 -2.81 34.44
N ALA B 1014 6.49 -3.90 33.71
CA ALA B 1014 6.84 -5.15 34.36
C ALA B 1014 8.16 -5.01 35.11
N GLU B 1015 9.10 -4.29 34.55
CA GLU B 1015 10.37 -4.05 35.22
C GLU B 1015 10.21 -3.22 36.48
N ILE B 1016 9.35 -2.20 36.44
CA ILE B 1016 9.11 -1.37 37.63
C ILE B 1016 8.36 -2.16 38.69
N ARG B 1017 7.41 -2.99 38.28
CA ARG B 1017 6.68 -3.80 39.25
C ARG B 1017 7.58 -4.84 39.88
N ALA B 1018 8.59 -5.29 39.16
CA ALA B 1018 9.56 -6.19 39.79
C ALA B 1018 10.39 -5.49 40.86
N SER B 1019 10.57 -4.18 40.80
CA SER B 1019 11.29 -3.45 41.83
C SER B 1019 10.36 -2.75 42.78
N ALA B 1020 9.06 -2.84 42.60
CA ALA B 1020 8.15 -2.46 43.65
C ALA B 1020 7.79 -3.63 44.52
N ASN B 1021 7.84 -4.85 43.99
CA ASN B 1021 7.78 -6.02 44.84
C ASN B 1021 9.04 -6.18 45.65
N LEU B 1022 10.17 -5.70 45.16
CA LEU B 1022 11.38 -5.73 45.95
C LEU B 1022 11.33 -4.70 47.05
N ALA B 1023 10.78 -3.53 46.77
CA ALA B 1023 10.71 -2.51 47.79
C ALA B 1023 9.67 -2.85 48.84
N ALA B 1024 8.62 -3.56 48.46
CA ALA B 1024 7.66 -4.02 49.45
C ALA B 1024 8.26 -5.07 50.34
N THR B 1025 9.10 -5.93 49.78
CA THR B 1025 9.82 -6.92 50.56
C THR B 1025 10.84 -6.28 51.47
N LYS B 1026 11.53 -5.24 51.01
CA LYS B 1026 12.49 -4.58 51.87
C LYS B 1026 11.82 -3.79 52.96
N MET B 1027 10.64 -3.24 52.69
CA MET B 1027 9.92 -2.58 53.77
C MET B 1027 9.40 -3.59 54.76
N SER B 1028 8.91 -4.71 54.29
CA SER B 1028 8.36 -5.68 55.21
C SER B 1028 9.44 -6.37 56.01
N GLU B 1029 10.61 -6.58 55.44
CA GLU B 1029 11.62 -7.38 56.12
C GLU B 1029 12.72 -6.57 56.75
N CYS B 1030 13.14 -5.45 56.17
CA CYS B 1030 14.16 -4.63 56.76
C CYS B 1030 13.62 -3.57 57.69
N VAL B 1031 12.49 -2.95 57.36
CA VAL B 1031 11.94 -1.91 58.21
C VAL B 1031 11.12 -2.51 59.34
N LEU B 1032 10.22 -3.41 59.00
CA LEU B 1032 9.29 -3.98 59.96
C LEU B 1032 9.88 -5.13 60.74
N GLY B 1033 11.11 -5.50 60.49
CA GLY B 1033 11.76 -6.51 61.27
C GLY B 1033 13.25 -6.35 61.17
N GLN B 1034 13.97 -7.32 61.70
CA GLN B 1034 15.43 -7.35 61.58
C GLN B 1034 15.79 -8.56 60.75
N SER B 1035 16.57 -8.37 59.71
CA SER B 1035 16.74 -9.39 58.70
C SER B 1035 18.08 -10.07 58.84
N LYS B 1036 18.06 -11.40 58.76
CA LYS B 1036 19.28 -12.18 58.78
C LYS B 1036 19.81 -12.46 57.39
N ARG B 1037 19.08 -12.09 56.36
CA ARG B 1037 19.51 -12.32 55.00
C ARG B 1037 20.67 -11.39 54.68
N VAL B 1038 21.78 -11.96 54.23
CA VAL B 1038 23.00 -11.20 54.07
C VAL B 1038 22.88 -10.28 52.89
N ASP B 1039 23.27 -9.01 53.09
CA ASP B 1039 23.31 -7.95 52.09
C ASP B 1039 21.95 -7.62 51.51
N PHE B 1040 20.88 -8.10 52.11
CA PHE B 1040 19.56 -7.73 51.66
C PHE B 1040 19.21 -6.35 52.14
N CYS B 1041 19.62 -6.01 53.35
CA CYS B 1041 19.36 -4.70 53.88
C CYS B 1041 20.68 -4.03 54.20
N GLY B 1042 21.59 -4.00 53.24
CA GLY B 1042 22.80 -3.21 53.35
C GLY B 1042 23.99 -4.05 53.80
N LYS B 1043 25.16 -3.45 53.68
CA LYS B 1043 26.40 -4.12 54.02
C LYS B 1043 26.63 -4.14 55.52
N GLY B 1044 26.94 -5.29 56.05
CA GLY B 1044 27.13 -5.47 57.47
C GLY B 1044 25.96 -6.21 58.09
N TYR B 1045 26.09 -6.46 59.38
CA TYR B 1045 25.00 -7.11 60.09
C TYR B 1045 23.90 -6.10 60.32
N HIS B 1046 22.70 -6.42 59.87
CA HIS B 1046 21.61 -5.47 59.85
C HIS B 1046 21.05 -5.25 61.23
N LEU B 1047 20.97 -3.98 61.65
CA LEU B 1047 20.29 -3.62 62.87
C LEU B 1047 18.86 -3.17 62.61
N MET B 1048 18.67 -2.13 61.82
CA MET B 1048 17.33 -1.62 61.58
C MET B 1048 17.39 -0.78 60.33
N SER B 1049 16.24 -0.38 59.82
CA SER B 1049 16.29 0.46 58.63
C SER B 1049 15.06 1.35 58.61
N PHE B 1050 15.18 2.44 57.88
CA PHE B 1050 14.19 3.50 57.90
C PHE B 1050 13.76 3.82 56.49
N PRO B 1051 12.47 3.89 56.21
CA PRO B 1051 12.03 4.36 54.90
C PRO B 1051 12.02 5.87 54.83
N GLN B 1052 12.25 6.37 53.63
CA GLN B 1052 12.03 7.75 53.27
C GLN B 1052 11.37 7.75 51.92
N SER B 1053 10.43 8.63 51.71
CA SER B 1053 9.70 8.68 50.46
C SER B 1053 10.47 9.57 49.49
N ALA B 1054 10.71 9.09 48.37
CA ALA B 1054 11.30 9.82 47.27
C ALA B 1054 10.30 9.86 46.13
N PRO B 1055 10.42 10.77 45.17
CA PRO B 1055 9.40 10.85 44.12
C PRO B 1055 9.44 9.67 43.18
N HIS B 1056 8.30 8.95 43.12
CA HIS B 1056 8.15 7.69 42.39
C HIS B 1056 9.15 6.65 42.85
N GLY B 1057 9.38 6.59 44.15
CA GLY B 1057 10.32 5.62 44.64
C GLY B 1057 10.36 5.64 46.14
N VAL B 1058 11.38 4.98 46.68
CA VAL B 1058 11.56 4.91 48.12
C VAL B 1058 13.04 4.78 48.37
N VAL B 1059 13.48 5.27 49.51
CA VAL B 1059 14.88 5.27 49.91
C VAL B 1059 14.96 4.64 51.28
N PHE B 1060 15.70 3.55 51.39
CA PHE B 1060 15.87 2.90 52.67
C PHE B 1060 17.19 3.35 53.23
N LEU B 1061 17.21 3.67 54.51
CA LEU B 1061 18.43 3.97 55.23
C LEU B 1061 18.67 2.75 56.08
N HIS B 1062 19.65 1.95 55.70
CA HIS B 1062 19.95 0.70 56.38
C HIS B 1062 21.00 0.97 57.43
N VAL B 1063 20.63 0.87 58.69
CA VAL B 1063 21.55 0.97 59.81
C VAL B 1063 22.08 -0.42 60.10
N THR B 1064 23.37 -0.62 59.88
CA THR B 1064 24.02 -1.89 60.04
C THR B 1064 25.19 -1.76 60.99
N TYR B 1065 25.62 -2.90 61.50
CA TYR B 1065 26.72 -3.00 62.44
C TYR B 1065 27.92 -3.54 61.68
N VAL B 1066 28.99 -2.78 61.60
CA VAL B 1066 30.21 -3.21 60.95
C VAL B 1066 31.27 -3.42 62.02
N PRO B 1067 31.87 -4.60 62.12
CA PRO B 1067 32.98 -4.79 63.05
C PRO B 1067 34.18 -4.00 62.59
N ALA B 1068 34.96 -3.46 63.52
CA ALA B 1068 35.87 -2.41 63.09
C ALA B 1068 37.34 -2.76 63.19
N GLN B 1069 37.87 -3.02 64.36
CA GLN B 1069 39.32 -3.15 64.47
C GLN B 1069 39.59 -4.45 65.19
N GLU B 1070 40.35 -5.32 64.55
CA GLU B 1070 40.36 -6.71 64.94
C GLU B 1070 41.73 -7.10 65.44
N LYS B 1071 41.75 -8.03 66.36
CA LYS B 1071 42.98 -8.52 66.93
C LYS B 1071 43.17 -9.97 66.54
N ASN B 1072 44.40 -10.29 66.20
CA ASN B 1072 44.89 -11.63 65.93
C ASN B 1072 44.97 -12.39 67.23
N PHE B 1073 44.45 -13.61 67.27
CA PHE B 1073 44.43 -14.40 68.49
C PHE B 1073 44.84 -15.83 68.20
N THR B 1074 44.66 -16.70 69.19
CA THR B 1074 45.02 -18.09 69.05
C THR B 1074 43.93 -18.94 69.65
N THR B 1075 43.40 -19.88 68.88
CA THR B 1075 42.25 -20.66 69.30
C THR B 1075 42.61 -22.08 69.62
N ALA B 1076 41.58 -22.79 70.07
CA ALA B 1076 41.59 -24.17 70.30
C ALA B 1076 40.14 -24.56 70.08
N PRO B 1077 39.88 -25.70 69.46
CA PRO B 1077 38.49 -26.16 69.33
C PRO B 1077 37.86 -26.44 70.67
N ALA B 1078 38.56 -27.11 71.55
CA ALA B 1078 38.08 -27.39 72.88
C ALA B 1078 39.25 -27.34 73.83
N ILE B 1079 38.94 -27.24 75.10
CA ILE B 1079 39.93 -27.17 76.15
C ILE B 1079 39.65 -28.31 77.09
N CYS B 1080 40.59 -29.22 77.26
CA CYS B 1080 40.23 -30.36 78.08
C CYS B 1080 40.87 -30.26 79.45
N HIS B 1081 40.04 -30.43 80.45
CA HIS B 1081 40.40 -30.34 81.84
C HIS B 1081 39.79 -31.53 82.53
N ASP B 1082 40.55 -32.14 83.44
CA ASP B 1082 40.21 -33.40 84.11
C ASP B 1082 39.95 -34.52 83.12
N GLY B 1083 40.65 -34.51 81.99
CA GLY B 1083 40.48 -35.55 81.01
C GLY B 1083 39.16 -35.56 80.30
N LYS B 1084 38.46 -34.43 80.30
CA LYS B 1084 37.16 -34.28 79.65
C LYS B 1084 37.22 -33.04 78.78
N ALA B 1085 36.74 -33.11 77.56
CA ALA B 1085 36.85 -31.99 76.64
C ALA B 1085 35.72 -31.01 76.87
N HIS B 1086 36.06 -29.73 76.98
CA HIS B 1086 35.08 -28.68 77.20
C HIS B 1086 34.99 -27.80 75.98
N PHE B 1087 33.81 -27.63 75.48
CA PHE B 1087 33.50 -26.79 74.35
C PHE B 1087 32.78 -25.54 74.83
N PRO B 1088 32.93 -24.40 74.16
CA PRO B 1088 32.26 -23.20 74.64
C PRO B 1088 30.79 -23.26 74.35
N ARG B 1089 30.01 -22.64 75.23
CA ARG B 1089 28.56 -22.63 75.05
C ARG B 1089 28.17 -21.80 73.85
N GLU B 1090 28.48 -20.52 73.87
CA GLU B 1090 28.46 -19.70 72.67
C GLU B 1090 29.76 -18.90 72.71
N GLY B 1091 30.49 -18.94 71.64
CA GLY B 1091 31.70 -18.17 71.58
C GLY B 1091 32.87 -19.04 71.22
N VAL B 1092 34.06 -18.51 71.43
CA VAL B 1092 35.30 -19.15 71.07
C VAL B 1092 36.26 -19.09 72.23
N PHE B 1093 37.24 -19.96 72.19
CA PHE B 1093 38.34 -19.97 73.13
C PHE B 1093 39.47 -19.20 72.47
N VAL B 1094 39.93 -18.15 73.10
CA VAL B 1094 41.08 -17.43 72.57
C VAL B 1094 42.12 -17.31 73.65
N SER B 1095 43.35 -17.05 73.25
CA SER B 1095 44.42 -16.80 74.19
C SER B 1095 45.13 -15.53 73.80
N ASN B 1096 45.49 -14.73 74.79
CA ASN B 1096 46.22 -13.53 74.47
C ASN B 1096 47.72 -13.81 74.40
N GLY B 1097 48.10 -15.07 74.59
CA GLY B 1097 49.47 -15.47 74.46
C GLY B 1097 49.81 -16.43 75.58
N THR B 1098 49.23 -16.20 76.74
CA THR B 1098 49.50 -17.06 77.88
C THR B 1098 48.26 -17.61 78.55
N HIS B 1099 47.20 -16.83 78.66
CA HIS B 1099 46.00 -17.23 79.36
C HIS B 1099 44.89 -17.46 78.35
N TRP B 1100 44.05 -18.44 78.61
CA TRP B 1100 42.93 -18.73 77.73
C TRP B 1100 41.64 -18.14 78.25
N PHE B 1101 40.79 -17.71 77.33
CA PHE B 1101 39.57 -17.00 77.66
C PHE B 1101 38.44 -17.50 76.78
N VAL B 1102 37.22 -17.06 77.09
CA VAL B 1102 36.07 -17.24 76.22
C VAL B 1102 35.57 -15.87 75.84
N THR B 1103 35.45 -15.59 74.55
CA THR B 1103 34.79 -14.39 74.11
C THR B 1103 33.55 -14.74 73.33
N GLN B 1104 32.63 -13.80 73.23
CA GLN B 1104 31.63 -13.91 72.20
C GLN B 1104 32.27 -13.64 70.86
N ARG B 1105 31.65 -14.14 69.81
CA ARG B 1105 32.34 -14.30 68.54
C ARG B 1105 32.53 -13.00 67.80
N ASN B 1106 31.63 -12.03 67.96
CA ASN B 1106 31.67 -10.82 67.16
C ASN B 1106 32.22 -9.62 67.88
N PHE B 1107 32.72 -9.78 69.08
CA PHE B 1107 33.19 -8.65 69.86
C PHE B 1107 34.13 -9.21 70.92
N TYR B 1108 35.29 -8.60 71.08
CA TYR B 1108 36.27 -9.14 72.01
C TYR B 1108 35.86 -8.79 73.42
N GLU B 1109 35.41 -9.79 74.16
CA GLU B 1109 35.01 -9.64 75.56
C GLU B 1109 35.44 -10.89 76.30
N PRO B 1110 36.68 -10.94 76.77
CA PRO B 1110 37.26 -12.20 77.24
C PRO B 1110 36.84 -12.51 78.67
N GLN B 1111 36.06 -13.57 78.83
CA GLN B 1111 35.67 -14.08 80.13
C GLN B 1111 36.63 -15.18 80.51
N ILE B 1112 36.68 -15.52 81.79
CA ILE B 1112 37.47 -16.68 82.18
C ILE B 1112 36.64 -17.93 81.99
N ILE B 1113 37.32 -19.06 81.81
CA ILE B 1113 36.68 -20.27 81.35
C ILE B 1113 36.12 -20.99 82.56
N THR B 1114 34.83 -20.90 82.78
CA THR B 1114 34.21 -21.61 83.88
C THR B 1114 33.35 -22.74 83.36
N THR B 1115 32.60 -23.35 84.25
CA THR B 1115 31.70 -24.41 83.84
C THR B 1115 30.39 -23.86 83.30
N ASP B 1116 30.01 -22.66 83.66
CA ASP B 1116 28.75 -22.14 83.15
C ASP B 1116 28.89 -21.33 81.88
N ASN B 1117 30.08 -21.27 81.29
CA ASN B 1117 30.19 -20.83 79.91
C ASN B 1117 30.85 -21.88 79.02
N THR B 1118 30.91 -23.12 79.48
CA THR B 1118 31.36 -24.24 78.67
C THR B 1118 30.38 -25.38 78.84
N PHE B 1119 30.47 -26.36 77.95
CA PHE B 1119 29.80 -27.62 78.17
C PHE B 1119 30.79 -28.72 77.85
N VAL B 1120 30.54 -29.90 78.37
CA VAL B 1120 31.49 -30.99 78.31
C VAL B 1120 30.90 -32.14 77.51
N SER B 1121 31.73 -32.76 76.69
CA SER B 1121 31.34 -33.98 75.98
C SER B 1121 32.56 -34.76 75.57
N GLY B 1122 32.71 -35.96 76.09
CA GLY B 1122 33.79 -36.80 75.68
C GLY B 1122 35.03 -36.60 76.52
N ASN B 1123 36.14 -37.05 75.97
CA ASN B 1123 37.44 -36.93 76.62
C ASN B 1123 38.44 -36.31 75.65
N CYS B 1124 39.70 -36.26 76.05
CA CYS B 1124 40.71 -35.48 75.35
C CYS B 1124 41.20 -36.14 74.07
N ASP B 1125 40.56 -37.18 73.53
CA ASP B 1125 41.22 -37.95 72.50
C ASP B 1125 40.64 -37.79 71.11
N VAL B 1126 39.35 -37.54 70.98
CA VAL B 1126 38.73 -37.52 69.67
C VAL B 1126 38.92 -36.19 68.96
N VAL B 1127 38.98 -35.08 69.67
CA VAL B 1127 39.08 -33.77 69.08
C VAL B 1127 40.53 -33.47 68.78
N ILE B 1128 40.83 -33.10 67.55
CA ILE B 1128 42.19 -32.81 67.15
C ILE B 1128 42.40 -31.30 67.25
N GLY B 1129 43.35 -30.91 68.07
CA GLY B 1129 43.65 -29.50 68.23
C GLY B 1129 43.37 -28.94 69.59
N ILE B 1130 42.95 -29.77 70.55
CA ILE B 1130 42.62 -29.26 71.86
C ILE B 1130 43.88 -28.86 72.60
N VAL B 1131 43.71 -27.98 73.59
CA VAL B 1131 44.78 -27.62 74.48
C VAL B 1131 44.33 -27.97 75.88
N ASN B 1132 45.29 -28.00 76.80
CA ASN B 1132 45.07 -28.32 78.21
C ASN B 1132 45.04 -27.08 79.05
N ASN B 1133 43.89 -26.68 79.63
CA ASN B 1133 43.83 -25.52 80.49
C ASN B 1133 42.93 -25.85 81.67
N THR B 1134 42.53 -24.84 82.41
CA THR B 1134 41.80 -25.02 83.65
C THR B 1134 40.41 -24.44 83.47
N VAL B 1135 39.41 -25.23 83.79
CA VAL B 1135 38.04 -24.76 83.82
C VAL B 1135 37.69 -24.45 85.27
N TYR B 1136 37.12 -23.27 85.50
CA TYR B 1136 37.18 -22.67 86.83
C TYR B 1136 36.25 -23.34 87.85
N ASP B 1137 35.01 -23.68 87.46
CA ASP B 1137 33.99 -24.28 88.32
C ASP B 1137 33.69 -23.46 89.58
N PRO B 1138 32.85 -22.45 89.48
CA PRO B 1138 32.76 -21.44 90.55
C PRO B 1138 32.03 -21.87 91.81
N LEU B 1139 31.70 -23.16 91.94
CA LEU B 1139 31.09 -23.64 93.18
C LEU B 1139 32.13 -24.12 94.18
N GLN B 1140 33.32 -24.49 93.71
CA GLN B 1140 34.37 -24.95 94.62
C GLN B 1140 34.83 -23.92 95.67
N PRO B 1141 35.02 -22.62 95.39
CA PRO B 1141 35.26 -21.70 96.49
C PRO B 1141 34.05 -21.45 97.38
N GLU B 1142 32.85 -21.79 96.94
CA GLU B 1142 31.68 -21.52 97.77
C GLU B 1142 31.60 -22.46 98.95
N LEU B 1143 32.01 -23.71 98.76
CA LEU B 1143 32.04 -24.63 99.88
C LEU B 1143 33.21 -24.33 100.81
N ASP B 1144 34.36 -24.00 100.24
CA ASP B 1144 35.57 -23.85 101.01
C ASP B 1144 35.87 -22.39 101.31
N MET C 2 -11.96 36.05 -60.37
CA MET C 2 -11.02 36.73 -61.25
C MET C 2 -11.74 37.56 -62.31
N GLN C 3 -12.92 38.06 -61.98
CA GLN C 3 -13.70 38.88 -62.89
C GLN C 3 -14.27 40.09 -62.13
N LEU C 4 -14.25 41.24 -62.77
CA LEU C 4 -14.83 42.47 -62.26
C LEU C 4 -16.11 42.78 -63.01
N VAL C 5 -17.23 42.37 -62.44
CA VAL C 5 -18.54 42.70 -63.01
C VAL C 5 -18.85 44.16 -62.69
N GLN C 6 -19.08 44.94 -63.73
CA GLN C 6 -19.40 46.35 -63.60
C GLN C 6 -20.89 46.56 -63.82
N SER C 7 -21.38 47.72 -63.38
CA SER C 7 -22.80 48.02 -63.52
C SER C 7 -23.12 48.38 -64.97
N GLY C 8 -24.42 48.44 -65.27
CA GLY C 8 -24.88 48.71 -66.61
C GLY C 8 -24.80 50.19 -66.95
N PRO C 9 -25.24 50.55 -68.16
CA PRO C 9 -25.20 51.95 -68.57
C PRO C 9 -26.21 52.80 -67.81
N GLU C 10 -25.90 54.09 -67.69
CA GLU C 10 -26.81 55.06 -67.10
C GLU C 10 -26.92 56.25 -68.05
N VAL C 11 -28.11 56.44 -68.62
CA VAL C 11 -28.37 57.61 -69.45
C VAL C 11 -28.71 58.78 -68.53
N LYS C 12 -27.91 59.83 -68.57
CA LYS C 12 -28.05 60.92 -67.63
C LYS C 12 -28.24 62.27 -68.31
N LYS C 13 -28.15 63.34 -67.53
CA LYS C 13 -28.43 64.71 -67.93
C LYS C 13 -27.26 65.58 -67.50
N PRO C 14 -26.97 66.68 -68.25
CA PRO C 14 -25.82 67.54 -67.90
C PRO C 14 -25.88 68.28 -66.56
N GLY C 15 -26.92 68.09 -65.75
CA GLY C 15 -26.92 68.66 -64.42
C GLY C 15 -26.81 67.63 -63.33
N THR C 16 -26.93 66.35 -63.68
CA THR C 16 -27.00 65.28 -62.71
C THR C 16 -25.59 64.81 -62.33
N SER C 17 -25.52 63.69 -61.61
CA SER C 17 -24.27 63.03 -61.29
C SER C 17 -24.44 61.54 -61.47
N VAL C 18 -23.35 60.86 -61.80
CA VAL C 18 -23.39 59.43 -62.08
C VAL C 18 -23.00 58.67 -60.82
N LYS C 19 -23.30 57.38 -60.78
CA LYS C 19 -22.85 56.49 -59.70
C LYS C 19 -22.49 55.15 -60.34
N VAL C 20 -21.21 54.94 -60.61
CA VAL C 20 -20.74 53.73 -61.28
C VAL C 20 -20.15 52.80 -60.24
N SER C 21 -20.69 51.60 -60.15
CA SER C 21 -20.17 50.57 -59.26
C SER C 21 -19.38 49.53 -60.04
N CYS C 22 -18.57 48.77 -59.33
CA CYS C 22 -17.77 47.72 -59.96
C CYS C 22 -17.50 46.63 -58.94
N LYS C 23 -18.27 45.55 -59.02
CA LYS C 23 -18.14 44.43 -58.08
C LYS C 23 -17.09 43.46 -58.59
N ALA C 24 -16.36 42.86 -57.65
CA ALA C 24 -15.30 41.90 -57.95
C ALA C 24 -15.82 40.49 -57.65
N SER C 25 -15.98 39.69 -58.70
CA SER C 25 -16.51 38.35 -58.56
C SER C 25 -15.39 37.30 -58.61
N GLY C 26 -15.60 36.22 -57.88
CA GLY C 26 -14.66 35.12 -57.83
C GLY C 26 -13.61 35.21 -56.73
N PHE C 27 -13.53 36.33 -56.02
CA PHE C 27 -12.50 36.57 -55.04
C PHE C 27 -12.92 37.76 -54.18
N THR C 28 -12.10 38.05 -53.18
CA THR C 28 -12.32 39.19 -52.29
C THR C 28 -11.18 40.18 -52.44
N PHE C 29 -11.45 41.42 -52.03
CA PHE C 29 -10.47 42.49 -52.18
C PHE C 29 -9.39 42.36 -51.13
N THR C 30 -8.17 42.10 -51.58
CA THR C 30 -6.98 42.33 -50.78
C THR C 30 -6.45 43.72 -51.10
N ASN C 31 -5.20 44.01 -50.76
CA ASN C 31 -4.55 45.28 -51.05
C ASN C 31 -4.24 45.40 -52.55
N SER C 32 -5.30 45.65 -53.33
CA SER C 32 -5.32 45.31 -54.74
C SER C 32 -5.20 46.49 -55.69
N ALA C 33 -5.51 47.71 -55.26
CA ALA C 33 -5.23 48.97 -55.99
C ALA C 33 -5.94 49.02 -57.35
N MET C 34 -7.27 49.11 -57.30
CA MET C 34 -8.06 49.35 -58.51
C MET C 34 -7.76 50.74 -59.09
N GLN C 35 -7.77 50.85 -60.41
CA GLN C 35 -7.79 52.13 -61.10
C GLN C 35 -9.02 52.23 -61.98
N TRP C 36 -9.31 53.44 -62.45
CA TRP C 36 -10.53 53.73 -63.21
C TRP C 36 -10.17 54.48 -64.48
N VAL C 37 -10.63 53.97 -65.62
CA VAL C 37 -10.23 54.47 -66.93
C VAL C 37 -11.46 54.87 -67.72
N ARG C 38 -11.49 56.12 -68.17
CA ARG C 38 -12.61 56.72 -68.89
C ARG C 38 -12.27 56.84 -70.36
N GLN C 39 -13.06 56.21 -71.23
CA GLN C 39 -12.80 56.21 -72.66
C GLN C 39 -13.95 56.88 -73.40
N ALA C 40 -13.76 58.13 -73.80
CA ALA C 40 -14.64 58.74 -74.78
C ALA C 40 -14.46 58.00 -76.10
N ARG C 41 -15.56 57.70 -76.78
CA ARG C 41 -15.51 56.85 -77.96
C ARG C 41 -14.86 57.59 -79.12
N GLY C 42 -13.89 56.92 -79.76
CA GLY C 42 -13.08 57.55 -80.78
C GLY C 42 -11.87 58.28 -80.26
N GLN C 43 -11.65 58.28 -78.96
CA GLN C 43 -10.48 58.89 -78.34
C GLN C 43 -9.66 57.83 -77.61
N ARG C 44 -8.53 58.26 -77.06
CA ARG C 44 -7.67 57.39 -76.28
C ARG C 44 -8.29 57.09 -74.92
N LEU C 45 -7.73 56.11 -74.23
CA LEU C 45 -8.07 55.88 -72.84
C LEU C 45 -7.52 57.01 -71.99
N GLU C 46 -8.19 57.29 -70.88
CA GLU C 46 -7.76 58.34 -69.96
C GLU C 46 -7.56 57.72 -68.58
N TRP C 47 -7.30 58.58 -67.60
CA TRP C 47 -7.13 58.16 -66.22
C TRP C 47 -8.04 59.00 -65.35
N VAL C 48 -8.87 58.34 -64.54
CA VAL C 48 -9.75 59.04 -63.63
C VAL C 48 -9.10 59.10 -62.25
N GLY C 49 -8.92 57.93 -61.65
CA GLY C 49 -8.36 57.87 -60.32
C GLY C 49 -8.20 56.42 -59.92
N TRP C 50 -7.59 56.24 -58.75
CA TRP C 50 -7.32 54.90 -58.26
C TRP C 50 -7.58 54.83 -56.77
N ILE C 51 -8.04 53.67 -56.32
CA ILE C 51 -8.28 53.39 -54.90
C ILE C 51 -7.33 52.28 -54.48
N VAL C 52 -6.56 52.51 -53.42
CA VAL C 52 -6.07 51.36 -52.69
C VAL C 52 -7.26 50.81 -51.91
N VAL C 53 -7.74 49.62 -52.29
CA VAL C 53 -9.05 49.14 -51.85
C VAL C 53 -9.05 48.83 -50.35
N ALA C 54 -7.94 48.28 -49.85
CA ALA C 54 -7.84 47.99 -48.42
C ALA C 54 -7.79 49.25 -47.59
N SER C 55 -7.12 50.29 -48.08
CA SER C 55 -6.98 51.53 -47.31
C SER C 55 -8.08 52.53 -47.61
N GLY C 56 -8.59 52.56 -48.84
CA GLY C 56 -9.53 53.60 -49.21
C GLY C 56 -8.90 54.92 -49.56
N ASN C 57 -7.57 54.98 -49.69
CA ASN C 57 -6.89 56.20 -50.09
C ASN C 57 -7.09 56.41 -51.59
N ALA C 58 -8.16 57.11 -51.95
CA ALA C 58 -8.39 57.46 -53.33
C ALA C 58 -7.48 58.61 -53.74
N ASN C 59 -7.24 58.72 -55.05
CA ASN C 59 -6.46 59.81 -55.60
C ASN C 59 -6.85 60.00 -57.04
N SER C 60 -7.48 61.12 -57.35
CA SER C 60 -8.01 61.39 -58.67
C SER C 60 -7.07 62.26 -59.49
N ALA C 61 -7.31 62.29 -60.80
CA ALA C 61 -6.46 63.03 -61.72
C ALA C 61 -6.73 64.54 -61.61
N ARG C 62 -5.89 65.33 -62.29
CA ARG C 62 -5.87 66.77 -62.07
C ARG C 62 -7.09 67.46 -62.68
N ARG C 63 -7.52 67.02 -63.85
CA ARG C 63 -8.74 67.58 -64.42
C ARG C 63 -9.99 67.07 -63.72
N PHE C 64 -9.86 66.02 -62.90
CA PHE C 64 -10.95 65.44 -62.12
C PHE C 64 -10.72 65.65 -60.63
N HIS C 65 -9.99 66.70 -60.26
CA HIS C 65 -9.44 66.85 -58.91
C HIS C 65 -10.48 67.13 -57.85
N ASP C 66 -11.63 67.69 -58.21
CA ASP C 66 -12.55 68.21 -57.23
C ASP C 66 -13.98 67.70 -57.33
N ARG C 67 -14.27 66.80 -58.28
CA ARG C 67 -15.64 66.45 -58.59
C ARG C 67 -15.81 64.97 -58.94
N VAL C 68 -14.89 64.12 -58.50
CA VAL C 68 -15.11 62.69 -58.46
C VAL C 68 -14.58 62.16 -57.13
N THR C 69 -15.40 61.36 -56.46
CA THR C 69 -14.98 60.66 -55.24
C THR C 69 -15.05 59.18 -55.54
N ILE C 70 -13.94 58.49 -55.33
CA ILE C 70 -13.82 57.12 -55.81
C ILE C 70 -13.73 56.26 -54.57
N THR C 71 -14.84 55.71 -54.12
CA THR C 71 -14.91 55.03 -52.84
C THR C 71 -14.94 53.51 -53.03
N SER C 72 -14.54 52.79 -51.99
CA SER C 72 -14.50 51.34 -52.03
C SER C 72 -15.08 50.78 -50.75
N ASP C 73 -15.58 49.55 -50.85
CA ASP C 73 -16.15 48.86 -49.71
C ASP C 73 -15.67 47.42 -49.70
N MET C 74 -14.91 47.06 -48.67
CA MET C 74 -14.38 45.71 -48.56
C MET C 74 -15.40 44.69 -48.08
N SER C 75 -16.47 45.15 -47.41
CA SER C 75 -17.46 44.23 -46.87
C SER C 75 -18.27 43.57 -47.98
N THR C 76 -18.67 44.35 -48.99
CA THR C 76 -19.41 43.80 -50.12
C THR C 76 -18.51 43.35 -51.26
N SER C 77 -17.19 43.57 -51.14
CA SER C 77 -16.20 43.41 -52.20
C SER C 77 -16.62 44.17 -53.46
N THR C 78 -16.73 45.49 -53.29
CA THR C 78 -17.08 46.40 -54.36
C THR C 78 -16.16 47.60 -54.31
N ALA C 79 -16.24 48.43 -55.36
CA ALA C 79 -15.52 49.69 -55.40
C ALA C 79 -16.31 50.63 -56.32
N TYR C 80 -16.63 51.81 -55.82
CA TYR C 80 -17.63 52.64 -56.46
C TYR C 80 -16.95 53.78 -57.22
N LEU C 81 -17.77 54.62 -57.86
CA LEU C 81 -17.30 55.88 -58.43
C LEU C 81 -18.53 56.76 -58.63
N GLU C 82 -18.43 58.03 -58.24
CA GLU C 82 -19.45 59.00 -58.58
C GLU C 82 -18.77 60.25 -59.10
N LEU C 83 -19.18 60.71 -60.27
CA LEU C 83 -18.57 61.87 -60.93
C LEU C 83 -19.60 63.00 -60.92
N SER C 84 -19.17 64.19 -60.52
CA SER C 84 -20.09 65.29 -60.33
C SER C 84 -20.24 66.12 -61.60
N SER C 85 -21.46 66.64 -61.79
CA SER C 85 -21.89 67.68 -62.72
C SER C 85 -21.98 67.26 -64.18
N LEU C 86 -21.43 66.08 -64.50
CA LEU C 86 -21.70 65.26 -65.72
C LEU C 86 -21.88 66.05 -67.01
N ARG C 87 -20.83 66.77 -67.40
CA ARG C 87 -20.90 67.71 -68.52
C ARG C 87 -21.07 66.96 -69.84
N SER C 88 -21.26 67.74 -70.91
CA SER C 88 -21.48 67.14 -72.23
C SER C 88 -20.22 66.46 -72.74
N GLU C 89 -19.04 66.85 -72.25
CA GLU C 89 -17.80 66.16 -72.60
C GLU C 89 -17.45 65.07 -71.57
N ASP C 90 -18.45 64.26 -71.21
CA ASP C 90 -18.27 63.14 -70.30
C ASP C 90 -18.93 61.87 -70.80
N THR C 91 -19.47 61.87 -72.02
CA THR C 91 -20.10 60.68 -72.59
C THR C 91 -19.00 59.70 -72.99
N ALA C 92 -18.91 58.59 -72.28
CA ALA C 92 -17.72 57.75 -72.38
C ALA C 92 -18.06 56.33 -71.95
N VAL C 93 -17.03 55.51 -71.85
CA VAL C 93 -17.11 54.16 -71.29
C VAL C 93 -16.09 54.09 -70.17
N TYR C 94 -16.52 53.63 -68.99
CA TYR C 94 -15.72 53.72 -67.78
C TYR C 94 -15.28 52.33 -67.36
N TYR C 95 -13.98 52.15 -67.18
CA TYR C 95 -13.39 50.82 -67.05
C TYR C 95 -12.75 50.72 -65.68
N CYS C 96 -13.12 49.69 -64.91
CA CYS C 96 -12.51 49.46 -63.60
C CYS C 96 -11.45 48.37 -63.75
N ALA C 97 -10.19 48.75 -63.58
CA ALA C 97 -9.05 47.88 -63.83
C ALA C 97 -8.42 47.50 -62.50
N LEU C 98 -8.17 46.23 -62.30
CA LEU C 98 -7.65 45.75 -61.03
C LEU C 98 -6.31 45.06 -61.20
N ASN C 99 -5.44 45.27 -60.22
CA ASN C 99 -4.15 44.59 -60.13
C ASN C 99 -4.38 43.30 -59.35
N HIS C 100 -3.97 42.17 -59.94
CA HIS C 100 -4.14 40.87 -59.29
C HIS C 100 -3.09 40.70 -58.19
N CYS C 101 -3.55 40.32 -57.01
CA CYS C 101 -2.65 40.05 -55.89
C CYS C 101 -2.52 38.55 -55.65
N SER C 102 -1.31 38.06 -55.77
CA SER C 102 -1.07 36.65 -55.53
C SER C 102 -0.61 36.58 -54.11
N ASN C 103 -1.54 36.70 -53.17
CA ASN C 103 -1.30 36.66 -51.70
C ASN C 103 0.08 37.02 -51.17
N THR C 104 1.03 36.11 -51.37
CA THR C 104 2.42 36.29 -51.02
C THR C 104 2.91 37.65 -51.43
N THR C 105 2.32 38.17 -52.49
CA THR C 105 2.65 39.49 -53.01
C THR C 105 1.49 40.06 -53.81
N CYS C 106 1.76 41.06 -54.64
CA CYS C 106 0.80 41.49 -55.65
C CYS C 106 1.57 41.66 -56.96
N LEU C 107 0.84 41.83 -58.06
CA LEU C 107 1.45 41.99 -59.37
C LEU C 107 1.66 43.48 -59.60
N ASP C 108 2.37 43.82 -60.68
CA ASP C 108 2.59 45.22 -61.04
C ASP C 108 1.77 45.64 -62.25
N GLY C 109 0.72 44.90 -62.58
CA GLY C 109 -0.03 45.23 -63.78
C GLY C 109 -1.54 45.08 -63.65
N PHE C 110 -2.26 46.06 -64.17
CA PHE C 110 -3.72 46.10 -64.11
C PHE C 110 -4.28 45.13 -65.13
N ASP C 111 -4.33 43.85 -64.74
CA ASP C 111 -4.62 42.80 -65.70
C ASP C 111 -6.11 42.49 -65.80
N ILE C 112 -6.79 42.28 -64.69
CA ILE C 112 -8.23 41.98 -64.74
C ILE C 112 -8.97 43.31 -64.79
N TRP C 113 -9.76 43.50 -65.84
CA TRP C 113 -10.49 44.72 -66.07
C TRP C 113 -11.98 44.48 -65.85
N GLY C 114 -12.80 45.47 -66.15
CA GLY C 114 -14.25 45.34 -66.06
C GLY C 114 -14.85 44.96 -67.40
N GLN C 115 -16.00 45.55 -67.70
CA GLN C 115 -16.57 45.44 -69.04
C GLN C 115 -17.05 46.76 -69.62
N GLY C 116 -17.16 47.81 -68.82
CA GLY C 116 -17.58 49.09 -69.36
C GLY C 116 -18.90 49.59 -68.82
N THR C 117 -19.10 50.90 -68.92
CA THR C 117 -20.32 51.53 -68.40
C THR C 117 -20.58 52.75 -69.28
N MET C 118 -21.53 52.63 -70.20
CA MET C 118 -21.83 53.68 -71.16
C MET C 118 -22.55 54.82 -70.44
N VAL C 119 -21.76 55.67 -69.78
CA VAL C 119 -22.30 56.82 -69.08
C VAL C 119 -22.66 57.86 -70.13
N SER C 120 -23.96 57.95 -70.43
CA SER C 120 -24.44 58.81 -71.50
C SER C 120 -24.91 60.13 -70.92
N VAL C 121 -24.44 61.24 -71.50
CA VAL C 121 -24.86 62.57 -71.11
C VAL C 121 -25.82 63.07 -72.18
N SER C 122 -27.12 63.02 -71.89
CA SER C 122 -28.13 63.42 -72.86
C SER C 122 -28.80 64.74 -72.45
N ILE D 2 4.21 64.83 -66.31
CA ILE D 2 4.79 63.76 -67.10
C ILE D 2 3.80 63.24 -68.15
N VAL D 3 4.20 63.38 -69.42
CA VAL D 3 3.38 62.96 -70.56
C VAL D 3 4.14 61.92 -71.35
N LEU D 4 3.41 61.01 -71.97
CA LEU D 4 3.99 59.90 -72.74
C LEU D 4 3.55 60.01 -74.19
N THR D 5 4.52 60.13 -75.07
CA THR D 5 4.30 60.15 -76.51
C THR D 5 4.67 58.79 -77.10
N GLN D 6 3.80 58.28 -77.96
CA GLN D 6 4.08 56.98 -78.56
C GLN D 6 4.50 57.24 -80.00
N SER D 7 4.90 56.21 -80.74
CA SER D 7 5.56 56.31 -82.02
C SER D 7 4.75 55.47 -83.01
N PRO D 8 5.12 55.39 -84.34
CA PRO D 8 4.19 55.79 -85.42
C PRO D 8 2.70 55.51 -85.23
N VAL D 9 1.89 56.53 -85.51
CA VAL D 9 0.46 56.55 -85.21
C VAL D 9 -0.33 55.50 -85.97
N THR D 10 0.24 54.98 -87.06
CA THR D 10 -0.29 53.78 -87.71
C THR D 10 0.89 52.94 -88.21
N LEU D 11 0.76 51.62 -88.06
CA LEU D 11 1.72 50.67 -88.61
C LEU D 11 1.08 50.02 -89.83
N SER D 12 1.02 50.77 -90.93
CA SER D 12 0.35 50.32 -92.15
C SER D 12 1.33 49.47 -92.95
N LEU D 13 1.37 48.18 -92.64
CA LEU D 13 2.23 47.25 -93.35
C LEU D 13 1.64 45.85 -93.25
N SER D 14 2.26 44.91 -93.95
CA SER D 14 1.64 43.63 -94.29
C SER D 14 1.44 42.76 -93.05
N PRO D 15 0.47 41.84 -93.09
CA PRO D 15 0.36 40.85 -92.01
C PRO D 15 1.49 39.83 -92.07
N GLY D 16 1.66 39.10 -90.98
CA GLY D 16 2.55 37.96 -90.94
C GLY D 16 4.04 38.26 -91.08
N GLU D 17 4.54 39.21 -90.29
CA GLU D 17 5.93 39.68 -90.40
C GLU D 17 6.32 40.33 -89.07
N ARG D 18 7.42 41.10 -89.09
CA ARG D 18 8.02 41.68 -87.90
C ARG D 18 7.74 43.18 -87.77
N ALA D 19 7.13 43.58 -86.65
CA ALA D 19 6.83 44.98 -86.37
C ALA D 19 7.34 45.37 -85.00
N THR D 20 7.73 46.64 -84.86
CA THR D 20 8.27 47.18 -83.62
C THR D 20 7.40 48.36 -83.15
N LEU D 21 7.11 48.38 -81.86
CA LEU D 21 6.28 49.43 -81.24
C LEU D 21 7.07 50.05 -80.09
N SER D 22 7.11 51.38 -80.06
CA SER D 22 7.97 52.09 -79.12
C SER D 22 7.24 53.27 -78.50
N CYS D 23 7.50 53.50 -77.21
CA CYS D 23 6.87 54.56 -76.43
C CYS D 23 7.98 55.51 -75.96
N ARG D 24 8.16 56.62 -76.66
CA ARG D 24 9.16 57.62 -76.31
C ARG D 24 8.60 58.56 -75.25
N ALA D 25 8.92 58.28 -73.98
CA ALA D 25 8.45 59.12 -72.89
C ALA D 25 9.13 60.48 -72.90
N SER D 26 8.38 61.51 -72.52
CA SER D 26 8.94 62.86 -72.47
C SER D 26 9.67 63.12 -71.17
N GLN D 27 9.31 62.43 -70.10
CA GLN D 27 10.03 62.47 -68.84
C GLN D 27 10.34 61.03 -68.46
N SER D 28 11.46 60.82 -67.76
CA SER D 28 11.96 59.47 -67.49
C SER D 28 11.03 58.70 -66.56
N VAL D 29 10.61 57.53 -67.02
CA VAL D 29 9.66 56.71 -66.28
C VAL D 29 10.36 56.09 -65.08
N ARG D 30 9.83 56.36 -63.89
CA ARG D 30 10.44 55.84 -62.68
C ARG D 30 10.12 54.35 -62.52
N ASN D 31 11.15 53.60 -62.11
CA ASN D 31 11.09 52.19 -61.73
C ASN D 31 10.67 51.26 -62.87
N SER D 32 10.75 51.75 -64.11
CA SER D 32 10.39 51.05 -65.35
C SER D 32 9.01 50.41 -65.29
N LEU D 33 7.97 51.23 -65.16
CA LEU D 33 6.59 50.76 -65.11
C LEU D 33 5.86 51.37 -66.30
N LEU D 34 5.96 50.69 -67.44
CA LEU D 34 5.34 51.17 -68.68
C LEU D 34 4.67 49.96 -69.32
N ALA D 35 3.72 49.38 -68.58
CA ALA D 35 2.94 48.24 -69.04
C ALA D 35 2.25 48.51 -70.38
N TRP D 36 2.14 47.47 -71.20
CA TRP D 36 1.59 47.60 -72.55
C TRP D 36 0.25 46.89 -72.66
N TYR D 37 -0.78 47.64 -73.08
CA TYR D 37 -2.12 47.14 -73.29
C TYR D 37 -2.50 47.24 -74.76
N GLN D 38 -3.45 46.40 -75.17
CA GLN D 38 -4.10 46.52 -76.46
C GLN D 38 -5.59 46.67 -76.23
N GLN D 39 -6.28 47.30 -77.18
CA GLN D 39 -7.70 47.60 -77.03
C GLN D 39 -8.33 47.63 -78.42
N LYS D 40 -8.97 46.51 -78.78
CA LYS D 40 -9.74 46.47 -80.02
C LYS D 40 -10.95 47.39 -79.90
N PRO D 41 -11.28 48.13 -80.98
CA PRO D 41 -12.03 49.40 -80.83
C PRO D 41 -13.45 49.23 -80.31
N GLY D 42 -13.70 49.76 -79.12
CA GLY D 42 -15.00 49.72 -78.51
C GLY D 42 -15.20 48.67 -77.45
N GLN D 43 -14.17 47.89 -77.13
CA GLN D 43 -14.30 46.80 -76.17
C GLN D 43 -13.22 46.94 -75.10
N ALA D 44 -13.27 46.03 -74.13
CA ALA D 44 -12.45 46.15 -72.94
C ALA D 44 -10.98 45.89 -73.28
N PRO D 45 -10.07 46.76 -72.83
CA PRO D 45 -8.64 46.50 -73.00
C PRO D 45 -8.19 45.33 -72.13
N ARG D 46 -6.97 44.90 -72.38
CA ARG D 46 -6.42 43.72 -71.73
C ARG D 46 -4.90 43.84 -71.77
N LEU D 47 -4.24 43.20 -70.81
CA LEU D 47 -2.84 43.49 -70.54
C LEU D 47 -1.96 42.44 -71.20
N LEU D 48 -0.86 42.90 -71.76
CA LEU D 48 0.12 42.05 -72.44
C LEU D 48 1.47 42.05 -71.77
N ILE D 49 2.03 43.23 -71.53
CA ILE D 49 3.32 43.39 -70.86
C ILE D 49 3.07 44.07 -69.52
N TYR D 50 3.66 43.53 -68.46
CA TYR D 50 3.63 44.17 -67.14
C TYR D 50 5.06 44.44 -66.70
N ALA D 51 5.21 45.50 -65.88
CA ALA D 51 6.49 46.01 -65.38
C ALA D 51 7.48 46.32 -66.50
N ALA D 52 6.93 46.74 -67.65
CA ALA D 52 7.61 47.24 -68.85
C ALA D 52 8.46 46.21 -69.60
N SER D 53 8.61 45.00 -69.06
CA SER D 53 9.27 43.95 -69.83
C SER D 53 8.62 42.57 -69.71
N SER D 54 7.89 42.28 -68.64
CA SER D 54 7.49 40.90 -68.35
C SER D 54 6.21 40.52 -69.07
N ARG D 55 6.17 39.29 -69.55
CA ARG D 55 4.97 38.76 -70.19
C ARG D 55 3.91 38.45 -69.14
N ALA D 56 2.66 38.73 -69.48
CA ALA D 56 1.58 38.56 -68.53
C ALA D 56 1.16 37.10 -68.38
N THR D 57 0.58 36.80 -67.23
CA THR D 57 0.05 35.45 -66.97
C THR D 57 -1.20 35.21 -67.78
N GLY D 58 -1.26 34.04 -68.43
CA GLY D 58 -2.36 33.67 -69.30
C GLY D 58 -2.20 34.14 -70.72
N ILE D 59 -1.37 35.16 -70.94
CA ILE D 59 -1.06 35.64 -72.29
C ILE D 59 -0.03 34.73 -72.93
N PRO D 60 -0.23 34.28 -74.17
CA PRO D 60 0.79 33.47 -74.85
C PRO D 60 1.99 34.29 -75.30
N ASP D 61 2.81 33.68 -76.15
CA ASP D 61 4.08 34.24 -76.62
C ASP D 61 3.85 35.35 -77.65
N ARG D 62 4.90 35.65 -78.43
CA ARG D 62 4.93 36.50 -79.62
C ARG D 62 4.97 37.99 -79.27
N PHE D 63 4.80 38.35 -78.00
CA PHE D 63 5.01 39.72 -77.54
C PHE D 63 6.29 39.78 -76.72
N SER D 64 6.88 40.98 -76.62
CA SER D 64 8.10 41.16 -75.84
C SER D 64 8.25 42.63 -75.47
N GLY D 65 8.35 42.91 -74.18
CA GLY D 65 8.72 44.23 -73.70
C GLY D 65 10.20 44.26 -73.38
N SER D 66 10.88 45.30 -73.84
CA SER D 66 12.32 45.40 -73.68
C SER D 66 12.71 46.82 -73.32
N GLY D 67 13.84 46.94 -72.64
CA GLY D 67 14.37 48.22 -72.25
C GLY D 67 13.79 48.73 -70.95
N SER D 68 14.36 49.83 -70.47
CA SER D 68 13.91 50.48 -69.24
C SER D 68 14.27 51.95 -69.31
N GLY D 69 13.67 52.72 -68.41
CA GLY D 69 13.96 54.14 -68.32
C GLY D 69 13.11 54.98 -69.25
N THR D 70 13.67 55.39 -70.37
CA THR D 70 12.95 56.16 -71.36
C THR D 70 12.91 55.50 -72.73
N ASP D 71 14.02 54.93 -73.20
CA ASP D 71 14.02 54.11 -74.39
C ASP D 71 13.26 52.82 -74.11
N PHE D 72 12.37 52.45 -75.04
CA PHE D 72 11.40 51.42 -74.77
C PHE D 72 10.92 50.79 -76.06
N THR D 73 10.62 49.49 -75.98
CA THR D 73 10.23 48.73 -77.14
C THR D 73 9.15 47.73 -76.76
N LEU D 74 8.10 47.65 -77.57
CA LEU D 74 7.20 46.52 -77.61
C LEU D 74 7.49 45.73 -78.88
N THR D 75 7.82 44.46 -78.72
CA THR D 75 8.25 43.62 -79.83
C THR D 75 7.17 42.60 -80.12
N ILE D 76 6.47 42.78 -81.23
CA ILE D 76 5.48 41.82 -81.69
C ILE D 76 6.09 41.00 -82.81
N SER D 77 5.93 39.67 -82.74
CA SER D 77 6.71 38.79 -83.59
C SER D 77 5.97 38.39 -84.86
N ARG D 78 4.70 38.05 -84.73
CA ARG D 78 3.97 37.30 -85.75
C ARG D 78 2.59 37.94 -85.82
N LEU D 79 2.40 38.87 -86.74
CA LEU D 79 1.13 39.60 -86.83
C LEU D 79 0.05 38.71 -87.42
N GLU D 80 -0.75 38.10 -86.56
CA GLU D 80 -2.00 37.47 -86.95
C GLU D 80 -3.03 38.55 -87.28
N PRO D 81 -4.09 38.21 -88.02
CA PRO D 81 -5.14 39.21 -88.32
C PRO D 81 -5.85 39.77 -87.09
N GLU D 82 -5.88 39.06 -85.97
CA GLU D 82 -6.49 39.60 -84.77
C GLU D 82 -5.54 40.46 -83.94
N ASP D 83 -4.29 40.62 -84.37
CA ASP D 83 -3.37 41.57 -83.76
C ASP D 83 -3.36 42.92 -84.46
N PHE D 84 -4.38 43.23 -85.25
CA PHE D 84 -4.46 44.52 -85.92
C PHE D 84 -5.35 45.45 -85.10
N VAL D 85 -4.77 45.87 -83.97
CA VAL D 85 -5.49 46.43 -82.83
C VAL D 85 -4.73 47.69 -82.39
N VAL D 86 -5.45 48.64 -81.78
CA VAL D 86 -4.82 49.77 -81.12
C VAL D 86 -4.10 49.31 -79.86
N TYR D 87 -2.84 49.75 -79.70
CA TYR D 87 -1.96 49.31 -78.62
C TYR D 87 -1.53 50.51 -77.77
N TYR D 88 -1.50 50.32 -76.45
CA TYR D 88 -1.44 51.43 -75.51
C TYR D 88 -0.29 51.27 -74.51
N CYS D 89 0.29 52.41 -74.12
CA CYS D 89 1.30 52.50 -73.07
C CYS D 89 0.62 52.58 -71.70
N GLN D 90 1.39 52.91 -70.66
CA GLN D 90 0.96 53.11 -69.28
C GLN D 90 2.14 53.78 -68.58
N GLN D 91 1.86 54.55 -67.53
CA GLN D 91 2.95 55.06 -66.71
C GLN D 91 2.54 54.97 -65.23
N HIS D 92 2.24 53.79 -64.84
CA HIS D 92 1.71 53.79 -63.59
C HIS D 92 2.79 53.53 -62.79
N GLY D 93 3.58 54.56 -62.63
CA GLY D 93 4.75 54.44 -61.80
C GLY D 93 4.97 55.68 -61.04
N SER D 94 4.76 56.80 -61.70
CA SER D 94 4.96 58.13 -61.17
C SER D 94 4.31 58.48 -59.86
N SER D 95 3.08 58.98 -59.95
CA SER D 95 2.29 59.41 -58.82
C SER D 95 0.87 59.54 -59.31
N PRO D 96 0.64 60.63 -59.95
CA PRO D 96 -0.62 60.95 -60.57
C PRO D 96 -0.51 60.79 -62.09
N PRO D 97 -1.56 61.12 -62.81
CA PRO D 97 -1.63 61.01 -64.27
C PRO D 97 -0.92 59.83 -64.96
N TRP D 98 -1.07 58.63 -64.44
CA TRP D 98 -0.53 57.42 -65.00
C TRP D 98 -0.90 57.43 -66.44
N THR D 99 -0.24 58.32 -67.12
CA THR D 99 -0.61 58.75 -68.47
C THR D 99 -0.47 57.61 -69.47
N PHE D 100 -1.46 57.48 -70.33
CA PHE D 100 -1.44 56.48 -71.40
C PHE D 100 -0.74 57.09 -72.61
N GLY D 101 -0.87 56.45 -73.78
CA GLY D 101 -0.40 57.00 -75.02
C GLY D 101 -1.54 57.40 -75.94
N GLN D 102 -1.14 57.92 -77.11
CA GLN D 102 -2.08 58.13 -78.19
C GLN D 102 -2.58 56.82 -78.79
N GLY D 103 -1.84 55.73 -78.60
CA GLY D 103 -2.12 54.51 -79.31
C GLY D 103 -1.57 54.55 -80.72
N THR D 104 -1.75 53.44 -81.41
CA THR D 104 -1.38 53.36 -82.82
C THR D 104 -2.46 52.54 -83.53
N LYS D 105 -2.28 52.33 -84.82
CA LYS D 105 -3.20 51.48 -85.56
C LYS D 105 -2.36 50.48 -86.34
N VAL D 106 -2.32 49.24 -85.86
CA VAL D 106 -1.72 48.16 -86.62
C VAL D 106 -2.65 47.88 -87.80
N GLU D 107 -2.22 48.24 -89.00
CA GLU D 107 -3.07 48.27 -90.18
C GLU D 107 -2.46 47.44 -91.29
N PHE D 108 -3.32 46.74 -92.04
CA PHE D 108 -2.93 45.87 -93.14
C PHE D 108 -2.23 46.62 -94.27
N ALA E 27 7.66 -55.65 -13.64
CA ALA E 27 8.51 -55.89 -12.48
C ALA E 27 8.59 -54.63 -11.63
N TYR E 28 8.95 -54.79 -10.36
CA TYR E 28 9.20 -53.64 -9.49
C TYR E 28 10.39 -53.96 -8.60
N THR E 29 11.03 -52.91 -8.10
CA THR E 29 12.16 -53.04 -7.21
C THR E 29 12.10 -51.88 -6.23
N ASN E 30 12.59 -52.11 -5.02
CA ASN E 30 12.68 -51.03 -4.05
C ASN E 30 13.88 -50.17 -4.35
N SER E 31 13.72 -48.87 -4.12
CA SER E 31 14.63 -47.83 -4.61
C SER E 31 15.30 -47.13 -3.45
N PHE E 32 15.91 -47.93 -2.58
CA PHE E 32 16.09 -47.73 -1.15
C PHE E 32 16.33 -46.32 -0.65
N THR E 33 17.46 -45.75 -0.96
CA THR E 33 17.77 -44.40 -0.55
C THR E 33 18.50 -43.69 -1.65
N ARG E 34 18.18 -44.08 -2.87
CA ARG E 34 19.04 -43.91 -4.02
C ARG E 34 18.42 -42.89 -4.97
N GLY E 35 19.26 -42.06 -5.55
CA GLY E 35 18.82 -41.07 -6.50
C GLY E 35 18.78 -39.66 -5.98
N VAL E 36 19.69 -39.29 -5.10
CA VAL E 36 19.77 -37.95 -4.54
C VAL E 36 20.81 -37.19 -5.32
N TYR E 37 20.48 -35.98 -5.76
CA TYR E 37 21.39 -35.22 -6.58
C TYR E 37 21.63 -33.87 -5.95
N TYR E 38 22.77 -33.27 -6.30
CA TYR E 38 23.07 -31.93 -5.84
C TYR E 38 22.14 -30.96 -6.52
N PRO E 39 21.31 -30.23 -5.79
CA PRO E 39 20.25 -29.49 -6.46
C PRO E 39 20.63 -28.13 -6.98
N ASP E 40 21.71 -27.50 -6.53
CA ASP E 40 21.85 -26.08 -6.83
C ASP E 40 23.24 -25.55 -7.16
N LYS E 41 24.27 -26.39 -7.28
CA LYS E 41 25.65 -25.96 -7.59
C LYS E 41 26.19 -24.95 -6.59
N VAL E 42 25.91 -25.17 -5.31
CA VAL E 42 26.35 -24.30 -4.24
C VAL E 42 27.19 -25.12 -3.28
N PHE E 43 28.40 -24.67 -3.00
CA PHE E 43 29.19 -25.30 -1.97
C PHE E 43 28.61 -25.01 -0.62
N ARG E 44 28.56 -26.02 0.23
CA ARG E 44 28.06 -25.91 1.58
C ARG E 44 28.84 -26.90 2.41
N SER E 45 29.40 -26.45 3.52
CA SER E 45 30.35 -27.28 4.25
C SER E 45 29.85 -27.55 5.64
N SER E 46 29.76 -28.84 5.98
CA SER E 46 29.39 -29.33 7.31
C SER E 46 28.06 -28.76 7.78
N VAL E 47 27.04 -28.92 6.96
CA VAL E 47 25.78 -28.25 7.22
C VAL E 47 24.68 -29.24 6.89
N LEU E 48 23.48 -28.95 7.35
CA LEU E 48 22.31 -29.74 7.00
C LEU E 48 21.32 -28.80 6.34
N HIS E 49 21.22 -28.88 5.02
CA HIS E 49 20.41 -27.96 4.26
C HIS E 49 19.11 -28.63 3.85
N SER E 50 17.99 -27.98 4.10
CA SER E 50 16.68 -28.54 3.79
C SER E 50 16.14 -27.88 2.54
N THR E 51 15.90 -28.67 1.50
CA THR E 51 15.54 -28.11 0.21
C THR E 51 14.33 -28.82 -0.38
N GLN E 52 13.55 -28.07 -1.14
CA GLN E 52 12.39 -28.61 -1.84
C GLN E 52 12.66 -28.57 -3.33
N ASP E 53 12.68 -29.74 -3.95
CA ASP E 53 12.93 -29.85 -5.38
C ASP E 53 12.33 -31.17 -5.81
N LEU E 54 12.35 -31.45 -7.10
CA LEU E 54 11.83 -32.72 -7.59
C LEU E 54 12.84 -33.80 -7.29
N PHE E 55 12.49 -34.70 -6.39
CA PHE E 55 13.36 -35.79 -6.00
C PHE E 55 12.64 -37.11 -6.19
N LEU E 56 13.42 -38.16 -6.29
CA LEU E 56 12.87 -39.50 -6.21
C LEU E 56 12.64 -39.82 -4.74
N PRO E 57 11.41 -40.14 -4.34
CA PRO E 57 11.15 -40.43 -2.93
C PRO E 57 11.86 -41.68 -2.46
N PHE E 58 12.15 -41.72 -1.18
CA PHE E 58 12.88 -42.85 -0.61
C PHE E 58 11.97 -44.06 -0.58
N PHE E 59 12.57 -45.22 -0.83
CA PHE E 59 11.91 -46.53 -0.76
C PHE E 59 10.70 -46.62 -1.68
N SER E 60 10.76 -45.97 -2.84
CA SER E 60 9.68 -46.03 -3.80
C SER E 60 9.74 -47.33 -4.58
N ASN E 61 8.78 -47.51 -5.48
CA ASN E 61 8.76 -48.65 -6.36
C ASN E 61 9.31 -48.23 -7.72
N VAL E 62 10.58 -48.47 -7.94
CA VAL E 62 11.22 -48.21 -9.21
C VAL E 62 10.85 -49.36 -10.12
N THR E 63 10.61 -49.08 -11.39
CA THR E 63 10.23 -50.12 -12.34
C THR E 63 11.46 -50.77 -12.91
N TRP E 64 11.47 -52.10 -12.94
CA TRP E 64 12.60 -52.87 -13.43
C TRP E 64 12.26 -53.37 -14.82
N PHE E 65 13.14 -53.10 -15.77
CA PHE E 65 12.91 -53.46 -17.16
C PHE E 65 14.02 -54.37 -17.67
N HIS E 66 13.68 -55.18 -18.66
CA HIS E 66 14.62 -56.06 -19.32
C HIS E 66 14.61 -55.81 -20.83
N ASN E 81 11.99 -52.36 -25.62
CA ASN E 81 12.11 -51.17 -24.80
C ASN E 81 10.95 -50.23 -25.06
N PRO E 82 10.03 -50.14 -24.10
CA PRO E 82 8.79 -49.40 -24.32
C PRO E 82 9.01 -47.90 -24.23
N VAL E 83 8.01 -47.17 -24.71
CA VAL E 83 7.93 -45.76 -24.37
C VAL E 83 7.42 -45.66 -22.94
N LEU E 84 7.82 -44.62 -22.23
CA LEU E 84 7.46 -44.38 -20.85
C LEU E 84 7.16 -42.89 -20.70
N PRO E 85 6.30 -42.51 -19.75
CA PRO E 85 6.08 -41.08 -19.51
C PRO E 85 7.29 -40.42 -18.86
N PHE E 86 7.27 -39.10 -18.83
CA PHE E 86 8.36 -38.31 -18.29
C PHE E 86 7.91 -37.47 -17.09
N ASN E 87 6.73 -37.74 -16.54
CA ASN E 87 5.76 -36.77 -16.03
C ASN E 87 6.32 -35.46 -15.50
N ASP E 88 7.29 -35.51 -14.61
CA ASP E 88 7.99 -34.30 -14.20
C ASP E 88 9.47 -34.52 -13.96
N GLY E 89 10.01 -35.65 -14.33
CA GLY E 89 11.42 -35.94 -14.15
C GLY E 89 11.53 -37.44 -14.09
N VAL E 90 12.71 -37.95 -14.39
CA VAL E 90 12.93 -39.38 -14.47
C VAL E 90 14.26 -39.72 -13.83
N TYR E 91 14.26 -40.66 -12.91
CA TYR E 91 15.48 -41.31 -12.48
C TYR E 91 15.69 -42.53 -13.36
N PHE E 92 16.94 -42.83 -13.65
CA PHE E 92 17.32 -43.94 -14.50
C PHE E 92 18.53 -44.60 -13.89
N ALA E 93 18.59 -45.92 -13.95
CA ALA E 93 19.78 -46.60 -13.47
C ALA E 93 20.02 -47.82 -14.32
N SER E 94 21.29 -48.16 -14.50
CA SER E 94 21.59 -49.36 -15.26
C SER E 94 22.90 -49.95 -14.77
N THR E 95 22.88 -51.24 -14.45
CA THR E 95 24.09 -51.98 -14.18
C THR E 95 24.40 -52.87 -15.37
N GLU E 96 25.65 -52.86 -15.80
CA GLU E 96 26.07 -53.54 -17.01
C GLU E 96 27.53 -53.93 -16.86
N LYS E 97 28.09 -54.47 -17.95
CA LYS E 97 29.52 -54.62 -18.13
C LYS E 97 30.03 -54.13 -19.47
N SER E 98 29.19 -54.02 -20.50
CA SER E 98 29.72 -53.85 -21.84
C SER E 98 28.95 -52.79 -22.62
N ASN E 99 28.57 -51.69 -21.94
CA ASN E 99 27.93 -50.46 -22.48
C ASN E 99 26.80 -50.78 -23.47
N ILE E 100 25.95 -51.72 -23.06
CA ILE E 100 24.91 -52.24 -23.93
C ILE E 100 23.83 -51.18 -24.18
N ILE E 101 23.48 -50.44 -23.14
CA ILE E 101 22.65 -49.25 -23.29
C ILE E 101 23.54 -48.12 -23.82
N ARG E 102 23.06 -47.44 -24.86
CA ARG E 102 23.87 -46.41 -25.50
C ARG E 102 23.21 -45.04 -25.60
N GLY E 103 22.02 -44.85 -25.05
CA GLY E 103 21.45 -43.51 -25.07
C GLY E 103 19.94 -43.54 -24.92
N TRP E 104 19.36 -42.37 -25.16
CA TRP E 104 17.95 -42.14 -24.91
C TRP E 104 17.37 -41.25 -25.99
N ILE E 105 16.05 -41.25 -26.09
CA ILE E 105 15.32 -40.26 -26.85
C ILE E 105 14.23 -39.70 -25.95
N PHE E 106 13.90 -38.44 -26.18
CA PHE E 106 12.91 -37.73 -25.38
C PHE E 106 12.03 -36.96 -26.33
N GLY E 107 10.80 -36.68 -25.93
CA GLY E 107 9.99 -35.81 -26.78
C GLY E 107 8.54 -35.80 -26.35
N THR E 108 7.69 -35.44 -27.31
CA THR E 108 6.25 -35.40 -27.08
C THR E 108 5.50 -36.44 -27.90
N THR E 109 5.71 -36.48 -29.21
CA THR E 109 5.07 -37.46 -30.05
C THR E 109 6.04 -38.27 -30.89
N LEU E 110 7.28 -37.78 -31.08
CA LEU E 110 8.34 -38.47 -31.81
C LEU E 110 7.97 -38.77 -33.26
N ASP E 111 7.23 -37.85 -33.91
CA ASP E 111 6.64 -38.15 -35.21
C ASP E 111 6.93 -37.08 -36.27
N SER E 112 8.03 -36.35 -36.12
CA SER E 112 8.45 -35.24 -36.97
C SER E 112 7.45 -34.09 -37.01
N LYS E 113 6.53 -34.02 -36.08
CA LYS E 113 5.69 -32.83 -35.95
C LYS E 113 6.33 -31.83 -35.00
N THR E 114 6.91 -32.33 -33.91
CA THR E 114 7.56 -31.52 -32.89
C THR E 114 8.99 -32.00 -32.72
N GLN E 115 9.83 -31.14 -32.14
CA GLN E 115 11.23 -31.48 -32.01
C GLN E 115 11.43 -32.44 -30.83
N SER E 116 12.49 -33.23 -30.91
CA SER E 116 12.75 -34.30 -29.98
C SER E 116 14.24 -34.41 -29.75
N LEU E 117 14.60 -34.97 -28.60
CA LEU E 117 15.99 -35.06 -28.16
C LEU E 117 16.53 -36.44 -28.42
N LEU E 118 17.79 -36.49 -28.80
CA LEU E 118 18.44 -37.74 -29.12
C LEU E 118 19.82 -37.69 -28.49
N ILE E 119 20.02 -38.49 -27.46
CA ILE E 119 21.29 -38.58 -26.77
C ILE E 119 21.87 -39.93 -27.11
N VAL E 120 22.99 -39.94 -27.83
CA VAL E 120 23.61 -41.18 -28.28
C VAL E 120 25.07 -41.15 -27.87
N ASN E 121 25.54 -42.25 -27.32
CA ASN E 121 26.95 -42.40 -27.02
C ASN E 121 27.60 -43.22 -28.11
N ASN E 122 28.64 -42.67 -28.72
CA ASN E 122 29.57 -43.48 -29.50
C ASN E 122 30.56 -44.11 -28.53
N ALA E 123 31.66 -44.64 -29.06
CA ALA E 123 32.69 -45.16 -28.16
C ALA E 123 33.52 -44.05 -27.54
N THR E 124 33.50 -42.86 -28.15
CA THR E 124 34.38 -41.78 -27.74
C THR E 124 33.68 -40.43 -27.55
N ASN E 125 32.64 -40.12 -28.30
CA ASN E 125 31.93 -38.86 -28.14
C ASN E 125 30.45 -39.13 -27.84
N VAL E 126 29.87 -38.33 -26.95
CA VAL E 126 28.45 -38.36 -26.72
C VAL E 126 27.80 -37.21 -27.48
N VAL E 127 26.71 -37.49 -28.17
CA VAL E 127 26.10 -36.60 -29.13
C VAL E 127 24.68 -36.31 -28.69
N ILE E 128 24.33 -35.05 -28.57
CA ILE E 128 23.02 -34.64 -28.11
C ILE E 128 22.43 -33.73 -29.18
N LYS E 129 21.35 -34.16 -29.81
CA LYS E 129 20.71 -33.38 -30.84
C LYS E 129 19.29 -33.07 -30.42
N VAL E 130 18.80 -31.91 -30.81
CA VAL E 130 17.38 -31.58 -30.73
C VAL E 130 16.94 -31.24 -32.13
N CYS E 131 16.21 -32.17 -32.76
CA CYS E 131 15.76 -32.01 -34.14
C CYS E 131 14.39 -32.62 -34.27
N GLU E 132 13.73 -32.35 -35.40
CA GLU E 132 12.45 -32.99 -35.70
C GLU E 132 12.71 -34.34 -36.38
N PHE E 133 13.14 -35.30 -35.58
CA PHE E 133 13.41 -36.63 -36.09
C PHE E 133 12.11 -37.37 -36.41
N GLN E 134 12.24 -38.38 -37.26
CA GLN E 134 11.24 -39.43 -37.35
C GLN E 134 11.82 -40.67 -36.70
N PHE E 135 11.03 -41.28 -35.83
CA PHE E 135 11.50 -42.41 -35.05
C PHE E 135 10.99 -43.70 -35.66
N CYS E 136 11.79 -44.75 -35.51
CA CYS E 136 11.37 -46.07 -35.92
C CYS E 136 10.42 -46.66 -34.87
N ASN E 137 9.79 -47.78 -35.23
CA ASN E 137 8.89 -48.46 -34.32
C ASN E 137 9.62 -49.02 -33.11
N ASP E 138 10.80 -49.60 -33.34
CA ASP E 138 11.66 -50.08 -32.27
C ASP E 138 13.04 -49.49 -32.53
N PRO E 139 13.30 -48.28 -32.04
CA PRO E 139 14.60 -47.65 -32.30
C PRO E 139 15.71 -48.31 -31.52
N PHE E 140 16.78 -48.65 -32.22
CA PHE E 140 17.93 -49.28 -31.62
C PHE E 140 19.15 -48.96 -32.46
N LEU E 141 20.26 -48.72 -31.80
CA LEU E 141 21.53 -48.49 -32.48
C LEU E 141 22.43 -49.70 -32.28
N GLY E 156 20.20 -46.63 -36.96
CA GLY E 156 19.24 -46.39 -38.03
C GLY E 156 18.00 -45.68 -37.55
N VAL E 157 17.97 -45.36 -36.26
CA VAL E 157 16.87 -44.57 -35.71
C VAL E 157 16.94 -43.13 -36.20
N TYR E 158 18.16 -42.62 -36.44
CA TYR E 158 18.41 -41.21 -36.70
C TYR E 158 18.06 -40.80 -38.12
N SER E 159 17.34 -41.63 -38.86
CA SER E 159 17.03 -41.41 -40.26
C SER E 159 16.10 -40.21 -40.43
N SER E 160 16.37 -39.42 -41.49
CA SER E 160 15.65 -38.17 -41.81
C SER E 160 15.73 -37.16 -40.66
N ALA E 161 16.94 -36.77 -40.31
CA ALA E 161 17.19 -35.75 -39.29
C ALA E 161 16.97 -34.37 -39.92
N ASN E 162 15.84 -33.75 -39.61
CA ASN E 162 15.48 -32.47 -40.21
C ASN E 162 15.26 -31.43 -39.13
N ASN E 163 15.44 -30.16 -39.53
CA ASN E 163 15.10 -28.97 -38.72
C ASN E 163 15.86 -28.91 -37.40
N CYS E 164 17.16 -29.21 -37.45
CA CYS E 164 17.95 -29.39 -36.24
C CYS E 164 18.19 -28.07 -35.53
N THR E 165 17.47 -27.86 -34.43
CA THR E 165 17.53 -26.60 -33.71
C THR E 165 18.50 -26.62 -32.55
N PHE E 166 19.12 -27.76 -32.22
CA PHE E 166 20.20 -27.77 -31.24
C PHE E 166 21.12 -28.93 -31.52
N GLU E 167 22.41 -28.75 -31.24
CA GLU E 167 23.36 -29.85 -31.32
C GLU E 167 24.48 -29.61 -30.34
N TYR E 168 25.06 -30.70 -29.84
CA TYR E 168 26.09 -30.64 -28.81
C TYR E 168 26.84 -31.96 -28.83
N VAL E 169 28.15 -31.91 -28.63
CA VAL E 169 28.98 -33.11 -28.58
C VAL E 169 29.96 -32.92 -27.43
N SER E 170 30.13 -33.95 -26.61
CA SER E 170 31.13 -33.84 -25.55
C SER E 170 31.76 -35.18 -25.26
N GLN E 171 32.62 -35.19 -24.24
CA GLN E 171 33.26 -36.40 -23.76
C GLN E 171 32.22 -37.37 -23.21
N PRO E 172 32.39 -38.68 -23.41
CA PRO E 172 31.25 -39.59 -23.35
C PRO E 172 30.84 -39.92 -21.93
N PHE E 173 29.75 -40.66 -21.82
CA PHE E 173 29.29 -41.17 -20.54
C PHE E 173 29.70 -42.62 -20.43
N LEU E 174 29.18 -43.27 -19.39
CA LEU E 174 29.30 -44.72 -19.14
C LEU E 174 30.73 -45.25 -19.11
N LYS E 185 28.61 -54.92 -12.74
CA LYS E 185 29.16 -54.59 -11.43
C LYS E 185 29.54 -53.11 -11.34
N ASN E 186 29.12 -52.32 -12.33
CA ASN E 186 29.38 -50.88 -12.35
C ASN E 186 28.07 -50.18 -12.69
N LEU E 187 27.36 -49.75 -11.66
CA LEU E 187 26.04 -49.14 -11.78
C LEU E 187 26.17 -47.67 -12.14
N ARG E 188 25.44 -47.25 -13.16
CA ARG E 188 25.46 -45.89 -13.66
C ARG E 188 24.05 -45.32 -13.51
N GLU E 189 23.95 -44.18 -12.82
CA GLU E 189 22.65 -43.61 -12.47
C GLU E 189 22.53 -42.22 -13.05
N PHE E 190 21.34 -41.86 -13.50
CA PHE E 190 21.08 -40.64 -14.21
C PHE E 190 19.78 -40.05 -13.69
N VAL E 191 19.68 -38.73 -13.69
CA VAL E 191 18.43 -38.06 -13.37
C VAL E 191 18.22 -37.00 -14.44
N PHE E 192 17.08 -37.03 -15.10
CA PHE E 192 16.74 -36.07 -16.13
C PHE E 192 15.58 -35.22 -15.62
N LYS E 193 15.76 -33.92 -15.64
CA LYS E 193 14.68 -33.02 -15.28
C LYS E 193 14.56 -31.97 -16.38
N ASN E 194 13.38 -31.39 -16.51
CA ASN E 194 13.07 -30.48 -17.61
C ASN E 194 12.32 -29.29 -17.05
N ILE E 195 13.07 -28.25 -16.67
CA ILE E 195 12.51 -27.12 -15.92
C ILE E 195 12.77 -25.85 -16.72
N ASP E 196 11.69 -25.13 -17.06
CA ASP E 196 11.72 -23.81 -17.71
C ASP E 196 12.51 -23.82 -19.01
N GLY E 197 12.36 -24.87 -19.78
CA GLY E 197 13.08 -24.98 -21.02
C GLY E 197 14.50 -25.44 -20.89
N TYR E 198 14.97 -25.71 -19.68
CA TYR E 198 16.31 -26.22 -19.46
C TYR E 198 16.21 -27.71 -19.17
N PHE E 199 17.04 -28.48 -19.83
CA PHE E 199 17.12 -29.91 -19.61
C PHE E 199 18.35 -30.19 -18.78
N LYS E 200 18.17 -30.74 -17.59
CA LYS E 200 19.28 -30.97 -16.69
C LYS E 200 19.50 -32.46 -16.55
N ILE E 201 20.75 -32.87 -16.72
CA ILE E 201 21.16 -34.25 -16.60
C ILE E 201 22.19 -34.34 -15.50
N TYR E 202 21.90 -35.17 -14.50
CA TYR E 202 22.77 -35.45 -13.37
C TYR E 202 23.14 -36.91 -13.43
N SER E 203 24.34 -37.27 -13.00
CA SER E 203 24.69 -38.67 -13.09
C SER E 203 25.74 -39.02 -12.06
N LYS E 204 25.87 -40.32 -11.82
CA LYS E 204 27.01 -40.84 -11.06
C LYS E 204 27.26 -42.29 -11.44
N HIS E 205 28.52 -42.63 -11.62
CA HIS E 205 28.95 -43.97 -11.99
C HIS E 205 29.70 -44.55 -10.80
N THR E 206 29.24 -45.69 -10.28
CA THR E 206 29.88 -46.28 -9.13
C THR E 206 29.93 -47.80 -9.25
N PRO E 207 30.96 -48.44 -8.70
CA PRO E 207 30.96 -49.90 -8.57
C PRO E 207 30.03 -50.39 -7.47
N PRO E 215 20.40 -52.22 -4.88
CA PRO E 215 21.37 -51.13 -4.80
C PRO E 215 21.32 -50.45 -3.44
N GLN E 216 21.93 -51.06 -2.42
CA GLN E 216 21.99 -50.46 -1.09
C GLN E 216 22.93 -49.27 -1.08
N GLY E 217 22.89 -48.52 0.02
CA GLY E 217 23.89 -47.49 0.28
C GLY E 217 23.52 -46.17 -0.32
N PHE E 218 24.36 -45.17 -0.02
CA PHE E 218 24.09 -43.79 -0.40
C PHE E 218 25.18 -43.25 -1.31
N SER E 219 24.76 -42.54 -2.37
CA SER E 219 25.68 -41.87 -3.27
C SER E 219 24.94 -40.73 -3.95
N ALA E 220 25.57 -39.57 -4.03
CA ALA E 220 24.92 -38.38 -4.54
C ALA E 220 25.31 -38.13 -5.99
N LEU E 221 24.34 -37.74 -6.79
CA LEU E 221 24.50 -37.59 -8.22
C LEU E 221 24.96 -36.19 -8.58
N GLU E 222 26.22 -36.07 -9.03
CA GLU E 222 26.73 -34.82 -9.59
C GLU E 222 26.00 -34.44 -10.85
N PRO E 223 25.88 -33.16 -11.15
CA PRO E 223 25.31 -32.75 -12.43
C PRO E 223 26.27 -32.99 -13.56
N LEU E 224 25.71 -33.21 -14.75
CA LEU E 224 26.50 -33.31 -15.96
C LEU E 224 26.27 -32.13 -16.88
N VAL E 225 25.05 -31.95 -17.36
CA VAL E 225 24.81 -30.90 -18.34
C VAL E 225 23.51 -30.18 -18.04
N ASP E 226 23.41 -28.97 -18.56
CA ASP E 226 22.24 -28.12 -18.40
C ASP E 226 21.99 -27.45 -19.75
N LEU E 227 21.21 -28.13 -20.59
CA LEU E 227 21.05 -27.74 -21.98
C LEU E 227 19.88 -26.78 -22.13
N PRO E 228 20.03 -25.67 -22.81
CA PRO E 228 18.93 -24.69 -22.96
C PRO E 228 18.05 -24.98 -24.17
N ILE E 229 17.40 -26.13 -24.16
CA ILE E 229 16.74 -26.62 -25.37
C ILE E 229 15.34 -26.04 -25.56
N GLY E 230 14.61 -25.77 -24.49
CA GLY E 230 13.32 -25.12 -24.63
C GLY E 230 12.20 -25.97 -25.20
N ILE E 231 12.40 -27.26 -25.33
CA ILE E 231 11.39 -28.11 -25.95
C ILE E 231 10.56 -28.77 -24.85
N ASN E 232 9.34 -29.12 -25.19
CA ASN E 232 8.44 -29.80 -24.27
C ASN E 232 8.68 -31.31 -24.39
N ILE E 233 8.82 -31.99 -23.25
CA ILE E 233 9.03 -33.43 -23.22
C ILE E 233 7.90 -34.06 -22.44
N THR E 234 7.33 -35.13 -22.99
CA THR E 234 6.23 -35.81 -22.33
C THR E 234 6.55 -37.29 -22.19
N ARG E 235 7.23 -37.86 -23.17
CA ARG E 235 7.55 -39.27 -23.17
C ARG E 235 9.03 -39.45 -23.47
N PHE E 236 9.55 -40.63 -23.17
CA PHE E 236 10.93 -40.92 -23.49
C PHE E 236 11.11 -42.41 -23.70
N GLN E 237 12.29 -42.79 -24.17
CA GLN E 237 12.55 -44.18 -24.52
C GLN E 237 14.05 -44.43 -24.53
N THR E 238 14.45 -45.57 -24.00
CA THR E 238 15.86 -45.94 -24.04
C THR E 238 16.20 -46.57 -25.38
N LEU E 239 17.32 -46.15 -25.97
CA LEU E 239 17.87 -46.79 -27.15
C LEU E 239 18.83 -47.89 -26.73
N LEU E 240 18.91 -48.93 -27.53
CA LEU E 240 19.66 -50.09 -27.12
C LEU E 240 20.34 -50.77 -28.32
N ALA E 261 21.27 -55.92 -19.90
CA ALA E 261 20.15 -55.55 -20.77
C ALA E 261 18.98 -55.05 -19.93
N ALA E 262 19.23 -54.88 -18.63
CA ALA E 262 18.21 -54.54 -17.66
C ALA E 262 18.48 -53.17 -17.08
N TYR E 263 17.42 -52.44 -16.76
CA TYR E 263 17.59 -51.12 -16.19
C TYR E 263 16.44 -50.83 -15.26
N TYR E 264 16.46 -49.64 -14.66
CA TYR E 264 15.47 -49.24 -13.68
C TYR E 264 15.04 -47.82 -13.96
N VAL E 265 13.74 -47.56 -13.88
CA VAL E 265 13.18 -46.25 -14.20
C VAL E 265 12.29 -45.83 -13.05
N GLY E 266 12.58 -44.66 -12.46
CA GLY E 266 11.78 -44.13 -11.38
C GLY E 266 11.33 -42.73 -11.72
N TYR E 267 10.37 -42.22 -10.96
CA TYR E 267 9.77 -40.95 -11.29
C TYR E 267 9.99 -39.95 -10.16
N LEU E 268 10.44 -38.76 -10.52
CA LEU E 268 10.66 -37.72 -9.54
C LEU E 268 9.34 -37.15 -9.05
N GLN E 269 9.36 -36.62 -7.84
CA GLN E 269 8.18 -36.06 -7.21
C GLN E 269 8.58 -34.82 -6.44
N PRO E 270 7.70 -33.85 -6.32
CA PRO E 270 8.05 -32.64 -5.56
C PRO E 270 8.07 -32.86 -4.05
N ARG E 271 9.18 -33.37 -3.55
CA ARG E 271 9.33 -33.68 -2.15
C ARG E 271 10.47 -32.87 -1.55
N THR E 272 10.35 -32.56 -0.28
CA THR E 272 11.39 -31.84 0.44
C THR E 272 12.32 -32.80 1.17
N PHE E 273 13.62 -32.58 1.05
CA PHE E 273 14.60 -33.38 1.74
C PHE E 273 15.42 -32.54 2.69
N LEU E 274 16.20 -33.23 3.49
CA LEU E 274 17.25 -32.64 4.32
C LEU E 274 18.56 -33.31 3.92
N LEU E 275 19.47 -32.55 3.32
CA LEU E 275 20.71 -33.07 2.80
C LEU E 275 21.85 -32.72 3.74
N LYS E 276 22.72 -33.69 3.99
CA LYS E 276 23.84 -33.49 4.89
C LYS E 276 25.09 -33.24 4.07
N TYR E 277 25.61 -32.03 4.14
CA TYR E 277 26.81 -31.67 3.41
C TYR E 277 28.02 -31.84 4.29
N ASN E 278 29.02 -32.51 3.76
CA ASN E 278 30.25 -32.89 4.43
C ASN E 278 31.13 -31.67 4.71
N GLU E 279 32.33 -31.93 5.23
CA GLU E 279 33.33 -30.88 5.29
C GLU E 279 33.86 -30.52 3.93
N ASN E 280 33.96 -31.49 3.02
CA ASN E 280 34.42 -31.24 1.67
C ASN E 280 33.30 -30.80 0.75
N GLY E 281 32.11 -30.57 1.27
CA GLY E 281 31.05 -30.04 0.47
C GLY E 281 30.19 -31.06 -0.22
N THR E 282 30.50 -32.34 -0.07
CA THR E 282 29.74 -33.38 -0.75
C THR E 282 28.58 -33.83 0.13
N ILE E 283 27.56 -34.41 -0.50
CA ILE E 283 26.40 -34.90 0.20
C ILE E 283 26.69 -36.31 0.68
N THR E 284 26.61 -36.52 1.99
CA THR E 284 26.86 -37.84 2.53
C THR E 284 25.61 -38.54 3.04
N ASP E 285 24.52 -37.83 3.25
CA ASP E 285 23.30 -38.45 3.73
C ASP E 285 22.12 -37.56 3.40
N ALA E 286 20.92 -38.14 3.45
CA ALA E 286 19.72 -37.38 3.19
C ALA E 286 18.57 -37.98 3.96
N VAL E 287 17.55 -37.16 4.18
CA VAL E 287 16.35 -37.53 4.92
C VAL E 287 15.15 -37.06 4.13
N ASP E 288 14.26 -37.98 3.81
CA ASP E 288 13.02 -37.68 3.09
C ASP E 288 11.98 -37.23 4.11
N CYS E 289 11.59 -35.98 4.05
CA CYS E 289 10.73 -35.40 5.07
C CYS E 289 9.32 -35.84 5.01
N ALA E 290 8.87 -36.84 4.27
CA ALA E 290 7.49 -37.33 4.39
C ALA E 290 7.46 -38.84 4.40
N LEU E 291 8.59 -39.47 4.64
CA LEU E 291 8.68 -40.92 4.56
C LEU E 291 7.98 -41.58 5.74
N ASP E 292 8.22 -41.06 6.94
CA ASP E 292 7.68 -41.59 8.18
C ASP E 292 7.74 -40.46 9.20
N PRO E 293 7.06 -40.59 10.35
CA PRO E 293 7.10 -39.50 11.33
C PRO E 293 8.47 -39.17 11.88
N LEU E 294 9.34 -40.16 11.99
CA LEU E 294 10.69 -39.90 12.50
C LEU E 294 11.45 -38.97 11.56
N SER E 295 11.27 -39.14 10.27
CA SER E 295 11.92 -38.24 9.34
C SER E 295 11.27 -36.87 9.31
N GLU E 296 9.99 -36.78 9.64
CA GLU E 296 9.39 -35.47 9.84
C GLU E 296 10.01 -34.76 11.02
N THR E 297 10.28 -35.48 12.11
CA THR E 297 10.98 -34.85 13.23
C THR E 297 12.38 -34.44 12.85
N LYS E 298 13.07 -35.27 12.08
CA LYS E 298 14.41 -34.92 11.67
C LYS E 298 14.44 -33.70 10.79
N CYS E 299 13.44 -33.53 9.93
CA CYS E 299 13.39 -32.32 9.12
C CYS E 299 12.90 -31.12 9.92
N THR E 300 12.10 -31.34 10.96
CA THR E 300 11.65 -30.24 11.80
C THR E 300 12.80 -29.70 12.65
N LEU E 301 13.54 -30.60 13.29
CA LEU E 301 14.63 -30.17 14.14
C LEU E 301 15.88 -29.80 13.36
N LYS E 302 15.90 -30.05 12.05
CA LYS E 302 17.07 -29.87 11.19
C LYS E 302 18.27 -30.64 11.73
N SER E 303 18.02 -31.85 12.19
CA SER E 303 19.05 -32.67 12.77
C SER E 303 18.88 -34.09 12.26
N PHE E 304 19.97 -34.84 12.27
CA PHE E 304 19.90 -36.24 11.93
C PHE E 304 19.75 -37.14 13.13
N THR E 305 20.13 -36.67 14.29
CA THR E 305 19.91 -37.37 15.54
C THR E 305 18.91 -36.55 16.33
N VAL E 306 17.83 -37.18 16.76
CA VAL E 306 16.91 -36.49 17.64
C VAL E 306 17.08 -37.03 19.05
N GLU E 307 16.86 -36.16 20.02
CA GLU E 307 16.93 -36.58 21.41
C GLU E 307 15.57 -37.05 21.86
N LYS E 308 15.54 -37.73 23.01
CA LYS E 308 14.29 -38.23 23.58
C LYS E 308 13.36 -37.08 23.92
N GLY E 309 12.11 -37.19 23.48
CA GLY E 309 11.15 -36.17 23.80
C GLY E 309 9.97 -36.24 22.86
N ILE E 310 9.11 -35.24 22.97
CA ILE E 310 7.93 -35.10 22.14
C ILE E 310 8.04 -33.83 21.32
N TYR E 311 7.93 -33.95 20.00
CA TYR E 311 8.20 -32.85 19.10
C TYR E 311 7.01 -32.65 18.19
N GLN E 312 6.51 -31.43 18.10
CA GLN E 312 5.41 -31.15 17.19
C GLN E 312 5.94 -30.94 15.79
N THR E 313 5.38 -31.64 14.82
CA THR E 313 5.88 -31.62 13.47
C THR E 313 4.92 -30.99 12.47
N SER E 314 3.63 -31.23 12.56
CA SER E 314 2.72 -30.81 11.51
C SER E 314 1.34 -30.58 12.10
N ASN E 315 0.35 -30.46 11.23
CA ASN E 315 -1.03 -30.23 11.63
C ASN E 315 -1.93 -31.21 10.91
N PHE E 316 -2.52 -32.12 11.65
CA PHE E 316 -3.61 -32.92 11.14
C PHE E 316 -4.82 -32.04 10.91
N ARG E 317 -5.51 -32.26 9.80
CA ARG E 317 -6.65 -31.43 9.44
C ARG E 317 -7.57 -32.24 8.55
N VAL E 318 -8.79 -32.50 9.00
CA VAL E 318 -9.72 -33.31 8.24
C VAL E 318 -10.23 -32.52 7.06
N GLN E 319 -10.18 -33.10 5.92
CA GLN E 319 -10.60 -32.41 4.71
C GLN E 319 -12.06 -32.71 4.41
N PRO E 320 -12.81 -31.75 3.87
CA PRO E 320 -14.22 -31.97 3.60
C PRO E 320 -14.41 -32.76 2.31
N THR E 321 -15.33 -33.72 2.35
CA THR E 321 -15.48 -34.64 1.24
C THR E 321 -16.57 -34.21 0.25
N GLU E 322 -17.70 -33.72 0.75
CA GLU E 322 -18.84 -33.40 -0.10
C GLU E 322 -19.08 -31.91 -0.12
N SER E 323 -20.18 -31.51 -0.76
CA SER E 323 -20.77 -30.17 -0.64
C SER E 323 -22.26 -30.38 -0.73
N ILE E 324 -23.07 -29.63 0.00
CA ILE E 324 -24.46 -30.04 0.17
C ILE E 324 -25.48 -29.07 -0.42
N VAL E 325 -25.16 -27.80 -0.62
CA VAL E 325 -26.12 -27.00 -1.42
C VAL E 325 -25.37 -26.22 -2.48
N PRO E 328 -34.90 -24.01 -0.85
CA PRO E 328 -35.88 -23.78 0.21
C PRO E 328 -37.29 -24.29 -0.11
N ASN E 329 -37.11 -25.01 -1.22
CA ASN E 329 -38.07 -25.57 -2.10
C ASN E 329 -38.01 -24.43 -3.14
N ILE E 330 -37.39 -24.64 -4.32
CA ILE E 330 -37.28 -23.59 -5.41
C ILE E 330 -38.60 -23.35 -6.16
N THR E 331 -39.31 -22.30 -5.77
CA THR E 331 -40.62 -22.12 -6.33
C THR E 331 -40.83 -21.15 -7.44
N ASN E 332 -40.33 -19.93 -7.32
CA ASN E 332 -40.98 -18.91 -8.11
C ASN E 332 -40.28 -18.38 -9.35
N LEU E 333 -40.33 -19.19 -10.39
CA LEU E 333 -39.72 -18.80 -11.63
C LEU E 333 -40.73 -17.93 -12.31
N CYS E 334 -40.20 -16.90 -12.94
CA CYS E 334 -41.05 -15.92 -13.58
C CYS E 334 -41.77 -16.42 -14.84
N PRO E 335 -42.77 -15.68 -15.26
CA PRO E 335 -43.62 -16.08 -16.37
C PRO E 335 -43.14 -15.66 -17.72
N PHE E 336 -43.04 -16.63 -18.60
CA PHE E 336 -42.68 -16.43 -19.94
C PHE E 336 -43.75 -17.23 -20.59
N GLY E 337 -44.06 -18.37 -20.01
CA GLY E 337 -45.02 -19.17 -20.74
C GLY E 337 -46.21 -18.38 -21.25
N GLU E 338 -46.51 -17.25 -20.60
CA GLU E 338 -47.58 -16.40 -21.09
C GLU E 338 -47.10 -15.40 -22.14
N VAL E 339 -45.79 -15.31 -22.36
CA VAL E 339 -45.26 -14.44 -23.41
C VAL E 339 -44.98 -15.27 -24.65
N PHE E 340 -44.11 -16.28 -24.50
CA PHE E 340 -43.60 -16.99 -25.66
C PHE E 340 -44.63 -17.94 -26.25
N ASN E 341 -45.40 -18.62 -25.39
CA ASN E 341 -46.45 -19.52 -25.84
C ASN E 341 -47.82 -18.85 -25.81
N ALA E 342 -47.87 -17.54 -26.02
CA ALA E 342 -49.13 -16.82 -26.01
C ALA E 342 -49.94 -17.12 -27.27
N THR E 343 -51.25 -16.95 -27.17
CA THR E 343 -52.13 -17.23 -28.30
C THR E 343 -52.02 -16.15 -29.37
N ARG E 344 -51.90 -14.90 -28.96
CA ARG E 344 -51.96 -13.77 -29.88
C ARG E 344 -50.91 -12.74 -29.51
N PHE E 345 -50.25 -12.19 -30.52
CA PHE E 345 -49.27 -11.14 -30.35
C PHE E 345 -49.90 -9.80 -30.74
N ALA E 346 -49.06 -8.77 -30.82
CA ALA E 346 -49.48 -7.44 -31.26
C ALA E 346 -48.59 -7.00 -32.41
N SER E 347 -49.09 -6.03 -33.18
CA SER E 347 -48.33 -5.51 -34.31
C SER E 347 -47.14 -4.68 -33.82
N VAL E 348 -46.23 -4.40 -34.74
CA VAL E 348 -44.94 -3.84 -34.33
C VAL E 348 -45.02 -2.35 -34.02
N TYR E 349 -46.02 -1.64 -34.53
CA TYR E 349 -46.17 -0.24 -34.13
C TYR E 349 -46.69 -0.14 -32.71
N ALA E 350 -47.65 -0.96 -32.34
CA ALA E 350 -48.13 -1.07 -30.95
C ALA E 350 -47.54 -2.32 -30.31
N TRP E 351 -46.21 -2.29 -30.14
CA TRP E 351 -45.53 -3.47 -29.63
C TRP E 351 -45.83 -3.67 -28.16
N ASN E 352 -46.18 -4.89 -27.78
CA ASN E 352 -46.62 -5.18 -26.43
C ASN E 352 -45.42 -5.33 -25.50
N ARG E 353 -45.38 -4.50 -24.47
CA ARG E 353 -44.32 -4.54 -23.47
C ARG E 353 -44.92 -5.02 -22.15
N LYS E 354 -44.30 -6.03 -21.55
CA LYS E 354 -44.70 -6.51 -20.24
C LYS E 354 -43.49 -6.53 -19.32
N ARG E 355 -43.64 -5.97 -18.12
CA ARG E 355 -42.57 -5.94 -17.16
C ARG E 355 -42.56 -7.23 -16.34
N ILE E 356 -41.39 -7.84 -16.22
CA ILE E 356 -41.23 -9.10 -15.51
C ILE E 356 -40.29 -8.86 -14.35
N SER E 357 -40.77 -9.12 -13.13
CA SER E 357 -39.97 -8.93 -11.93
C SER E 357 -40.51 -9.82 -10.83
N ASN E 358 -39.76 -9.85 -9.72
CA ASN E 358 -40.10 -10.60 -8.50
C ASN E 358 -40.28 -12.09 -8.76
N CYS E 359 -39.41 -12.66 -9.59
CA CYS E 359 -39.49 -14.08 -9.89
C CYS E 359 -38.12 -14.60 -10.31
N VAL E 360 -38.05 -15.93 -10.42
CA VAL E 360 -36.85 -16.61 -10.90
C VAL E 360 -37.03 -16.85 -12.39
N ALA E 361 -36.08 -16.38 -13.19
CA ALA E 361 -36.16 -16.46 -14.64
C ALA E 361 -35.32 -17.66 -15.11
N ASP E 362 -36.01 -18.72 -15.53
CA ASP E 362 -35.35 -19.94 -15.98
C ASP E 362 -35.21 -19.79 -17.49
N TYR E 363 -33.98 -19.57 -17.95
CA TYR E 363 -33.70 -19.39 -19.37
C TYR E 363 -33.36 -20.67 -20.10
N SER E 364 -33.28 -21.80 -19.39
CA SER E 364 -32.91 -23.06 -20.04
C SER E 364 -34.01 -23.54 -20.97
N VAL E 365 -35.27 -23.33 -20.59
CA VAL E 365 -36.39 -23.68 -21.45
C VAL E 365 -36.52 -22.77 -22.65
N LEU E 366 -35.82 -21.63 -22.68
CA LEU E 366 -35.77 -20.77 -23.84
C LEU E 366 -34.66 -21.18 -24.80
N TYR E 367 -33.44 -21.34 -24.28
CA TYR E 367 -32.31 -21.64 -25.16
C TYR E 367 -32.37 -23.07 -25.66
N ASN E 368 -32.81 -24.01 -24.82
CA ASN E 368 -32.85 -25.42 -25.20
C ASN E 368 -34.20 -25.83 -25.77
N SER E 369 -35.03 -24.86 -26.18
CA SER E 369 -36.33 -25.19 -26.74
C SER E 369 -36.22 -25.76 -28.15
N ALA E 370 -35.16 -25.38 -28.88
CA ALA E 370 -34.86 -25.83 -30.25
C ALA E 370 -35.99 -25.49 -31.22
N SER E 371 -36.69 -24.38 -30.98
CA SER E 371 -37.72 -23.91 -31.88
C SER E 371 -37.54 -22.46 -32.28
N PHE E 372 -36.61 -21.74 -31.65
CA PHE E 372 -36.41 -20.31 -31.90
C PHE E 372 -35.29 -20.17 -32.92
N SER E 373 -35.66 -19.76 -34.14
CA SER E 373 -34.72 -19.77 -35.26
C SER E 373 -33.64 -18.71 -35.11
N THR E 374 -34.04 -17.48 -34.77
CA THR E 374 -33.11 -16.37 -34.66
C THR E 374 -32.95 -16.00 -33.19
N PHE E 375 -31.72 -16.10 -32.69
CA PHE E 375 -31.48 -15.92 -31.27
C PHE E 375 -29.99 -15.64 -31.09
N LYS E 376 -29.66 -14.43 -30.63
CA LYS E 376 -28.29 -14.07 -30.29
C LYS E 376 -28.36 -12.96 -29.26
N CYS E 377 -27.32 -12.85 -28.43
CA CYS E 377 -27.42 -11.96 -27.28
C CYS E 377 -26.27 -10.96 -27.17
N TYR E 378 -26.64 -9.74 -26.77
CA TYR E 378 -25.79 -8.57 -26.80
C TYR E 378 -25.52 -8.12 -25.38
N GLY E 379 -24.24 -7.97 -25.05
CA GLY E 379 -23.83 -7.50 -23.75
C GLY E 379 -23.62 -8.58 -22.72
N VAL E 380 -24.16 -9.78 -22.95
CA VAL E 380 -23.97 -10.91 -22.05
C VAL E 380 -24.18 -12.17 -22.89
N SER E 381 -23.36 -13.18 -22.64
CA SER E 381 -23.51 -14.45 -23.32
C SER E 381 -24.81 -15.13 -22.89
N PRO E 382 -25.55 -15.75 -23.82
CA PRO E 382 -26.85 -16.35 -23.47
C PRO E 382 -26.76 -17.51 -22.48
N THR E 383 -25.69 -18.28 -22.51
CA THR E 383 -25.50 -19.33 -21.51
C THR E 383 -24.89 -18.80 -20.22
N LYS E 384 -24.51 -17.52 -20.18
CA LYS E 384 -23.91 -16.93 -19.00
C LYS E 384 -24.90 -16.05 -18.23
N LEU E 385 -25.98 -15.60 -18.86
CA LEU E 385 -26.98 -14.77 -18.20
C LEU E 385 -27.90 -15.55 -17.29
N ASN E 386 -27.80 -16.89 -17.26
CA ASN E 386 -28.69 -17.69 -16.43
C ASN E 386 -28.39 -17.49 -14.94
N ASP E 387 -27.12 -17.30 -14.59
CA ASP E 387 -26.74 -17.12 -13.19
C ASP E 387 -26.33 -15.68 -12.87
N LEU E 388 -26.96 -14.71 -13.49
CA LEU E 388 -26.75 -13.31 -13.15
C LEU E 388 -28.12 -12.68 -12.94
N CYS E 389 -28.20 -11.73 -12.02
CA CYS E 389 -29.47 -11.23 -11.52
C CYS E 389 -29.66 -9.76 -11.90
N PHE E 390 -30.83 -9.45 -12.46
CA PHE E 390 -31.19 -8.10 -12.86
C PHE E 390 -32.32 -7.59 -11.96
N THR E 391 -32.72 -6.34 -12.21
CA THR E 391 -33.78 -5.72 -11.44
C THR E 391 -35.11 -5.72 -12.19
N ASN E 392 -35.12 -5.21 -13.42
CA ASN E 392 -36.32 -5.12 -14.23
C ASN E 392 -36.06 -5.73 -15.60
N VAL E 393 -36.97 -6.61 -16.03
CA VAL E 393 -36.87 -7.27 -17.32
C VAL E 393 -38.14 -6.93 -18.10
N TYR E 394 -37.97 -6.36 -19.29
CA TYR E 394 -39.07 -6.06 -20.18
C TYR E 394 -39.03 -7.01 -21.36
N ALA E 395 -40.17 -7.65 -21.65
CA ALA E 395 -40.29 -8.56 -22.77
C ALA E 395 -41.17 -7.90 -23.83
N ASP E 396 -40.54 -7.09 -24.67
CA ASP E 396 -41.24 -6.44 -25.78
C ASP E 396 -41.47 -7.44 -26.89
N SER E 397 -42.71 -7.60 -27.32
CA SER E 397 -43.06 -8.64 -28.27
C SER E 397 -43.87 -8.06 -29.42
N PHE E 398 -43.61 -8.54 -30.63
CA PHE E 398 -44.35 -8.09 -31.81
C PHE E 398 -44.23 -9.15 -32.90
N VAL E 399 -44.87 -8.86 -34.04
CA VAL E 399 -44.83 -9.72 -35.22
C VAL E 399 -44.33 -8.89 -36.39
N ILE E 400 -43.24 -9.33 -37.01
CA ILE E 400 -42.69 -8.67 -38.18
C ILE E 400 -42.48 -9.70 -39.28
N ARG E 401 -42.28 -9.20 -40.49
CA ARG E 401 -41.90 -10.04 -41.61
C ARG E 401 -40.46 -10.52 -41.42
N GLY E 402 -40.17 -11.69 -41.99
CA GLY E 402 -38.92 -12.37 -41.74
C GLY E 402 -37.68 -11.68 -42.30
N ASP E 403 -37.84 -10.71 -43.18
CA ASP E 403 -36.67 -10.02 -43.73
C ASP E 403 -36.05 -9.09 -42.71
N GLU E 404 -36.87 -8.33 -41.98
CA GLU E 404 -36.37 -7.29 -41.09
C GLU E 404 -36.19 -7.78 -39.65
N VAL E 405 -35.94 -9.07 -39.47
CA VAL E 405 -35.47 -9.55 -38.17
C VAL E 405 -34.09 -8.97 -37.89
N ARG E 406 -33.28 -8.79 -38.94
CA ARG E 406 -31.98 -8.13 -38.82
C ARG E 406 -32.13 -6.67 -38.43
N GLN E 407 -33.29 -6.06 -38.72
CA GLN E 407 -33.54 -4.69 -38.28
C GLN E 407 -33.69 -4.56 -36.77
N ILE E 408 -34.01 -5.64 -36.07
CA ILE E 408 -34.13 -5.60 -34.62
C ILE E 408 -32.74 -5.89 -34.07
N ALA E 409 -31.92 -4.83 -34.00
CA ALA E 409 -30.54 -4.92 -33.55
C ALA E 409 -30.08 -3.55 -33.13
N PRO E 410 -29.22 -3.44 -32.13
CA PRO E 410 -28.60 -2.14 -31.80
C PRO E 410 -27.71 -1.65 -32.93
N GLY E 411 -27.74 -0.34 -33.14
CA GLY E 411 -26.97 0.29 -34.20
C GLY E 411 -27.40 -0.14 -35.60
N GLN E 412 -28.71 -0.24 -35.82
CA GLN E 412 -29.24 -0.72 -37.09
C GLN E 412 -30.20 0.33 -37.65
N THR E 413 -30.12 0.53 -38.96
CA THR E 413 -30.93 1.52 -39.67
C THR E 413 -31.80 0.80 -40.69
N GLY E 414 -33.07 1.22 -40.77
CA GLY E 414 -33.99 0.63 -41.71
C GLY E 414 -35.38 1.22 -41.60
N LYS E 415 -36.41 0.39 -41.74
CA LYS E 415 -37.79 0.85 -41.65
C LYS E 415 -38.40 0.56 -40.29
N ILE E 416 -38.35 -0.69 -39.85
CA ILE E 416 -38.84 -1.03 -38.52
C ILE E 416 -37.93 -0.44 -37.45
N ALA E 417 -36.63 -0.42 -37.70
CA ALA E 417 -35.66 0.11 -36.75
C ALA E 417 -35.70 1.63 -36.64
N ASP E 418 -36.42 2.32 -37.51
CA ASP E 418 -36.53 3.77 -37.44
C ASP E 418 -37.93 4.26 -37.13
N TYR E 419 -38.96 3.66 -37.72
CA TYR E 419 -40.31 4.17 -37.55
C TYR E 419 -41.19 3.29 -36.68
N ASN E 420 -40.78 2.08 -36.35
CA ASN E 420 -41.65 1.17 -35.62
C ASN E 420 -41.11 0.77 -34.26
N TYR E 421 -39.85 0.33 -34.19
CA TYR E 421 -39.30 -0.16 -32.94
C TYR E 421 -37.78 -0.04 -33.02
N LYS E 422 -37.20 0.91 -32.29
CA LYS E 422 -35.77 1.14 -32.32
C LYS E 422 -35.12 0.65 -31.03
N LEU E 423 -34.09 -0.17 -31.17
CA LEU E 423 -33.27 -0.54 -30.03
C LEU E 423 -32.15 0.49 -29.82
N PRO E 424 -31.82 0.81 -28.57
CA PRO E 424 -30.69 1.72 -28.33
C PRO E 424 -29.37 1.03 -28.60
N ASP E 425 -28.33 1.86 -28.71
CA ASP E 425 -26.98 1.33 -28.96
C ASP E 425 -26.46 0.56 -27.75
N ASP E 426 -26.75 1.05 -26.55
CA ASP E 426 -26.39 0.37 -25.30
C ASP E 426 -27.43 -0.67 -24.84
N PHE E 427 -27.85 -1.52 -25.76
CA PHE E 427 -28.95 -2.45 -25.50
C PHE E 427 -28.45 -3.64 -24.70
N THR E 428 -29.01 -3.82 -23.50
CA THR E 428 -28.62 -4.89 -22.58
C THR E 428 -29.79 -5.86 -22.50
N GLY E 429 -29.66 -6.97 -23.21
CA GLY E 429 -30.75 -7.91 -23.37
C GLY E 429 -30.67 -8.48 -24.78
N CYS E 430 -31.69 -9.26 -25.14
CA CYS E 430 -31.61 -9.93 -26.43
C CYS E 430 -32.96 -10.38 -26.97
N VAL E 431 -32.90 -10.89 -28.20
CA VAL E 431 -34.00 -10.97 -29.15
C VAL E 431 -34.25 -12.42 -29.48
N ILE E 432 -35.51 -12.84 -29.45
CA ILE E 432 -35.90 -14.19 -29.81
C ILE E 432 -36.93 -14.11 -30.92
N ALA E 433 -36.61 -14.69 -32.06
CA ALA E 433 -37.51 -14.68 -33.21
C ALA E 433 -37.63 -16.09 -33.77
N TRP E 434 -38.87 -16.56 -33.92
CA TRP E 434 -39.12 -17.86 -34.50
C TRP E 434 -40.21 -17.74 -35.55
N ASN E 435 -40.20 -18.67 -36.49
CA ASN E 435 -41.17 -18.67 -37.58
C ASN E 435 -42.57 -18.94 -37.06
N SER E 436 -43.54 -18.24 -37.62
CA SER E 436 -44.92 -18.36 -37.19
C SER E 436 -45.86 -18.39 -38.39
N ASN E 437 -45.44 -19.07 -39.46
CA ASN E 437 -46.28 -19.23 -40.64
C ASN E 437 -47.51 -20.08 -40.35
N ASN E 438 -47.36 -21.08 -39.48
CA ASN E 438 -48.45 -21.99 -39.13
C ASN E 438 -49.52 -21.38 -38.25
N LEU E 439 -49.32 -20.20 -37.69
CA LEU E 439 -50.35 -19.55 -36.90
C LEU E 439 -50.81 -18.21 -37.46
N ASP E 440 -49.88 -17.32 -37.81
CA ASP E 440 -50.24 -15.95 -38.15
C ASP E 440 -50.64 -15.75 -39.60
N SER E 441 -50.07 -16.51 -40.53
CA SER E 441 -50.38 -16.36 -41.95
C SER E 441 -51.58 -17.24 -42.27
N LYS E 442 -52.77 -16.65 -42.25
CA LYS E 442 -54.00 -17.39 -42.50
C LYS E 442 -54.28 -17.43 -44.01
N VAL E 443 -55.26 -18.26 -44.38
CA VAL E 443 -55.58 -18.48 -45.78
C VAL E 443 -56.30 -17.24 -46.32
N GLY E 444 -55.88 -16.80 -47.50
CA GLY E 444 -56.44 -15.62 -48.13
C GLY E 444 -55.80 -14.32 -47.74
N GLY E 445 -54.79 -14.34 -46.87
CA GLY E 445 -54.13 -13.11 -46.46
C GLY E 445 -54.50 -12.69 -45.06
N ASN E 446 -53.50 -12.34 -44.25
CA ASN E 446 -53.71 -11.82 -42.91
C ASN E 446 -53.30 -10.36 -42.88
N TYR E 447 -54.25 -9.48 -42.59
CA TYR E 447 -54.03 -8.04 -42.63
C TYR E 447 -54.24 -7.38 -41.26
N ASN E 448 -54.25 -8.18 -40.19
CA ASN E 448 -54.37 -7.60 -38.85
C ASN E 448 -53.09 -6.89 -38.45
N TYR E 449 -51.94 -7.37 -38.90
CA TYR E 449 -50.65 -6.83 -38.50
C TYR E 449 -50.25 -5.72 -39.45
N ARG E 450 -50.02 -4.53 -38.90
CA ARG E 450 -49.60 -3.36 -39.66
C ARG E 450 -48.28 -2.85 -39.11
N TYR E 451 -47.56 -2.11 -39.93
CA TYR E 451 -46.33 -1.46 -39.48
C TYR E 451 -46.34 0.00 -39.92
N ARG E 452 -45.71 0.84 -39.10
CA ARG E 452 -45.64 2.26 -39.41
C ARG E 452 -44.66 2.48 -40.54
N LEU E 453 -45.13 3.10 -41.60
CA LEU E 453 -44.37 3.25 -42.84
C LEU E 453 -43.93 4.68 -43.10
N PHE E 454 -44.80 5.65 -42.84
CA PHE E 454 -44.50 7.06 -43.02
C PHE E 454 -44.44 7.72 -41.66
N ARG E 455 -43.33 8.42 -41.39
CA ARG E 455 -43.22 9.16 -40.14
C ARG E 455 -42.31 10.36 -40.37
N LYS E 456 -42.51 11.40 -39.57
CA LYS E 456 -41.74 12.63 -39.72
C LYS E 456 -40.30 12.44 -39.28
N SER E 457 -40.08 11.76 -38.15
CA SER E 457 -38.75 11.57 -37.62
C SER E 457 -38.58 10.13 -37.19
N ASN E 458 -37.32 9.71 -37.09
CA ASN E 458 -37.02 8.39 -36.58
C ASN E 458 -37.33 8.31 -35.10
N LEU E 459 -37.68 7.11 -34.64
CA LEU E 459 -38.08 6.92 -33.26
C LEU E 459 -36.89 6.99 -32.32
N LYS E 460 -37.11 7.57 -31.15
CA LYS E 460 -36.20 7.38 -30.03
C LYS E 460 -36.34 5.94 -29.53
N PRO E 461 -35.29 5.39 -28.90
CA PRO E 461 -35.35 3.99 -28.45
C PRO E 461 -36.45 3.73 -27.42
N PHE E 462 -37.09 2.57 -27.57
CA PHE E 462 -38.20 2.10 -26.75
C PHE E 462 -39.36 3.09 -26.72
N GLU E 463 -39.69 3.65 -27.88
CA GLU E 463 -40.85 4.52 -28.02
C GLU E 463 -41.99 3.73 -28.64
N ARG E 464 -43.18 3.91 -28.09
CA ARG E 464 -44.38 3.24 -28.58
C ARG E 464 -45.31 4.31 -29.15
N ASP E 465 -45.46 4.31 -30.48
CA ASP E 465 -46.27 5.29 -31.18
C ASP E 465 -47.60 4.66 -31.58
N ILE E 466 -48.68 5.24 -31.10
CA ILE E 466 -50.02 4.69 -31.32
C ILE E 466 -50.84 5.56 -32.26
N SER E 467 -50.42 6.80 -32.54
CA SER E 467 -51.23 7.73 -33.30
C SER E 467 -51.31 7.33 -34.77
N THR E 468 -52.53 7.31 -35.30
CA THR E 468 -52.80 6.96 -36.69
C THR E 468 -53.30 8.17 -37.46
N GLU E 469 -52.71 9.34 -37.20
CA GLU E 469 -53.06 10.54 -37.93
C GLU E 469 -52.56 10.46 -39.37
N ILE E 470 -53.28 11.13 -40.27
CA ILE E 470 -52.95 11.09 -41.69
C ILE E 470 -51.69 11.92 -41.93
N TYR E 471 -50.62 11.25 -42.34
CA TYR E 471 -49.31 11.87 -42.43
C TYR E 471 -49.24 12.87 -43.58
N GLN E 472 -48.67 14.03 -43.32
CA GLN E 472 -48.49 15.06 -44.33
C GLN E 472 -47.05 15.00 -44.84
N ALA E 473 -46.90 14.77 -46.15
CA ALA E 473 -45.59 14.71 -46.76
C ALA E 473 -45.21 15.99 -47.50
N GLY E 474 -46.17 16.87 -47.76
CA GLY E 474 -45.89 18.08 -48.51
C GLY E 474 -46.11 19.35 -47.72
N SER E 475 -46.22 20.47 -48.43
CA SER E 475 -46.33 21.77 -47.78
C SER E 475 -47.74 22.01 -47.25
N LYS E 476 -48.75 21.80 -48.09
CA LYS E 476 -50.11 22.11 -47.72
C LYS E 476 -50.67 21.03 -46.79
N PRO E 477 -51.10 21.36 -45.58
CA PRO E 477 -51.78 20.37 -44.75
C PRO E 477 -53.15 20.04 -45.31
N CYS E 478 -53.59 18.80 -45.07
CA CYS E 478 -54.82 18.31 -45.66
C CYS E 478 -55.75 17.71 -44.61
N ASN E 479 -55.78 18.32 -43.42
CA ASN E 479 -56.76 18.21 -42.34
C ASN E 479 -57.28 16.80 -42.03
N GLY E 480 -56.43 15.79 -42.19
CA GLY E 480 -56.83 14.43 -41.85
C GLY E 480 -57.73 13.73 -42.84
N VAL E 481 -57.74 14.15 -44.10
CA VAL E 481 -58.46 13.42 -45.14
C VAL E 481 -57.42 12.80 -46.08
N GLU E 482 -57.82 11.70 -46.72
CA GLU E 482 -56.93 10.92 -47.56
C GLU E 482 -56.82 11.58 -48.94
N GLY E 483 -55.61 11.61 -49.47
CA GLY E 483 -55.41 12.19 -50.78
C GLY E 483 -53.95 12.30 -51.13
N PHE E 484 -53.65 13.18 -52.08
CA PHE E 484 -52.29 13.42 -52.53
C PHE E 484 -51.45 14.03 -51.41
N ASN E 485 -50.30 13.42 -51.14
CA ASN E 485 -49.42 13.74 -50.01
C ASN E 485 -50.14 13.65 -48.67
N CYS E 486 -51.13 12.76 -48.58
CA CYS E 486 -51.89 12.50 -47.36
C CYS E 486 -51.95 10.98 -47.24
N TYR E 487 -51.01 10.41 -46.50
CA TYR E 487 -50.86 8.97 -46.43
C TYR E 487 -51.19 8.48 -45.03
N PHE E 488 -52.02 7.45 -44.94
CA PHE E 488 -52.24 6.78 -43.68
C PHE E 488 -51.00 5.97 -43.35
N PRO E 489 -50.37 6.18 -42.20
CA PRO E 489 -48.99 5.69 -42.00
C PRO E 489 -48.88 4.21 -41.69
N LEU E 490 -49.98 3.48 -41.56
CA LEU E 490 -49.94 2.06 -41.23
C LEU E 490 -50.32 1.25 -42.47
N GLN E 491 -49.32 0.61 -43.07
CA GLN E 491 -49.54 -0.27 -44.21
C GLN E 491 -49.51 -1.70 -43.72
N SER E 492 -50.63 -2.40 -43.87
CA SER E 492 -50.75 -3.76 -43.36
C SER E 492 -49.90 -4.73 -44.17
N TYR E 493 -49.28 -5.68 -43.47
CA TYR E 493 -48.56 -6.76 -44.12
C TYR E 493 -49.52 -7.66 -44.87
N GLY E 494 -49.07 -8.17 -46.02
CA GLY E 494 -49.80 -9.22 -46.69
C GLY E 494 -49.18 -10.56 -46.38
N PHE E 495 -49.76 -11.29 -45.43
CA PHE E 495 -49.19 -12.54 -44.95
C PHE E 495 -49.99 -13.69 -45.54
N GLN E 496 -49.31 -14.52 -46.35
CA GLN E 496 -49.93 -15.63 -47.04
C GLN E 496 -49.09 -16.88 -46.83
N PRO E 497 -49.72 -18.06 -46.72
CA PRO E 497 -48.94 -19.31 -46.73
C PRO E 497 -48.19 -19.56 -48.03
N THR E 498 -48.63 -18.96 -49.14
CA THR E 498 -47.93 -19.08 -50.41
C THR E 498 -46.58 -18.36 -50.39
N ASN E 499 -46.43 -17.36 -49.51
CA ASN E 499 -45.27 -16.48 -49.48
C ASN E 499 -44.00 -17.25 -49.12
N GLY E 500 -42.87 -16.68 -49.52
CA GLY E 500 -41.58 -17.29 -49.30
C GLY E 500 -41.14 -17.21 -47.85
N VAL E 501 -39.93 -17.72 -47.61
CA VAL E 501 -39.39 -17.79 -46.26
C VAL E 501 -39.12 -16.40 -45.71
N GLY E 502 -38.63 -15.49 -46.56
CA GLY E 502 -38.39 -14.13 -46.12
C GLY E 502 -39.64 -13.32 -45.88
N TYR E 503 -40.77 -13.74 -46.45
CA TYR E 503 -42.04 -13.04 -46.28
C TYR E 503 -42.93 -13.68 -45.23
N GLN E 504 -42.45 -14.69 -44.54
CA GLN E 504 -43.30 -15.30 -43.54
C GLN E 504 -43.27 -14.49 -42.25
N PRO E 505 -44.37 -14.48 -41.49
CA PRO E 505 -44.38 -13.71 -40.24
C PRO E 505 -43.56 -14.41 -39.16
N TYR E 506 -42.75 -13.63 -38.46
CA TYR E 506 -41.91 -14.14 -37.38
C TYR E 506 -42.31 -13.44 -36.08
N ARG E 507 -42.84 -14.21 -35.13
CA ARG E 507 -43.13 -13.66 -33.83
C ARG E 507 -41.82 -13.35 -33.11
N VAL E 508 -41.59 -12.08 -32.83
CA VAL E 508 -40.33 -11.62 -32.25
C VAL E 508 -40.59 -11.19 -30.83
N VAL E 509 -39.79 -11.70 -29.89
CA VAL E 509 -39.85 -11.29 -28.50
C VAL E 509 -38.49 -10.73 -28.13
N VAL E 510 -38.46 -9.49 -27.64
CA VAL E 510 -37.23 -8.80 -27.31
C VAL E 510 -37.15 -8.64 -25.80
N LEU E 511 -36.09 -9.16 -25.20
CA LEU E 511 -35.85 -9.06 -23.77
C LEU E 511 -34.88 -7.92 -23.52
N SER E 512 -35.18 -7.07 -22.54
CA SER E 512 -34.28 -6.00 -22.13
C SER E 512 -34.01 -6.14 -20.64
N PHE E 513 -32.78 -5.84 -20.24
CA PHE E 513 -32.37 -5.98 -18.85
C PHE E 513 -31.85 -4.65 -18.33
N GLU E 514 -31.86 -4.50 -17.01
CA GLU E 514 -31.29 -3.33 -16.35
C GLU E 514 -29.76 -3.35 -16.46
N ALA E 520 -33.33 -5.82 -7.62
CA ALA E 520 -32.56 -6.97 -8.08
C ALA E 520 -33.31 -8.27 -7.84
N THR E 521 -34.56 -8.32 -8.30
CA THR E 521 -35.46 -9.42 -7.97
C THR E 521 -35.74 -10.34 -9.16
N VAL E 522 -34.71 -10.52 -9.97
CA VAL E 522 -34.76 -11.46 -11.07
C VAL E 522 -33.40 -12.09 -11.23
N CYS E 523 -33.38 -13.42 -11.22
CA CYS E 523 -32.19 -14.25 -11.41
C CYS E 523 -32.59 -15.70 -11.59
N GLY E 524 -31.58 -16.54 -11.82
CA GLY E 524 -31.76 -17.97 -12.02
C GLY E 524 -31.78 -18.74 -10.73
N PRO E 525 -31.65 -20.05 -10.78
CA PRO E 525 -32.11 -20.86 -9.65
C PRO E 525 -31.09 -21.28 -8.56
N LYS E 526 -31.00 -22.57 -8.30
CA LYS E 526 -30.14 -23.04 -7.25
C LYS E 526 -29.66 -24.48 -7.40
N LYS E 527 -29.57 -25.21 -6.28
CA LYS E 527 -29.10 -26.60 -6.28
C LYS E 527 -29.39 -27.44 -5.02
N SER E 528 -30.56 -27.31 -4.45
CA SER E 528 -30.89 -28.08 -3.23
C SER E 528 -30.65 -29.62 -3.36
N THR E 529 -29.55 -30.09 -2.79
CA THR E 529 -29.18 -31.49 -2.78
C THR E 529 -29.43 -32.05 -1.39
N ASN E 530 -29.35 -33.38 -1.29
CA ASN E 530 -29.56 -34.06 -0.04
C ASN E 530 -28.44 -33.71 0.93
N LEU E 531 -28.78 -33.53 2.19
CA LEU E 531 -27.79 -33.19 3.20
C LEU E 531 -27.28 -34.45 3.88
N VAL E 532 -25.99 -34.45 4.18
CA VAL E 532 -25.36 -35.50 4.96
C VAL E 532 -24.86 -34.87 6.26
N LYS E 533 -25.18 -35.48 7.39
CA LYS E 533 -25.07 -34.77 8.66
C LYS E 533 -24.34 -35.62 9.70
N ASN E 534 -23.22 -36.21 9.31
CA ASN E 534 -22.23 -36.71 10.25
C ASN E 534 -20.81 -36.43 9.83
N LYS E 535 -20.56 -35.75 8.72
CA LYS E 535 -19.23 -35.71 8.14
C LYS E 535 -18.82 -34.27 7.90
N CYS E 536 -17.52 -34.04 7.78
CA CYS E 536 -17.02 -32.72 7.42
C CYS E 536 -17.38 -32.48 5.97
N VAL E 537 -18.24 -31.49 5.73
CA VAL E 537 -18.74 -31.16 4.40
C VAL E 537 -18.60 -29.66 4.20
N ASN E 538 -18.85 -29.24 2.97
CA ASN E 538 -19.07 -27.83 2.69
C ASN E 538 -20.56 -27.58 2.61
N PHE E 539 -21.02 -26.48 3.16
CA PHE E 539 -22.43 -26.15 3.10
C PHE E 539 -22.61 -24.75 2.56
N ASN E 540 -23.74 -24.57 1.89
CA ASN E 540 -24.14 -23.31 1.29
C ASN E 540 -25.61 -23.06 1.61
N PHE E 541 -25.93 -23.05 2.91
CA PHE E 541 -27.30 -22.87 3.36
C PHE E 541 -27.76 -21.45 3.05
N ASN E 542 -28.50 -21.29 1.95
CA ASN E 542 -28.98 -20.00 1.44
C ASN E 542 -27.86 -18.99 1.27
N GLY E 543 -26.73 -19.44 0.75
CA GLY E 543 -25.60 -18.56 0.61
C GLY E 543 -24.80 -18.37 1.87
N LEU E 544 -25.21 -18.99 2.97
CA LEU E 544 -24.39 -19.05 4.18
C LEU E 544 -23.41 -20.19 3.99
N THR E 545 -22.14 -19.85 3.82
CA THR E 545 -21.14 -20.76 3.26
C THR E 545 -20.11 -21.10 4.31
N GLY E 546 -19.77 -22.38 4.40
CA GLY E 546 -18.68 -22.75 5.29
C GLY E 546 -18.40 -24.23 5.21
N THR E 547 -17.48 -24.69 6.04
CA THR E 547 -17.14 -26.10 6.15
C THR E 547 -17.38 -26.54 7.59
N GLY E 548 -17.81 -27.78 7.76
CA GLY E 548 -17.97 -28.31 9.10
C GLY E 548 -18.79 -29.57 9.10
N VAL E 549 -18.99 -30.07 10.30
CA VAL E 549 -19.77 -31.28 10.54
C VAL E 549 -21.14 -30.86 11.01
N LEU E 550 -22.17 -31.34 10.33
CA LEU E 550 -23.54 -31.04 10.71
C LEU E 550 -24.00 -32.09 11.72
N THR E 551 -24.77 -31.66 12.69
CA THR E 551 -25.24 -32.53 13.75
C THR E 551 -26.69 -32.18 14.08
N GLU E 552 -27.49 -33.18 14.41
CA GLU E 552 -28.85 -32.92 14.86
C GLU E 552 -28.84 -32.24 16.21
N SER E 553 -29.25 -30.98 16.24
CA SER E 553 -29.16 -30.17 17.45
C SER E 553 -30.46 -30.19 18.23
N ASN E 554 -30.35 -29.91 19.52
CA ASN E 554 -31.49 -29.65 20.38
C ASN E 554 -31.62 -28.18 20.73
N LYS E 555 -30.96 -27.32 19.97
CA LYS E 555 -31.10 -25.88 20.12
C LYS E 555 -32.45 -25.49 19.55
N LYS E 556 -33.38 -25.13 20.41
CA LYS E 556 -34.68 -24.66 19.95
C LYS E 556 -34.52 -23.25 19.44
N PHE E 557 -34.58 -23.08 18.11
CA PHE E 557 -34.56 -21.76 17.52
C PHE E 557 -35.89 -21.09 17.76
N LEU E 558 -36.03 -19.90 17.22
CA LEU E 558 -37.30 -19.24 17.33
C LEU E 558 -37.87 -19.14 15.92
N PRO E 559 -39.21 -19.28 15.73
CA PRO E 559 -39.76 -19.61 14.40
C PRO E 559 -39.47 -18.70 13.22
N PHE E 560 -38.76 -17.61 13.43
CA PHE E 560 -38.29 -16.78 12.34
C PHE E 560 -36.78 -16.78 12.21
N GLN E 561 -36.04 -17.33 13.16
CA GLN E 561 -34.60 -17.22 13.17
C GLN E 561 -33.99 -18.24 12.24
N GLN E 562 -32.93 -17.84 11.56
CA GLN E 562 -32.46 -18.63 10.43
C GLN E 562 -31.15 -19.36 10.70
N PHE E 563 -30.22 -18.75 11.42
CA PHE E 563 -28.99 -19.45 11.76
C PHE E 563 -28.44 -18.84 13.03
N GLY E 564 -27.87 -19.67 13.90
CA GLY E 564 -27.41 -19.19 15.16
C GLY E 564 -25.92 -19.09 15.22
N ARG E 565 -25.43 -18.05 15.88
CA ARG E 565 -24.01 -17.84 16.02
C ARG E 565 -23.64 -17.77 17.49
N ASP E 566 -22.34 -17.76 17.75
CA ASP E 566 -21.77 -18.12 19.03
C ASP E 566 -21.63 -16.88 19.90
N ILE E 567 -20.86 -16.99 20.98
CA ILE E 567 -20.47 -15.84 21.78
C ILE E 567 -19.58 -14.90 20.99
N ALA E 568 -18.66 -15.43 20.22
CA ALA E 568 -17.99 -14.64 19.21
C ALA E 568 -18.86 -14.61 17.96
N ASP E 569 -18.33 -14.09 16.86
CA ASP E 569 -19.17 -13.91 15.68
C ASP E 569 -19.36 -15.19 14.90
N THR E 570 -18.69 -16.26 15.29
CA THR E 570 -18.68 -17.49 14.51
C THR E 570 -20.03 -18.17 14.52
N THR E 571 -20.45 -18.65 13.36
CA THR E 571 -21.72 -19.34 13.26
C THR E 571 -21.65 -20.71 13.92
N ASP E 572 -22.77 -21.17 14.39
CA ASP E 572 -22.79 -22.39 15.18
C ASP E 572 -23.88 -23.34 14.76
N ALA E 573 -25.00 -22.84 14.28
CA ALA E 573 -26.15 -23.69 13.98
C ALA E 573 -26.84 -23.11 12.77
N VAL E 574 -27.51 -23.95 12.00
CA VAL E 574 -28.29 -23.51 10.85
C VAL E 574 -29.65 -24.18 10.92
N ARG E 575 -30.71 -23.40 10.75
CA ARG E 575 -32.01 -23.97 10.46
C ARG E 575 -32.05 -24.39 9.00
N ASP E 576 -32.26 -25.65 8.76
CA ASP E 576 -32.17 -26.22 7.43
C ASP E 576 -33.41 -25.91 6.61
N PRO E 577 -33.26 -25.48 5.37
CA PRO E 577 -34.40 -25.47 4.46
C PRO E 577 -34.87 -26.88 4.14
N GLN E 578 -36.09 -26.97 3.64
CA GLN E 578 -36.86 -28.15 3.25
C GLN E 578 -37.33 -28.98 4.44
N THR E 579 -36.83 -28.76 5.65
CA THR E 579 -37.38 -29.52 6.76
C THR E 579 -37.45 -28.74 8.06
N LEU E 580 -36.93 -27.50 8.04
CA LEU E 580 -36.93 -26.58 9.18
C LEU E 580 -36.28 -27.20 10.42
N GLU E 581 -35.24 -27.99 10.19
CA GLU E 581 -34.55 -28.69 11.26
C GLU E 581 -33.34 -27.87 11.67
N ILE E 582 -33.01 -27.91 12.96
CA ILE E 582 -31.89 -27.15 13.48
C ILE E 582 -30.66 -28.04 13.46
N LEU E 583 -29.74 -27.73 12.56
CA LEU E 583 -28.49 -28.44 12.54
C LEU E 583 -27.52 -27.73 13.48
N ASP E 584 -26.33 -28.29 13.60
CA ASP E 584 -25.35 -27.82 14.56
C ASP E 584 -24.00 -27.98 13.88
N ILE E 585 -23.28 -26.89 13.71
CA ILE E 585 -22.03 -26.90 12.97
C ILE E 585 -20.87 -27.04 13.93
N THR E 586 -20.18 -28.15 13.84
CA THR E 586 -18.90 -28.31 14.51
C THR E 586 -17.80 -28.06 13.50
N PRO E 587 -16.72 -27.35 13.79
CA PRO E 587 -15.63 -27.29 12.83
C PRO E 587 -14.92 -28.63 12.80
N CYS E 588 -14.75 -29.18 11.60
CA CYS E 588 -14.20 -30.52 11.49
C CYS E 588 -12.73 -30.51 11.85
N SER E 589 -12.26 -31.65 12.35
CA SER E 589 -11.18 -31.72 13.32
C SER E 589 -9.86 -31.23 12.78
N PHE E 590 -9.09 -30.65 13.68
CA PHE E 590 -7.75 -30.17 13.37
C PHE E 590 -6.96 -30.25 14.65
N GLY E 591 -5.64 -30.29 14.50
CA GLY E 591 -4.81 -30.33 15.67
C GLY E 591 -3.38 -30.65 15.34
N GLY E 592 -2.46 -30.28 16.20
CA GLY E 592 -1.07 -30.54 15.92
C GLY E 592 -0.74 -32.02 16.06
N VAL E 593 0.26 -32.43 15.32
CA VAL E 593 0.73 -33.80 15.32
C VAL E 593 2.09 -33.79 15.99
N SER E 594 2.19 -34.41 17.14
CA SER E 594 3.45 -34.50 17.85
C SER E 594 3.97 -35.92 17.72
N VAL E 595 5.28 -36.08 17.84
CA VAL E 595 5.90 -37.38 17.64
C VAL E 595 6.69 -37.73 18.89
N ILE E 596 6.28 -38.80 19.55
CA ILE E 596 7.01 -39.34 20.69
C ILE E 596 8.21 -40.09 20.14
N THR E 597 9.40 -39.71 20.57
CA THR E 597 10.54 -40.54 20.24
C THR E 597 11.42 -40.78 21.45
N PRO E 598 12.03 -41.95 21.53
CA PRO E 598 12.97 -42.18 22.63
C PRO E 598 14.39 -41.81 22.26
N GLY E 599 14.55 -41.04 21.20
CA GLY E 599 15.87 -40.66 20.75
C GLY E 599 16.39 -41.66 19.75
N THR E 600 17.05 -41.19 18.70
CA THR E 600 17.52 -42.11 17.68
C THR E 600 18.75 -42.88 18.11
N ASN E 601 19.34 -42.56 19.25
CA ASN E 601 20.42 -43.37 19.78
C ASN E 601 19.90 -44.50 20.65
N THR E 602 18.63 -44.72 20.69
CA THR E 602 18.07 -45.89 21.34
C THR E 602 17.25 -46.75 20.40
N SER E 603 16.36 -46.16 19.62
CA SER E 603 15.53 -46.89 18.69
C SER E 603 15.10 -45.93 17.60
N ASN E 604 14.49 -46.48 16.57
CA ASN E 604 13.81 -45.68 15.56
C ASN E 604 12.30 -45.85 15.61
N GLN E 605 11.79 -46.48 16.66
CA GLN E 605 10.35 -46.51 16.87
C GLN E 605 9.88 -45.13 17.29
N VAL E 606 8.72 -44.74 16.83
CA VAL E 606 8.08 -43.53 17.29
C VAL E 606 6.63 -43.83 17.59
N ALA E 607 6.05 -43.04 18.46
CA ALA E 607 4.61 -42.97 18.58
C ALA E 607 4.17 -41.63 18.06
N VAL E 608 2.91 -41.50 17.71
CA VAL E 608 2.40 -40.25 17.18
C VAL E 608 1.21 -39.84 18.01
N LEU E 609 1.22 -38.62 18.51
CA LEU E 609 0.11 -38.06 19.25
C LEU E 609 -0.60 -37.08 18.35
N TYR E 610 -1.88 -37.29 18.11
CA TYR E 610 -2.70 -36.34 17.39
C TYR E 610 -3.42 -35.52 18.45
N GLN E 611 -3.06 -34.24 18.57
CA GLN E 611 -3.47 -33.46 19.72
C GLN E 611 -4.92 -33.04 19.59
N GLY E 612 -5.77 -33.63 20.42
CA GLY E 612 -7.11 -33.15 20.57
C GLY E 612 -8.13 -33.69 19.61
N VAL E 613 -7.84 -34.78 18.92
CA VAL E 613 -8.82 -35.39 18.03
C VAL E 613 -9.27 -36.69 18.65
N ASN E 614 -10.43 -37.16 18.21
CA ASN E 614 -10.92 -38.44 18.65
C ASN E 614 -10.15 -39.55 17.96
N CYS E 615 -10.19 -40.75 18.52
CA CYS E 615 -9.51 -41.87 17.88
C CYS E 615 -10.44 -42.61 16.93
N THR E 616 -11.22 -41.84 16.17
CA THR E 616 -12.09 -42.39 15.15
C THR E 616 -11.84 -41.66 13.86
N GLU E 617 -10.89 -40.75 13.86
CA GLU E 617 -10.70 -39.80 12.78
C GLU E 617 -9.28 -39.90 12.24
N VAL E 618 -8.66 -41.07 12.38
CA VAL E 618 -7.33 -41.42 11.89
C VAL E 618 -6.29 -40.47 12.47
N THR E 636 0.52 -44.65 11.23
CA THR E 636 0.06 -45.95 10.74
C THR E 636 -0.47 -46.79 11.89
N GLY E 637 -1.73 -47.22 11.76
CA GLY E 637 -2.48 -47.86 12.82
C GLY E 637 -1.95 -49.21 13.32
N SER E 638 -1.48 -49.22 14.56
CA SER E 638 -1.08 -50.45 15.23
C SER E 638 -1.92 -50.71 16.47
N ASN E 639 -1.91 -49.78 17.41
CA ASN E 639 -2.70 -49.86 18.64
C ASN E 639 -3.00 -48.44 19.13
N VAL E 640 -4.15 -47.92 18.71
CA VAL E 640 -4.55 -46.58 19.07
C VAL E 640 -4.94 -46.54 20.53
N PHE E 641 -4.91 -45.35 21.11
CA PHE E 641 -5.15 -45.19 22.53
C PHE E 641 -5.67 -43.78 22.75
N GLN E 642 -6.90 -43.65 23.20
CA GLN E 642 -7.44 -42.34 23.51
C GLN E 642 -6.86 -41.87 24.83
N THR E 643 -6.54 -40.58 24.93
CA THR E 643 -5.71 -40.14 26.04
C THR E 643 -6.26 -38.99 26.87
N ARG E 644 -7.23 -38.23 26.35
CA ARG E 644 -7.76 -36.94 26.81
C ARG E 644 -6.77 -35.81 26.50
N ALA E 645 -5.56 -36.14 26.08
CA ALA E 645 -4.68 -35.18 25.45
C ALA E 645 -4.73 -35.28 23.94
N GLY E 646 -5.23 -36.37 23.40
CA GLY E 646 -5.31 -36.57 21.97
C GLY E 646 -5.51 -38.04 21.63
N CYS E 647 -4.89 -38.48 20.56
CA CYS E 647 -4.97 -39.87 20.15
C CYS E 647 -3.55 -40.38 19.98
N LEU E 648 -3.14 -41.33 20.78
CA LEU E 648 -1.79 -41.84 20.75
C LEU E 648 -1.79 -43.10 19.91
N ILE E 649 -1.03 -43.08 18.82
CA ILE E 649 -0.95 -44.19 17.90
C ILE E 649 0.47 -44.69 17.91
N GLY E 650 0.66 -45.96 18.21
CA GLY E 650 1.97 -46.53 18.19
C GLY E 650 2.61 -46.70 19.55
N ALA E 651 1.90 -46.37 20.61
CA ALA E 651 2.36 -46.61 21.96
C ALA E 651 1.38 -47.54 22.64
N GLU E 652 1.91 -48.49 23.41
CA GLU E 652 1.10 -49.54 24.01
C GLU E 652 0.72 -49.13 25.41
N HIS E 653 -0.57 -49.06 25.69
CA HIS E 653 -1.04 -48.55 26.97
C HIS E 653 -0.90 -49.61 28.04
N VAL E 654 -0.17 -49.29 29.09
CA VAL E 654 0.04 -50.21 30.19
C VAL E 654 -0.67 -49.64 31.42
N ASN E 655 -0.88 -50.48 32.44
CA ASN E 655 -1.52 -50.03 33.68
C ASN E 655 -0.49 -49.74 34.74
N ASN E 656 0.72 -50.24 34.55
CA ASN E 656 1.76 -50.07 35.55
C ASN E 656 2.30 -48.65 35.50
N SER E 657 1.98 -47.85 36.50
CA SER E 657 2.40 -46.45 36.56
C SER E 657 3.88 -46.34 36.88
N TYR E 658 4.57 -45.44 36.18
CA TYR E 658 5.97 -45.17 36.45
C TYR E 658 6.21 -43.69 36.60
N GLU E 659 7.46 -43.28 36.65
CA GLU E 659 7.83 -41.88 36.75
C GLU E 659 7.96 -41.32 35.35
N CYS E 660 7.56 -40.07 35.16
CA CYS E 660 7.43 -39.51 33.83
C CYS E 660 8.77 -39.27 33.17
N ASP E 661 8.87 -39.57 31.89
CA ASP E 661 10.05 -39.10 31.18
C ASP E 661 9.72 -38.36 29.90
N ILE E 662 8.72 -38.79 29.15
CA ILE E 662 8.25 -38.04 28.00
C ILE E 662 6.83 -37.60 28.27
N PRO E 663 6.63 -36.35 28.68
CA PRO E 663 5.30 -35.91 29.08
C PRO E 663 4.40 -35.69 27.90
N ILE E 664 3.22 -36.32 27.92
CA ILE E 664 2.24 -36.19 26.87
C ILE E 664 1.16 -35.20 27.25
N GLY E 665 0.53 -35.40 28.39
CA GLY E 665 -0.48 -34.46 28.83
C GLY E 665 -1.60 -35.21 29.51
N ALA E 666 -2.27 -34.49 30.41
CA ALA E 666 -3.39 -34.99 31.20
C ALA E 666 -3.02 -36.24 32.00
N GLY E 667 -1.77 -36.30 32.45
CA GLY E 667 -1.35 -37.39 33.27
C GLY E 667 -0.64 -38.51 32.58
N ILE E 668 -0.62 -38.53 31.26
CA ILE E 668 -0.04 -39.62 30.50
C ILE E 668 1.41 -39.28 30.20
N CYS E 669 2.29 -40.27 30.30
CA CYS E 669 3.68 -40.12 29.91
C CYS E 669 4.08 -41.28 29.02
N ALA E 670 5.34 -41.34 28.63
CA ALA E 670 5.79 -42.42 27.76
C ALA E 670 7.25 -42.81 28.01
N VAL E 685 10.58 -45.53 26.06
CA VAL E 685 10.80 -46.90 25.61
C VAL E 685 11.18 -47.67 26.86
N ALA E 686 10.68 -48.89 26.98
CA ALA E 686 10.92 -49.70 28.17
C ALA E 686 10.76 -51.14 27.77
N SER E 687 11.86 -51.89 27.78
CA SER E 687 11.95 -53.27 27.31
C SER E 687 11.43 -53.38 25.87
N GLN E 688 12.19 -52.73 24.97
CA GLN E 688 12.05 -52.77 23.50
C GLN E 688 10.63 -52.50 22.98
N SER E 689 9.92 -51.58 23.64
CA SER E 689 8.65 -51.08 23.12
C SER E 689 8.35 -49.74 23.76
N ILE E 690 7.52 -48.94 23.10
CA ILE E 690 7.12 -47.64 23.63
C ILE E 690 5.80 -47.80 24.35
N ILE E 691 5.78 -47.50 25.64
CA ILE E 691 4.60 -47.67 26.46
C ILE E 691 4.03 -46.31 26.79
N ALA E 692 2.78 -46.30 27.23
CA ALA E 692 2.12 -45.09 27.67
C ALA E 692 1.38 -45.40 28.95
N TYR E 693 1.69 -44.67 30.01
CA TYR E 693 1.16 -44.95 31.33
C TYR E 693 0.68 -43.65 31.96
N THR E 694 -0.19 -43.76 32.95
CA THR E 694 -0.51 -42.65 33.82
C THR E 694 0.64 -42.50 34.81
N MET E 695 1.19 -41.30 34.94
CA MET E 695 2.45 -41.19 35.65
C MET E 695 2.26 -41.28 37.14
N SER E 696 3.32 -41.68 37.82
CA SER E 696 3.33 -41.79 39.25
C SER E 696 3.99 -40.57 39.86
N LEU E 697 3.47 -40.15 41.00
CA LEU E 697 4.00 -38.97 41.65
C LEU E 697 5.11 -39.29 42.62
N GLY E 698 5.28 -40.55 42.97
CA GLY E 698 6.36 -40.92 43.87
C GLY E 698 5.95 -42.11 44.72
N ALA E 699 6.91 -42.59 45.49
CA ALA E 699 6.68 -43.76 46.33
C ALA E 699 5.88 -43.37 47.55
N GLU E 700 4.79 -44.08 47.79
CA GLU E 700 3.97 -43.76 48.95
C GLU E 700 4.60 -44.32 50.20
N ASN E 701 4.75 -43.48 51.21
CA ASN E 701 5.06 -44.00 52.54
C ASN E 701 4.17 -43.31 53.56
N SER E 702 3.69 -44.06 54.52
CA SER E 702 3.07 -43.50 55.70
C SER E 702 4.13 -43.48 56.79
N VAL E 703 4.48 -42.32 57.23
CA VAL E 703 5.44 -42.20 58.30
C VAL E 703 4.73 -42.56 59.61
N ALA E 704 5.43 -43.28 60.47
CA ALA E 704 4.80 -43.94 61.59
C ALA E 704 4.42 -42.95 62.67
N TYR E 705 3.38 -42.16 62.42
CA TYR E 705 2.97 -41.16 63.39
C TYR E 705 2.26 -41.82 64.56
N SER E 706 2.59 -41.34 65.75
CA SER E 706 1.79 -41.56 66.93
C SER E 706 2.10 -40.42 67.88
N ASN E 707 1.16 -40.12 68.76
CA ASN E 707 1.46 -39.28 69.91
C ASN E 707 2.44 -40.12 70.71
N ASN E 708 3.51 -39.47 71.15
CA ASN E 708 4.68 -39.90 71.91
C ASN E 708 5.69 -40.75 71.14
N SER E 709 5.88 -40.51 69.86
CA SER E 709 7.02 -41.12 69.20
C SER E 709 7.70 -40.11 68.30
N ILE E 710 9.02 -39.93 68.44
CA ILE E 710 9.76 -39.19 67.43
C ILE E 710 10.83 -40.09 66.87
N ALA E 711 11.34 -39.70 65.73
CA ALA E 711 12.53 -40.29 65.16
C ALA E 711 13.63 -39.25 65.20
N ILE E 712 14.79 -39.62 65.71
CA ILE E 712 15.94 -38.72 65.74
C ILE E 712 17.04 -39.35 64.89
N PRO E 713 17.67 -38.55 64.04
CA PRO E 713 18.81 -39.04 63.28
C PRO E 713 19.97 -39.44 64.14
N THR E 714 20.68 -40.48 63.76
CA THR E 714 21.87 -40.86 64.47
C THR E 714 23.13 -40.61 63.66
N ASN E 715 23.00 -40.16 62.42
CA ASN E 715 24.15 -39.93 61.58
C ASN E 715 23.76 -38.88 60.56
N PHE E 716 24.66 -38.57 59.65
CA PHE E 716 24.35 -37.59 58.63
C PHE E 716 25.13 -37.92 57.38
N THR E 717 24.71 -37.34 56.29
CA THR E 717 25.52 -37.26 55.09
C THR E 717 25.72 -35.78 54.81
N ILE E 718 26.80 -35.46 54.13
CA ILE E 718 27.03 -34.11 53.66
C ILE E 718 26.94 -34.12 52.16
N SER E 719 25.99 -33.37 51.64
CA SER E 719 25.65 -33.45 50.24
C SER E 719 26.00 -32.15 49.56
N VAL E 720 26.74 -32.22 48.48
CA VAL E 720 27.05 -31.07 47.67
C VAL E 720 26.21 -31.16 46.42
N THR E 721 25.24 -30.27 46.30
CA THR E 721 24.42 -30.23 45.10
C THR E 721 24.87 -29.05 44.27
N THR E 722 24.42 -28.97 43.03
CA THR E 722 24.76 -27.85 42.18
C THR E 722 23.51 -27.13 41.76
N GLU E 723 23.65 -25.85 41.50
CA GLU E 723 22.58 -25.05 40.94
C GLU E 723 23.17 -24.16 39.87
N ILE E 724 22.66 -24.27 38.65
CA ILE E 724 23.21 -23.54 37.53
C ILE E 724 22.24 -22.43 37.20
N LEU E 725 22.72 -21.19 37.16
CA LEU E 725 21.87 -20.05 36.90
C LEU E 725 22.47 -19.21 35.78
N PRO E 726 21.72 -18.91 34.73
CA PRO E 726 22.21 -17.98 33.73
C PRO E 726 22.26 -16.57 34.28
N VAL E 727 23.19 -15.78 33.76
CA VAL E 727 23.47 -14.46 34.30
C VAL E 727 23.40 -13.41 33.20
N SER E 728 24.00 -13.67 32.05
CA SER E 728 24.04 -12.67 30.99
C SER E 728 23.85 -13.35 29.64
N MET E 729 23.51 -12.54 28.64
CA MET E 729 23.40 -13.00 27.26
C MET E 729 24.55 -12.40 26.46
N THR E 730 24.56 -12.67 25.17
CA THR E 730 25.51 -11.99 24.30
C THR E 730 24.96 -10.62 23.96
N LYS E 731 25.84 -9.64 23.93
CA LYS E 731 25.42 -8.27 23.71
C LYS E 731 25.44 -8.01 22.22
N THR E 732 24.39 -8.41 21.53
CA THR E 732 24.32 -8.08 20.12
C THR E 732 23.79 -6.68 19.93
N SER E 733 24.16 -6.09 18.80
CA SER E 733 23.61 -4.83 18.37
C SER E 733 23.46 -4.90 16.85
N VAL E 734 22.30 -4.52 16.35
CA VAL E 734 22.00 -4.62 14.93
C VAL E 734 21.69 -3.23 14.42
N ASP E 735 22.55 -2.72 13.55
CA ASP E 735 22.29 -1.49 12.84
C ASP E 735 21.13 -1.71 11.88
N CYS E 736 20.14 -0.80 11.89
CA CYS E 736 19.03 -0.92 10.96
C CYS E 736 19.46 -0.76 9.52
N THR E 737 20.04 0.40 9.20
CA THR E 737 20.23 0.80 7.82
C THR E 737 21.11 -0.16 7.05
N MET E 738 22.06 -0.80 7.72
CA MET E 738 22.78 -1.86 7.04
C MET E 738 21.94 -3.14 6.98
N TYR E 739 21.13 -3.42 8.00
CA TYR E 739 20.29 -4.61 7.95
C TYR E 739 19.16 -4.41 6.96
N ILE E 740 18.39 -3.35 7.15
CA ILE E 740 17.14 -3.22 6.41
C ILE E 740 17.37 -2.73 4.99
N CYS E 741 18.53 -2.16 4.69
CA CYS E 741 18.71 -1.53 3.39
C CYS E 741 20.06 -1.80 2.76
N GLY E 742 20.98 -2.47 3.43
CA GLY E 742 22.28 -2.75 2.86
C GLY E 742 23.06 -1.47 2.63
N ASP E 743 23.43 -1.26 1.37
CA ASP E 743 24.06 -0.03 0.93
C ASP E 743 23.24 0.75 -0.09
N SER E 744 22.00 0.34 -0.35
CA SER E 744 21.18 1.00 -1.35
C SER E 744 20.67 2.32 -0.80
N THR E 745 21.15 3.43 -1.37
CA THR E 745 20.74 4.74 -0.92
C THR E 745 19.31 5.07 -1.29
N GLU E 746 18.76 4.38 -2.30
CA GLU E 746 17.33 4.46 -2.57
C GLU E 746 16.54 3.92 -1.40
N CYS E 747 16.97 2.77 -0.88
CA CYS E 747 16.33 2.18 0.29
C CYS E 747 16.51 3.07 1.51
N SER E 748 17.70 3.64 1.68
CA SER E 748 17.96 4.46 2.86
C SER E 748 17.11 5.73 2.84
N ASN E 749 17.09 6.41 1.70
CA ASN E 749 16.30 7.62 1.56
C ASN E 749 14.82 7.35 1.61
N LEU E 750 14.40 6.15 1.25
CA LEU E 750 13.01 5.81 1.41
C LEU E 750 12.72 5.32 2.82
N LEU E 751 13.75 5.02 3.59
CA LEU E 751 13.58 4.65 4.99
C LEU E 751 13.51 5.84 5.92
N LEU E 752 14.15 6.97 5.57
CA LEU E 752 14.10 8.17 6.42
C LEU E 752 12.69 8.66 6.70
N GLN E 753 11.74 8.38 5.83
CA GLN E 753 10.38 8.83 6.06
C GLN E 753 9.62 7.92 7.02
N TYR E 754 10.24 6.87 7.52
CA TYR E 754 9.62 6.05 8.54
C TYR E 754 9.88 6.57 9.95
N GLY E 755 10.69 7.61 10.09
CA GLY E 755 10.85 8.24 11.37
C GLY E 755 11.90 7.61 12.25
N SER E 756 11.64 7.63 13.55
CA SER E 756 12.64 7.32 14.57
C SER E 756 12.57 5.87 15.03
N PHE E 757 12.09 4.98 14.17
CA PHE E 757 12.04 3.56 14.50
C PHE E 757 13.42 2.98 14.73
N CYS E 758 14.38 3.41 13.94
CA CYS E 758 15.69 2.80 14.10
C CYS E 758 16.50 3.36 15.24
N THR E 759 16.31 4.62 15.61
CA THR E 759 16.95 5.03 16.84
C THR E 759 16.25 4.44 18.04
N GLN E 760 14.94 4.15 17.94
CA GLN E 760 14.26 3.39 18.99
C GLN E 760 14.84 2.00 19.14
N LEU E 761 15.07 1.32 18.02
CA LEU E 761 15.54 -0.05 18.07
C LEU E 761 16.98 -0.14 18.57
N ASN E 762 17.83 0.77 18.13
CA ASN E 762 19.19 0.76 18.63
C ASN E 762 19.27 1.19 20.09
N ARG E 763 18.37 2.07 20.53
CA ARG E 763 18.32 2.39 21.95
C ARG E 763 17.87 1.20 22.78
N ALA E 764 16.93 0.42 22.28
CA ALA E 764 16.47 -0.76 23.01
C ALA E 764 17.57 -1.81 23.13
N LEU E 765 18.26 -2.08 22.02
CA LEU E 765 19.33 -3.08 22.07
C LEU E 765 20.53 -2.59 22.87
N THR E 766 20.79 -1.29 22.87
CA THR E 766 21.84 -0.76 23.71
C THR E 766 21.48 -0.85 25.18
N GLY E 767 20.20 -0.69 25.51
CA GLY E 767 19.77 -0.88 26.89
C GLY E 767 19.95 -2.31 27.36
N ILE E 768 19.63 -3.27 26.49
CA ILE E 768 19.87 -4.68 26.80
C ILE E 768 21.36 -4.94 27.01
N ALA E 769 22.19 -4.39 26.12
CA ALA E 769 23.61 -4.65 26.17
C ALA E 769 24.27 -4.05 27.40
N VAL E 770 23.86 -2.85 27.80
CA VAL E 770 24.46 -2.28 29.00
C VAL E 770 23.89 -2.99 30.23
N GLU E 771 22.72 -3.61 30.13
CA GLU E 771 22.20 -4.33 31.27
C GLU E 771 22.93 -5.64 31.50
N GLN E 772 23.48 -6.25 30.45
CA GLN E 772 24.18 -7.54 30.64
C GLN E 772 25.43 -7.38 31.49
N ASP E 773 26.17 -6.30 31.31
CA ASP E 773 27.34 -6.06 32.14
C ASP E 773 26.96 -5.75 33.56
N LYS E 774 25.82 -5.10 33.77
CA LYS E 774 25.32 -4.85 35.10
C LYS E 774 24.93 -6.14 35.79
N ASN E 775 24.35 -7.08 35.03
CA ASN E 775 24.02 -8.39 35.55
C ASN E 775 25.25 -9.11 36.06
N THR E 776 26.30 -9.16 35.24
CA THR E 776 27.52 -9.84 35.66
C THR E 776 28.17 -9.16 36.84
N GLN E 777 28.20 -7.83 36.89
CA GLN E 777 28.96 -7.25 37.98
C GLN E 777 28.15 -7.19 39.25
N GLU E 778 26.84 -7.34 39.17
CA GLU E 778 26.15 -7.44 40.44
C GLU E 778 26.03 -8.87 40.92
N VAL E 779 26.28 -9.86 40.07
CA VAL E 779 26.40 -11.20 40.60
C VAL E 779 27.77 -11.40 41.22
N PHE E 780 28.83 -11.16 40.45
CA PHE E 780 30.15 -11.60 40.89
C PHE E 780 30.89 -10.57 41.71
N ALA E 781 30.77 -9.29 41.41
CA ALA E 781 31.61 -8.29 42.04
C ALA E 781 31.05 -7.85 43.39
N GLN E 782 30.97 -8.80 44.30
CA GLN E 782 30.49 -8.52 45.64
C GLN E 782 31.59 -8.55 46.67
N VAL E 783 32.82 -8.63 46.24
CA VAL E 783 33.97 -8.47 47.12
C VAL E 783 34.63 -7.14 46.80
N LYS E 784 34.94 -6.39 47.84
CA LYS E 784 35.69 -5.18 47.62
C LYS E 784 37.15 -5.48 47.32
N GLN E 785 37.65 -6.60 47.84
CA GLN E 785 39.06 -6.93 47.81
C GLN E 785 39.24 -8.33 47.24
N ILE E 786 40.38 -8.56 46.64
CA ILE E 786 40.69 -9.85 46.04
C ILE E 786 41.48 -10.65 47.05
N TYR E 787 40.82 -11.61 47.70
CA TYR E 787 41.47 -12.44 48.69
C TYR E 787 42.20 -13.57 47.98
N LYS E 788 43.23 -14.09 48.62
CA LYS E 788 43.97 -15.21 48.10
C LYS E 788 44.08 -16.26 49.19
N THR E 789 43.90 -17.51 48.80
CA THR E 789 44.04 -18.60 49.73
C THR E 789 45.52 -18.80 50.05
N PRO E 790 45.87 -19.21 51.28
CA PRO E 790 47.28 -19.33 51.63
C PRO E 790 47.93 -20.45 50.86
N PRO E 791 49.24 -20.35 50.59
CA PRO E 791 49.88 -21.31 49.67
C PRO E 791 49.98 -22.71 50.23
N ILE E 792 49.88 -22.89 51.54
CA ILE E 792 49.75 -24.22 52.11
C ILE E 792 48.29 -24.47 52.44
N LYS E 793 47.76 -25.56 51.91
CA LYS E 793 46.35 -25.87 52.02
C LYS E 793 46.14 -26.88 53.15
N ASP E 794 46.17 -26.38 54.38
CA ASP E 794 45.86 -27.18 55.54
C ASP E 794 44.54 -26.67 56.10
N PHE E 795 43.45 -27.21 55.58
CA PHE E 795 42.13 -26.84 56.04
C PHE E 795 41.50 -27.96 56.85
N GLY E 796 42.29 -28.63 57.65
CA GLY E 796 41.76 -29.59 58.59
C GLY E 796 41.28 -30.88 57.99
N GLY E 797 41.65 -31.17 56.75
CA GLY E 797 41.21 -32.38 56.10
C GLY E 797 40.30 -32.13 54.93
N PHE E 798 39.83 -30.92 54.73
CA PHE E 798 38.93 -30.62 53.64
C PHE E 798 39.75 -30.32 52.41
N ASN E 799 39.34 -30.89 51.29
CA ASN E 799 40.05 -30.77 50.04
C ASN E 799 39.39 -29.93 48.99
N PHE E 800 39.56 -28.62 49.08
CA PHE E 800 39.02 -27.74 48.05
C PHE E 800 40.04 -27.65 46.95
N SER E 801 40.27 -28.73 46.25
CA SER E 801 41.24 -28.62 45.17
C SER E 801 40.47 -28.57 43.88
N GLN E 802 39.27 -29.11 43.91
CA GLN E 802 38.40 -29.10 42.75
C GLN E 802 37.73 -27.77 42.52
N ILE E 803 37.75 -26.87 43.49
CA ILE E 803 37.12 -25.57 43.31
C ILE E 803 38.11 -24.42 43.37
N LEU E 804 39.23 -24.58 44.01
CA LEU E 804 40.24 -23.54 43.99
C LEU E 804 40.92 -23.52 42.62
N PRO E 805 41.42 -22.36 42.19
CA PRO E 805 42.02 -22.28 40.86
C PRO E 805 43.29 -23.08 40.73
N ASP E 806 43.50 -23.62 39.53
CA ASP E 806 44.67 -24.43 39.26
C ASP E 806 45.76 -23.55 38.67
N PRO E 807 46.88 -23.36 39.36
CA PRO E 807 47.94 -22.52 38.78
C PRO E 807 48.75 -23.23 37.72
N SER E 808 48.74 -24.56 37.71
CA SER E 808 49.52 -25.35 36.78
C SER E 808 48.71 -25.69 35.52
N LYS E 809 48.17 -24.65 34.89
CA LYS E 809 47.42 -24.64 33.64
C LYS E 809 47.20 -23.17 33.30
N PRO E 810 46.91 -22.80 32.06
CA PRO E 810 46.54 -21.39 31.80
C PRO E 810 45.08 -21.11 32.12
N SER E 811 44.76 -19.81 32.08
CA SER E 811 43.46 -19.19 32.39
C SER E 811 43.11 -19.21 33.89
N LYS E 812 43.89 -19.95 34.68
CA LYS E 812 43.84 -19.96 36.15
C LYS E 812 42.46 -20.29 36.67
N ARG E 813 41.93 -21.41 36.23
CA ARG E 813 40.60 -21.84 36.62
C ARG E 813 40.68 -23.16 37.37
N SER E 814 39.62 -23.42 38.12
CA SER E 814 39.50 -24.66 38.85
C SER E 814 39.22 -25.79 37.88
N PRO E 815 39.40 -27.04 38.32
CA PRO E 815 38.95 -28.16 37.48
C PRO E 815 37.49 -28.11 37.12
N ILE E 816 36.62 -27.72 38.06
CA ILE E 816 35.20 -27.70 37.75
C ILE E 816 34.87 -26.58 36.78
N GLU E 817 35.50 -25.41 36.92
CA GLU E 817 35.29 -24.34 35.97
C GLU E 817 35.83 -24.70 34.59
N ASP E 818 36.89 -25.51 34.52
CA ASP E 818 37.36 -26.04 33.25
C ASP E 818 36.31 -26.90 32.59
N LEU E 819 35.71 -27.81 33.34
CA LEU E 819 34.72 -28.63 32.68
C LEU E 819 33.44 -27.89 32.37
N LEU E 820 33.15 -26.84 33.11
CA LEU E 820 32.02 -26.00 32.76
C LEU E 820 32.28 -25.23 31.48
N PHE E 821 33.51 -24.78 31.26
CA PHE E 821 33.75 -24.12 29.97
C PHE E 821 33.86 -25.09 28.82
N ASN E 822 34.40 -26.27 29.04
CA ASN E 822 34.51 -27.22 27.94
C ASN E 822 33.19 -27.87 27.59
N LYS E 823 32.23 -27.90 28.51
CA LYS E 823 30.94 -28.53 28.23
C LYS E 823 29.90 -27.58 27.68
N VAL E 824 30.17 -26.29 27.59
CA VAL E 824 29.27 -25.34 26.96
C VAL E 824 29.92 -24.87 25.68
N THR E 825 29.29 -25.17 24.55
CA THR E 825 29.83 -24.87 23.23
C THR E 825 29.05 -23.71 22.62
N LEU E 826 29.75 -22.63 22.34
CA LEU E 826 29.15 -21.43 21.77
C LEU E 826 28.72 -21.67 20.33
N GLN E 851 31.03 -14.77 13.25
CA GLN E 851 29.69 -14.43 12.83
C GLN E 851 29.49 -12.91 12.90
N LYS E 852 29.90 -12.22 11.83
CA LYS E 852 29.76 -10.77 11.74
C LYS E 852 29.34 -10.47 10.31
N PHE E 853 28.09 -10.09 10.14
CA PHE E 853 27.47 -9.99 8.83
C PHE E 853 26.56 -8.78 8.76
N ASN E 854 25.57 -8.84 7.89
CA ASN E 854 24.81 -7.68 7.44
C ASN E 854 23.96 -6.99 8.49
N GLY E 855 24.63 -6.21 9.33
CA GLY E 855 24.01 -5.47 10.39
C GLY E 855 24.40 -5.93 11.77
N LEU E 856 24.70 -7.21 11.93
CA LEU E 856 24.92 -7.77 13.25
C LEU E 856 26.32 -7.48 13.74
N THR E 857 26.43 -7.09 14.99
CA THR E 857 27.72 -7.08 15.65
C THR E 857 27.54 -7.56 17.07
N VAL E 858 28.55 -8.23 17.59
CA VAL E 858 28.49 -8.85 18.90
C VAL E 858 29.52 -8.15 19.77
N LEU E 859 29.06 -7.29 20.66
CA LEU E 859 29.94 -6.57 21.53
C LEU E 859 30.50 -7.52 22.57
N PRO E 860 31.80 -7.44 22.88
CA PRO E 860 32.35 -8.33 23.88
C PRO E 860 31.90 -7.90 25.26
N PRO E 861 31.83 -8.84 26.20
CA PRO E 861 31.43 -8.46 27.55
C PRO E 861 32.52 -7.68 28.24
N LEU E 862 32.10 -6.85 29.19
CA LEU E 862 33.04 -5.96 29.86
C LEU E 862 34.00 -6.73 30.76
N LEU E 863 33.50 -7.67 31.54
CA LEU E 863 34.37 -8.51 32.35
C LEU E 863 34.76 -9.74 31.53
N THR E 864 36.05 -9.89 31.28
CA THR E 864 36.55 -11.09 30.63
C THR E 864 36.44 -12.27 31.57
N ASP E 865 36.48 -13.47 31.00
CA ASP E 865 36.39 -14.69 31.79
C ASP E 865 37.57 -14.85 32.72
N GLU E 866 38.73 -14.31 32.37
CA GLU E 866 39.86 -14.29 33.28
C GLU E 866 39.60 -13.39 34.47
N MET E 867 38.68 -12.45 34.35
CA MET E 867 38.37 -11.54 35.44
C MET E 867 37.21 -12.04 36.26
N ILE E 868 36.23 -12.68 35.64
CA ILE E 868 35.15 -13.33 36.37
C ILE E 868 35.69 -14.48 37.20
N ALA E 869 36.65 -15.24 36.66
CA ALA E 869 37.26 -16.29 37.46
C ALA E 869 38.09 -15.73 38.59
N GLN E 870 38.59 -14.51 38.45
CA GLN E 870 39.34 -13.91 39.56
C GLN E 870 38.42 -13.46 40.68
N TYR E 871 37.28 -12.84 40.32
CA TYR E 871 36.19 -12.64 41.28
C TYR E 871 35.78 -13.91 41.99
N THR E 872 35.55 -14.98 41.26
CA THR E 872 35.01 -16.13 41.93
C THR E 872 36.08 -16.86 42.75
N SER E 873 37.35 -16.72 42.41
CA SER E 873 38.38 -17.25 43.29
C SER E 873 38.53 -16.39 44.53
N ALA E 874 38.29 -15.08 44.41
CA ALA E 874 38.29 -14.21 45.58
C ALA E 874 37.17 -14.58 46.54
N LEU E 875 36.00 -14.87 46.00
CA LEU E 875 34.89 -15.29 46.85
C LEU E 875 35.16 -16.62 47.52
N LEU E 876 35.76 -17.57 46.80
CA LEU E 876 36.16 -18.83 47.40
C LEU E 876 37.21 -18.67 48.48
N ALA E 877 38.22 -17.86 48.25
CA ALA E 877 39.27 -17.70 49.24
C ALA E 877 38.77 -16.97 50.47
N GLY E 878 37.84 -16.04 50.27
CA GLY E 878 37.23 -15.39 51.42
C GLY E 878 36.38 -16.32 52.24
N THR E 879 35.60 -17.18 51.58
CA THR E 879 34.76 -18.13 52.33
C THR E 879 35.61 -19.15 53.07
N ILE E 880 36.68 -19.62 52.44
CA ILE E 880 37.49 -20.66 53.03
C ILE E 880 38.27 -20.11 54.22
N THR E 881 38.87 -18.94 54.06
CA THR E 881 39.77 -18.46 55.10
C THR E 881 39.06 -17.63 56.16
N SER E 882 37.93 -17.02 55.83
CA SER E 882 37.33 -16.10 56.76
C SER E 882 35.88 -16.38 57.08
N GLY E 883 35.22 -17.27 56.37
CA GLY E 883 33.86 -17.59 56.72
C GLY E 883 32.87 -16.59 56.19
N TRP E 884 31.88 -16.23 56.97
CA TRP E 884 30.96 -15.20 56.53
C TRP E 884 31.42 -13.81 56.91
N THR E 885 32.55 -13.69 57.57
CA THR E 885 32.94 -12.43 58.17
C THR E 885 33.39 -11.42 57.15
N PHE E 886 33.65 -11.82 55.92
CA PHE E 886 34.08 -10.87 54.92
C PHE E 886 32.94 -10.33 54.09
N GLY E 887 31.73 -10.80 54.30
CA GLY E 887 30.62 -10.23 53.57
C GLY E 887 30.05 -9.09 54.36
N ALA E 888 30.44 -9.01 55.63
CA ALA E 888 29.97 -7.96 56.51
C ALA E 888 31.01 -6.86 56.69
N GLY E 889 32.15 -7.20 57.22
CA GLY E 889 33.16 -6.21 57.49
C GLY E 889 34.50 -6.64 56.97
N PRO E 890 35.51 -6.54 57.78
CA PRO E 890 36.83 -7.00 57.37
C PRO E 890 36.88 -8.51 57.40
N ALA E 891 37.75 -9.13 56.62
CA ALA E 891 37.84 -10.58 56.62
C ALA E 891 38.57 -11.00 57.88
N LEU E 892 37.86 -11.67 58.77
CA LEU E 892 38.46 -12.15 60.00
C LEU E 892 38.79 -13.60 59.79
N GLN E 893 40.05 -13.96 59.84
CA GLN E 893 40.42 -15.35 59.59
C GLN E 893 39.97 -16.22 60.75
N ILE E 894 39.70 -17.49 60.44
CA ILE E 894 39.27 -18.47 61.42
C ILE E 894 39.62 -19.83 60.83
N PRO E 895 40.13 -20.77 61.62
CA PRO E 895 40.42 -22.10 61.09
C PRO E 895 39.18 -22.78 60.56
N PHE E 896 39.34 -23.51 59.47
CA PHE E 896 38.19 -24.04 58.76
C PHE E 896 37.38 -25.07 59.52
N PRO E 897 37.96 -25.97 60.33
CA PRO E 897 37.10 -26.72 61.24
C PRO E 897 36.35 -25.85 62.23
N MET E 898 36.91 -24.76 62.71
CA MET E 898 36.15 -23.92 63.63
C MET E 898 35.05 -23.18 62.90
N GLN E 899 35.28 -22.80 61.66
CA GLN E 899 34.23 -22.21 60.86
C GLN E 899 33.13 -23.20 60.58
N MET E 900 33.48 -24.45 60.29
CA MET E 900 32.47 -25.45 60.06
C MET E 900 31.74 -25.82 61.33
N ALA E 901 32.36 -25.62 62.48
CA ALA E 901 31.65 -25.83 63.74
C ALA E 901 30.71 -24.69 64.03
N TYR E 902 31.04 -23.48 63.59
CA TYR E 902 30.06 -22.41 63.59
C TYR E 902 28.87 -22.78 62.73
N ARG E 903 29.13 -23.38 61.57
CA ARG E 903 28.05 -23.63 60.64
C ARG E 903 27.22 -24.85 61.03
N PHE E 904 27.74 -25.80 61.80
CA PHE E 904 26.82 -26.75 62.40
C PHE E 904 26.00 -26.11 63.48
N ASN E 905 26.59 -25.16 64.19
CA ASN E 905 25.93 -24.53 65.30
C ASN E 905 24.78 -23.65 64.85
N GLY E 906 24.74 -23.31 63.58
CA GLY E 906 23.68 -22.51 63.03
C GLY E 906 22.58 -23.32 62.38
N ILE E 907 22.73 -24.64 62.31
CA ILE E 907 21.62 -25.49 61.89
C ILE E 907 21.06 -26.29 63.04
N GLY E 908 21.54 -26.06 64.25
CA GLY E 908 20.95 -26.64 65.43
C GLY E 908 21.70 -27.84 65.96
N VAL E 909 22.77 -28.20 65.32
CA VAL E 909 23.61 -29.30 65.79
C VAL E 909 24.72 -28.69 66.62
N THR E 910 24.99 -29.26 67.78
CA THR E 910 26.04 -28.70 68.63
C THR E 910 27.39 -28.93 68.00
N GLN E 911 28.35 -28.10 68.39
CA GLN E 911 29.60 -28.08 67.65
C GLN E 911 30.55 -29.18 68.04
N ASN E 912 30.27 -29.96 69.07
CA ASN E 912 31.08 -31.13 69.29
C ASN E 912 30.80 -32.23 68.30
N VAL E 913 29.65 -32.18 67.64
CA VAL E 913 29.34 -33.15 66.61
C VAL E 913 30.28 -32.99 65.43
N LEU E 914 30.70 -31.77 65.13
CA LEU E 914 31.69 -31.57 64.08
C LEU E 914 33.03 -32.17 64.49
N TYR E 915 33.56 -31.73 65.63
CA TYR E 915 34.93 -32.05 66.00
C TYR E 915 35.13 -33.54 66.21
N GLU E 916 34.22 -34.17 66.93
CA GLU E 916 34.29 -35.60 67.17
C GLU E 916 34.09 -36.44 65.93
N ASN E 917 33.63 -35.85 64.82
CA ASN E 917 33.53 -36.53 63.55
C ASN E 917 34.32 -35.82 62.46
N GLN E 918 35.33 -35.03 62.82
CA GLN E 918 35.96 -34.10 61.88
C GLN E 918 36.60 -34.83 60.71
N LYS E 919 37.19 -35.99 60.96
CA LYS E 919 37.73 -36.80 59.87
C LYS E 919 36.64 -37.26 58.93
N LEU E 920 35.57 -37.85 59.50
CA LEU E 920 34.50 -38.45 58.71
C LEU E 920 33.82 -37.42 57.82
N ILE E 921 33.42 -36.30 58.42
CA ILE E 921 32.86 -35.16 57.73
C ILE E 921 33.75 -34.68 56.61
N ALA E 922 35.07 -34.61 56.87
CA ALA E 922 35.99 -34.16 55.85
C ALA E 922 35.97 -35.10 54.66
N ASN E 923 35.95 -36.41 54.94
CA ASN E 923 35.91 -37.39 53.88
C ASN E 923 34.63 -37.31 53.10
N GLN E 924 33.50 -37.09 53.78
CA GLN E 924 32.24 -36.99 53.08
C GLN E 924 32.25 -35.79 52.15
N PHE E 925 32.80 -34.68 52.64
CA PHE E 925 32.96 -33.49 51.80
C PHE E 925 33.81 -33.81 50.59
N ASN E 926 34.95 -34.47 50.82
CA ASN E 926 35.85 -34.71 49.72
C ASN E 926 35.29 -35.74 48.77
N SER E 927 34.41 -36.62 49.25
CA SER E 927 33.86 -37.55 48.28
C SER E 927 32.68 -36.93 47.59
N ALA E 928 32.03 -35.96 48.21
CA ALA E 928 30.86 -35.38 47.57
C ALA E 928 31.26 -34.27 46.64
N ILE E 929 32.42 -33.67 46.84
CA ILE E 929 32.88 -32.62 45.96
C ILE E 929 33.52 -33.24 44.73
N GLY E 930 33.89 -34.52 44.79
CA GLY E 930 34.45 -35.19 43.63
C GLY E 930 33.41 -35.80 42.72
N LYS E 931 32.20 -36.00 43.21
CA LYS E 931 31.14 -36.48 42.35
C LYS E 931 30.49 -35.38 41.55
N ILE E 932 30.76 -34.12 41.84
CA ILE E 932 30.29 -33.03 41.01
C ILE E 932 30.99 -33.08 39.68
N GLN E 933 32.28 -33.43 39.72
CA GLN E 933 33.12 -33.55 38.54
C GLN E 933 32.52 -34.58 37.58
N ASP E 934 32.14 -35.74 38.10
CA ASP E 934 31.52 -36.79 37.30
C ASP E 934 30.11 -36.46 36.90
N SER E 935 29.31 -35.93 37.82
CA SER E 935 27.90 -35.66 37.54
C SER E 935 27.69 -34.54 36.55
N LEU E 936 28.71 -33.71 36.30
CA LEU E 936 28.68 -32.83 35.14
C LEU E 936 29.34 -33.48 33.93
N SER E 937 30.51 -34.09 34.11
CA SER E 937 31.27 -34.63 32.99
C SER E 937 30.55 -35.80 32.35
N SER E 938 30.15 -36.77 33.16
CA SER E 938 29.55 -38.00 32.66
C SER E 938 28.04 -37.89 32.56
N THR E 939 27.53 -36.69 32.46
CA THR E 939 26.10 -36.47 32.24
C THR E 939 25.96 -35.25 31.37
N PRO E 940 25.66 -35.42 30.09
CA PRO E 940 25.33 -34.26 29.25
C PRO E 940 23.99 -33.67 29.63
N SER E 941 23.79 -32.42 29.20
CA SER E 941 22.60 -31.61 29.47
C SER E 941 22.37 -31.41 30.96
N ALA E 942 23.45 -31.30 31.72
CA ALA E 942 23.35 -30.71 33.04
C ALA E 942 23.38 -29.20 32.98
N LEU E 943 24.10 -28.64 32.01
CA LEU E 943 24.19 -27.20 31.82
C LEU E 943 23.16 -26.70 30.83
N GLY E 944 22.03 -27.37 30.74
CA GLY E 944 21.03 -27.01 29.75
C GLY E 944 20.46 -25.64 29.97
N LYS E 945 20.35 -25.21 31.22
CA LYS E 945 19.88 -23.86 31.51
C LYS E 945 20.80 -22.81 30.96
N LEU E 946 22.11 -23.08 30.95
CA LEU E 946 23.00 -22.17 30.25
C LEU E 946 22.94 -22.36 28.76
N GLN E 947 22.65 -23.58 28.31
CA GLN E 947 22.76 -23.89 26.90
C GLN E 947 21.63 -23.24 26.12
N ASN E 948 20.39 -23.37 26.61
CA ASN E 948 19.23 -22.89 25.86
C ASN E 948 19.29 -21.41 25.61
N VAL E 949 19.79 -20.66 26.59
CA VAL E 949 20.00 -19.22 26.45
C VAL E 949 20.83 -18.93 25.22
N VAL E 950 21.96 -19.64 25.12
CA VAL E 950 22.86 -19.49 23.98
C VAL E 950 22.14 -19.86 22.70
N ASN E 951 21.46 -21.01 22.73
CA ASN E 951 20.75 -21.51 21.56
C ASN E 951 19.67 -20.57 21.14
N GLN E 952 18.93 -20.02 22.12
CA GLN E 952 17.81 -19.17 21.79
C GLN E 952 18.28 -17.91 21.11
N ASN E 953 19.38 -17.35 21.63
CA ASN E 953 19.91 -16.12 21.05
C ASN E 953 20.40 -16.39 19.66
N ALA E 954 21.05 -17.54 19.47
CA ALA E 954 21.57 -17.91 18.16
C ALA E 954 20.43 -18.08 17.18
N GLN E 955 19.36 -18.76 17.59
CA GLN E 955 18.36 -19.02 16.58
C GLN E 955 17.54 -17.78 16.33
N ALA E 956 17.49 -16.86 17.31
CA ALA E 956 16.85 -15.59 17.05
C ALA E 956 17.59 -14.82 15.99
N LEU E 957 18.92 -14.80 16.10
CA LEU E 957 19.71 -14.16 15.06
C LEU E 957 19.59 -14.95 13.77
N ASN E 958 19.49 -16.27 13.88
CA ASN E 958 19.43 -17.05 12.66
C ASN E 958 18.06 -16.93 12.03
N THR E 959 17.05 -16.53 12.80
CA THR E 959 15.78 -16.24 12.17
C THR E 959 15.77 -14.83 11.63
N LEU E 960 16.58 -13.94 12.19
CA LEU E 960 16.63 -12.58 11.67
C LEU E 960 17.32 -12.53 10.32
N VAL E 961 18.49 -13.16 10.23
CA VAL E 961 19.27 -13.16 9.00
C VAL E 961 18.55 -13.92 7.91
N LYS E 962 17.96 -15.05 8.25
CA LYS E 962 17.19 -15.78 7.25
C LYS E 962 15.87 -15.09 6.91
N GLN E 963 15.45 -14.07 7.66
CA GLN E 963 14.30 -13.31 7.23
C GLN E 963 14.67 -12.27 6.19
N LEU E 964 15.94 -12.11 5.87
CA LEU E 964 16.30 -11.18 4.83
C LEU E 964 15.94 -11.74 3.47
N SER E 965 16.00 -13.05 3.31
CA SER E 965 15.68 -13.67 2.03
C SER E 965 14.20 -13.97 1.92
N SER E 966 13.36 -12.98 2.17
CA SER E 966 11.93 -13.14 2.02
C SER E 966 11.38 -12.01 1.19
N ASN E 967 10.44 -12.33 0.31
CA ASN E 967 9.96 -11.35 -0.64
C ASN E 967 9.02 -10.37 -0.01
N PHE E 968 8.27 -10.82 1.01
CA PHE E 968 7.26 -10.04 1.73
C PHE E 968 6.22 -9.46 0.79
N GLY E 969 5.84 -10.21 -0.24
CA GLY E 969 5.14 -9.53 -1.31
C GLY E 969 6.04 -9.30 -2.50
N ALA E 970 6.72 -8.15 -2.50
CA ALA E 970 7.48 -7.59 -3.62
C ALA E 970 8.41 -8.60 -4.28
N ILE E 971 8.66 -8.37 -5.57
CA ILE E 971 9.04 -9.43 -6.51
C ILE E 971 10.36 -10.11 -6.21
N SER E 972 11.23 -9.50 -5.41
CA SER E 972 12.50 -10.14 -5.12
C SER E 972 12.99 -9.70 -3.76
N SER E 973 13.67 -10.60 -3.08
CA SER E 973 14.26 -10.31 -1.80
C SER E 973 15.64 -9.70 -1.92
N VAL E 974 16.15 -9.54 -3.13
CA VAL E 974 17.47 -8.97 -3.34
C VAL E 974 17.29 -7.51 -3.73
N LEU E 975 18.04 -6.64 -3.06
CA LEU E 975 17.87 -5.21 -3.24
C LEU E 975 18.50 -4.69 -4.51
N ASN E 976 19.43 -5.44 -5.11
CA ASN E 976 20.04 -5.04 -6.36
C ASN E 976 19.25 -5.51 -7.57
N ASP E 977 18.60 -6.68 -7.47
CA ASP E 977 17.80 -7.22 -8.55
C ASP E 977 16.42 -6.60 -8.63
N ILE E 978 16.22 -5.47 -7.97
CA ILE E 978 14.98 -4.73 -8.05
C ILE E 978 15.24 -3.27 -8.40
N LEU E 979 16.44 -2.77 -8.13
CA LEU E 979 16.84 -1.50 -8.71
C LEU E 979 17.14 -1.66 -10.18
N SER E 980 17.85 -2.72 -10.55
CA SER E 980 18.11 -3.01 -11.96
C SER E 980 17.05 -3.93 -12.54
N ARG E 981 15.78 -3.65 -12.25
CA ARG E 981 14.71 -4.30 -12.97
C ARG E 981 13.65 -3.30 -13.36
N LEU E 982 13.38 -2.34 -12.49
CA LEU E 982 12.10 -1.64 -12.55
C LEU E 982 12.32 -0.13 -12.52
N ASP E 983 11.30 0.58 -13.00
CA ASP E 983 11.32 2.02 -13.04
C ASP E 983 11.04 2.60 -11.66
N PRO E 984 11.72 3.68 -11.29
CA PRO E 984 11.54 4.24 -9.95
C PRO E 984 10.49 5.35 -9.87
N PRO E 985 9.29 5.20 -10.43
CA PRO E 985 8.11 5.52 -9.62
C PRO E 985 7.38 4.28 -9.14
N GLU E 986 7.82 3.11 -9.59
CA GLU E 986 7.18 1.85 -9.27
C GLU E 986 8.12 0.93 -8.53
N ALA E 987 9.43 1.11 -8.69
CA ALA E 987 10.39 0.40 -7.85
C ALA E 987 10.20 0.76 -6.39
N GLU E 988 9.95 2.03 -6.10
CA GLU E 988 9.76 2.42 -4.71
C GLU E 988 8.32 2.25 -4.27
N VAL E 989 7.71 1.11 -4.59
CA VAL E 989 6.55 0.60 -3.86
C VAL E 989 6.94 -0.82 -3.48
N GLN E 990 7.73 -1.44 -4.33
CA GLN E 990 8.30 -2.74 -4.01
C GLN E 990 9.40 -2.62 -2.98
N ILE E 991 10.22 -1.56 -3.08
CA ILE E 991 11.23 -1.28 -2.06
C ILE E 991 10.56 -1.01 -0.74
N ASP E 992 9.47 -0.23 -0.75
CA ASP E 992 8.75 0.11 0.46
C ASP E 992 8.10 -1.12 1.09
N ARG E 993 7.60 -2.02 0.26
CA ARG E 993 7.06 -3.28 0.74
C ARG E 993 8.14 -4.13 1.40
N LEU E 994 9.32 -4.15 0.81
CA LEU E 994 10.44 -4.86 1.42
C LEU E 994 10.89 -4.20 2.72
N ILE E 995 10.87 -2.86 2.78
CA ILE E 995 11.21 -2.15 4.01
C ILE E 995 10.24 -2.47 5.13
N THR E 996 8.95 -2.46 4.85
CA THR E 996 8.04 -2.71 5.96
C THR E 996 8.08 -4.17 6.41
N GLY E 997 8.37 -5.10 5.50
CA GLY E 997 8.59 -6.47 5.92
C GLY E 997 9.83 -6.63 6.79
N ARG E 998 10.94 -6.05 6.36
CA ARG E 998 12.17 -6.22 7.11
C ARG E 998 12.16 -5.43 8.40
N LEU E 999 11.45 -4.31 8.43
CA LEU E 999 11.34 -3.53 9.65
C LEU E 999 10.50 -4.25 10.67
N GLN E 1000 9.42 -4.89 10.26
CA GLN E 1000 8.64 -5.63 11.23
C GLN E 1000 9.38 -6.88 11.68
N SER E 1001 10.24 -7.45 10.83
CA SER E 1001 11.09 -8.55 11.29
C SER E 1001 12.12 -8.08 12.33
N LEU E 1002 12.74 -6.94 12.10
CA LEU E 1002 13.71 -6.42 13.06
C LEU E 1002 13.03 -6.03 14.36
N GLN E 1003 11.83 -5.48 14.26
CA GLN E 1003 11.14 -5.03 15.45
C GLN E 1003 10.63 -6.21 16.27
N THR E 1004 10.20 -7.27 15.61
CA THR E 1004 9.79 -8.43 16.38
C THR E 1004 10.98 -9.17 16.97
N TYR E 1005 12.15 -9.07 16.33
CA TYR E 1005 13.35 -9.60 16.97
C TYR E 1005 13.70 -8.81 18.22
N VAL E 1006 13.61 -7.49 18.15
CA VAL E 1006 13.97 -6.66 19.29
C VAL E 1006 12.99 -6.85 20.43
N THR E 1007 11.71 -7.02 20.12
CA THR E 1007 10.74 -7.29 21.17
C THR E 1007 10.94 -8.67 21.78
N GLN E 1008 11.37 -9.66 21.00
CA GLN E 1008 11.72 -10.92 21.62
C GLN E 1008 12.98 -10.81 22.47
N GLN E 1009 13.90 -9.94 22.09
CA GLN E 1009 15.12 -9.77 22.88
C GLN E 1009 14.83 -9.06 24.19
N LEU E 1010 13.96 -8.06 24.15
CA LEU E 1010 13.64 -7.26 25.32
C LEU E 1010 12.92 -8.08 26.36
N ILE E 1011 12.17 -9.07 25.91
CA ILE E 1011 11.32 -9.85 26.79
C ILE E 1011 12.03 -11.09 27.26
N ARG E 1012 13.15 -11.42 26.66
CA ARG E 1012 14.03 -12.50 27.09
C ARG E 1012 15.11 -11.99 28.00
N ALA E 1013 15.55 -10.75 27.80
CA ALA E 1013 16.49 -10.13 28.71
C ALA E 1013 15.90 -9.86 30.07
N ALA E 1014 14.57 -9.74 30.17
CA ALA E 1014 13.92 -9.65 31.45
C ALA E 1014 14.01 -10.95 32.22
N GLU E 1015 13.94 -12.09 31.52
CA GLU E 1015 14.13 -13.38 32.16
C GLU E 1015 15.54 -13.50 32.72
N ILE E 1016 16.53 -13.10 31.92
CA ILE E 1016 17.91 -13.20 32.35
C ILE E 1016 18.18 -12.21 33.46
N ARG E 1017 17.48 -11.08 33.49
CA ARG E 1017 17.68 -10.15 34.59
C ARG E 1017 17.05 -10.67 35.87
N ALA E 1018 15.90 -11.36 35.76
CA ALA E 1018 15.32 -11.99 36.93
C ALA E 1018 16.22 -13.10 37.45
N SER E 1019 16.81 -13.88 36.55
CA SER E 1019 17.72 -14.93 36.95
C SER E 1019 19.03 -14.38 37.49
N ALA E 1020 19.50 -13.24 36.99
CA ALA E 1020 20.72 -12.66 37.51
C ALA E 1020 20.48 -12.02 38.86
N ASN E 1021 19.29 -11.48 39.09
CA ASN E 1021 18.94 -11.02 40.41
C ASN E 1021 18.85 -12.18 41.40
N LEU E 1022 18.32 -13.31 40.95
CA LEU E 1022 18.31 -14.50 41.79
C LEU E 1022 19.71 -15.00 42.07
N ALA E 1023 20.60 -14.94 41.09
CA ALA E 1023 21.97 -15.38 41.30
C ALA E 1023 22.73 -14.43 42.20
N ALA E 1024 22.43 -13.14 42.13
CA ALA E 1024 23.08 -12.21 43.04
C ALA E 1024 22.57 -12.40 44.46
N THR E 1025 21.29 -12.71 44.61
CA THR E 1025 20.75 -13.04 45.93
C THR E 1025 21.34 -14.32 46.47
N LYS E 1026 21.56 -15.31 45.62
CA LYS E 1026 22.17 -16.55 46.08
C LYS E 1026 23.62 -16.36 46.42
N MET E 1027 24.33 -15.49 45.73
CA MET E 1027 25.70 -15.20 46.10
C MET E 1027 25.77 -14.46 47.41
N SER E 1028 24.82 -13.57 47.65
CA SER E 1028 24.87 -12.82 48.89
C SER E 1028 24.45 -13.67 50.07
N GLU E 1029 23.43 -14.48 49.92
CA GLU E 1029 22.91 -15.20 51.06
C GLU E 1029 23.49 -16.58 51.23
N CYS E 1030 23.65 -17.35 50.16
CA CYS E 1030 24.22 -18.68 50.28
C CYS E 1030 25.74 -18.65 50.42
N VAL E 1031 26.44 -17.89 49.57
CA VAL E 1031 27.90 -17.93 49.61
C VAL E 1031 28.45 -17.10 50.75
N LEU E 1032 28.06 -15.84 50.82
CA LEU E 1032 28.60 -14.94 51.81
C LEU E 1032 28.01 -15.12 53.18
N GLY E 1033 26.99 -15.94 53.34
CA GLY E 1033 26.42 -16.17 54.65
C GLY E 1033 25.99 -17.60 54.78
N GLN E 1034 25.00 -17.87 55.63
CA GLN E 1034 24.45 -19.21 55.75
C GLN E 1034 22.94 -19.09 55.88
N SER E 1035 22.20 -19.56 54.90
CA SER E 1035 20.78 -19.29 54.86
C SER E 1035 20.02 -20.18 55.82
N LYS E 1036 19.05 -19.60 56.49
CA LYS E 1036 18.05 -20.38 57.18
C LYS E 1036 16.81 -20.60 56.35
N ARG E 1037 16.71 -19.97 55.21
CA ARG E 1037 15.52 -20.11 54.39
C ARG E 1037 15.63 -21.35 53.53
N VAL E 1038 14.67 -22.22 53.65
CA VAL E 1038 14.84 -23.61 53.29
C VAL E 1038 14.64 -23.79 51.79
N ASP E 1039 15.44 -24.69 51.21
CA ASP E 1039 15.57 -24.98 49.78
C ASP E 1039 16.00 -23.78 48.96
N PHE E 1040 16.43 -22.70 49.58
CA PHE E 1040 17.00 -21.62 48.81
C PHE E 1040 18.41 -21.96 48.37
N CYS E 1041 19.15 -22.66 49.22
CA CYS E 1041 20.52 -23.01 48.90
C CYS E 1041 20.66 -24.52 48.94
N GLY E 1042 19.79 -25.22 48.23
CA GLY E 1042 19.91 -26.65 48.06
C GLY E 1042 19.16 -27.42 49.12
N LYS E 1043 18.92 -28.68 48.81
CA LYS E 1043 18.16 -29.56 49.69
C LYS E 1043 18.95 -29.92 50.93
N GLY E 1044 18.34 -29.76 52.08
CA GLY E 1044 19.00 -30.06 53.34
C GLY E 1044 19.25 -28.78 54.11
N TYR E 1045 19.76 -28.94 55.32
CA TYR E 1045 20.13 -27.79 56.10
C TYR E 1045 21.43 -27.23 55.56
N HIS E 1046 21.42 -25.96 55.20
CA HIS E 1046 22.51 -25.37 54.45
C HIS E 1046 23.71 -25.17 55.34
N LEU E 1047 24.86 -25.70 54.93
CA LEU E 1047 26.08 -25.33 55.62
C LEU E 1047 26.75 -24.16 54.92
N MET E 1048 27.19 -24.35 53.68
CA MET E 1048 28.01 -23.33 53.06
C MET E 1048 28.08 -23.65 51.59
N SER E 1049 28.37 -22.65 50.77
CA SER E 1049 28.26 -22.89 49.34
C SER E 1049 29.32 -22.11 48.59
N PHE E 1050 29.61 -22.56 47.38
CA PHE E 1050 30.73 -22.05 46.60
C PHE E 1050 30.27 -21.59 45.23
N PRO E 1051 30.84 -20.52 44.71
CA PRO E 1051 30.58 -20.15 43.32
C PRO E 1051 31.61 -20.73 42.37
N GLN E 1052 31.18 -20.98 41.16
CA GLN E 1052 32.04 -21.36 40.06
C GLN E 1052 31.54 -20.63 38.84
N SER E 1053 32.42 -19.98 38.11
CA SER E 1053 32.00 -19.27 36.92
C SER E 1053 31.79 -20.26 35.81
N ALA E 1054 30.76 -20.05 35.03
CA ALA E 1054 30.42 -20.90 33.91
C ALA E 1054 30.20 -19.90 32.77
N PRO E 1055 30.12 -20.28 31.50
CA PRO E 1055 29.94 -19.24 30.47
C PRO E 1055 28.54 -18.68 30.52
N HIS E 1056 28.44 -17.37 30.70
CA HIS E 1056 27.19 -16.64 30.80
C HIS E 1056 26.33 -17.13 31.95
N GLY E 1057 26.97 -17.44 33.07
CA GLY E 1057 26.20 -17.92 34.20
C GLY E 1057 27.11 -18.29 35.33
N VAL E 1058 26.52 -18.90 36.35
CA VAL E 1058 27.23 -19.21 37.58
C VAL E 1058 26.69 -20.54 38.07
N VAL E 1059 27.55 -21.28 38.75
CA VAL E 1059 27.22 -22.57 39.31
C VAL E 1059 27.48 -22.50 40.79
N PHE E 1060 26.49 -22.80 41.59
CA PHE E 1060 26.68 -22.82 43.03
C PHE E 1060 26.77 -24.25 43.47
N LEU E 1061 27.77 -24.55 44.25
CA LEU E 1061 27.91 -25.85 44.88
C LEU E 1061 27.43 -25.67 46.30
N HIS E 1062 26.24 -26.14 46.57
CA HIS E 1062 25.59 -25.97 47.86
C HIS E 1062 25.94 -27.15 48.73
N VAL E 1063 26.79 -26.95 49.73
CA VAL E 1063 27.10 -27.97 50.72
C VAL E 1063 26.06 -27.89 51.81
N THR E 1064 25.28 -28.95 51.96
CA THR E 1064 24.22 -29.04 52.93
C THR E 1064 24.42 -30.25 53.80
N TYR E 1065 23.80 -30.22 54.96
CA TYR E 1065 23.82 -31.30 55.94
C TYR E 1065 22.49 -32.03 55.83
N VAL E 1066 22.53 -33.32 55.56
CA VAL E 1066 21.33 -34.12 55.46
C VAL E 1066 21.34 -35.12 56.59
N PRO E 1067 20.31 -35.20 57.40
CA PRO E 1067 20.25 -36.21 58.45
C PRO E 1067 20.12 -37.60 57.87
N ALA E 1068 20.54 -38.60 58.62
CA ALA E 1068 20.54 -39.93 58.06
C ALA E 1068 20.48 -40.97 59.15
N GLN E 1069 19.94 -42.13 58.76
CA GLN E 1069 19.73 -43.36 59.53
C GLN E 1069 19.21 -43.07 60.93
N GLU E 1070 17.99 -42.57 60.95
CA GLU E 1070 17.26 -42.29 62.16
C GLU E 1070 16.79 -43.55 62.83
N LYS E 1071 16.35 -43.41 64.07
CA LYS E 1071 15.63 -44.46 64.75
C LYS E 1071 14.60 -43.82 65.67
N ASN E 1072 13.53 -44.55 65.94
CA ASN E 1072 12.41 -43.98 66.65
C ASN E 1072 12.52 -44.22 68.15
N PHE E 1073 11.96 -43.29 68.92
CA PHE E 1073 12.01 -43.28 70.36
C PHE E 1073 10.64 -42.95 70.91
N THR E 1074 10.55 -42.86 72.22
CA THR E 1074 9.34 -42.45 72.90
C THR E 1074 9.59 -41.11 73.53
N THR E 1075 8.60 -40.22 73.51
CA THR E 1075 8.80 -38.88 74.01
C THR E 1075 7.78 -38.46 75.04
N ALA E 1076 8.19 -37.60 75.87
CA ALA E 1076 7.31 -36.83 76.71
C ALA E 1076 7.46 -35.37 76.42
N PRO E 1077 6.38 -34.62 76.46
CA PRO E 1077 6.49 -33.17 76.50
C PRO E 1077 7.28 -32.65 77.67
N ALA E 1078 7.13 -33.26 78.83
CA ALA E 1078 7.81 -32.79 80.02
C ALA E 1078 8.01 -33.97 80.95
N ILE E 1079 8.83 -33.74 81.96
CA ILE E 1079 9.06 -34.73 83.02
C ILE E 1079 8.80 -34.12 84.37
N CYS E 1080 7.96 -34.79 85.15
CA CYS E 1080 7.60 -34.40 86.50
C CYS E 1080 8.49 -35.15 87.47
N HIS E 1081 9.48 -34.46 88.05
CA HIS E 1081 10.22 -34.98 89.21
C HIS E 1081 10.18 -33.87 90.22
N ASP E 1082 9.00 -33.72 90.82
CA ASP E 1082 8.67 -33.20 92.13
C ASP E 1082 7.17 -33.11 92.00
N GLY E 1083 6.56 -32.18 92.68
CA GLY E 1083 5.36 -31.65 92.04
C GLY E 1083 5.63 -30.57 91.00
N LYS E 1084 6.72 -30.65 90.22
CA LYS E 1084 7.06 -29.65 89.23
C LYS E 1084 7.37 -30.31 87.89
N ALA E 1085 7.06 -29.60 86.81
CA ALA E 1085 7.21 -30.12 85.46
C ALA E 1085 8.44 -29.52 84.81
N HIS E 1086 9.28 -30.35 84.21
CA HIS E 1086 10.55 -29.94 83.65
C HIS E 1086 10.50 -30.06 82.14
N PHE E 1087 10.90 -29.02 81.46
CA PHE E 1087 10.96 -29.01 80.02
C PHE E 1087 12.40 -28.90 79.59
N PRO E 1088 12.79 -29.43 78.44
CA PRO E 1088 14.19 -29.34 78.05
C PRO E 1088 14.56 -27.95 77.58
N ARG E 1089 15.79 -27.55 77.89
CA ARG E 1089 16.24 -26.21 77.52
C ARG E 1089 16.38 -26.10 76.03
N GLU E 1090 17.29 -26.87 75.47
CA GLU E 1090 17.37 -27.08 74.03
C GLU E 1090 17.36 -28.58 73.81
N GLY E 1091 16.38 -29.07 73.10
CA GLY E 1091 16.37 -30.49 72.88
C GLY E 1091 15.05 -31.14 73.15
N VAL E 1092 15.07 -32.44 73.40
CA VAL E 1092 13.83 -33.20 73.48
C VAL E 1092 14.07 -34.41 74.36
N PHE E 1093 13.04 -34.84 75.10
CA PHE E 1093 13.10 -35.97 76.03
C PHE E 1093 12.80 -37.27 75.31
N VAL E 1094 13.85 -38.04 75.06
CA VAL E 1094 13.66 -39.35 74.45
C VAL E 1094 13.71 -40.44 75.51
N SER E 1095 13.26 -41.62 75.11
CA SER E 1095 13.37 -42.81 75.93
C SER E 1095 13.88 -43.94 75.06
N ASN E 1096 14.87 -44.69 75.56
CA ASN E 1096 15.34 -45.83 74.79
C ASN E 1096 14.50 -47.07 75.08
N GLY E 1097 13.46 -46.91 75.88
CA GLY E 1097 12.55 -47.96 76.21
C GLY E 1097 12.40 -48.04 77.70
N THR E 1098 13.51 -47.85 78.42
CA THR E 1098 13.52 -47.94 79.87
C THR E 1098 13.80 -46.58 80.50
N HIS E 1099 14.91 -45.95 80.17
CA HIS E 1099 15.33 -44.72 80.81
C HIS E 1099 15.10 -43.55 79.89
N TRP E 1100 15.11 -42.36 80.47
CA TRP E 1100 14.81 -41.14 79.74
C TRP E 1100 16.06 -40.29 79.61
N PHE E 1101 16.16 -39.57 78.50
CA PHE E 1101 17.34 -38.80 78.18
C PHE E 1101 16.94 -37.47 77.59
N VAL E 1102 17.93 -36.61 77.36
CA VAL E 1102 17.76 -35.38 76.60
C VAL E 1102 18.74 -35.44 75.46
N THR E 1103 18.27 -35.30 74.23
CA THR E 1103 19.16 -35.17 73.10
C THR E 1103 18.94 -33.83 72.46
N GLN E 1104 19.91 -33.38 71.68
CA GLN E 1104 19.61 -32.33 70.73
C GLN E 1104 18.68 -32.89 69.65
N ARG E 1105 17.97 -32.00 68.98
CA ARG E 1105 16.85 -32.44 68.18
C ARG E 1105 17.26 -33.05 66.85
N ASN E 1106 18.46 -32.75 66.37
CA ASN E 1106 18.88 -33.14 65.04
C ASN E 1106 19.95 -34.19 65.01
N PHE E 1107 20.40 -34.67 66.16
CA PHE E 1107 21.45 -35.66 66.20
C PHE E 1107 21.31 -36.39 67.51
N TYR E 1108 21.29 -37.70 67.46
CA TYR E 1108 21.06 -38.46 68.69
C TYR E 1108 22.33 -38.50 69.50
N GLU E 1109 22.44 -37.65 70.50
CA GLU E 1109 23.37 -37.89 71.60
C GLU E 1109 22.62 -37.70 72.91
N PRO E 1110 22.41 -38.78 73.67
CA PRO E 1110 21.56 -38.68 74.85
C PRO E 1110 22.36 -38.27 76.08
N GLN E 1111 21.85 -37.32 76.82
CA GLN E 1111 22.42 -36.92 78.09
C GLN E 1111 21.50 -37.32 79.22
N ILE E 1112 22.02 -37.29 80.41
CA ILE E 1112 21.24 -37.51 81.60
C ILE E 1112 20.47 -36.24 81.90
N ILE E 1113 19.19 -36.38 82.22
CA ILE E 1113 18.34 -35.23 82.48
C ILE E 1113 18.69 -34.61 83.80
N THR E 1114 19.46 -33.55 83.78
CA THR E 1114 19.85 -32.88 85.00
C THR E 1114 19.06 -31.59 85.12
N THR E 1115 19.39 -30.80 86.12
CA THR E 1115 18.70 -29.53 86.27
C THR E 1115 19.39 -28.41 85.53
N ASP E 1116 20.46 -28.68 84.80
CA ASP E 1116 21.06 -27.64 83.99
C ASP E 1116 20.85 -27.85 82.50
N ASN E 1117 20.03 -28.81 82.10
CA ASN E 1117 19.51 -28.79 80.73
C ASN E 1117 18.00 -28.89 80.70
N THR E 1118 17.33 -28.54 81.79
CA THR E 1118 15.88 -28.44 81.85
C THR E 1118 15.53 -27.13 82.53
N PHE E 1119 14.26 -26.75 82.46
CA PHE E 1119 13.74 -25.66 83.27
C PHE E 1119 12.36 -26.04 83.77
N VAL E 1120 12.00 -25.53 84.91
CA VAL E 1120 10.73 -25.88 85.53
C VAL E 1120 9.70 -24.82 85.18
N SER E 1121 8.45 -25.23 85.14
CA SER E 1121 7.34 -24.30 84.92
C SER E 1121 6.06 -24.92 85.44
N GLY E 1122 5.59 -24.49 86.59
CA GLY E 1122 4.32 -24.96 87.09
C GLY E 1122 4.37 -26.38 87.57
N ASN E 1123 3.23 -26.86 88.02
CA ASN E 1123 3.14 -28.22 88.52
C ASN E 1123 2.92 -29.21 87.38
N CYS E 1124 3.08 -30.50 87.68
CA CYS E 1124 2.95 -31.53 86.65
C CYS E 1124 1.52 -32.03 86.57
N ASP E 1125 0.63 -31.08 86.28
CA ASP E 1125 -0.79 -31.31 86.26
C ASP E 1125 -1.42 -30.92 84.95
N VAL E 1126 -0.95 -29.82 84.35
CA VAL E 1126 -1.63 -29.24 83.21
C VAL E 1126 -1.08 -29.70 81.87
N VAL E 1127 0.14 -30.23 81.84
CA VAL E 1127 0.71 -30.69 80.58
C VAL E 1127 0.09 -32.03 80.21
N ILE E 1128 -0.50 -32.09 79.02
CA ILE E 1128 -1.20 -33.28 78.56
C ILE E 1128 -0.14 -34.30 78.14
N GLY E 1129 0.17 -35.22 79.01
CA GLY E 1129 1.11 -36.27 78.69
C GLY E 1129 2.46 -35.97 79.24
N ILE E 1130 2.76 -36.53 80.40
CA ILE E 1130 3.93 -36.13 81.16
C ILE E 1130 4.39 -37.36 81.90
N VAL E 1131 5.66 -37.64 81.86
CA VAL E 1131 6.13 -38.84 82.49
C VAL E 1131 6.85 -38.49 83.78
N ASN E 1132 6.93 -39.45 84.69
CA ASN E 1132 7.62 -39.29 85.96
C ASN E 1132 8.96 -39.97 85.85
N ASN E 1133 10.07 -39.24 85.88
CA ASN E 1133 11.42 -39.75 85.80
C ASN E 1133 12.27 -38.81 86.62
N THR E 1134 13.35 -39.30 87.20
CA THR E 1134 14.13 -38.44 88.08
C THR E 1134 14.91 -37.41 87.28
N VAL E 1135 15.03 -36.21 87.83
CA VAL E 1135 15.85 -35.14 87.26
C VAL E 1135 16.98 -34.91 88.23
N TYR E 1136 18.18 -35.32 87.84
CA TYR E 1136 19.27 -35.45 88.78
C TYR E 1136 19.88 -34.08 89.05
N ASP E 1137 19.76 -33.61 90.27
CA ASP E 1137 20.40 -32.36 90.68
C ASP E 1137 21.90 -32.59 90.82
N PRO E 1138 22.75 -31.86 90.11
CA PRO E 1138 24.20 -32.07 90.26
C PRO E 1138 24.77 -31.51 91.55
N LEU E 1139 24.04 -30.66 92.26
CA LEU E 1139 24.54 -30.14 93.52
C LEU E 1139 24.47 -31.18 94.62
N GLN E 1140 23.40 -31.97 94.64
CA GLN E 1140 23.11 -32.84 95.77
C GLN E 1140 24.18 -33.92 96.05
N PRO E 1141 24.84 -34.58 95.05
CA PRO E 1141 26.07 -35.32 95.36
C PRO E 1141 27.33 -34.48 95.26
N GLU E 1142 27.29 -33.27 95.83
CA GLU E 1142 28.49 -32.51 96.10
C GLU E 1142 28.55 -32.06 97.53
N LEU E 1143 27.50 -32.28 98.32
CA LEU E 1143 27.57 -32.08 99.75
C LEU E 1143 28.51 -33.10 100.38
N ASP E 1144 28.47 -34.33 99.90
CA ASP E 1144 29.33 -35.41 100.38
C ASP E 1144 30.63 -35.46 99.62
N MET F 2 -7.83 5.43 -68.47
CA MET F 2 -8.29 4.45 -69.45
C MET F 2 -8.11 4.94 -70.88
N GLN F 3 -7.09 5.77 -71.10
CA GLN F 3 -6.78 6.31 -72.42
C GLN F 3 -5.29 6.25 -72.67
N LEU F 4 -4.92 5.88 -73.89
CA LEU F 4 -3.53 5.84 -74.34
C LEU F 4 -3.29 7.01 -75.28
N VAL F 5 -2.75 8.10 -74.74
CA VAL F 5 -2.37 9.25 -75.55
C VAL F 5 -1.06 8.91 -76.27
N GLN F 6 -1.10 8.99 -77.59
CA GLN F 6 0.06 8.70 -78.42
C GLN F 6 0.66 10.01 -78.92
N SER F 7 1.92 9.95 -79.36
CA SER F 7 2.59 11.14 -79.86
C SER F 7 2.06 11.52 -81.23
N GLY F 8 2.43 12.73 -81.67
CA GLY F 8 1.97 13.25 -82.94
C GLY F 8 2.72 12.66 -84.11
N PRO F 9 2.38 13.11 -85.32
CA PRO F 9 3.07 12.59 -86.52
C PRO F 9 4.51 13.07 -86.60
N GLU F 10 5.34 12.26 -87.26
CA GLU F 10 6.72 12.62 -87.56
C GLU F 10 6.97 12.42 -89.04
N VAL F 11 7.22 13.50 -89.75
CA VAL F 11 7.60 13.43 -91.16
C VAL F 11 9.08 13.15 -91.23
N LYS F 12 9.45 12.01 -91.83
CA LYS F 12 10.84 11.56 -91.80
C LYS F 12 11.39 11.33 -93.20
N LYS F 13 12.57 10.71 -93.26
CA LYS F 13 13.35 10.49 -94.46
C LYS F 13 13.75 9.02 -94.52
N PRO F 14 13.91 8.45 -95.75
CA PRO F 14 14.26 7.02 -95.86
C PRO F 14 15.61 6.57 -95.32
N GLY F 15 16.39 7.45 -94.71
CA GLY F 15 17.61 7.03 -94.05
C GLY F 15 17.54 7.15 -92.55
N THR F 16 16.51 7.81 -92.04
CA THR F 16 16.42 8.13 -90.62
C THR F 16 15.78 6.98 -89.85
N SER F 17 15.45 7.23 -88.59
CA SER F 17 14.70 6.29 -87.76
C SER F 17 13.65 7.07 -86.99
N VAL F 18 12.55 6.39 -86.66
CA VAL F 18 11.42 7.03 -85.99
C VAL F 18 11.55 6.76 -84.50
N LYS F 19 10.81 7.53 -83.69
CA LYS F 19 10.71 7.29 -82.25
C LYS F 19 9.27 7.59 -81.85
N VAL F 20 8.45 6.55 -81.76
CA VAL F 20 7.03 6.69 -81.45
C VAL F 20 6.80 6.35 -79.99
N SER F 21 6.26 7.29 -79.23
CA SER F 21 5.92 7.08 -77.84
C SER F 21 4.43 6.89 -77.69
N CYS F 22 4.02 6.33 -76.54
CA CYS F 22 2.61 6.11 -76.27
C CYS F 22 2.40 6.13 -74.76
N LYS F 23 1.93 7.25 -74.24
CA LYS F 23 1.71 7.42 -72.81
C LYS F 23 0.31 6.93 -72.44
N ALA F 24 0.21 6.34 -71.24
CA ALA F 24 -1.05 5.81 -70.74
C ALA F 24 -1.60 6.77 -69.70
N SER F 25 -2.75 7.39 -70.01
CA SER F 25 -3.36 8.38 -69.14
C SER F 25 -4.53 7.78 -68.38
N GLY F 26 -4.72 8.26 -67.15
CA GLY F 26 -5.81 7.83 -66.31
C GLY F 26 -5.48 6.67 -65.38
N PHE F 27 -4.32 6.05 -65.54
CA PHE F 27 -3.95 4.85 -64.79
C PHE F 27 -2.45 4.65 -64.94
N THR F 28 -1.95 3.64 -64.24
CA THR F 28 -0.55 3.25 -64.30
C THR F 28 -0.42 1.85 -64.89
N PHE F 29 0.77 1.55 -65.40
CA PHE F 29 1.02 0.28 -66.06
C PHE F 29 1.14 -0.82 -65.01
N THR F 30 0.21 -1.76 -65.04
CA THR F 30 0.39 -3.06 -64.41
C THR F 30 0.92 -4.03 -65.46
N ASN F 31 0.84 -5.33 -65.20
CA ASN F 31 1.25 -6.36 -66.14
C ASN F 31 0.28 -6.45 -67.33
N SER F 32 0.38 -5.46 -68.22
CA SER F 32 -0.72 -5.09 -69.09
C SER F 32 -0.56 -5.50 -70.54
N ALA F 33 0.66 -5.77 -71.02
CA ALA F 33 0.94 -6.39 -72.33
C ALA F 33 0.41 -5.55 -73.50
N MET F 34 1.02 -4.39 -73.70
CA MET F 34 0.76 -3.57 -74.89
C MET F 34 1.22 -4.28 -76.16
N GLN F 35 0.47 -4.10 -77.24
CA GLN F 35 0.92 -4.48 -78.58
C GLN F 35 0.93 -3.26 -79.49
N TRP F 36 1.57 -3.39 -80.65
CA TRP F 36 1.77 -2.27 -81.56
C TRP F 36 1.35 -2.68 -82.97
N VAL F 37 0.47 -1.88 -83.57
CA VAL F 37 -0.17 -2.23 -84.85
C VAL F 37 0.10 -1.14 -85.87
N ARG F 38 0.68 -1.52 -87.00
CA ARG F 38 1.08 -0.63 -88.07
C ARG F 38 0.11 -0.75 -89.24
N GLN F 39 -0.53 0.35 -89.60
CA GLN F 39 -1.53 0.34 -90.68
C GLN F 39 -1.08 1.24 -91.82
N ALA F 40 -0.56 0.64 -92.88
CA ALA F 40 -0.42 1.37 -94.13
C ALA F 40 -1.80 1.70 -94.66
N ARG F 41 -1.99 2.93 -95.14
CA ARG F 41 -3.32 3.41 -95.50
C ARG F 41 -3.79 2.71 -96.77
N GLY F 42 -5.02 2.19 -96.72
CA GLY F 42 -5.56 1.38 -97.78
C GLY F 42 -5.23 -0.09 -97.68
N GLN F 43 -4.50 -0.51 -96.65
CA GLN F 43 -4.17 -1.90 -96.40
C GLN F 43 -4.76 -2.35 -95.07
N ARG F 44 -4.58 -3.62 -94.77
CA ARG F 44 -5.01 -4.20 -93.50
C ARG F 44 -4.13 -3.74 -92.36
N LEU F 45 -4.59 -3.97 -91.14
CA LEU F 45 -3.75 -3.79 -89.98
C LEU F 45 -2.67 -4.87 -89.97
N GLU F 46 -1.53 -4.54 -89.38
CA GLU F 46 -0.42 -5.48 -89.27
C GLU F 46 -0.05 -5.65 -87.80
N TRP F 47 1.03 -6.37 -87.55
CA TRP F 47 1.53 -6.59 -86.21
C TRP F 47 3.01 -6.23 -86.18
N VAL F 48 3.39 -5.35 -85.25
CA VAL F 48 4.79 -4.96 -85.12
C VAL F 48 5.42 -5.78 -84.02
N GLY F 49 4.93 -5.60 -82.80
CA GLY F 49 5.50 -6.30 -81.66
C GLY F 49 4.71 -5.95 -80.43
N TRP F 50 5.07 -6.61 -79.33
CA TRP F 50 4.37 -6.44 -78.08
C TRP F 50 5.35 -6.40 -76.92
N ILE F 51 5.03 -5.59 -75.91
CA ILE F 51 5.81 -5.51 -74.69
C ILE F 51 4.95 -6.00 -73.54
N VAL F 52 5.46 -6.96 -72.77
CA VAL F 52 4.94 -7.07 -71.41
C VAL F 52 5.53 -5.90 -70.63
N VAL F 53 4.68 -4.95 -70.24
CA VAL F 53 5.16 -3.65 -69.77
C VAL F 53 5.86 -3.77 -68.44
N ALA F 54 5.36 -4.64 -67.56
CA ALA F 54 6.02 -4.84 -66.26
C ALA F 54 7.38 -5.52 -66.42
N SER F 55 7.50 -6.45 -67.36
CA SER F 55 8.75 -7.17 -67.53
C SER F 55 9.69 -6.51 -68.52
N GLY F 56 9.15 -5.87 -69.55
CA GLY F 56 9.99 -5.36 -70.61
C GLY F 56 10.41 -6.39 -71.63
N ASN F 57 9.84 -7.59 -71.59
CA ASN F 57 10.14 -8.62 -72.58
C ASN F 57 9.44 -8.28 -73.88
N ALA F 58 10.11 -7.52 -74.74
CA ALA F 58 9.57 -7.23 -76.06
C ALA F 58 9.73 -8.43 -76.97
N ASN F 59 8.91 -8.48 -78.00
CA ASN F 59 8.99 -9.54 -79.00
C ASN F 59 8.37 -9.01 -80.28
N SER F 60 9.18 -8.84 -81.31
CA SER F 60 8.76 -8.24 -82.57
C SER F 60 8.46 -9.31 -83.62
N ALA F 61 7.76 -8.89 -84.67
CA ALA F 61 7.36 -9.80 -85.73
C ALA F 61 8.55 -10.16 -86.62
N ARG F 62 8.33 -11.11 -87.53
CA ARG F 62 9.44 -11.72 -88.26
C ARG F 62 10.01 -10.80 -89.32
N ARG F 63 9.15 -10.04 -90.01
CA ARG F 63 9.66 -9.06 -90.96
C ARG F 63 10.25 -7.84 -90.26
N PHE F 64 9.99 -7.69 -88.96
CA PHE F 64 10.51 -6.60 -88.15
C PHE F 64 11.50 -7.12 -87.10
N HIS F 65 12.14 -8.25 -87.39
CA HIS F 65 12.86 -9.03 -86.37
C HIS F 65 14.12 -8.36 -85.86
N ASP F 66 14.74 -7.48 -86.65
CA ASP F 66 16.08 -7.00 -86.34
C ASP F 66 16.22 -5.48 -86.29
N ARG F 67 15.15 -4.72 -86.50
CA ARG F 67 15.26 -3.29 -86.69
C ARG F 67 14.12 -2.51 -86.05
N VAL F 68 13.45 -3.09 -85.06
CA VAL F 68 12.58 -2.33 -84.16
C VAL F 68 12.85 -2.82 -82.75
N THR F 69 13.06 -1.88 -81.83
CA THR F 69 13.17 -2.18 -80.41
C THR F 69 12.02 -1.49 -79.71
N ILE F 70 11.24 -2.26 -78.97
CA ILE F 70 9.97 -1.77 -78.46
C ILE F 70 10.12 -1.73 -76.96
N THR F 71 10.47 -0.56 -76.42
CA THR F 71 10.82 -0.44 -75.02
C THR F 71 9.71 0.20 -74.21
N SER F 72 9.71 -0.06 -72.91
CA SER F 72 8.69 0.47 -72.03
C SER F 72 9.33 1.02 -70.77
N ASP F 73 8.64 1.97 -70.14
CA ASP F 73 9.10 2.58 -68.90
C ASP F 73 7.95 2.70 -67.93
N MET F 74 8.04 1.98 -66.81
CA MET F 74 6.99 1.99 -65.81
C MET F 74 7.01 3.24 -64.94
N SER F 75 8.16 3.92 -64.86
CA SER F 75 8.27 5.10 -64.00
C SER F 75 7.46 6.26 -64.54
N THR F 76 7.50 6.49 -65.85
CA THR F 76 6.73 7.55 -66.47
C THR F 76 5.36 7.09 -66.95
N SER F 77 5.07 5.79 -66.82
CA SER F 77 3.90 5.12 -67.40
C SER F 77 3.80 5.41 -68.90
N THR F 78 4.83 4.96 -69.61
CA THR F 78 4.93 5.10 -71.05
C THR F 78 5.40 3.79 -71.65
N ALA F 79 5.35 3.72 -72.97
CA ALA F 79 5.89 2.58 -73.71
C ALA F 79 6.25 3.08 -75.10
N TYR F 80 7.49 2.83 -75.50
CA TYR F 80 8.05 3.52 -76.65
C TYR F 80 8.08 2.59 -77.86
N LEU F 81 8.57 3.10 -78.98
CA LEU F 81 8.89 2.29 -80.16
C LEU F 81 9.84 3.09 -81.03
N GLU F 82 10.90 2.45 -81.51
CA GLU F 82 11.76 3.06 -82.52
C GLU F 82 12.01 2.03 -83.62
N LEU F 83 11.74 2.41 -84.86
CA LEU F 83 11.88 1.52 -86.00
C LEU F 83 13.05 2.01 -86.83
N SER F 84 13.94 1.09 -87.23
CA SER F 84 15.16 1.47 -87.89
C SER F 84 14.99 1.49 -89.40
N SER F 85 15.72 2.43 -90.04
CA SER F 85 16.01 2.56 -91.47
C SER F 85 14.84 3.04 -92.33
N LEU F 86 13.63 3.06 -91.77
CA LEU F 86 12.44 3.81 -92.22
C LEU F 86 12.24 3.87 -93.74
N ARG F 87 12.06 2.70 -94.34
CA ARG F 87 12.03 2.58 -95.80
C ARG F 87 10.77 3.24 -96.36
N SER F 88 10.70 3.29 -97.70
CA SER F 88 9.56 3.92 -98.37
C SER F 88 8.27 3.12 -98.16
N GLU F 89 8.38 1.82 -97.87
CA GLU F 89 7.21 1.02 -97.54
C GLU F 89 6.98 0.96 -96.02
N ASP F 90 7.04 2.12 -95.37
CA ASP F 90 6.79 2.25 -93.94
C ASP F 90 5.88 3.42 -93.62
N THR F 91 5.34 4.11 -94.62
CA THR F 91 4.43 5.22 -94.40
C THR F 91 3.09 4.67 -93.94
N ALA F 92 2.74 4.91 -92.68
CA ALA F 92 1.64 4.17 -92.08
C ALA F 92 1.08 4.95 -90.91
N VAL F 93 0.18 4.32 -90.17
CA VAL F 93 -0.35 4.83 -88.91
C VAL F 93 -0.11 3.75 -87.86
N TYR F 94 0.48 4.14 -86.74
CA TYR F 94 0.98 3.17 -85.76
C TYR F 94 0.14 3.26 -84.50
N TYR F 95 -0.40 2.11 -84.08
CA TYR F 95 -1.44 2.08 -83.06
C TYR F 95 -0.92 1.31 -81.87
N CYS F 96 -0.99 1.91 -80.68
CA CYS F 96 -0.57 1.24 -79.45
C CYS F 96 -1.82 0.73 -78.74
N ALA F 97 -1.95 -0.59 -78.68
CA ALA F 97 -3.15 -1.24 -78.18
C ALA F 97 -2.83 -1.88 -76.84
N LEU F 98 -3.67 -1.64 -75.84
CA LEU F 98 -3.40 -2.14 -74.51
C LEU F 98 -4.51 -3.06 -74.02
N ASN F 99 -4.11 -4.08 -73.28
CA ASN F 99 -5.02 -5.00 -72.61
C ASN F 99 -5.32 -4.43 -71.23
N HIS F 100 -6.60 -4.27 -70.93
CA HIS F 100 -7.01 -3.72 -69.64
C HIS F 100 -6.86 -4.77 -68.55
N CYS F 101 -6.20 -4.40 -67.45
CA CYS F 101 -6.04 -5.30 -66.31
C CYS F 101 -6.96 -4.86 -65.18
N SER F 102 -7.85 -5.75 -64.79
CA SER F 102 -8.74 -5.47 -63.69
C SER F 102 -8.09 -6.08 -62.50
N ASN F 103 -7.05 -5.44 -61.98
CA ASN F 103 -6.26 -5.88 -60.80
C ASN F 103 -6.24 -7.36 -60.43
N THR F 104 -7.36 -7.84 -59.89
CA THR F 104 -7.57 -9.21 -59.55
C THR F 104 -7.11 -10.13 -60.65
N THR F 105 -7.18 -9.63 -61.87
CA THR F 105 -6.74 -10.35 -63.06
C THR F 105 -6.39 -9.39 -64.18
N CYS F 106 -6.35 -9.88 -65.41
CA CYS F 106 -6.30 -9.02 -66.59
C CYS F 106 -7.30 -9.57 -67.59
N LEU F 107 -7.58 -8.81 -68.64
CA LEU F 107 -8.52 -9.21 -69.66
C LEU F 107 -7.75 -9.94 -70.75
N ASP F 108 -8.47 -10.55 -71.69
CA ASP F 108 -7.85 -11.23 -72.80
C ASP F 108 -7.99 -10.46 -74.12
N GLY F 109 -8.27 -9.17 -74.05
CA GLY F 109 -8.49 -8.41 -75.27
C GLY F 109 -7.92 -7.01 -75.28
N PHE F 110 -7.29 -6.65 -76.40
CA PHE F 110 -6.64 -5.35 -76.56
C PHE F 110 -7.72 -4.30 -76.81
N ASP F 111 -8.32 -3.83 -75.71
CA ASP F 111 -9.51 -3.00 -75.83
C ASP F 111 -9.18 -1.51 -75.91
N ILE F 112 -8.36 -0.98 -75.01
CA ILE F 112 -8.02 0.44 -75.05
C ILE F 112 -6.87 0.61 -76.03
N TRP F 113 -7.08 1.41 -77.06
CA TRP F 113 -6.11 1.65 -78.11
C TRP F 113 -5.54 3.06 -77.98
N GLY F 114 -4.73 3.46 -78.93
CA GLY F 114 -4.18 4.82 -78.98
C GLY F 114 -5.03 5.72 -79.85
N GLN F 115 -4.37 6.59 -80.61
CA GLN F 115 -5.05 7.36 -81.64
C GLN F 115 -4.33 7.38 -82.97
N GLY F 116 -3.08 6.95 -83.04
CA GLY F 116 -2.39 6.91 -84.31
C GLY F 116 -1.19 7.83 -84.39
N THR F 117 -0.29 7.53 -85.30
CA THR F 117 0.95 8.30 -85.47
C THR F 117 1.33 8.21 -86.94
N MET F 118 1.04 9.27 -87.70
CA MET F 118 1.29 9.28 -89.14
C MET F 118 2.78 9.38 -89.39
N VAL F 119 3.45 8.23 -89.32
CA VAL F 119 4.88 8.16 -89.58
C VAL F 119 5.07 8.27 -91.08
N SER F 120 5.46 9.44 -91.54
CA SER F 120 5.57 9.72 -92.97
C SER F 120 7.01 9.53 -93.42
N VAL F 121 7.21 8.78 -94.49
CA VAL F 121 8.52 8.59 -95.08
C VAL F 121 8.57 9.43 -96.35
N SER F 122 9.23 10.58 -96.27
CA SER F 122 9.31 11.50 -97.39
C SER F 122 10.71 11.54 -98.00
N ILE G 2 1.48 -19.46 -88.96
CA ILE G 2 0.02 -19.44 -88.81
C ILE G 2 -0.58 -18.18 -89.43
N VAL G 3 -1.43 -18.38 -90.42
CA VAL G 3 -2.08 -17.30 -91.16
C VAL G 3 -3.59 -17.46 -90.99
N LEU G 4 -4.30 -16.34 -91.00
CA LEU G 4 -5.75 -16.32 -90.82
C LEU G 4 -6.40 -15.74 -92.06
N THR G 5 -7.27 -16.52 -92.68
CA THR G 5 -8.05 -16.09 -93.82
C THR G 5 -9.49 -15.81 -93.38
N GLN G 6 -10.03 -14.69 -93.83
CA GLN G 6 -11.39 -14.34 -93.44
C GLN G 6 -12.28 -14.59 -94.65
N SER G 7 -13.59 -14.43 -94.50
CA SER G 7 -14.58 -14.87 -95.47
C SER G 7 -15.44 -13.65 -95.81
N PRO G 8 -16.47 -13.74 -96.73
CA PRO G 8 -16.49 -12.88 -97.94
C PRO G 8 -15.98 -11.46 -97.81
N VAL G 9 -15.14 -11.06 -98.77
CA VAL G 9 -14.36 -9.83 -98.74
C VAL G 9 -15.24 -8.58 -98.78
N THR G 10 -16.50 -8.72 -99.21
CA THR G 10 -17.50 -7.68 -99.02
C THR G 10 -18.84 -8.34 -98.73
N LEU G 11 -19.59 -7.74 -97.80
CA LEU G 11 -20.95 -8.16 -97.50
C LEU G 11 -21.89 -7.12 -98.11
N SER G 12 -22.05 -7.18 -99.43
CA SER G 12 -22.84 -6.20 -100.17
C SER G 12 -24.30 -6.63 -100.12
N LEU G 13 -25.00 -6.21 -99.07
CA LEU G 13 -26.41 -6.54 -98.91
C LEU G 13 -27.06 -5.48 -98.03
N SER G 14 -28.39 -5.57 -97.90
CA SER G 14 -29.20 -4.45 -97.44
C SER G 14 -28.94 -4.12 -95.96
N PRO G 15 -29.20 -2.89 -95.55
CA PRO G 15 -29.15 -2.57 -94.12
C PRO G 15 -30.33 -3.19 -93.38
N GLY G 16 -30.21 -3.23 -92.05
CA GLY G 16 -31.32 -3.62 -91.20
C GLY G 16 -31.78 -5.06 -91.28
N GLU G 17 -30.85 -6.01 -91.21
CA GLU G 17 -31.16 -7.43 -91.40
C GLU G 17 -30.05 -8.26 -90.75
N ARG G 18 -29.98 -9.54 -91.10
CA ARG G 18 -29.08 -10.50 -90.47
C ARG G 18 -27.89 -10.85 -91.35
N ALA G 19 -26.67 -10.63 -90.82
CA ALA G 19 -25.44 -10.94 -91.52
C ALA G 19 -24.53 -11.78 -90.65
N THR G 20 -23.72 -12.64 -91.28
CA THR G 20 -22.80 -13.54 -90.61
C THR G 20 -21.38 -13.28 -91.10
N LEU G 21 -20.43 -13.24 -90.16
CA LEU G 21 -19.03 -12.98 -90.45
C LEU G 21 -18.20 -14.12 -89.87
N SER G 22 -17.30 -14.68 -90.67
CA SER G 22 -16.58 -15.89 -90.28
C SER G 22 -15.11 -15.79 -90.65
N CYS G 23 -14.25 -16.31 -89.76
CA CYS G 23 -12.80 -16.28 -89.92
C CYS G 23 -12.31 -17.72 -89.99
N ARG G 24 -12.07 -18.21 -91.21
CA ARG G 24 -11.57 -19.56 -91.44
C ARG G 24 -10.05 -19.59 -91.29
N ALA G 25 -9.58 -19.98 -90.10
CA ALA G 25 -8.15 -20.04 -89.84
C ALA G 25 -7.51 -21.19 -90.62
N SER G 26 -6.28 -20.97 -91.07
CA SER G 26 -5.56 -21.99 -91.81
C SER G 26 -4.85 -22.98 -90.88
N GLN G 27 -4.51 -22.56 -89.67
CA GLN G 27 -4.00 -23.43 -88.63
C GLN G 27 -4.85 -23.21 -87.40
N SER G 28 -5.00 -24.26 -86.58
CA SER G 28 -5.94 -24.24 -85.47
C SER G 28 -5.52 -23.24 -84.39
N VAL G 29 -6.43 -22.33 -84.06
CA VAL G 29 -6.15 -21.26 -83.10
C VAL G 29 -6.10 -21.85 -81.70
N ARG G 30 -4.97 -21.67 -81.04
CA ARG G 30 -4.81 -22.21 -79.69
C ARG G 30 -5.58 -21.37 -78.68
N ASN G 31 -6.25 -22.08 -77.77
CA ASN G 31 -6.94 -21.53 -76.59
C ASN G 31 -8.10 -20.61 -76.94
N SER G 32 -8.58 -20.68 -78.19
CA SER G 32 -9.69 -19.88 -78.74
C SER G 32 -9.53 -18.39 -78.48
N LEU G 33 -8.47 -17.79 -79.03
CA LEU G 33 -8.22 -16.36 -78.89
C LEU G 33 -8.26 -15.74 -80.27
N LEU G 34 -9.47 -15.39 -80.71
CA LEU G 34 -9.66 -14.82 -82.04
C LEU G 34 -10.61 -13.64 -81.86
N ALA G 35 -10.16 -12.67 -81.06
CA ALA G 35 -10.92 -11.45 -80.81
C ALA G 35 -11.29 -10.71 -82.09
N TRP G 36 -12.45 -10.06 -82.08
CA TRP G 36 -13.00 -9.40 -83.27
C TRP G 36 -13.00 -7.89 -83.08
N TYR G 37 -12.35 -7.20 -84.02
CA TYR G 37 -12.29 -5.74 -84.04
C TYR G 37 -12.98 -5.19 -85.28
N GLN G 38 -13.43 -3.95 -85.18
CA GLN G 38 -13.88 -3.20 -86.35
C GLN G 38 -13.05 -1.93 -86.46
N GLN G 39 -12.94 -1.41 -87.68
CA GLN G 39 -12.07 -0.25 -87.94
C GLN G 39 -12.68 0.53 -89.10
N LYS G 40 -13.39 1.60 -88.77
CA LYS G 40 -13.90 2.50 -89.79
C LYS G 40 -12.73 3.23 -90.45
N PRO G 41 -12.75 3.42 -91.77
CA PRO G 41 -11.51 3.58 -92.56
C PRO G 41 -10.74 4.86 -92.24
N GLY G 42 -9.54 4.68 -91.70
CA GLY G 42 -8.67 5.79 -91.38
C GLY G 42 -8.65 6.21 -89.93
N GLN G 43 -9.39 5.52 -89.05
CA GLN G 43 -9.47 5.91 -87.66
C GLN G 43 -9.15 4.71 -86.79
N ALA G 44 -9.13 4.95 -85.47
CA ALA G 44 -8.64 3.96 -84.52
C ALA G 44 -9.60 2.78 -84.42
N PRO G 45 -9.10 1.56 -84.51
CA PRO G 45 -9.95 0.38 -84.29
C PRO G 45 -10.37 0.29 -82.83
N ARG G 46 -11.31 -0.62 -82.58
CA ARG G 46 -11.92 -0.76 -81.28
C ARG G 46 -12.47 -2.17 -81.17
N LEU G 47 -12.57 -2.68 -79.95
CA LEU G 47 -12.75 -4.11 -79.73
C LEU G 47 -14.22 -4.40 -79.47
N LEU G 48 -14.70 -5.49 -80.04
CA LEU G 48 -16.09 -5.93 -79.90
C LEU G 48 -16.20 -7.27 -79.21
N ILE G 49 -15.48 -8.28 -79.68
CA ILE G 49 -15.46 -9.62 -79.10
C ILE G 49 -14.08 -9.86 -78.53
N TYR G 50 -14.01 -10.37 -77.30
CA TYR G 50 -12.76 -10.79 -76.70
C TYR G 50 -12.87 -12.27 -76.34
N ALA G 51 -11.70 -12.94 -76.36
CA ALA G 51 -11.56 -14.38 -76.12
C ALA G 51 -12.44 -15.22 -77.05
N ALA G 52 -12.66 -14.70 -78.27
CA ALA G 52 -13.32 -15.33 -79.41
C ALA G 52 -14.82 -15.58 -79.22
N SER G 53 -15.36 -15.33 -78.03
CA SER G 53 -16.81 -15.39 -77.86
C SER G 53 -17.41 -14.29 -76.99
N SER G 54 -16.65 -13.68 -76.09
CA SER G 54 -17.25 -12.85 -75.05
C SER G 54 -17.43 -11.42 -75.55
N ARG G 55 -18.56 -10.82 -75.15
CA ARG G 55 -18.84 -9.43 -75.46
C ARG G 55 -17.97 -8.52 -74.60
N ALA G 56 -17.50 -7.43 -75.20
CA ALA G 56 -16.58 -6.54 -74.51
C ALA G 56 -17.31 -5.62 -73.54
N THR G 57 -16.57 -5.15 -72.54
CA THR G 57 -17.11 -4.20 -71.57
C THR G 57 -17.28 -2.83 -72.21
N GLY G 58 -18.44 -2.22 -71.98
CA GLY G 58 -18.80 -0.95 -72.55
C GLY G 58 -19.43 -1.05 -73.92
N ILE G 59 -19.22 -2.16 -74.61
CA ILE G 59 -19.85 -2.40 -75.91
C ILE G 59 -21.27 -2.90 -75.70
N PRO G 60 -22.27 -2.33 -76.39
CA PRO G 60 -23.64 -2.84 -76.27
C PRO G 60 -23.84 -4.18 -76.97
N ASP G 61 -25.11 -4.56 -77.13
CA ASP G 61 -25.53 -5.84 -77.67
C ASP G 61 -25.33 -5.91 -79.19
N ARG G 62 -26.04 -6.85 -79.83
CA ARG G 62 -26.21 -7.01 -81.29
C ARG G 62 -25.00 -7.69 -81.94
N PHE G 63 -23.90 -7.87 -81.21
CA PHE G 63 -22.78 -8.67 -81.70
C PHE G 63 -22.72 -9.98 -80.94
N SER G 64 -22.09 -10.99 -81.53
CA SER G 64 -21.96 -12.30 -80.89
C SER G 64 -20.80 -13.06 -81.51
N GLY G 65 -19.85 -13.47 -80.67
CA GLY G 65 -18.82 -14.39 -81.09
C GLY G 65 -19.19 -15.79 -80.66
N SER G 66 -19.02 -16.75 -81.58
CA SER G 66 -19.44 -18.12 -81.33
C SER G 66 -18.41 -19.08 -81.89
N GLY G 67 -18.35 -20.26 -81.29
CA GLY G 67 -17.45 -21.30 -81.73
C GLY G 67 -16.07 -21.18 -81.13
N SER G 68 -15.26 -22.20 -81.37
CA SER G 68 -13.88 -22.24 -80.90
C SER G 68 -13.07 -23.12 -81.83
N GLY G 69 -11.75 -23.02 -81.71
CA GLY G 69 -10.86 -23.85 -82.49
C GLY G 69 -10.53 -23.25 -83.84
N THR G 70 -11.17 -23.74 -84.89
CA THR G 70 -10.98 -23.22 -86.23
C THR G 70 -12.27 -22.71 -86.85
N ASP G 71 -13.38 -23.43 -86.71
CA ASP G 71 -14.68 -22.92 -87.11
C ASP G 71 -15.07 -21.78 -86.20
N PHE G 72 -15.55 -20.68 -86.79
CA PHE G 72 -15.68 -19.43 -86.06
C PHE G 72 -16.72 -18.55 -86.72
N THR G 73 -17.44 -17.80 -85.88
CA THR G 73 -18.51 -16.95 -86.35
C THR G 73 -18.52 -15.65 -85.58
N LEU G 74 -18.66 -14.54 -86.28
CA LEU G 74 -19.09 -13.26 -85.73
C LEU G 74 -20.53 -13.04 -86.17
N THR G 75 -21.42 -12.86 -85.20
CA THR G 75 -22.84 -12.75 -85.47
C THR G 75 -23.29 -11.33 -85.19
N ILE G 76 -23.57 -10.59 -86.25
CA ILE G 76 -24.12 -9.24 -86.12
C ILE G 76 -25.62 -9.29 -86.40
N SER G 77 -26.40 -8.66 -85.54
CA SER G 77 -27.84 -8.89 -85.52
C SER G 77 -28.61 -7.85 -86.33
N ARG G 78 -28.24 -6.58 -86.20
CA ARG G 78 -29.10 -5.47 -86.60
C ARG G 78 -28.16 -4.44 -87.24
N LEU G 79 -28.03 -4.49 -88.57
CA LEU G 79 -27.08 -3.61 -89.26
C LEU G 79 -27.64 -2.19 -89.30
N GLU G 80 -27.18 -1.36 -88.36
CA GLU G 80 -27.36 0.07 -88.44
C GLU G 80 -26.42 0.64 -89.49
N PRO G 81 -26.70 1.86 -89.99
CA PRO G 81 -25.79 2.47 -90.98
C PRO G 81 -24.36 2.71 -90.50
N GLU G 82 -24.13 2.83 -89.19
CA GLU G 82 -22.77 2.98 -88.69
C GLU G 82 -22.06 1.65 -88.46
N ASP G 83 -22.71 0.52 -88.74
CA ASP G 83 -22.07 -0.79 -88.74
C ASP G 83 -21.59 -1.20 -90.12
N PHE G 84 -21.46 -0.26 -91.06
CA PHE G 84 -20.98 -0.58 -92.40
C PHE G 84 -19.49 -0.27 -92.47
N VAL G 85 -18.73 -1.13 -91.79
CA VAL G 85 -17.36 -0.89 -91.36
C VAL G 85 -16.54 -2.13 -91.71
N VAL G 86 -15.23 -1.94 -91.94
CA VAL G 86 -14.30 -3.07 -92.06
C VAL G 86 -14.13 -3.74 -90.71
N TYR G 87 -14.23 -5.08 -90.69
CA TYR G 87 -14.20 -5.88 -89.47
C TYR G 87 -13.04 -6.87 -89.51
N TYR G 88 -12.35 -7.03 -88.38
CA TYR G 88 -11.03 -7.67 -88.34
C TYR G 88 -10.98 -8.80 -87.33
N CYS G 89 -10.21 -9.84 -87.67
CA CYS G 89 -9.89 -10.96 -86.78
C CYS G 89 -8.72 -10.59 -85.87
N GLN G 90 -8.15 -11.58 -85.18
CA GLN G 90 -6.99 -11.50 -84.31
C GLN G 90 -6.56 -12.93 -84.04
N GLN G 91 -5.29 -13.14 -83.75
CA GLN G 91 -4.86 -14.46 -83.29
C GLN G 91 -3.84 -14.28 -82.16
N HIS G 92 -4.28 -13.63 -81.14
CA HIS G 92 -3.29 -13.35 -80.27
C HIS G 92 -3.39 -14.35 -79.34
N GLY G 93 -2.91 -15.49 -79.77
CA GLY G 93 -2.94 -16.63 -78.89
C GLY G 93 -1.71 -17.45 -79.07
N SER G 94 -1.29 -17.58 -80.31
CA SER G 94 -0.14 -18.36 -80.70
C SER G 94 1.17 -18.12 -80.01
N SER G 95 1.93 -17.17 -80.55
CA SER G 95 3.25 -16.82 -80.06
C SER G 95 3.58 -15.49 -80.70
N PRO G 96 4.01 -15.60 -81.92
CA PRO G 96 4.34 -14.48 -82.77
C PRO G 96 3.24 -14.28 -83.81
N PRO G 97 3.44 -13.33 -84.70
CA PRO G 97 2.50 -13.00 -85.77
C PRO G 97 0.98 -13.07 -85.47
N TRP G 98 0.55 -12.55 -84.33
CA TRP G 98 -0.83 -12.49 -83.93
C TRP G 98 -1.58 -11.93 -85.09
N THR G 99 -1.65 -12.76 -86.09
CA THR G 99 -2.05 -12.39 -87.43
C THR G 99 -3.49 -11.92 -87.47
N PHE G 100 -3.73 -10.82 -88.18
CA PHE G 100 -5.07 -10.28 -88.36
C PHE G 100 -5.70 -10.95 -89.59
N GLY G 101 -6.80 -10.40 -90.09
CA GLY G 101 -7.39 -10.85 -91.33
C GLY G 101 -7.24 -9.83 -92.44
N GLN G 102 -7.78 -10.20 -93.61
CA GLN G 102 -7.93 -9.25 -94.70
C GLN G 102 -9.00 -8.20 -94.40
N GLY G 103 -9.91 -8.47 -93.47
CA GLY G 103 -11.05 -7.63 -93.28
C GLY G 103 -12.12 -7.93 -94.31
N THR G 104 -13.23 -7.23 -94.18
CA THR G 104 -14.30 -7.29 -95.16
C THR G 104 -14.87 -5.89 -95.33
N LYS G 105 -15.89 -5.77 -96.16
CA LYS G 105 -16.56 -4.48 -96.32
C LYS G 105 -18.05 -4.74 -96.18
N VAL G 106 -18.60 -4.36 -95.03
CA VAL G 106 -20.04 -4.36 -94.85
C VAL G 106 -20.59 -3.23 -95.70
N GLU G 107 -21.27 -3.57 -96.79
CA GLU G 107 -21.64 -2.62 -97.83
C GLU G 107 -23.15 -2.67 -98.08
N PHE G 108 -23.73 -1.51 -98.32
CA PHE G 108 -25.17 -1.35 -98.57
C PHE G 108 -25.64 -2.10 -99.81
N MET H 2 -32.13 11.72 -60.37
CA MET H 2 -33.21 12.67 -60.65
C MET H 2 -33.76 12.48 -62.05
N GLN H 3 -33.73 11.25 -62.56
CA GLN H 3 -34.26 10.92 -63.87
C GLN H 3 -35.06 9.63 -63.80
N LEU H 4 -36.17 9.61 -64.51
CA LEU H 4 -37.04 8.43 -64.63
C LEU H 4 -36.88 7.85 -66.03
N VAL H 5 -36.00 6.84 -66.14
CA VAL H 5 -35.85 6.14 -67.40
C VAL H 5 -37.03 5.19 -67.59
N GLN H 6 -37.74 5.36 -68.69
CA GLN H 6 -38.89 4.54 -69.01
C GLN H 6 -38.53 3.52 -70.08
N SER H 7 -39.34 2.48 -70.20
CA SER H 7 -39.08 1.44 -71.18
C SER H 7 -39.39 1.94 -72.60
N GLY H 8 -38.96 1.17 -73.58
CA GLY H 8 -39.15 1.52 -74.97
C GLY H 8 -40.56 1.25 -75.45
N PRO H 9 -40.83 1.52 -76.73
CA PRO H 9 -42.16 1.27 -77.28
C PRO H 9 -42.47 -0.20 -77.41
N GLU H 10 -43.75 -0.53 -77.33
CA GLU H 10 -44.24 -1.89 -77.57
C GLU H 10 -45.36 -1.83 -78.59
N VAL H 11 -45.12 -2.43 -79.76
CA VAL H 11 -46.16 -2.54 -80.78
C VAL H 11 -47.00 -3.76 -80.45
N LYS H 12 -48.29 -3.53 -80.20
CA LYS H 12 -49.15 -4.61 -79.71
C LYS H 12 -50.37 -4.83 -80.60
N LYS H 13 -51.32 -5.61 -80.11
CA LYS H 13 -52.50 -6.08 -80.83
C LYS H 13 -53.72 -5.81 -79.96
N PRO H 14 -54.90 -5.56 -80.57
CA PRO H 14 -56.11 -5.27 -79.79
C PRO H 14 -56.66 -6.37 -78.88
N GLY H 15 -56.00 -7.52 -78.80
CA GLY H 15 -56.41 -8.52 -77.83
C GLY H 15 -55.42 -8.71 -76.71
N THR H 16 -54.23 -8.13 -76.85
CA THR H 16 -53.13 -8.35 -75.91
C THR H 16 -53.24 -7.40 -74.72
N SER H 17 -52.18 -7.37 -73.92
CA SER H 17 -52.04 -6.42 -72.83
C SER H 17 -50.61 -5.89 -72.82
N VAL H 18 -50.44 -4.67 -72.33
CA VAL H 18 -49.16 -4.00 -72.34
C VAL H 18 -48.51 -4.19 -70.97
N LYS H 19 -47.20 -3.96 -70.88
CA LYS H 19 -46.49 -3.95 -69.62
C LYS H 19 -45.44 -2.83 -69.70
N VAL H 20 -45.78 -1.67 -69.13
CA VAL H 20 -44.93 -0.49 -69.20
C VAL H 20 -44.22 -0.34 -67.86
N SER H 21 -42.90 -0.35 -67.89
CA SER H 21 -42.09 -0.13 -66.70
C SER H 21 -41.51 1.27 -66.70
N CYS H 22 -41.06 1.72 -65.53
CA CYS H 22 -40.48 3.04 -65.40
C CYS H 22 -39.50 3.03 -64.24
N LYS H 23 -38.22 2.93 -64.54
CA LYS H 23 -37.17 2.87 -63.53
C LYS H 23 -36.72 4.28 -63.16
N ALA H 24 -36.39 4.46 -61.89
CA ALA H 24 -35.96 5.75 -61.36
C ALA H 24 -34.45 5.72 -61.18
N SER H 25 -33.74 6.52 -61.97
CA SER H 25 -32.28 6.55 -61.92
C SER H 25 -31.77 7.76 -61.15
N GLY H 26 -30.64 7.57 -60.48
CA GLY H 26 -30.00 8.61 -59.72
C GLY H 26 -30.40 8.68 -58.27
N PHE H 27 -31.39 7.91 -57.84
CA PHE H 27 -31.94 7.98 -56.50
C PHE H 27 -32.79 6.73 -56.26
N THR H 28 -33.29 6.61 -55.04
CA THR H 28 -34.17 5.53 -54.65
C THR H 28 -35.54 6.06 -54.29
N PHE H 29 -36.53 5.18 -54.34
CA PHE H 29 -37.91 5.57 -54.07
C PHE H 29 -38.12 5.78 -52.59
N THR H 30 -38.42 7.01 -52.21
CA THR H 30 -39.02 7.32 -50.92
C THR H 30 -40.53 7.38 -51.13
N ASN H 31 -41.25 7.96 -50.17
CA ASN H 31 -42.70 8.14 -50.26
C ASN H 31 -43.07 9.20 -51.30
N SER H 32 -42.93 8.81 -52.57
CA SER H 32 -42.74 9.77 -53.65
C SER H 32 -43.95 9.98 -54.55
N ALA H 33 -44.91 9.06 -54.59
CA ALA H 33 -46.22 9.23 -55.24
C ALA H 33 -46.12 9.51 -56.74
N MET H 34 -45.67 8.50 -57.48
CA MET H 34 -45.68 8.56 -58.94
C MET H 34 -47.12 8.61 -59.46
N GLN H 35 -47.33 9.34 -60.56
CA GLN H 35 -48.56 9.27 -61.33
C GLN H 35 -48.23 8.87 -62.77
N TRP H 36 -49.27 8.50 -63.52
CA TRP H 36 -49.11 7.97 -64.88
C TRP H 36 -50.04 8.70 -65.82
N VAL H 37 -49.49 9.25 -66.90
CA VAL H 37 -50.22 10.13 -67.81
C VAL H 37 -50.17 9.57 -69.23
N ARG H 38 -51.35 9.36 -69.81
CA ARG H 38 -51.51 8.76 -71.13
C ARG H 38 -51.89 9.83 -72.14
N GLN H 39 -51.07 10.01 -73.17
CA GLN H 39 -51.31 11.04 -74.17
C GLN H 39 -51.53 10.42 -75.54
N ALA H 40 -52.78 10.33 -75.97
CA ALA H 40 -53.06 10.07 -77.36
C ALA H 40 -52.58 11.25 -78.19
N ARG H 41 -51.92 10.96 -79.32
CA ARG H 41 -51.26 12.01 -80.08
C ARG H 41 -52.29 12.89 -80.76
N GLY H 42 -52.12 14.21 -80.62
CA GLY H 42 -53.10 15.17 -81.07
C GLY H 42 -54.20 15.46 -80.08
N GLN H 43 -54.19 14.84 -78.90
CA GLN H 43 -55.15 15.10 -77.84
C GLN H 43 -54.44 15.64 -76.61
N ARG H 44 -55.24 15.97 -75.60
CA ARG H 44 -54.71 16.44 -74.33
C ARG H 44 -54.08 15.29 -73.55
N LEU H 45 -53.33 15.65 -72.51
CA LEU H 45 -52.87 14.66 -71.55
C LEU H 45 -54.05 14.15 -70.75
N GLU H 46 -53.95 12.90 -70.29
CA GLU H 46 -54.99 12.28 -69.49
C GLU H 46 -54.40 11.83 -68.16
N TRP H 47 -55.20 11.12 -67.38
CA TRP H 47 -54.77 10.58 -66.11
C TRP H 47 -55.10 9.11 -66.07
N VAL H 48 -54.10 8.27 -65.78
CA VAL H 48 -54.32 6.84 -65.68
C VAL H 48 -54.50 6.47 -64.23
N GLY H 49 -53.46 6.68 -63.44
CA GLY H 49 -53.51 6.31 -62.04
C GLY H 49 -52.22 6.71 -61.37
N TRP H 50 -52.19 6.52 -60.06
CA TRP H 50 -51.03 6.92 -59.27
C TRP H 50 -50.73 5.87 -58.22
N ILE H 51 -49.45 5.70 -57.92
CA ILE H 51 -48.97 4.79 -56.87
C ILE H 51 -48.30 5.62 -55.81
N VAL H 52 -48.72 5.46 -54.56
CA VAL H 52 -47.80 5.80 -53.49
C VAL H 52 -46.76 4.67 -53.45
N VAL H 53 -45.52 5.00 -53.82
CA VAL H 53 -44.53 3.97 -54.14
C VAL H 53 -44.11 3.20 -52.88
N ALA H 54 -44.01 3.90 -51.75
CA ALA H 54 -43.66 3.23 -50.50
C ALA H 54 -44.77 2.30 -50.03
N SER H 55 -46.02 2.71 -50.22
CA SER H 55 -47.13 1.90 -49.74
C SER H 55 -47.64 0.92 -50.78
N GLY H 56 -47.57 1.26 -52.05
CA GLY H 56 -48.19 0.44 -53.07
C GLY H 56 -49.68 0.62 -53.22
N ASN H 57 -50.26 1.63 -52.57
CA ASN H 57 -51.68 1.90 -52.71
C ASN H 57 -51.93 2.57 -54.06
N ALA H 58 -52.18 1.77 -55.08
CA ALA H 58 -52.53 2.30 -56.39
C ALA H 58 -53.97 2.77 -56.39
N ASN H 59 -54.27 3.67 -57.32
CA ASN H 59 -55.63 4.16 -57.49
C ASN H 59 -55.76 4.67 -58.92
N SER H 60 -56.58 4.00 -59.71
CA SER H 60 -56.73 4.29 -61.12
C SER H 60 -57.97 5.14 -61.39
N ALA H 61 -58.01 5.73 -62.57
CA ALA H 61 -59.11 6.61 -62.96
C ALA H 61 -60.37 5.81 -63.28
N ARG H 62 -61.47 6.52 -63.48
CA ARG H 62 -62.78 5.87 -63.54
C ARG H 62 -62.99 5.12 -64.84
N ARG H 63 -62.51 5.66 -65.97
CA ARG H 63 -62.59 4.92 -67.21
C ARG H 63 -61.57 3.80 -67.28
N PHE H 64 -60.60 3.79 -66.36
CA PHE H 64 -59.57 2.75 -66.27
C PHE H 64 -59.72 1.95 -64.98
N HIS H 65 -60.95 1.88 -64.45
CA HIS H 65 -61.17 1.42 -63.08
C HIS H 65 -60.93 -0.06 -62.87
N ASP H 66 -61.02 -0.87 -63.91
CA ASP H 66 -61.05 -2.31 -63.75
C ASP H 66 -60.02 -3.08 -64.57
N ARG H 67 -59.18 -2.40 -65.34
CA ARG H 67 -58.33 -3.08 -66.31
C ARG H 67 -56.95 -2.45 -66.43
N VAL H 68 -56.50 -1.74 -65.39
CA VAL H 68 -55.09 -1.40 -65.26
C VAL H 68 -54.70 -1.61 -63.80
N THR H 69 -53.60 -2.31 -63.58
CA THR H 69 -53.02 -2.47 -62.25
C THR H 69 -51.66 -1.81 -62.27
N ILE H 70 -51.45 -0.88 -61.35
CA ILE H 70 -50.28 -0.01 -61.43
C ILE H 70 -49.43 -0.36 -60.23
N THR H 71 -48.45 -1.23 -60.42
CA THR H 71 -47.67 -1.79 -59.31
C THR H 71 -46.30 -1.15 -59.22
N SER H 72 -45.72 -1.21 -58.03
CA SER H 72 -44.41 -0.62 -57.79
C SER H 72 -43.55 -1.60 -57.00
N ASP H 73 -42.24 -1.46 -57.16
CA ASP H 73 -41.27 -2.29 -56.46
C ASP H 73 -40.16 -1.42 -55.93
N MET H 74 -40.03 -1.36 -54.60
CA MET H 74 -39.00 -0.55 -53.97
C MET H 74 -37.63 -1.20 -54.01
N SER H 75 -37.57 -2.53 -54.16
CA SER H 75 -36.29 -3.23 -54.14
C SER H 75 -35.47 -2.91 -55.38
N THR H 76 -36.09 -2.87 -56.54
CA THR H 76 -35.41 -2.54 -57.78
C THR H 76 -35.45 -1.06 -58.10
N SER H 77 -36.16 -0.27 -57.28
CA SER H 77 -36.49 1.14 -57.53
C SER H 77 -37.13 1.32 -58.92
N THR H 78 -38.28 0.66 -59.06
CA THR H 78 -39.06 0.70 -60.29
C THR H 78 -40.53 0.90 -59.92
N ALA H 79 -41.33 1.15 -60.95
CA ALA H 79 -42.79 1.23 -60.80
C ALA H 79 -43.41 0.87 -62.13
N TYR H 80 -44.32 -0.08 -62.13
CA TYR H 80 -44.75 -0.72 -63.36
C TYR H 80 -46.11 -0.21 -63.77
N LEU H 81 -46.62 -0.72 -64.89
CA LEU H 81 -48.00 -0.51 -65.31
C LEU H 81 -48.34 -1.59 -66.32
N GLU H 82 -49.51 -2.21 -66.18
CA GLU H 82 -50.02 -3.10 -67.21
C GLU H 82 -51.48 -2.76 -67.44
N LEU H 83 -51.84 -2.51 -68.70
CA LEU H 83 -53.19 -2.13 -69.07
C LEU H 83 -53.82 -3.28 -69.84
N SER H 84 -55.05 -3.64 -69.48
CA SER H 84 -55.67 -4.82 -70.05
C SER H 84 -56.49 -4.47 -71.31
N SER H 85 -56.49 -5.42 -72.24
CA SER H 85 -57.36 -5.56 -73.41
C SER H 85 -57.06 -4.60 -74.56
N LEU H 86 -56.22 -3.59 -74.31
CA LEU H 86 -55.48 -2.76 -75.29
C LEU H 86 -56.23 -2.42 -76.56
N ARG H 87 -57.34 -1.68 -76.39
CA ARG H 87 -58.27 -1.42 -77.49
C ARG H 87 -57.63 -0.48 -78.52
N SER H 88 -58.35 -0.28 -79.62
CA SER H 88 -57.84 0.57 -80.70
C SER H 88 -57.75 2.04 -80.26
N GLU H 89 -58.53 2.44 -79.27
CA GLU H 89 -58.42 3.79 -78.72
C GLU H 89 -57.47 3.83 -77.50
N ASP H 90 -56.30 3.20 -77.65
CA ASP H 90 -55.28 3.19 -76.62
C ASP H 90 -53.89 3.48 -77.18
N THR H 91 -53.78 3.81 -78.47
CA THR H 91 -52.50 4.14 -79.08
C THR H 91 -52.07 5.51 -78.60
N ALA H 92 -51.03 5.57 -77.78
CA ALA H 92 -50.74 6.79 -77.04
C ALA H 92 -49.26 6.80 -76.64
N VAL H 93 -48.91 7.79 -75.82
CA VAL H 93 -47.61 7.89 -75.20
C VAL H 93 -47.84 7.98 -73.70
N TYR H 94 -47.15 7.14 -72.93
CA TYR H 94 -47.45 6.97 -71.51
C TYR H 94 -46.32 7.54 -70.69
N TYR H 95 -46.64 8.44 -69.77
CA TYR H 95 -45.65 9.26 -69.09
C TYR H 95 -45.69 8.94 -67.60
N CYS H 96 -44.55 8.60 -67.03
CA CYS H 96 -44.46 8.36 -65.59
C CYS H 96 -43.89 9.59 -64.91
N ALA H 97 -44.72 10.25 -64.12
CA ALA H 97 -44.40 11.54 -63.52
C ALA H 97 -44.19 11.34 -62.03
N LEU H 98 -43.10 11.86 -61.50
CA LEU H 98 -42.77 11.66 -60.11
C LEU H 98 -42.68 12.98 -59.35
N ASN H 99 -43.12 12.95 -58.10
CA ASN H 99 -43.00 14.05 -57.17
C ASN H 99 -41.66 13.91 -56.45
N HIS H 100 -40.85 14.96 -56.50
CA HIS H 100 -39.54 14.93 -55.85
C HIS H 100 -39.70 15.10 -54.34
N CYS H 101 -39.07 14.20 -53.58
CA CYS H 101 -39.09 14.28 -52.13
C CYS H 101 -37.74 14.78 -51.62
N SER H 102 -37.77 15.89 -50.93
CA SER H 102 -36.57 16.44 -50.36
C SER H 102 -36.55 15.95 -48.93
N ASN H 103 -36.22 14.68 -48.74
CA ASN H 103 -36.15 14.00 -47.43
C ASN H 103 -36.98 14.55 -46.26
N THR H 104 -36.55 15.68 -45.72
CA THR H 104 -37.22 16.40 -44.68
C THR H 104 -38.70 16.50 -44.95
N THR H 105 -39.03 16.52 -46.23
CA THR H 105 -40.42 16.59 -46.69
C THR H 105 -40.54 16.02 -48.09
N CYS H 106 -41.64 16.34 -48.78
CA CYS H 106 -41.74 16.09 -50.21
C CYS H 106 -42.31 17.35 -50.84
N LEU H 107 -42.27 17.42 -52.17
CA LEU H 107 -42.78 18.58 -52.91
C LEU H 107 -44.24 18.33 -53.23
N ASP H 108 -44.92 19.35 -53.73
CA ASP H 108 -46.31 19.22 -54.14
C ASP H 108 -46.49 19.19 -55.64
N GLY H 109 -45.42 18.90 -56.39
CA GLY H 109 -45.52 18.95 -57.84
C GLY H 109 -44.78 17.85 -58.58
N PHE H 110 -45.45 17.27 -59.59
CA PHE H 110 -44.90 16.17 -60.37
C PHE H 110 -43.87 16.75 -61.34
N ASP H 111 -42.65 16.94 -60.84
CA ASP H 111 -41.66 17.68 -61.59
C ASP H 111 -40.80 16.79 -62.48
N ILE H 112 -40.23 15.71 -61.94
CA ILE H 112 -39.40 14.82 -62.76
C ILE H 112 -40.33 13.83 -63.45
N TRP H 113 -40.28 13.82 -64.77
CA TRP H 113 -41.14 12.98 -65.60
C TRP H 113 -40.29 11.87 -66.23
N GLY H 114 -40.91 11.10 -67.10
CA GLY H 114 -40.22 10.06 -67.85
C GLY H 114 -39.75 10.56 -69.19
N GLN H 115 -39.86 9.70 -70.20
CA GLN H 115 -39.65 10.13 -71.58
C GLN H 115 -40.71 9.64 -72.54
N GLY H 116 -41.56 8.70 -72.16
CA GLY H 116 -42.62 8.26 -73.04
C GLY H 116 -42.51 6.82 -73.45
N THR H 117 -43.62 6.24 -73.88
CA THR H 117 -43.68 4.84 -74.27
C THR H 117 -44.77 4.72 -75.33
N MET H 118 -44.35 4.63 -76.60
CA MET H 118 -45.29 4.60 -77.72
C MET H 118 -45.98 3.24 -77.75
N VAL H 119 -47.01 3.11 -76.92
CA VAL H 119 -47.80 1.88 -76.86
C VAL H 119 -48.69 1.86 -78.10
N SER H 120 -48.29 1.08 -79.09
CA SER H 120 -48.98 1.05 -80.37
C SER H 120 -49.96 -0.10 -80.40
N VAL H 121 -51.20 0.17 -80.79
CA VAL H 121 -52.22 -0.86 -80.95
C VAL H 121 -52.39 -1.09 -82.45
N SER H 122 -51.81 -2.17 -82.95
CA SER H 122 -51.86 -2.48 -84.37
C SER H 122 -52.76 -3.67 -84.67
N ILE I 2 -65.36 16.34 -60.82
CA ILE I 2 -64.66 17.62 -60.94
C ILE I 2 -63.89 17.72 -62.26
N VAL I 3 -64.27 18.71 -63.06
CA VAL I 3 -63.68 18.94 -64.38
C VAL I 3 -63.09 20.34 -64.39
N LEU I 4 -62.02 20.52 -65.15
CA LEU I 4 -61.31 21.79 -65.24
C LEU I 4 -61.36 22.30 -66.67
N THR I 5 -61.92 23.48 -66.85
CA THR I 5 -61.97 24.16 -68.12
C THR I 5 -60.94 25.28 -68.15
N GLN I 6 -60.19 25.35 -69.24
CA GLN I 6 -59.16 26.37 -69.34
C GLN I 6 -59.69 27.44 -70.30
N SER I 7 -58.96 28.53 -70.47
CA SER I 7 -59.44 29.74 -71.15
C SER I 7 -58.42 30.05 -72.27
N PRO I 8 -58.61 31.13 -73.10
CA PRO I 8 -58.71 30.95 -74.57
C PRO I 8 -57.85 29.89 -75.22
N VAL I 9 -58.48 29.09 -76.09
CA VAL I 9 -57.91 27.87 -76.67
C VAL I 9 -56.70 28.16 -77.55
N THR I 10 -56.55 29.39 -78.00
CA THR I 10 -55.30 29.84 -78.62
C THR I 10 -55.03 31.28 -78.20
N LEU I 11 -53.77 31.59 -77.92
CA LEU I 11 -53.33 32.95 -77.66
C LEU I 11 -52.58 33.44 -78.89
N SER I 12 -53.33 33.78 -79.93
CA SER I 12 -52.75 34.19 -81.21
C SER I 12 -52.43 35.68 -81.15
N LEU I 13 -51.24 35.99 -80.65
CA LEU I 13 -50.80 37.38 -80.56
C LEU I 13 -49.27 37.41 -80.58
N SER I 14 -48.72 38.62 -80.63
CA SER I 14 -47.34 38.82 -81.02
C SER I 14 -46.35 38.26 -79.99
N PRO I 15 -45.14 37.93 -80.43
CA PRO I 15 -44.09 37.57 -79.47
C PRO I 15 -43.61 38.80 -78.69
N GLY I 16 -42.91 38.53 -77.59
CA GLY I 16 -42.23 39.57 -76.84
C GLY I 16 -43.10 40.61 -76.16
N GLU I 17 -44.09 40.15 -75.40
CA GLU I 17 -45.07 41.04 -74.77
C GLU I 17 -45.72 40.30 -73.60
N ARG I 18 -46.85 40.82 -73.12
CA ARG I 18 -47.52 40.32 -71.92
C ARG I 18 -48.78 39.51 -72.24
N ALA I 19 -48.80 38.27 -71.75
CA ALA I 19 -49.94 37.37 -71.95
C ALA I 19 -50.38 36.78 -70.62
N THR I 20 -51.68 36.50 -70.51
CA THR I 20 -52.28 35.95 -69.29
C THR I 20 -52.97 34.63 -69.62
N LEU I 21 -52.78 33.64 -68.75
CA LEU I 21 -53.35 32.31 -68.93
C LEU I 21 -54.14 31.96 -67.67
N SER I 22 -55.36 31.49 -67.84
CA SER I 22 -56.27 31.29 -66.73
C SER I 22 -57.02 29.97 -66.84
N CYS I 23 -57.21 29.30 -65.70
CA CYS I 23 -57.87 28.00 -65.62
C CYS I 23 -59.13 28.17 -64.77
N ARG I 24 -60.28 28.31 -65.42
CA ARG I 24 -61.57 28.46 -64.75
C ARG I 24 -62.12 27.09 -64.37
N ALA I 25 -61.88 26.66 -63.13
CA ALA I 25 -62.36 25.37 -62.66
C ALA I 25 -63.88 25.37 -62.51
N SER I 26 -64.49 24.23 -62.82
CA SER I 26 -65.93 24.10 -62.70
C SER I 26 -66.37 23.76 -61.28
N GLN I 27 -65.50 23.12 -60.51
CA GLN I 27 -65.71 22.88 -59.09
C GLN I 27 -64.48 23.40 -58.36
N SER I 28 -64.66 23.86 -57.12
CA SER I 28 -63.62 24.55 -56.38
C SER I 28 -62.46 23.62 -56.05
N VAL I 29 -61.25 24.02 -56.45
CA VAL I 29 -60.06 23.20 -56.26
C VAL I 29 -59.68 23.21 -54.80
N ARG I 30 -59.61 22.03 -54.19
CA ARG I 30 -59.27 21.93 -52.78
C ARG I 30 -57.78 22.16 -52.57
N ASN I 31 -57.45 22.93 -51.53
CA ASN I 31 -56.10 23.16 -51.02
C ASN I 31 -55.20 23.89 -52.01
N SER I 32 -55.78 24.51 -53.05
CA SER I 32 -55.10 25.24 -54.12
C SER I 32 -53.97 24.45 -54.76
N LEU I 33 -54.30 23.32 -55.39
CA LEU I 33 -53.31 22.47 -56.06
C LEU I 33 -53.68 22.44 -57.53
N LEU I 34 -53.21 23.43 -58.28
CA LEU I 34 -53.50 23.54 -59.70
C LEU I 34 -52.19 23.89 -60.39
N ALA I 35 -51.22 22.98 -60.25
CA ALA I 35 -49.91 23.10 -60.87
C ALA I 35 -49.99 23.30 -62.38
N TRP I 36 -49.07 24.08 -62.93
CA TRP I 36 -49.08 24.45 -64.35
C TRP I 36 -47.92 23.81 -65.08
N TYR I 37 -48.24 23.05 -66.13
CA TYR I 37 -47.26 22.39 -66.98
C TYR I 37 -47.33 22.95 -68.40
N GLN I 38 -46.22 22.83 -69.12
CA GLN I 38 -46.19 23.07 -70.54
C GLN I 38 -45.71 21.81 -71.25
N GLN I 39 -46.10 21.66 -72.51
CA GLN I 39 -45.81 20.43 -73.26
C GLN I 39 -45.69 20.80 -74.74
N LYS I 40 -44.46 20.97 -75.20
CA LYS I 40 -44.22 21.16 -76.62
C LYS I 40 -44.58 19.89 -77.38
N PRO I 41 -45.22 20.02 -78.56
CA PRO I 41 -46.07 18.93 -79.10
C PRO I 41 -45.30 17.67 -79.47
N GLY I 42 -45.59 16.59 -78.74
CA GLY I 42 -44.98 15.30 -79.00
C GLY I 42 -43.86 14.92 -78.08
N GLN I 43 -43.52 15.75 -77.10
CA GLN I 43 -42.39 15.49 -76.22
C GLN I 43 -42.85 15.58 -74.77
N ALA I 44 -41.92 15.30 -73.86
CA ALA I 44 -42.25 15.15 -72.46
C ALA I 44 -42.63 16.49 -71.84
N PRO I 45 -43.74 16.55 -71.11
CA PRO I 45 -44.07 17.78 -70.38
C PRO I 45 -43.12 18.01 -69.23
N ARG I 46 -43.22 19.19 -68.65
CA ARG I 46 -42.31 19.63 -67.61
C ARG I 46 -43.02 20.69 -66.79
N LEU I 47 -42.61 20.84 -65.53
CA LEU I 47 -43.41 21.57 -64.57
C LEU I 47 -42.86 22.99 -64.41
N LEU I 48 -43.75 23.94 -64.31
CA LEU I 48 -43.42 25.36 -64.15
C LEU I 48 -43.90 25.93 -62.84
N ILE I 49 -45.17 25.75 -62.51
CA ILE I 49 -45.77 26.22 -61.27
C ILE I 49 -46.17 25.00 -60.46
N TYR I 50 -45.83 24.99 -59.17
CA TYR I 50 -46.29 23.96 -58.25
C TYR I 50 -47.06 24.62 -57.12
N ALA I 51 -48.01 23.86 -56.57
CA ALA I 51 -48.94 24.29 -55.51
C ALA I 51 -49.71 25.56 -55.90
N ALA I 52 -49.98 25.70 -57.21
CA ALA I 52 -50.82 26.71 -57.86
C ALA I 52 -50.28 28.13 -57.79
N SER I 53 -49.18 28.37 -57.07
CA SER I 53 -48.54 29.68 -57.13
C SER I 53 -47.01 29.64 -57.16
N SER I 54 -46.36 28.59 -56.67
CA SER I 54 -44.93 28.64 -56.43
C SER I 54 -44.14 28.28 -57.68
N ARG I 55 -43.03 28.99 -57.88
CA ARG I 55 -42.13 28.71 -58.99
C ARG I 55 -41.34 27.43 -58.69
N ALA I 56 -41.12 26.63 -59.74
CA ALA I 56 -40.47 25.34 -59.56
C ALA I 56 -38.96 25.50 -59.44
N THR I 57 -38.35 24.51 -58.79
CA THR I 57 -36.89 24.47 -58.66
C THR I 57 -36.24 24.14 -59.99
N GLY I 58 -35.21 24.90 -60.34
CA GLY I 58 -34.51 24.77 -61.59
C GLY I 58 -35.12 25.56 -62.73
N ILE I 59 -36.39 25.92 -62.60
CA ILE I 59 -37.08 26.75 -63.59
C ILE I 59 -36.70 28.21 -63.35
N PRO I 60 -36.31 28.97 -64.38
CA PRO I 60 -36.04 30.39 -64.20
C PRO I 60 -37.30 31.22 -64.02
N ASP I 61 -37.14 32.55 -64.12
CA ASP I 61 -38.19 33.52 -63.87
C ASP I 61 -39.20 33.57 -65.00
N ARG I 62 -39.96 34.68 -65.09
CA ARG I 62 -40.85 35.10 -66.17
C ARG I 62 -42.20 34.37 -66.11
N PHE I 63 -42.36 33.37 -65.27
CA PHE I 63 -43.66 32.75 -65.02
C PHE I 63 -44.14 33.15 -63.64
N SER I 64 -45.46 33.07 -63.43
CA SER I 64 -46.04 33.42 -62.14
C SER I 64 -47.42 32.78 -62.01
N GLY I 65 -47.60 31.98 -60.95
CA GLY I 65 -48.92 31.48 -60.59
C GLY I 65 -49.50 32.34 -59.49
N SER I 66 -50.76 32.72 -59.65
CA SER I 66 -51.40 33.62 -58.71
C SER I 66 -52.83 33.17 -58.44
N GLY I 67 -53.33 33.54 -57.26
CA GLY I 67 -54.68 33.22 -56.87
C GLY I 67 -54.80 31.84 -56.25
N SER I 68 -55.99 31.56 -55.73
CA SER I 68 -56.29 30.28 -55.12
C SER I 68 -57.79 30.04 -55.22
N GLY I 69 -58.18 28.79 -54.98
CA GLY I 69 -59.59 28.44 -54.98
C GLY I 69 -60.10 28.05 -56.36
N THR I 70 -60.80 28.98 -57.01
CA THR I 70 -61.30 28.77 -58.36
C THR I 70 -60.79 29.79 -59.35
N ASP I 71 -60.76 31.07 -58.99
CA ASP I 71 -60.10 32.08 -59.81
C ASP I 71 -58.61 31.84 -59.81
N PHE I 72 -58.00 31.90 -60.98
CA PHE I 72 -56.64 31.40 -61.15
C PHE I 72 -55.98 32.06 -62.34
N THR I 73 -54.67 32.28 -62.23
CA THR I 73 -53.91 32.96 -63.26
C THR I 73 -52.54 32.33 -63.40
N LEU I 74 -52.14 32.07 -64.64
CA LEU I 74 -50.74 31.87 -64.99
C LEU I 74 -50.25 33.12 -65.70
N THR I 75 -49.20 33.72 -65.16
CA THR I 75 -48.70 34.99 -65.66
C THR I 75 -47.36 34.77 -66.33
N ILE I 76 -47.34 34.86 -67.66
CA ILE I 76 -46.12 34.77 -68.42
C ILE I 76 -45.70 36.18 -68.84
N SER I 77 -44.42 36.50 -68.65
CA SER I 77 -44.00 37.89 -68.72
C SER I 77 -43.44 38.26 -70.09
N ARG I 78 -42.62 37.38 -70.67
CA ARG I 78 -41.73 37.75 -71.76
C ARG I 78 -41.77 36.56 -72.73
N LEU I 79 -42.63 36.63 -73.74
CA LEU I 79 -42.80 35.50 -74.66
C LEU I 79 -41.62 35.42 -75.60
N GLU I 80 -40.67 34.55 -75.26
CA GLU I 80 -39.64 34.12 -76.18
C GLU I 80 -40.24 33.17 -77.21
N PRO I 81 -39.57 32.99 -78.36
CA PRO I 81 -40.09 32.03 -79.38
C PRO I 81 -40.23 30.59 -78.90
N GLU I 82 -39.47 30.17 -77.90
CA GLU I 82 -39.63 28.81 -77.39
C GLU I 82 -40.72 28.70 -76.31
N ASP I 83 -41.39 29.79 -75.98
CA ASP I 83 -42.57 29.74 -75.12
C ASP I 83 -43.88 29.67 -75.91
N PHE I 84 -43.82 29.30 -77.18
CA PHE I 84 -45.03 29.16 -77.99
C PHE I 84 -45.46 27.69 -78.00
N VAL I 85 -45.97 27.29 -76.84
CA VAL I 85 -46.10 25.89 -76.43
C VAL I 85 -47.52 25.71 -75.86
N VAL I 86 -48.05 24.50 -75.96
CA VAL I 86 -49.28 24.13 -75.26
C VAL I 86 -49.03 24.08 -73.75
N TYR I 87 -49.92 24.73 -72.98
CA TYR I 87 -49.77 24.88 -71.53
C TYR I 87 -50.96 24.24 -70.81
N TYR I 88 -50.68 23.54 -69.71
CA TYR I 88 -51.65 22.62 -69.11
C TYR I 88 -51.87 22.92 -67.62
N CYS I 89 -53.10 22.70 -67.17
CA CYS I 89 -53.49 22.76 -65.76
C CYS I 89 -53.19 21.43 -65.08
N GLN I 90 -53.71 21.25 -63.86
CA GLN I 90 -53.60 20.05 -63.04
C GLN I 90 -54.62 20.23 -61.92
N GLN I 91 -55.12 19.13 -61.36
CA GLN I 91 -55.95 19.24 -60.17
C GLN I 91 -55.58 18.10 -59.21
N HIS I 92 -54.34 18.08 -58.86
CA HIS I 92 -54.03 16.97 -58.17
C HIS I 92 -54.16 17.36 -56.85
N GLY I 93 -55.39 17.45 -56.46
CA GLY I 93 -55.67 17.84 -55.10
C GLY I 93 -56.83 17.10 -54.58
N SER I 94 -57.83 16.94 -55.42
CA SER I 94 -59.07 16.27 -55.11
C SER I 94 -59.03 14.90 -54.50
N SER I 95 -59.00 13.90 -55.37
CA SER I 95 -59.00 12.49 -54.99
C SER I 95 -58.59 11.72 -56.21
N PRO I 96 -59.56 11.54 -57.05
CA PRO I 96 -59.40 10.89 -58.33
C PRO I 96 -59.42 11.94 -59.46
N PRO I 97 -59.37 11.48 -60.68
CA PRO I 97 -59.38 12.33 -61.88
C PRO I 97 -58.64 13.68 -61.82
N TRP I 98 -57.42 13.70 -61.28
CA TRP I 98 -56.59 14.86 -61.21
C TRP I 98 -56.57 15.46 -62.58
N THR I 99 -57.71 16.00 -62.91
CA THR I 99 -58.07 16.38 -64.25
C THR I 99 -57.18 17.49 -64.78
N PHE I 100 -56.73 17.34 -66.02
CA PHE I 100 -55.92 18.35 -66.68
C PHE I 100 -56.85 19.34 -67.37
N GLY I 101 -56.31 20.18 -68.25
CA GLY I 101 -57.11 21.06 -69.08
C GLY I 101 -57.11 20.64 -70.54
N GLN I 102 -57.84 21.42 -71.34
CA GLN I 102 -57.74 21.31 -72.79
C GLN I 102 -56.41 21.80 -73.32
N GLY I 103 -55.69 22.62 -72.56
CA GLY I 103 -54.52 23.27 -73.07
C GLY I 103 -54.89 24.49 -73.89
N THR I 104 -53.86 25.18 -74.36
CA THR I 104 -54.06 26.30 -75.26
C THR I 104 -52.95 26.25 -76.30
N LYS I 105 -52.94 27.23 -77.20
CA LYS I 105 -51.86 27.32 -78.18
C LYS I 105 -51.34 28.75 -78.15
N VAL I 106 -50.18 28.94 -77.52
CA VAL I 106 -49.49 30.21 -77.60
C VAL I 106 -48.98 30.34 -79.04
N GLU I 107 -49.58 31.25 -79.81
CA GLU I 107 -49.38 31.32 -81.24
C GLU I 107 -48.94 32.72 -81.64
N PHE I 108 -48.02 32.80 -82.60
CA PHE I 108 -47.48 34.06 -83.12
C PHE I 108 -48.54 34.95 -83.75
#